data_2NBR
#
_entry.id   2NBR
#
_cell.length_a   1.000
_cell.length_b   1.000
_cell.length_c   1.000
_cell.angle_alpha   90.00
_cell.angle_beta   90.00
_cell.angle_gamma   90.00
#
_symmetry.space_group_name_H-M   'P 1'
#
_entity_poly.entity_id   1
_entity_poly.type   'polypeptide(L)'
_entity_poly.pdbx_seq_one_letter_code
;GKITFYEDRAFQGRSYETTTDCPNLQPYFSRCNSIRVESGCWMLYERPNYQGQQYLLRRGEYPDYQQWMGLSDSIRSCCL
IPQTVSHRLRLYEREDHKGLMMELSEDCPSIQDRFHLSEIRSLHVLEGCWVLYELPNYRGRQYLLRPQEYRRCQDWGAMD
AKAGSLRRVVDLY
;
_entity_poly.pdbx_strand_id   A
#
# COMPACT_ATOMS: atom_id res chain seq x y z
N GLY A 1 1.59 14.17 -5.06
CA GLY A 1 2.25 14.73 -3.86
C GLY A 1 3.77 14.56 -3.89
N LYS A 2 4.44 14.97 -2.79
CA LYS A 2 5.92 14.97 -2.68
C LYS A 2 6.33 14.34 -1.33
N ILE A 3 7.54 13.74 -1.28
CA ILE A 3 8.03 12.99 -0.10
C ILE A 3 9.56 13.17 0.06
N THR A 4 10.07 13.00 1.30
CA THR A 4 11.50 13.03 1.62
C THR A 4 11.83 11.86 2.58
N PHE A 5 12.96 11.19 2.32
CA PHE A 5 13.42 9.98 3.02
C PHE A 5 14.68 10.29 3.84
N TYR A 6 14.81 9.65 5.01
CA TYR A 6 15.98 9.78 5.90
C TYR A 6 16.30 8.40 6.52
N GLU A 7 17.53 7.87 6.27
CA GLU A 7 17.92 6.53 6.76
C GLU A 7 18.04 6.45 8.28
N ASP A 8 18.43 7.55 8.93
CA ASP A 8 18.54 7.63 10.41
C ASP A 8 17.33 8.39 10.98
N ARG A 9 17.03 8.14 12.26
CA ARG A 9 15.90 8.77 12.99
C ARG A 9 16.15 10.27 13.24
N ALA A 10 15.06 10.99 13.61
CA ALA A 10 15.07 12.45 13.89
C ALA A 10 15.31 13.27 12.61
N PHE A 11 14.82 12.72 11.47
CA PHE A 11 15.03 13.29 10.11
C PHE A 11 16.53 13.49 9.86
N GLN A 12 17.30 12.39 9.90
CA GLN A 12 18.76 12.44 9.87
C GLN A 12 19.31 11.39 8.88
N GLY A 13 20.61 11.47 8.59
CA GLY A 13 21.29 10.53 7.72
C GLY A 13 21.07 10.83 6.24
N ARG A 14 21.00 9.76 5.43
CA ARG A 14 20.92 9.84 3.97
C ARG A 14 19.56 10.43 3.53
N SER A 15 19.60 11.63 2.94
CA SER A 15 18.42 12.40 2.58
C SER A 15 18.18 12.37 1.05
N TYR A 16 17.00 11.88 0.63
CA TYR A 16 16.57 11.87 -0.78
C TYR A 16 15.12 12.32 -0.88
N GLU A 17 14.78 13.13 -1.90
CA GLU A 17 13.40 13.61 -2.14
C GLU A 17 12.97 13.24 -3.56
N THR A 18 11.68 12.90 -3.73
CA THR A 18 11.07 12.66 -5.05
C THR A 18 9.60 13.08 -5.05
N THR A 19 9.08 13.39 -6.25
CA THR A 19 7.68 13.79 -6.48
C THR A 19 7.01 12.81 -7.48
N THR A 20 7.75 11.73 -7.82
CA THR A 20 7.28 10.64 -8.70
C THR A 20 7.75 9.29 -8.16
N ASP A 21 7.26 8.21 -8.79
CA ASP A 21 7.67 6.82 -8.49
C ASP A 21 9.18 6.61 -8.67
N CYS A 22 9.72 5.60 -7.99
CA CYS A 22 11.11 5.15 -8.18
C CYS A 22 11.22 3.68 -7.75
N PRO A 23 11.17 2.71 -8.74
CA PRO A 23 11.17 1.26 -8.44
C PRO A 23 12.52 0.74 -7.90
N ASN A 24 13.58 1.58 -7.99
CA ASN A 24 14.93 1.22 -7.53
C ASN A 24 15.51 2.38 -6.72
N LEU A 25 15.39 2.31 -5.40
CA LEU A 25 15.96 3.32 -4.48
C LEU A 25 17.37 2.94 -4.02
N GLN A 26 17.88 1.78 -4.50
CA GLN A 26 19.21 1.20 -4.13
C GLN A 26 20.42 2.19 -4.30
N PRO A 27 20.59 2.94 -5.45
CA PRO A 27 21.76 3.87 -5.62
C PRO A 27 21.71 5.08 -4.66
N TYR A 28 20.53 5.30 -4.06
CA TYR A 28 20.27 6.42 -3.15
C TYR A 28 20.45 5.96 -1.67
N PHE A 29 19.64 4.95 -1.28
CA PHE A 29 19.59 4.44 0.10
C PHE A 29 18.98 3.00 0.14
N SER A 30 19.03 2.35 1.32
CA SER A 30 18.47 0.99 1.54
C SER A 30 17.29 1.02 2.53
N ARG A 31 17.21 2.07 3.36
CA ARG A 31 16.22 2.15 4.44
C ARG A 31 15.72 3.58 4.65
N CYS A 32 14.76 3.73 5.58
CA CYS A 32 14.24 5.03 6.01
C CYS A 32 13.66 4.90 7.43
N ASN A 33 14.48 5.27 8.44
CA ASN A 33 14.08 5.24 9.88
C ASN A 33 13.42 6.56 10.33
N SER A 34 13.19 7.50 9.38
CA SER A 34 12.34 8.69 9.58
C SER A 34 11.99 9.27 8.20
N ILE A 35 10.74 9.72 8.00
CA ILE A 35 10.22 10.03 6.66
C ILE A 35 9.16 11.14 6.73
N ARG A 36 9.22 12.09 5.79
CA ARG A 36 8.28 13.21 5.70
C ARG A 36 7.51 13.14 4.37
N VAL A 37 6.26 12.66 4.43
CA VAL A 37 5.35 12.73 3.29
C VAL A 37 4.72 14.14 3.29
N GLU A 38 5.28 15.03 2.47
CA GLU A 38 4.86 16.44 2.39
C GLU A 38 3.39 16.53 1.97
N SER A 39 3.03 15.65 1.04
CA SER A 39 1.68 15.54 0.47
C SER A 39 1.56 14.22 -0.31
N GLY A 40 0.30 13.82 -0.57
CA GLY A 40 0.01 12.56 -1.24
C GLY A 40 -0.02 11.36 -0.31
N CYS A 41 -0.26 10.19 -0.89
CA CYS A 41 -0.13 8.90 -0.22
C CYS A 41 0.81 8.02 -1.04
N TRP A 42 1.91 7.58 -0.40
CA TRP A 42 2.99 6.86 -1.08
C TRP A 42 3.05 5.41 -0.59
N MET A 43 2.97 4.46 -1.51
CA MET A 43 3.16 3.04 -1.21
C MET A 43 4.65 2.70 -1.34
N LEU A 44 5.33 2.68 -0.20
CA LEU A 44 6.74 2.25 -0.11
C LEU A 44 6.82 0.72 -0.18
N TYR A 45 8.01 0.22 -0.55
CA TYR A 45 8.24 -1.23 -0.72
C TYR A 45 9.54 -1.64 -0.01
N GLU A 46 9.52 -2.89 0.47
CA GLU A 46 10.64 -3.56 1.12
C GLU A 46 11.76 -3.85 0.12
N ARG A 47 11.36 -4.22 -1.11
CA ARG A 47 12.26 -4.68 -2.18
C ARG A 47 12.01 -3.87 -3.47
N PRO A 48 13.06 -3.66 -4.35
CA PRO A 48 12.90 -3.01 -5.67
C PRO A 48 11.95 -3.78 -6.63
N ASN A 49 11.66 -3.16 -7.79
CA ASN A 49 10.76 -3.71 -8.84
C ASN A 49 9.33 -3.95 -8.28
N TYR A 50 8.98 -3.16 -7.23
CA TYR A 50 7.67 -3.20 -6.55
C TYR A 50 7.37 -4.60 -5.97
N GLN A 51 8.31 -5.12 -5.15
CA GLN A 51 8.20 -6.45 -4.51
C GLN A 51 8.26 -6.35 -2.98
N GLY A 52 7.91 -7.48 -2.31
CA GLY A 52 8.03 -7.61 -0.86
C GLY A 52 6.87 -6.99 -0.09
N GLN A 53 7.13 -6.61 1.18
CA GLN A 53 6.15 -5.91 2.03
C GLN A 53 5.93 -4.49 1.51
N GLN A 54 4.68 -4.05 1.48
CA GLN A 54 4.32 -2.71 1.02
C GLN A 54 3.88 -1.89 2.25
N TYR A 55 4.11 -0.57 2.20
CA TYR A 55 4.01 0.33 3.37
C TYR A 55 3.26 1.60 2.96
N LEU A 56 2.03 1.77 3.43
CA LEU A 56 1.25 3.00 3.16
C LEU A 56 1.73 4.09 4.14
N LEU A 57 2.53 5.03 3.62
CA LEU A 57 2.91 6.25 4.32
C LEU A 57 1.93 7.35 3.91
N ARG A 58 1.20 7.86 4.91
CA ARG A 58 0.19 8.92 4.73
C ARG A 58 0.90 10.27 4.82
N ARG A 59 0.23 11.36 4.44
CA ARG A 59 0.77 12.71 4.57
C ARG A 59 1.04 13.05 6.05
N GLY A 60 2.29 13.38 6.37
CA GLY A 60 2.70 13.80 7.70
C GLY A 60 4.19 13.69 7.90
N GLU A 61 4.67 14.39 8.94
CA GLU A 61 6.06 14.29 9.41
C GLU A 61 6.15 13.11 10.41
N TYR A 62 6.94 12.10 10.06
CA TYR A 62 7.21 10.94 10.94
C TYR A 62 8.65 11.08 11.48
N PRO A 63 8.84 11.59 12.74
CA PRO A 63 10.18 11.83 13.33
C PRO A 63 11.00 10.53 13.47
N ASP A 64 10.31 9.37 13.39
CA ASP A 64 10.97 8.05 13.27
C ASP A 64 9.98 7.03 12.64
N TYR A 65 10.49 5.81 12.38
CA TYR A 65 9.75 4.74 11.69
C TYR A 65 8.65 4.12 12.58
N GLN A 66 8.89 4.10 13.91
CA GLN A 66 7.94 3.52 14.88
C GLN A 66 6.75 4.46 15.15
N GLN A 67 6.84 5.72 14.66
CA GLN A 67 5.76 6.71 14.79
C GLN A 67 4.43 6.19 14.19
N TRP A 68 4.50 5.56 12.99
CA TRP A 68 3.30 4.99 12.31
C TRP A 68 3.17 3.48 12.56
N MET A 69 4.06 2.95 13.44
CA MET A 69 4.13 1.52 13.82
C MET A 69 4.36 0.64 12.57
N GLY A 70 5.53 0.85 11.93
CA GLY A 70 5.93 0.09 10.74
C GLY A 70 6.49 -1.29 11.07
N LEU A 71 6.88 -2.04 10.02
CA LEU A 71 7.33 -3.45 10.15
C LEU A 71 8.87 -3.53 10.15
N SER A 72 9.52 -3.07 9.07
CA SER A 72 11.00 -3.09 8.95
C SER A 72 11.50 -1.88 8.15
N ASP A 73 12.70 -1.41 8.53
CA ASP A 73 13.39 -0.23 7.93
C ASP A 73 13.49 -0.27 6.39
N SER A 74 13.45 -1.49 5.83
CA SER A 74 13.67 -1.76 4.39
C SER A 74 12.74 -0.92 3.48
N ILE A 75 13.30 0.18 2.94
CA ILE A 75 12.65 1.08 1.97
C ILE A 75 13.56 1.13 0.74
N ARG A 76 13.32 0.21 -0.21
CA ARG A 76 14.19 -0.02 -1.38
C ARG A 76 13.44 0.20 -2.70
N SER A 77 12.17 0.64 -2.59
CA SER A 77 11.32 1.05 -3.74
C SER A 77 10.17 1.94 -3.24
N CYS A 78 9.57 2.74 -4.15
CA CYS A 78 8.48 3.68 -3.83
C CYS A 78 7.52 3.84 -5.01
N CYS A 79 6.23 4.03 -4.69
CA CYS A 79 5.16 4.31 -5.66
C CYS A 79 4.39 5.55 -5.21
N LEU A 80 4.18 6.50 -6.14
CA LEU A 80 3.24 7.62 -5.93
C LEU A 80 1.87 7.19 -6.45
N ILE A 81 0.83 7.45 -5.67
CA ILE A 81 -0.56 7.24 -6.09
C ILE A 81 -1.29 8.61 -6.05
N PRO A 82 -1.88 9.09 -7.20
CA PRO A 82 -2.60 10.37 -7.26
C PRO A 82 -4.01 10.30 -6.63
N GLN A 83 -4.80 11.38 -6.81
CA GLN A 83 -6.20 11.43 -6.38
C GLN A 83 -7.08 10.59 -7.31
N THR A 84 -8.07 9.92 -6.72
CA THR A 84 -9.02 9.07 -7.43
C THR A 84 -10.44 9.52 -7.08
N VAL A 85 -11.20 9.92 -8.12
CA VAL A 85 -12.52 10.60 -7.98
C VAL A 85 -13.64 9.65 -7.53
N SER A 86 -13.46 8.34 -7.77
CA SER A 86 -14.44 7.30 -7.45
C SER A 86 -13.72 5.97 -7.16
N HIS A 87 -14.41 5.01 -6.51
CA HIS A 87 -13.82 3.71 -6.11
C HIS A 87 -14.86 2.58 -6.24
N ARG A 88 -14.50 1.51 -6.95
CA ARG A 88 -15.33 0.31 -7.08
C ARG A 88 -14.42 -0.91 -7.25
N LEU A 89 -14.57 -1.89 -6.36
CA LEU A 89 -13.73 -3.11 -6.29
C LEU A 89 -14.64 -4.36 -6.29
N ARG A 90 -14.12 -5.49 -6.80
CA ARG A 90 -14.80 -6.79 -6.76
C ARG A 90 -13.85 -7.85 -6.15
N LEU A 91 -14.30 -8.46 -5.04
CA LEU A 91 -13.59 -9.54 -4.34
C LEU A 91 -14.05 -10.89 -4.92
N TYR A 92 -13.10 -11.74 -5.35
CA TYR A 92 -13.43 -13.05 -5.95
C TYR A 92 -12.88 -14.19 -5.07
N GLU A 93 -13.74 -15.20 -4.85
CA GLU A 93 -13.44 -16.37 -4.04
C GLU A 93 -12.32 -17.22 -4.66
N ARG A 94 -12.33 -17.32 -5.99
CA ARG A 94 -11.34 -18.10 -6.76
C ARG A 94 -10.55 -17.16 -7.68
N GLU A 95 -9.32 -17.59 -8.02
CA GLU A 95 -8.45 -16.86 -8.97
C GLU A 95 -9.05 -16.90 -10.38
N ASP A 96 -8.46 -16.06 -11.27
CA ASP A 96 -8.93 -15.88 -12.65
C ASP A 96 -10.39 -15.39 -12.69
N HIS A 97 -10.77 -14.67 -11.61
CA HIS A 97 -12.06 -14.00 -11.45
C HIS A 97 -13.23 -15.00 -11.49
N LYS A 98 -13.24 -15.94 -10.53
CA LYS A 98 -14.30 -16.95 -10.42
C LYS A 98 -14.80 -17.08 -8.98
N GLY A 99 -15.82 -17.92 -8.79
CA GLY A 99 -16.42 -18.18 -7.49
C GLY A 99 -17.36 -17.08 -7.04
N LEU A 100 -17.46 -16.90 -5.72
CA LEU A 100 -18.28 -15.85 -5.10
C LEU A 100 -17.65 -14.47 -5.39
N MET A 101 -18.38 -13.61 -6.11
CA MET A 101 -17.98 -12.23 -6.36
C MET A 101 -18.76 -11.31 -5.42
N MET A 102 -18.09 -10.28 -4.89
CA MET A 102 -18.71 -9.29 -4.01
C MET A 102 -18.14 -7.90 -4.30
N GLU A 103 -18.98 -6.98 -4.76
CA GLU A 103 -18.59 -5.59 -5.01
C GLU A 103 -18.44 -4.82 -3.69
N LEU A 104 -17.64 -3.77 -3.73
CA LEU A 104 -17.34 -2.92 -2.57
C LEU A 104 -16.96 -1.53 -3.09
N SER A 105 -17.63 -0.49 -2.59
CA SER A 105 -17.32 0.92 -2.96
C SER A 105 -17.01 1.76 -1.70
N GLU A 106 -16.93 1.08 -0.52
CA GLU A 106 -16.73 1.73 0.79
C GLU A 106 -15.44 1.19 1.46
N ASP A 107 -14.97 1.92 2.49
CA ASP A 107 -13.80 1.49 3.30
C ASP A 107 -14.23 0.35 4.23
N CYS A 108 -13.67 -0.84 4.05
CA CYS A 108 -13.96 -2.02 4.88
C CYS A 108 -12.97 -2.09 6.06
N PRO A 109 -13.40 -1.84 7.34
CA PRO A 109 -12.50 -1.89 8.52
C PRO A 109 -11.99 -3.31 8.83
N SER A 110 -12.73 -4.32 8.32
CA SER A 110 -12.42 -5.75 8.51
C SER A 110 -13.35 -6.59 7.62
N ILE A 111 -12.77 -7.26 6.60
CA ILE A 111 -13.53 -8.08 5.63
C ILE A 111 -14.15 -9.32 6.32
N GLN A 112 -13.43 -9.86 7.32
CA GLN A 112 -13.87 -11.04 8.09
C GLN A 112 -15.14 -10.75 8.93
N ASP A 113 -15.25 -9.53 9.44
CA ASP A 113 -16.45 -9.08 10.15
C ASP A 113 -17.58 -8.76 9.18
N ARG A 114 -17.23 -8.37 7.93
CA ARG A 114 -18.22 -7.98 6.91
C ARG A 114 -18.66 -9.19 6.06
N PHE A 115 -17.84 -9.57 5.05
CA PHE A 115 -18.21 -10.65 4.09
C PHE A 115 -17.58 -12.01 4.54
N HIS A 116 -16.95 -12.01 5.73
CA HIS A 116 -16.43 -13.22 6.41
C HIS A 116 -15.30 -13.90 5.63
N LEU A 117 -14.56 -13.13 4.81
CA LEU A 117 -13.38 -13.64 4.09
C LEU A 117 -12.11 -12.99 4.68
N SER A 118 -11.20 -13.82 5.18
CA SER A 118 -9.91 -13.39 5.75
C SER A 118 -8.79 -13.48 4.69
N GLU A 119 -9.12 -14.03 3.50
CA GLU A 119 -8.21 -14.19 2.36
C GLU A 119 -9.00 -14.05 1.04
N ILE A 120 -8.46 -13.26 0.08
CA ILE A 120 -9.04 -13.08 -1.25
C ILE A 120 -8.05 -13.56 -2.32
N ARG A 121 -8.54 -14.37 -3.28
CA ARG A 121 -7.73 -14.97 -4.34
C ARG A 121 -7.42 -13.96 -5.47
N SER A 122 -8.48 -13.34 -6.02
CA SER A 122 -8.34 -12.36 -7.13
C SER A 122 -9.29 -11.17 -6.92
N LEU A 123 -8.92 -10.01 -7.47
CA LEU A 123 -9.67 -8.75 -7.32
C LEU A 123 -9.92 -8.12 -8.69
N HIS A 124 -10.81 -7.13 -8.74
CA HIS A 124 -11.05 -6.32 -9.93
C HIS A 124 -11.41 -4.92 -9.47
N VAL A 125 -10.41 -4.03 -9.47
CA VAL A 125 -10.62 -2.61 -9.21
C VAL A 125 -11.14 -1.96 -10.51
N LEU A 126 -12.46 -1.76 -10.61
CA LEU A 126 -13.11 -1.16 -11.79
C LEU A 126 -12.64 0.29 -11.98
N GLU A 127 -12.52 1.01 -10.86
CA GLU A 127 -12.20 2.45 -10.85
C GLU A 127 -11.55 2.84 -9.52
N GLY A 128 -10.67 3.84 -9.59
CA GLY A 128 -9.95 4.34 -8.42
C GLY A 128 -8.81 3.43 -7.99
N CYS A 129 -8.11 3.82 -6.92
CA CYS A 129 -7.06 3.00 -6.31
C CYS A 129 -7.48 2.66 -4.88
N TRP A 130 -7.32 1.40 -4.49
CA TRP A 130 -7.57 0.91 -3.13
C TRP A 130 -6.23 0.47 -2.50
N VAL A 131 -6.29 0.01 -1.25
CA VAL A 131 -5.17 -0.62 -0.54
C VAL A 131 -5.73 -1.73 0.33
N LEU A 132 -5.32 -2.96 0.05
CA LEU A 132 -5.59 -4.13 0.90
C LEU A 132 -4.59 -4.09 2.08
N TYR A 133 -5.03 -4.59 3.25
CA TYR A 133 -4.21 -4.67 4.48
C TYR A 133 -4.27 -6.10 4.99
N GLU A 134 -3.14 -6.63 5.44
CA GLU A 134 -3.00 -8.01 5.93
C GLU A 134 -3.88 -8.24 7.18
N LEU A 135 -3.77 -7.31 8.16
CA LEU A 135 -4.58 -7.33 9.38
C LEU A 135 -5.76 -6.34 9.23
N PRO A 136 -6.91 -6.59 9.94
CA PRO A 136 -7.96 -5.57 10.15
C PRO A 136 -7.43 -4.31 10.88
N ASN A 137 -8.32 -3.29 10.98
CA ASN A 137 -8.00 -1.97 11.57
C ASN A 137 -6.92 -1.23 10.73
N TYR A 138 -6.85 -1.61 9.42
CA TYR A 138 -5.97 -1.00 8.41
C TYR A 138 -4.47 -1.19 8.75
N ARG A 139 -4.14 -2.37 9.34
CA ARG A 139 -2.78 -2.68 9.86
C ARG A 139 -2.13 -3.86 9.10
N GLY A 140 -0.86 -4.15 9.48
CA GLY A 140 -0.10 -5.26 8.91
C GLY A 140 0.67 -4.85 7.66
N ARG A 141 0.91 -5.82 6.77
CA ARG A 141 1.48 -5.55 5.44
C ARG A 141 0.39 -4.93 4.55
N GLN A 142 0.70 -3.78 3.94
CA GLN A 142 -0.21 -3.10 3.01
C GLN A 142 -0.01 -3.70 1.61
N TYR A 143 -0.98 -3.48 0.72
CA TYR A 143 -1.01 -4.04 -0.64
C TYR A 143 -1.76 -3.08 -1.55
N LEU A 144 -1.02 -2.35 -2.41
CA LEU A 144 -1.60 -1.35 -3.31
C LEU A 144 -2.47 -2.04 -4.38
N LEU A 145 -3.74 -1.63 -4.45
CA LEU A 145 -4.69 -2.09 -5.46
C LEU A 145 -4.90 -0.95 -6.46
N ARG A 146 -4.57 -1.22 -7.72
CA ARG A 146 -4.57 -0.22 -8.80
C ARG A 146 -5.74 -0.53 -9.77
N PRO A 147 -6.33 0.51 -10.45
CA PRO A 147 -7.56 0.35 -11.29
C PRO A 147 -7.36 -0.60 -12.50
N GLN A 148 -7.59 -1.90 -12.26
CA GLN A 148 -7.43 -2.97 -13.25
C GLN A 148 -8.07 -4.28 -12.73
N GLU A 149 -7.99 -5.33 -13.55
CA GLU A 149 -8.48 -6.67 -13.25
C GLU A 149 -7.31 -7.55 -12.75
N TYR A 150 -7.22 -7.74 -11.42
CA TYR A 150 -6.20 -8.60 -10.79
C TYR A 150 -6.52 -10.10 -11.00
N ARG A 151 -5.71 -10.77 -11.82
CA ARG A 151 -5.86 -12.21 -12.11
C ARG A 151 -5.75 -13.07 -10.83
N ARG A 152 -4.93 -12.60 -9.87
CA ARG A 152 -4.62 -13.32 -8.62
C ARG A 152 -3.81 -12.43 -7.66
N CYS A 153 -3.45 -12.98 -6.47
CA CYS A 153 -2.68 -12.27 -5.43
C CYS A 153 -1.25 -11.96 -5.88
N GLN A 154 -0.70 -12.81 -6.78
CA GLN A 154 0.65 -12.64 -7.35
C GLN A 154 0.76 -11.30 -8.14
N ASP A 155 -0.38 -10.83 -8.70
CA ASP A 155 -0.46 -9.57 -9.48
C ASP A 155 0.03 -8.36 -8.66
N TRP A 156 -0.64 -8.06 -7.52
CA TRP A 156 -0.35 -6.84 -6.74
C TRP A 156 0.92 -6.97 -5.87
N GLY A 157 1.63 -8.13 -5.98
CA GLY A 157 2.89 -8.35 -5.27
C GLY A 157 2.69 -8.99 -3.91
N ALA A 158 1.63 -9.81 -3.78
CA ALA A 158 1.34 -10.57 -2.56
C ALA A 158 1.90 -12.00 -2.67
N MET A 159 2.79 -12.35 -1.72
CA MET A 159 3.35 -13.72 -1.58
C MET A 159 2.28 -14.71 -1.04
N ASP A 160 1.15 -14.15 -0.57
CA ASP A 160 0.01 -14.89 0.00
C ASP A 160 -1.28 -14.07 -0.16
N ALA A 161 -2.43 -14.73 -0.03
CA ALA A 161 -3.76 -14.17 -0.38
C ALA A 161 -4.44 -13.47 0.82
N LYS A 162 -3.69 -13.20 1.93
CA LYS A 162 -4.25 -12.63 3.18
C LYS A 162 -4.88 -11.25 2.94
N ALA A 163 -6.10 -11.06 3.48
CA ALA A 163 -6.90 -9.84 3.30
C ALA A 163 -7.71 -9.56 4.59
N GLY A 164 -7.10 -8.80 5.52
CA GLY A 164 -7.73 -8.43 6.78
C GLY A 164 -8.71 -7.27 6.66
N SER A 165 -8.31 -6.21 5.94
CA SER A 165 -9.15 -5.01 5.74
C SER A 165 -8.88 -4.37 4.36
N LEU A 166 -9.69 -3.35 4.02
CA LEU A 166 -9.65 -2.66 2.73
C LEU A 166 -9.97 -1.16 2.93
N ARG A 167 -9.25 -0.27 2.21
CA ARG A 167 -9.54 1.18 2.22
C ARG A 167 -9.24 1.79 0.84
N ARG A 168 -10.02 2.82 0.52
CA ARG A 168 -9.95 3.59 -0.72
C ARG A 168 -8.87 4.68 -0.57
N VAL A 169 -7.91 4.73 -1.54
CA VAL A 169 -6.87 5.78 -1.57
C VAL A 169 -7.49 7.15 -1.87
N VAL A 170 -7.24 8.11 -0.97
CA VAL A 170 -7.54 9.53 -1.18
C VAL A 170 -6.23 10.33 -1.08
N ASP A 171 -6.09 11.37 -1.91
CA ASP A 171 -4.92 12.26 -1.90
C ASP A 171 -5.07 13.33 -0.81
N LEU A 172 -4.14 13.33 0.15
CA LEU A 172 -4.07 14.33 1.22
C LEU A 172 -3.14 15.48 0.76
N TYR A 173 -3.69 16.70 0.67
CA TYR A 173 -2.99 17.89 0.16
C TYR A 173 -2.26 18.65 1.30
N GLY A 1 2.42 15.21 -5.80
CA GLY A 1 2.86 14.70 -4.49
C GLY A 1 4.36 14.82 -4.30
N LYS A 2 4.79 14.96 -3.04
CA LYS A 2 6.21 15.09 -2.68
C LYS A 2 6.50 14.25 -1.44
N ILE A 3 7.72 13.71 -1.35
CA ILE A 3 8.15 12.85 -0.25
C ILE A 3 9.67 12.99 -0.03
N THR A 4 10.10 12.86 1.24
CA THR A 4 11.52 12.92 1.63
C THR A 4 11.81 11.80 2.65
N PHE A 5 12.93 11.11 2.46
CA PHE A 5 13.31 9.91 3.21
C PHE A 5 14.48 10.25 4.12
N TYR A 6 14.59 9.53 5.24
CA TYR A 6 15.72 9.62 6.19
C TYR A 6 16.01 8.21 6.71
N GLU A 7 17.23 7.70 6.44
CA GLU A 7 17.60 6.30 6.79
C GLU A 7 17.48 6.02 8.30
N ASP A 8 17.88 6.97 9.14
CA ASP A 8 17.76 6.86 10.60
C ASP A 8 16.51 7.59 11.09
N ARG A 9 16.14 7.38 12.37
CA ARG A 9 15.01 8.08 13.01
C ARG A 9 15.41 9.54 13.33
N ALA A 10 14.45 10.29 13.89
CA ALA A 10 14.63 11.70 14.31
C ALA A 10 15.00 12.61 13.12
N PHE A 11 14.55 12.20 11.90
CA PHE A 11 14.82 12.92 10.64
C PHE A 11 16.33 13.07 10.41
N GLN A 12 17.03 11.91 10.43
CA GLN A 12 18.50 11.84 10.31
C GLN A 12 18.88 10.68 9.37
N GLY A 13 20.18 10.59 9.03
CA GLY A 13 20.67 9.60 8.07
C GLY A 13 20.66 10.13 6.65
N ARG A 14 20.83 9.23 5.67
CA ARG A 14 20.87 9.60 4.25
C ARG A 14 19.46 10.07 3.80
N SER A 15 19.39 11.33 3.36
CA SER A 15 18.13 11.96 2.93
C SER A 15 18.02 11.92 1.41
N TYR A 16 16.80 11.61 0.92
CA TYR A 16 16.49 11.63 -0.52
C TYR A 16 15.07 12.18 -0.71
N GLU A 17 14.88 13.08 -1.68
CA GLU A 17 13.56 13.61 -2.03
C GLU A 17 13.20 13.19 -3.46
N THR A 18 11.95 12.78 -3.68
CA THR A 18 11.40 12.54 -5.02
C THR A 18 9.95 13.02 -5.09
N THR A 19 9.55 13.49 -6.27
CA THR A 19 8.19 13.94 -6.57
C THR A 19 7.56 13.03 -7.64
N THR A 20 8.22 11.87 -7.89
CA THR A 20 7.80 10.90 -8.92
C THR A 20 8.05 9.46 -8.43
N ASP A 21 7.33 8.52 -9.06
CA ASP A 21 7.46 7.07 -8.81
C ASP A 21 8.87 6.58 -9.22
N CYS A 22 9.45 5.68 -8.42
CA CYS A 22 10.78 5.08 -8.69
C CYS A 22 10.81 3.61 -8.20
N PRO A 23 10.95 2.60 -9.14
CA PRO A 23 10.97 1.17 -8.76
C PRO A 23 12.35 0.68 -8.25
N ASN A 24 13.37 1.56 -8.31
CA ASN A 24 14.76 1.21 -7.95
C ASN A 24 15.37 2.37 -7.14
N LEU A 25 15.24 2.29 -5.79
CA LEU A 25 15.82 3.27 -4.86
C LEU A 25 17.25 2.88 -4.42
N GLN A 26 17.86 1.93 -5.19
CA GLN A 26 19.25 1.43 -4.99
C GLN A 26 20.31 2.57 -4.93
N PRO A 27 20.40 3.52 -5.93
CA PRO A 27 21.47 4.56 -5.94
C PRO A 27 21.16 5.76 -5.00
N TYR A 28 20.18 5.60 -4.11
CA TYR A 28 19.68 6.67 -3.23
C TYR A 28 19.86 6.28 -1.76
N PHE A 29 19.23 5.16 -1.38
CA PHE A 29 19.28 4.61 0.00
C PHE A 29 18.86 3.13 -0.01
N SER A 30 18.87 2.49 1.19
CA SER A 30 18.43 1.09 1.37
C SER A 30 17.26 1.02 2.38
N ARG A 31 17.20 2.02 3.27
CA ARG A 31 16.25 2.03 4.41
C ARG A 31 15.72 3.45 4.66
N CYS A 32 14.61 3.56 5.39
CA CYS A 32 14.00 4.85 5.77
C CYS A 32 13.25 4.66 7.09
N ASN A 33 13.92 5.01 8.21
CA ASN A 33 13.36 4.83 9.57
C ASN A 33 12.58 6.07 10.03
N SER A 34 12.74 7.21 9.33
CA SER A 34 11.87 8.39 9.51
C SER A 34 11.63 9.02 8.13
N ILE A 35 10.47 9.65 7.95
CA ILE A 35 10.02 10.06 6.62
C ILE A 35 9.10 11.27 6.73
N ARG A 36 9.02 12.06 5.65
CA ARG A 36 8.24 13.30 5.60
C ARG A 36 7.57 13.40 4.22
N VAL A 37 6.28 13.08 4.16
CA VAL A 37 5.48 13.22 2.94
C VAL A 37 4.82 14.62 2.94
N GLU A 38 5.21 15.47 1.97
CA GLU A 38 4.69 16.85 1.84
C GLU A 38 3.31 16.91 1.18
N SER A 39 3.01 15.92 0.31
CA SER A 39 1.70 15.82 -0.35
C SER A 39 1.50 14.41 -0.94
N GLY A 40 0.22 13.98 -0.97
CA GLY A 40 -0.16 12.68 -1.52
C GLY A 40 -0.05 11.53 -0.53
N CYS A 41 -0.40 10.34 -1.02
CA CYS A 41 -0.21 9.07 -0.30
C CYS A 41 0.66 8.14 -1.14
N TRP A 42 1.87 7.85 -0.62
CA TRP A 42 2.89 7.06 -1.33
C TRP A 42 2.94 5.63 -0.78
N MET A 43 2.99 4.64 -1.68
CA MET A 43 3.32 3.25 -1.36
C MET A 43 4.83 3.06 -1.37
N LEU A 44 5.39 2.73 -0.21
CA LEU A 44 6.79 2.39 -0.03
C LEU A 44 6.90 0.87 0.04
N TYR A 45 7.63 0.31 -0.92
CA TYR A 45 7.81 -1.14 -1.06
C TYR A 45 9.16 -1.53 -0.46
N GLU A 46 9.16 -2.61 0.32
CA GLU A 46 10.35 -3.18 0.95
C GLU A 46 11.45 -3.46 -0.08
N ARG A 47 11.08 -4.24 -1.10
CA ARG A 47 11.98 -4.74 -2.13
C ARG A 47 11.78 -3.97 -3.46
N PRO A 48 12.83 -3.93 -4.37
CA PRO A 48 12.71 -3.30 -5.70
C PRO A 48 11.69 -4.04 -6.61
N ASN A 49 11.36 -3.40 -7.74
CA ASN A 49 10.40 -3.93 -8.75
C ASN A 49 8.99 -4.07 -8.12
N TYR A 50 8.68 -3.17 -7.15
CA TYR A 50 7.35 -3.07 -6.48
C TYR A 50 7.04 -4.33 -5.63
N GLN A 51 8.09 -5.07 -5.22
CA GLN A 51 7.94 -6.35 -4.50
C GLN A 51 8.04 -6.16 -2.97
N GLY A 52 7.83 -7.28 -2.24
CA GLY A 52 7.93 -7.31 -0.79
C GLY A 52 6.69 -6.80 -0.09
N GLN A 53 6.84 -6.44 1.19
CA GLN A 53 5.75 -5.82 1.96
C GLN A 53 5.69 -4.31 1.67
N GLN A 54 4.47 -3.82 1.45
CA GLN A 54 4.21 -2.46 0.96
C GLN A 54 3.66 -1.61 2.12
N TYR A 55 3.82 -0.29 2.06
CA TYR A 55 3.48 0.64 3.16
C TYR A 55 2.78 1.89 2.62
N LEU A 56 1.55 2.16 3.07
CA LEU A 56 0.83 3.38 2.69
C LEU A 56 1.24 4.50 3.66
N LEU A 57 2.22 5.31 3.23
CA LEU A 57 2.65 6.53 3.95
C LEU A 57 1.80 7.71 3.47
N ARG A 58 1.05 8.28 4.41
CA ARG A 58 0.18 9.44 4.16
C ARG A 58 1.01 10.73 4.34
N ARG A 59 0.42 11.88 4.00
CA ARG A 59 1.07 13.19 4.21
C ARG A 59 1.27 13.45 5.70
N GLY A 60 2.54 13.68 6.10
CA GLY A 60 2.87 14.01 7.48
C GLY A 60 4.34 13.79 7.79
N GLU A 61 4.73 14.26 8.98
CA GLU A 61 6.08 14.13 9.53
C GLU A 61 6.11 12.93 10.50
N TYR A 62 6.62 11.78 10.02
CA TYR A 62 6.79 10.56 10.81
C TYR A 62 8.22 10.55 11.40
N PRO A 63 8.39 10.75 12.75
CA PRO A 63 9.73 10.88 13.38
C PRO A 63 10.42 9.52 13.59
N ASP A 64 9.71 8.43 13.27
CA ASP A 64 10.20 7.05 13.42
C ASP A 64 9.31 6.08 12.63
N TYR A 65 9.83 4.86 12.43
CA TYR A 65 9.17 3.79 11.65
C TYR A 65 7.98 3.19 12.42
N GLN A 66 8.09 3.17 13.76
CA GLN A 66 7.03 2.60 14.64
C GLN A 66 5.76 3.47 14.60
N GLN A 67 5.90 4.72 14.11
CA GLN A 67 4.79 5.65 13.90
C GLN A 67 3.73 5.05 12.94
N TRP A 68 4.18 4.42 11.82
CA TRP A 68 3.28 3.69 10.89
C TRP A 68 3.38 2.15 11.11
N MET A 69 4.17 1.77 12.15
CA MET A 69 4.48 0.37 12.50
C MET A 69 5.12 -0.38 11.31
N GLY A 70 6.29 0.13 10.88
CA GLY A 70 7.09 -0.52 9.86
C GLY A 70 7.73 -1.80 10.41
N LEU A 71 7.36 -2.95 9.82
CA LEU A 71 7.87 -4.27 10.24
C LEU A 71 9.34 -4.38 9.82
N SER A 72 9.58 -3.92 8.58
CA SER A 72 10.93 -3.69 8.04
C SER A 72 11.03 -2.19 7.69
N ASP A 73 12.18 -1.61 8.01
CA ASP A 73 12.50 -0.20 7.68
C ASP A 73 13.13 -0.10 6.28
N SER A 74 13.59 -1.26 5.76
CA SER A 74 14.24 -1.37 4.45
C SER A 74 13.23 -1.11 3.32
N ILE A 75 13.47 -0.05 2.53
CA ILE A 75 12.58 0.42 1.44
C ILE A 75 13.44 0.62 0.17
N ARG A 76 13.03 -0.01 -0.95
CA ARG A 76 13.77 0.03 -2.23
C ARG A 76 12.86 0.26 -3.45
N SER A 77 11.56 0.60 -3.23
CA SER A 77 10.68 1.14 -4.28
C SER A 77 9.70 2.17 -3.66
N CYS A 78 9.18 3.08 -4.49
CA CYS A 78 8.21 4.11 -4.10
C CYS A 78 7.24 4.39 -5.26
N CYS A 79 5.97 4.67 -4.93
CA CYS A 79 4.92 5.02 -5.90
C CYS A 79 3.96 6.03 -5.30
N LEU A 80 3.64 7.11 -6.05
CA LEU A 80 2.61 8.07 -5.66
C LEU A 80 1.25 7.60 -6.18
N ILE A 81 0.23 7.65 -5.33
CA ILE A 81 -1.16 7.38 -5.74
C ILE A 81 -1.94 8.71 -5.60
N PRO A 82 -2.27 9.39 -6.75
CA PRO A 82 -3.04 10.64 -6.73
C PRO A 82 -4.58 10.42 -6.78
N GLN A 83 -5.33 11.52 -6.49
CA GLN A 83 -6.80 11.55 -6.49
C GLN A 83 -7.39 11.01 -7.80
N THR A 84 -8.37 10.12 -7.67
CA THR A 84 -9.03 9.44 -8.79
C THR A 84 -10.52 9.82 -8.82
N VAL A 85 -11.16 9.70 -9.99
CA VAL A 85 -12.54 10.21 -10.24
C VAL A 85 -13.62 9.39 -9.48
N SER A 86 -13.23 8.18 -9.05
CA SER A 86 -14.10 7.25 -8.30
C SER A 86 -13.23 6.22 -7.56
N HIS A 87 -13.88 5.31 -6.80
CA HIS A 87 -13.22 4.22 -6.04
C HIS A 87 -14.19 3.03 -5.98
N ARG A 88 -13.89 1.97 -6.74
CA ARG A 88 -14.76 0.81 -6.90
C ARG A 88 -13.91 -0.44 -7.18
N LEU A 89 -14.13 -1.48 -6.36
CA LEU A 89 -13.33 -2.73 -6.36
C LEU A 89 -14.27 -3.93 -6.22
N ARG A 90 -13.90 -5.07 -6.82
CA ARG A 90 -14.68 -6.33 -6.74
C ARG A 90 -13.80 -7.44 -6.13
N LEU A 91 -14.25 -8.00 -4.99
CA LEU A 91 -13.59 -9.13 -4.30
C LEU A 91 -14.00 -10.45 -4.98
N TYR A 92 -13.03 -11.36 -5.18
CA TYR A 92 -13.29 -12.72 -5.72
C TYR A 92 -12.66 -13.76 -4.77
N GLU A 93 -13.49 -14.74 -4.40
CA GLU A 93 -13.15 -15.80 -3.45
C GLU A 93 -12.07 -16.76 -4.00
N ARG A 94 -12.11 -17.02 -5.31
CA ARG A 94 -11.15 -17.91 -6.00
C ARG A 94 -10.41 -17.12 -7.08
N GLU A 95 -9.24 -17.62 -7.49
CA GLU A 95 -8.36 -16.95 -8.47
C GLU A 95 -8.97 -16.96 -9.89
N ASP A 96 -8.35 -16.18 -10.77
CA ASP A 96 -8.80 -15.90 -12.15
C ASP A 96 -10.24 -15.35 -12.20
N HIS A 97 -10.61 -14.62 -11.13
CA HIS A 97 -11.91 -13.93 -10.97
C HIS A 97 -13.08 -14.93 -10.87
N LYS A 98 -12.82 -16.06 -10.20
CA LYS A 98 -13.82 -17.14 -10.02
C LYS A 98 -14.29 -17.19 -8.56
N GLY A 99 -15.14 -18.19 -8.25
CA GLY A 99 -15.72 -18.36 -6.92
C GLY A 99 -16.87 -17.42 -6.68
N LEU A 100 -16.96 -16.88 -5.45
CA LEU A 100 -17.97 -15.90 -5.06
C LEU A 100 -17.49 -14.49 -5.50
N MET A 101 -18.38 -13.75 -6.19
CA MET A 101 -18.14 -12.39 -6.69
C MET A 101 -18.88 -11.37 -5.81
N MET A 102 -18.17 -10.36 -5.32
CA MET A 102 -18.73 -9.31 -4.45
C MET A 102 -18.17 -7.95 -4.84
N GLU A 103 -19.02 -6.93 -4.95
CA GLU A 103 -18.59 -5.53 -5.20
C GLU A 103 -18.44 -4.78 -3.86
N LEU A 104 -17.65 -3.72 -3.89
CA LEU A 104 -17.34 -2.90 -2.71
C LEU A 104 -16.92 -1.51 -3.18
N SER A 105 -17.51 -0.47 -2.60
CA SER A 105 -17.12 0.93 -2.85
C SER A 105 -17.07 1.71 -1.52
N GLU A 106 -16.95 0.94 -0.40
CA GLU A 106 -16.93 1.46 0.98
C GLU A 106 -15.59 1.07 1.62
N ASP A 107 -15.07 1.91 2.55
CA ASP A 107 -13.88 1.55 3.36
C ASP A 107 -14.26 0.38 4.29
N CYS A 108 -13.75 -0.82 3.98
CA CYS A 108 -14.06 -2.05 4.74
C CYS A 108 -13.08 -2.18 5.93
N PRO A 109 -13.56 -1.97 7.20
CA PRO A 109 -12.67 -1.90 8.39
C PRO A 109 -12.05 -3.26 8.77
N SER A 110 -12.78 -4.33 8.44
CA SER A 110 -12.41 -5.70 8.76
C SER A 110 -13.17 -6.65 7.82
N ILE A 111 -12.49 -7.15 6.77
CA ILE A 111 -13.10 -8.06 5.76
C ILE A 111 -13.62 -9.34 6.44
N GLN A 112 -12.85 -9.84 7.42
CA GLN A 112 -13.18 -11.04 8.20
C GLN A 112 -14.44 -10.83 9.08
N ASP A 113 -14.68 -9.59 9.52
CA ASP A 113 -15.90 -9.22 10.27
C ASP A 113 -17.04 -8.82 9.34
N ARG A 114 -16.74 -8.50 8.06
CA ARG A 114 -17.75 -8.10 7.07
C ARG A 114 -18.21 -9.31 6.26
N PHE A 115 -17.38 -9.74 5.31
CA PHE A 115 -17.73 -10.83 4.37
C PHE A 115 -17.06 -12.15 4.79
N HIS A 116 -16.35 -12.14 5.94
CA HIS A 116 -15.67 -13.31 6.55
C HIS A 116 -14.54 -13.87 5.67
N LEU A 117 -14.05 -13.06 4.71
CA LEU A 117 -12.92 -13.46 3.85
C LEU A 117 -11.59 -13.18 4.58
N SER A 118 -10.90 -14.27 4.98
CA SER A 118 -9.57 -14.19 5.64
C SER A 118 -8.46 -13.97 4.60
N GLU A 119 -8.75 -14.33 3.33
CA GLU A 119 -7.83 -14.15 2.20
C GLU A 119 -8.63 -13.72 0.95
N ILE A 120 -8.03 -12.85 0.13
CA ILE A 120 -8.53 -12.51 -1.21
C ILE A 120 -7.64 -13.19 -2.25
N ARG A 121 -8.25 -13.91 -3.19
CA ARG A 121 -7.53 -14.70 -4.21
C ARG A 121 -7.40 -13.95 -5.54
N SER A 122 -8.36 -13.07 -5.85
CA SER A 122 -8.31 -12.18 -7.02
C SER A 122 -9.24 -10.97 -6.84
N LEU A 123 -8.97 -9.88 -7.60
CA LEU A 123 -9.71 -8.61 -7.52
C LEU A 123 -9.98 -8.07 -8.94
N HIS A 124 -11.01 -7.23 -9.06
CA HIS A 124 -11.23 -6.41 -10.26
C HIS A 124 -11.49 -4.99 -9.80
N VAL A 125 -10.42 -4.20 -9.67
CA VAL A 125 -10.51 -2.77 -9.35
C VAL A 125 -10.84 -2.04 -10.67
N LEU A 126 -12.05 -1.46 -10.76
CA LEU A 126 -12.49 -0.77 -11.99
C LEU A 126 -11.80 0.59 -12.09
N GLU A 127 -11.77 1.28 -10.96
CA GLU A 127 -11.29 2.66 -10.89
C GLU A 127 -10.96 2.98 -9.43
N GLY A 128 -9.91 3.80 -9.23
CA GLY A 128 -9.53 4.26 -7.91
C GLY A 128 -8.75 3.23 -7.14
N CYS A 129 -7.49 3.54 -6.80
CA CYS A 129 -6.63 2.64 -6.05
C CYS A 129 -7.15 2.47 -4.61
N TRP A 130 -7.18 1.21 -4.16
CA TRP A 130 -7.46 0.85 -2.77
C TRP A 130 -6.16 0.40 -2.09
N VAL A 131 -6.26 0.08 -0.80
CA VAL A 131 -5.17 -0.48 -0.01
C VAL A 131 -5.71 -1.67 0.77
N LEU A 132 -5.17 -2.85 0.50
CA LEU A 132 -5.38 -4.03 1.33
C LEU A 132 -4.43 -3.91 2.55
N TYR A 133 -4.89 -4.39 3.70
CA TYR A 133 -4.12 -4.39 4.96
C TYR A 133 -4.16 -5.81 5.51
N GLU A 134 -3.01 -6.27 6.01
CA GLU A 134 -2.85 -7.63 6.55
C GLU A 134 -3.76 -7.85 7.77
N LEU A 135 -3.72 -6.91 8.72
CA LEU A 135 -4.57 -6.92 9.91
C LEU A 135 -5.83 -6.08 9.65
N PRO A 136 -6.96 -6.37 10.38
CA PRO A 136 -8.12 -5.44 10.49
C PRO A 136 -7.76 -4.04 11.05
N ASN A 137 -8.78 -3.17 11.15
CA ASN A 137 -8.66 -1.77 11.64
C ASN A 137 -7.63 -0.95 10.83
N TYR A 138 -7.42 -1.36 9.55
CA TYR A 138 -6.52 -0.70 8.59
C TYR A 138 -5.05 -0.76 9.07
N ARG A 139 -4.62 -1.94 9.58
CA ARG A 139 -3.28 -2.12 10.18
C ARG A 139 -2.52 -3.30 9.54
N GLY A 140 -1.25 -3.49 9.95
CA GLY A 140 -0.41 -4.56 9.44
C GLY A 140 0.37 -4.16 8.19
N ARG A 141 0.72 -5.15 7.35
CA ARG A 141 1.37 -4.90 6.06
C ARG A 141 0.34 -4.45 5.01
N GLN A 142 0.67 -3.38 4.30
CA GLN A 142 -0.21 -2.78 3.27
C GLN A 142 0.07 -3.45 1.91
N TYR A 143 -0.91 -3.31 1.00
CA TYR A 143 -0.86 -3.82 -0.38
C TYR A 143 -1.64 -2.84 -1.26
N LEU A 144 -1.08 -2.45 -2.41
CA LEU A 144 -1.68 -1.44 -3.31
C LEU A 144 -2.57 -2.14 -4.34
N LEU A 145 -3.80 -1.63 -4.49
CA LEU A 145 -4.84 -2.22 -5.35
C LEU A 145 -5.27 -1.21 -6.42
N ARG A 146 -4.44 -1.09 -7.46
CA ARG A 146 -4.62 -0.10 -8.55
C ARG A 146 -5.70 -0.55 -9.56
N PRO A 147 -6.40 0.42 -10.26
CA PRO A 147 -7.45 0.12 -11.26
C PRO A 147 -6.99 -0.85 -12.38
N GLN A 148 -7.22 -2.15 -12.15
CA GLN A 148 -6.93 -3.24 -13.08
C GLN A 148 -7.56 -4.55 -12.57
N GLU A 149 -7.65 -5.55 -13.45
CA GLU A 149 -8.13 -6.88 -13.10
C GLU A 149 -6.98 -7.75 -12.56
N TYR A 150 -6.86 -7.81 -11.23
CA TYR A 150 -5.93 -8.74 -10.57
C TYR A 150 -6.43 -10.17 -10.74
N ARG A 151 -5.75 -10.95 -11.59
CA ARG A 151 -6.12 -12.35 -11.86
C ARG A 151 -5.85 -13.23 -10.65
N ARG A 152 -4.90 -12.83 -9.80
CA ARG A 152 -4.50 -13.58 -8.60
C ARG A 152 -3.68 -12.69 -7.66
N CYS A 153 -3.27 -13.27 -6.51
CA CYS A 153 -2.51 -12.57 -5.47
C CYS A 153 -1.11 -12.13 -5.98
N GLN A 154 -0.59 -12.91 -6.94
CA GLN A 154 0.75 -12.73 -7.51
C GLN A 154 0.85 -11.42 -8.34
N ASP A 155 -0.31 -10.94 -8.84
CA ASP A 155 -0.39 -9.72 -9.68
C ASP A 155 0.20 -8.48 -8.98
N TRP A 156 -0.24 -8.18 -7.73
CA TRP A 156 0.26 -7.00 -6.97
C TRP A 156 1.47 -7.38 -6.08
N GLY A 157 2.00 -8.60 -6.28
CA GLY A 157 3.20 -9.06 -5.60
C GLY A 157 2.96 -9.43 -4.14
N ALA A 158 1.75 -9.94 -3.85
CA ALA A 158 1.36 -10.37 -2.51
C ALA A 158 2.11 -11.66 -2.14
N MET A 159 3.05 -11.55 -1.18
CA MET A 159 3.81 -12.70 -0.64
C MET A 159 2.85 -13.75 -0.02
N ASP A 160 1.66 -13.27 0.37
CA ASP A 160 0.55 -14.08 0.89
C ASP A 160 -0.77 -13.32 0.65
N ALA A 161 -1.87 -14.06 0.55
CA ALA A 161 -3.19 -13.54 0.14
C ALA A 161 -4.01 -12.96 1.32
N LYS A 162 -3.35 -12.80 2.49
CA LYS A 162 -4.01 -12.38 3.75
C LYS A 162 -4.78 -11.06 3.59
N ALA A 163 -6.07 -11.10 3.94
CA ALA A 163 -7.01 -9.99 3.78
C ALA A 163 -7.63 -9.63 5.15
N GLY A 164 -7.11 -8.56 5.76
CA GLY A 164 -7.62 -8.05 7.05
C GLY A 164 -8.62 -6.91 6.88
N SER A 165 -8.26 -5.93 6.02
CA SER A 165 -9.13 -4.75 5.73
C SER A 165 -8.82 -4.12 4.35
N LEU A 166 -9.78 -3.31 3.83
CA LEU A 166 -9.65 -2.55 2.54
C LEU A 166 -10.00 -1.07 2.78
N ARG A 167 -9.25 -0.15 2.15
CA ARG A 167 -9.55 1.30 2.22
C ARG A 167 -9.21 2.01 0.90
N ARG A 168 -10.14 2.85 0.46
CA ARG A 168 -10.01 3.73 -0.71
C ARG A 168 -8.94 4.81 -0.43
N VAL A 169 -7.90 4.90 -1.29
CA VAL A 169 -6.83 5.91 -1.15
C VAL A 169 -7.39 7.34 -1.34
N VAL A 170 -7.10 8.21 -0.38
CA VAL A 170 -7.44 9.64 -0.45
C VAL A 170 -6.21 10.47 -0.05
N ASP A 171 -5.75 11.33 -0.98
CA ASP A 171 -4.55 12.16 -0.80
C ASP A 171 -4.75 13.22 0.30
N LEU A 172 -3.85 13.20 1.27
CA LEU A 172 -3.73 14.26 2.27
C LEU A 172 -2.71 15.29 1.74
N TYR A 173 -2.80 16.54 2.21
CA TYR A 173 -2.01 17.69 1.69
C TYR A 173 -1.71 18.69 2.83
N GLY A 1 1.68 17.82 -3.19
CA GLY A 1 2.17 16.44 -2.97
C GLY A 1 3.68 16.34 -3.09
N LYS A 2 4.32 15.59 -2.17
CA LYS A 2 5.80 15.44 -2.13
C LYS A 2 6.19 14.44 -1.04
N ILE A 3 7.33 13.77 -1.24
CA ILE A 3 7.90 12.80 -0.30
C ILE A 3 9.40 13.08 -0.11
N THR A 4 9.91 12.88 1.11
CA THR A 4 11.33 13.04 1.43
C THR A 4 11.77 11.89 2.35
N PHE A 5 12.65 11.03 1.84
CA PHE A 5 13.23 9.89 2.59
C PHE A 5 14.35 10.36 3.51
N TYR A 6 14.56 9.65 4.63
CA TYR A 6 15.69 9.86 5.55
C TYR A 6 16.15 8.49 6.09
N GLU A 7 17.38 8.06 5.74
CA GLU A 7 17.89 6.70 6.10
C GLU A 7 18.02 6.47 7.61
N ASP A 8 18.18 7.56 8.38
CA ASP A 8 18.29 7.49 9.84
C ASP A 8 17.08 8.18 10.47
N ARG A 9 16.84 7.87 11.77
CA ARG A 9 15.73 8.44 12.54
C ARG A 9 15.95 9.93 12.83
N ALA A 10 14.90 10.58 13.36
CA ALA A 10 14.87 12.01 13.71
C ALA A 10 15.19 12.91 12.50
N PHE A 11 14.84 12.40 11.29
CA PHE A 11 15.03 13.07 9.99
C PHE A 11 16.53 13.29 9.67
N GLN A 12 17.35 12.25 9.90
CA GLN A 12 18.80 12.24 9.54
C GLN A 12 19.09 11.19 8.44
N GLY A 13 20.37 11.08 8.05
CA GLY A 13 20.82 10.17 6.99
C GLY A 13 20.68 10.79 5.60
N ARG A 14 20.70 9.95 4.55
CA ARG A 14 20.52 10.42 3.17
C ARG A 14 19.08 10.89 2.96
N SER A 15 18.94 12.17 2.62
CA SER A 15 17.63 12.80 2.39
C SER A 15 17.36 12.82 0.88
N TYR A 16 16.30 12.14 0.43
CA TYR A 16 15.97 12.04 -0.99
C TYR A 16 14.55 12.58 -1.21
N GLU A 17 14.48 13.83 -1.70
CA GLU A 17 13.21 14.51 -1.98
C GLU A 17 12.80 14.26 -3.45
N THR A 18 11.61 13.66 -3.65
CA THR A 18 11.03 13.41 -4.98
C THR A 18 9.50 13.57 -4.95
N THR A 19 8.89 13.60 -6.15
CA THR A 19 7.42 13.60 -6.32
C THR A 19 7.05 12.71 -7.55
N THR A 20 7.87 11.67 -7.77
CA THR A 20 7.69 10.72 -8.90
C THR A 20 7.88 9.26 -8.43
N ASP A 21 7.24 8.30 -9.16
CA ASP A 21 7.33 6.85 -8.88
C ASP A 21 8.78 6.35 -9.08
N CYS A 22 9.31 5.62 -8.07
CA CYS A 22 10.65 5.03 -8.17
C CYS A 22 10.55 3.51 -7.88
N PRO A 23 10.56 2.65 -8.95
CA PRO A 23 10.50 1.17 -8.80
C PRO A 23 11.72 0.61 -8.05
N ASN A 24 12.88 1.26 -8.21
CA ASN A 24 14.14 0.84 -7.58
C ASN A 24 14.79 2.05 -6.88
N LEU A 25 14.58 2.15 -5.55
CA LEU A 25 15.24 3.15 -4.69
C LEU A 25 16.67 2.73 -4.32
N GLN A 26 17.01 1.43 -4.57
CA GLN A 26 18.34 0.83 -4.29
C GLN A 26 19.55 1.65 -4.85
N PRO A 27 19.53 2.14 -6.16
CA PRO A 27 20.60 3.04 -6.72
C PRO A 27 20.93 4.29 -5.86
N TYR A 28 19.97 4.71 -5.01
CA TYR A 28 20.09 5.92 -4.18
C TYR A 28 20.40 5.52 -2.72
N PHE A 29 19.61 4.58 -2.17
CA PHE A 29 19.66 4.15 -0.75
C PHE A 29 18.99 2.77 -0.58
N SER A 30 19.10 2.17 0.62
CA SER A 30 18.53 0.84 0.91
C SER A 30 17.40 0.90 1.97
N ARG A 31 17.35 2.00 2.73
CA ARG A 31 16.35 2.15 3.81
C ARG A 31 15.93 3.60 4.00
N CYS A 32 14.83 3.76 4.73
CA CYS A 32 14.28 5.05 5.11
C CYS A 32 13.64 4.89 6.50
N ASN A 33 14.43 5.18 7.56
CA ASN A 33 14.00 4.94 8.96
C ASN A 33 13.03 6.02 9.41
N SER A 34 13.16 7.22 8.86
CA SER A 34 12.19 8.31 9.06
C SER A 34 11.84 8.91 7.70
N ILE A 35 10.64 9.47 7.58
CA ILE A 35 10.11 9.94 6.28
C ILE A 35 9.21 11.16 6.52
N ARG A 36 9.17 12.07 5.56
CA ARG A 36 8.34 13.27 5.61
C ARG A 36 7.54 13.33 4.31
N VAL A 37 6.23 13.07 4.41
CA VAL A 37 5.28 13.30 3.33
C VAL A 37 4.64 14.69 3.53
N GLU A 38 4.95 15.62 2.62
CA GLU A 38 4.42 16.99 2.63
C GLU A 38 2.89 16.98 2.49
N SER A 39 2.41 16.12 1.56
CA SER A 39 0.99 15.90 1.27
C SER A 39 0.86 14.70 0.32
N GLY A 40 -0.28 13.98 0.39
CA GLY A 40 -0.54 12.80 -0.46
C GLY A 40 -0.52 11.50 0.32
N CYS A 41 -0.72 10.37 -0.39
CA CYS A 41 -0.64 9.01 0.18
C CYS A 41 0.19 8.11 -0.73
N TRP A 42 1.47 7.92 -0.37
CA TRP A 42 2.46 7.21 -1.20
C TRP A 42 2.65 5.79 -0.69
N MET A 43 2.72 4.82 -1.59
CA MET A 43 2.92 3.41 -1.24
C MET A 43 4.42 3.11 -1.18
N LEU A 44 4.97 3.08 0.02
CA LEU A 44 6.37 2.68 0.28
C LEU A 44 6.49 1.15 0.36
N TYR A 45 7.57 0.61 -0.18
CA TYR A 45 7.79 -0.85 -0.26
C TYR A 45 9.12 -1.20 0.41
N GLU A 46 9.12 -2.33 1.12
CA GLU A 46 10.30 -2.88 1.79
C GLU A 46 11.38 -3.28 0.78
N ARG A 47 10.93 -3.90 -0.32
CA ARG A 47 11.82 -4.49 -1.34
C ARG A 47 11.60 -3.81 -2.71
N PRO A 48 12.61 -3.83 -3.66
CA PRO A 48 12.49 -3.18 -4.99
C PRO A 48 11.47 -3.88 -5.90
N ASN A 49 11.16 -3.20 -7.04
CA ASN A 49 10.17 -3.66 -8.04
C ASN A 49 8.77 -3.87 -7.42
N TYR A 50 8.45 -3.02 -6.42
CA TYR A 50 7.14 -2.95 -5.73
C TYR A 50 6.81 -4.27 -4.99
N GLN A 51 7.81 -4.82 -4.25
CA GLN A 51 7.69 -6.12 -3.54
C GLN A 51 7.87 -5.98 -2.01
N GLY A 52 7.61 -7.09 -1.30
CA GLY A 52 7.86 -7.21 0.14
C GLY A 52 6.73 -6.68 1.00
N GLN A 53 7.08 -6.19 2.20
CA GLN A 53 6.14 -5.50 3.10
C GLN A 53 5.81 -4.11 2.54
N GLN A 54 4.59 -3.94 2.07
CA GLN A 54 4.12 -2.69 1.44
C GLN A 54 3.47 -1.80 2.53
N TYR A 55 3.51 -0.46 2.34
CA TYR A 55 3.12 0.53 3.38
C TYR A 55 2.56 1.80 2.71
N LEU A 56 1.24 2.03 2.82
CA LEU A 56 0.65 3.30 2.39
C LEU A 56 0.90 4.37 3.48
N LEU A 57 1.85 5.27 3.20
CA LEU A 57 2.17 6.42 4.06
C LEU A 57 1.29 7.60 3.68
N ARG A 58 0.74 8.26 4.69
CA ARG A 58 -0.17 9.42 4.53
C ARG A 58 0.66 10.71 4.65
N ARG A 59 -0.02 11.89 4.61
CA ARG A 59 0.62 13.16 4.97
C ARG A 59 1.04 13.09 6.46
N GLY A 60 2.32 13.35 6.71
CA GLY A 60 2.83 13.40 8.06
C GLY A 60 4.33 13.54 8.09
N GLU A 61 4.82 14.15 9.16
CA GLU A 61 6.24 14.23 9.49
C GLU A 61 6.52 13.08 10.46
N TYR A 62 6.99 11.94 9.94
CA TYR A 62 7.22 10.71 10.72
C TYR A 62 8.67 10.71 11.26
N PRO A 63 8.88 10.96 12.60
CA PRO A 63 10.23 10.97 13.22
C PRO A 63 10.96 9.62 13.10
N ASP A 64 10.19 8.52 12.88
CA ASP A 64 10.73 7.21 12.48
C ASP A 64 9.59 6.23 12.10
N TYR A 65 10.00 4.97 11.78
CA TYR A 65 9.09 3.91 11.27
C TYR A 65 8.01 3.52 12.29
N GLN A 66 8.30 3.67 13.58
CA GLN A 66 7.36 3.33 14.68
C GLN A 66 6.23 4.38 14.78
N GLN A 67 6.30 5.47 13.98
CA GLN A 67 5.24 6.50 13.95
C GLN A 67 3.99 5.95 13.24
N TRP A 68 4.19 5.12 12.19
CA TRP A 68 3.08 4.39 11.53
C TRP A 68 3.06 2.92 11.96
N MET A 69 3.88 2.61 13.00
CA MET A 69 4.05 1.25 13.55
C MET A 69 4.42 0.25 12.44
N GLY A 70 5.36 0.69 11.59
CA GLY A 70 5.91 -0.12 10.50
C GLY A 70 6.71 -1.32 10.99
N LEU A 71 6.59 -2.43 10.24
CA LEU A 71 7.21 -3.72 10.63
C LEU A 71 8.71 -3.71 10.30
N SER A 72 9.09 -2.91 9.27
CA SER A 72 10.48 -2.75 8.84
C SER A 72 10.80 -1.27 8.58
N ASP A 73 12.10 -0.94 8.69
CA ASP A 73 12.66 0.40 8.39
C ASP A 73 13.17 0.47 6.94
N SER A 74 13.46 -0.72 6.38
CA SER A 74 14.04 -0.87 5.04
C SER A 74 13.01 -0.55 3.94
N ILE A 75 13.37 0.38 3.04
CA ILE A 75 12.51 0.90 1.96
C ILE A 75 13.35 0.96 0.68
N ARG A 76 13.02 0.10 -0.30
CA ARG A 76 13.81 -0.08 -1.53
C ARG A 76 12.96 0.16 -2.80
N SER A 77 11.70 0.60 -2.61
CA SER A 77 10.80 0.96 -3.73
C SER A 77 9.66 1.89 -3.23
N CYS A 78 8.98 2.58 -4.17
CA CYS A 78 7.88 3.51 -3.84
C CYS A 78 7.01 3.80 -5.09
N CYS A 79 5.67 3.67 -4.93
CA CYS A 79 4.68 4.12 -5.91
C CYS A 79 4.12 5.47 -5.45
N LEU A 80 4.30 6.49 -6.27
CA LEU A 80 3.73 7.83 -6.05
C LEU A 80 2.25 7.74 -6.46
N ILE A 81 1.35 7.47 -5.49
CA ILE A 81 -0.09 7.31 -5.77
C ILE A 81 -0.84 8.57 -5.30
N PRO A 82 -1.20 9.51 -6.22
CA PRO A 82 -1.86 10.79 -5.85
C PRO A 82 -3.38 10.61 -5.61
N GLN A 83 -4.15 11.69 -5.77
CA GLN A 83 -5.62 11.63 -5.68
C GLN A 83 -6.18 10.80 -6.83
N THR A 84 -7.18 9.97 -6.52
CA THR A 84 -7.93 9.19 -7.50
C THR A 84 -9.40 9.64 -7.48
N VAL A 85 -9.93 9.96 -8.68
CA VAL A 85 -11.25 10.61 -8.88
C VAL A 85 -12.42 9.75 -8.37
N SER A 86 -12.25 8.43 -8.45
CA SER A 86 -13.27 7.44 -8.09
C SER A 86 -12.59 6.23 -7.44
N HIS A 87 -13.40 5.32 -6.87
CA HIS A 87 -12.93 4.05 -6.29
C HIS A 87 -14.01 2.98 -6.49
N ARG A 88 -13.71 1.96 -7.30
CA ARG A 88 -14.61 0.81 -7.51
C ARG A 88 -13.75 -0.47 -7.67
N LEU A 89 -14.05 -1.46 -6.83
CA LEU A 89 -13.33 -2.74 -6.77
C LEU A 89 -14.35 -3.90 -6.64
N ARG A 90 -14.15 -4.98 -7.43
CA ARG A 90 -14.96 -6.20 -7.32
C ARG A 90 -14.05 -7.29 -6.71
N LEU A 91 -14.36 -7.70 -5.48
CA LEU A 91 -13.62 -8.73 -4.73
C LEU A 91 -14.02 -10.13 -5.24
N TYR A 92 -13.05 -10.93 -5.73
CA TYR A 92 -13.28 -12.33 -6.13
C TYR A 92 -12.51 -13.21 -5.16
N GLU A 93 -13.25 -13.96 -4.31
CA GLU A 93 -12.66 -14.68 -3.17
C GLU A 93 -11.64 -15.74 -3.67
N ARG A 94 -11.89 -16.30 -4.87
CA ARG A 94 -11.06 -17.38 -5.44
C ARG A 94 -10.38 -16.86 -6.72
N GLU A 95 -9.21 -17.45 -7.05
CA GLU A 95 -8.36 -17.10 -8.20
C GLU A 95 -9.14 -17.10 -9.54
N ASP A 96 -8.58 -16.35 -10.50
CA ASP A 96 -9.05 -16.29 -11.90
C ASP A 96 -10.51 -15.86 -11.99
N HIS A 97 -10.89 -14.89 -11.14
CA HIS A 97 -12.19 -14.21 -11.16
C HIS A 97 -13.34 -15.18 -10.81
N LYS A 98 -13.02 -16.27 -10.10
CA LYS A 98 -13.99 -17.30 -9.71
C LYS A 98 -14.46 -17.06 -8.25
N GLY A 99 -15.29 -17.99 -7.74
CA GLY A 99 -15.77 -17.93 -6.35
C GLY A 99 -16.92 -16.95 -6.18
N LEU A 100 -16.90 -16.19 -5.08
CA LEU A 100 -17.92 -15.19 -4.76
C LEU A 100 -17.42 -13.81 -5.21
N MET A 101 -18.24 -13.09 -5.99
CA MET A 101 -17.96 -11.69 -6.40
C MET A 101 -18.74 -10.75 -5.48
N MET A 102 -18.01 -9.86 -4.80
CA MET A 102 -18.55 -8.90 -3.83
C MET A 102 -17.94 -7.53 -4.14
N GLU A 103 -18.75 -6.60 -4.68
CA GLU A 103 -18.28 -5.26 -5.03
C GLU A 103 -18.16 -4.37 -3.80
N LEU A 104 -17.34 -3.33 -3.92
CA LEU A 104 -17.01 -2.40 -2.83
C LEU A 104 -16.54 -1.08 -3.44
N SER A 105 -17.05 0.04 -2.91
CA SER A 105 -16.66 1.41 -3.34
C SER A 105 -16.35 2.29 -2.11
N GLU A 106 -16.38 1.68 -0.90
CA GLU A 106 -16.15 2.35 0.39
C GLU A 106 -14.96 1.70 1.11
N ASP A 107 -14.41 2.37 2.14
CA ASP A 107 -13.33 1.82 2.97
C ASP A 107 -13.87 0.67 3.85
N CYS A 108 -13.31 -0.53 3.69
CA CYS A 108 -13.68 -1.71 4.50
C CYS A 108 -12.79 -1.79 5.75
N PRO A 109 -13.36 -1.63 6.98
CA PRO A 109 -12.56 -1.68 8.24
C PRO A 109 -12.13 -3.10 8.63
N SER A 110 -12.84 -4.11 8.07
CA SER A 110 -12.69 -5.52 8.45
C SER A 110 -13.45 -6.40 7.44
N ILE A 111 -12.75 -7.35 6.80
CA ILE A 111 -13.34 -8.24 5.76
C ILE A 111 -13.88 -9.51 6.43
N GLN A 112 -13.03 -10.13 7.25
CA GLN A 112 -13.34 -11.39 7.96
C GLN A 112 -14.50 -11.20 8.97
N ASP A 113 -14.58 -10.00 9.55
CA ASP A 113 -15.65 -9.65 10.51
C ASP A 113 -17.01 -9.47 9.81
N ARG A 114 -16.99 -8.98 8.55
CA ARG A 114 -18.23 -8.64 7.80
C ARG A 114 -18.65 -9.81 6.89
N PHE A 115 -17.90 -10.00 5.78
CA PHE A 115 -18.25 -10.98 4.72
C PHE A 115 -17.61 -12.36 5.01
N HIS A 116 -16.68 -12.38 6.00
CA HIS A 116 -16.00 -13.60 6.47
C HIS A 116 -15.05 -14.20 5.42
N LEU A 117 -14.39 -13.32 4.65
CA LEU A 117 -13.30 -13.72 3.72
C LEU A 117 -11.94 -13.51 4.42
N SER A 118 -11.24 -14.63 4.68
CA SER A 118 -9.86 -14.63 5.21
C SER A 118 -8.85 -14.71 4.04
N GLU A 119 -9.34 -15.13 2.87
CA GLU A 119 -8.54 -15.30 1.65
C GLU A 119 -9.31 -14.74 0.44
N ILE A 120 -8.83 -13.61 -0.11
CA ILE A 120 -9.30 -13.07 -1.41
C ILE A 120 -8.16 -13.24 -2.40
N ARG A 121 -8.39 -14.02 -3.47
CA ARG A 121 -7.30 -14.46 -4.38
C ARG A 121 -7.35 -13.78 -5.77
N SER A 122 -8.33 -12.88 -6.04
CA SER A 122 -8.33 -12.05 -7.27
C SER A 122 -9.22 -10.80 -7.07
N LEU A 123 -8.86 -9.68 -7.74
CA LEU A 123 -9.46 -8.35 -7.47
C LEU A 123 -9.54 -7.52 -8.77
N HIS A 124 -10.74 -7.31 -9.32
CA HIS A 124 -10.91 -6.46 -10.53
C HIS A 124 -11.17 -5.01 -10.11
N VAL A 125 -10.09 -4.23 -9.99
CA VAL A 125 -10.17 -2.78 -9.71
C VAL A 125 -10.47 -2.07 -11.04
N LEU A 126 -11.67 -1.50 -11.18
CA LEU A 126 -12.05 -0.79 -12.42
C LEU A 126 -11.36 0.59 -12.47
N GLU A 127 -11.42 1.27 -11.33
CA GLU A 127 -11.02 2.66 -11.19
C GLU A 127 -10.60 2.94 -9.75
N GLY A 128 -9.63 3.86 -9.59
CA GLY A 128 -9.10 4.22 -8.29
C GLY A 128 -8.03 3.28 -7.82
N CYS A 129 -7.26 3.74 -6.83
CA CYS A 129 -6.26 2.92 -6.14
C CYS A 129 -6.81 2.53 -4.77
N TRP A 130 -6.72 1.25 -4.46
CA TRP A 130 -7.06 0.70 -3.14
C TRP A 130 -5.79 0.15 -2.49
N VAL A 131 -5.92 -0.30 -1.23
CA VAL A 131 -4.85 -0.98 -0.49
C VAL A 131 -5.49 -2.09 0.36
N LEU A 132 -5.13 -3.35 0.07
CA LEU A 132 -5.45 -4.50 0.91
C LEU A 132 -4.51 -4.49 2.14
N TYR A 133 -5.02 -4.98 3.25
CA TYR A 133 -4.27 -5.09 4.52
C TYR A 133 -4.29 -6.54 4.97
N GLU A 134 -3.15 -7.00 5.50
CA GLU A 134 -3.03 -8.34 6.08
C GLU A 134 -3.99 -8.48 7.29
N LEU A 135 -3.84 -7.57 8.27
CA LEU A 135 -4.72 -7.50 9.46
C LEU A 135 -5.90 -6.56 9.19
N PRO A 136 -7.08 -6.78 9.85
CA PRO A 136 -8.14 -5.75 9.97
C PRO A 136 -7.65 -4.51 10.76
N ASN A 137 -8.55 -3.53 10.96
CA ASN A 137 -8.25 -2.27 11.68
C ASN A 137 -7.19 -1.42 10.90
N TYR A 138 -7.07 -1.72 9.58
CA TYR A 138 -6.13 -1.04 8.66
C TYR A 138 -4.67 -1.23 9.09
N ARG A 139 -4.29 -2.47 9.45
CA ARG A 139 -2.92 -2.79 9.94
C ARG A 139 -2.30 -3.98 9.21
N GLY A 140 -1.05 -4.30 9.60
CA GLY A 140 -0.30 -5.44 9.07
C GLY A 140 0.49 -5.09 7.82
N ARG A 141 0.88 -6.13 7.09
CA ARG A 141 1.56 -5.99 5.79
C ARG A 141 0.53 -5.63 4.71
N GLN A 142 0.72 -4.48 4.08
CA GLN A 142 -0.27 -3.90 3.15
C GLN A 142 0.01 -4.39 1.72
N TYR A 143 -0.90 -4.08 0.78
CA TYR A 143 -0.84 -4.54 -0.62
C TYR A 143 -1.52 -3.49 -1.52
N LEU A 144 -0.76 -2.89 -2.46
CA LEU A 144 -1.29 -1.84 -3.36
C LEU A 144 -2.16 -2.48 -4.46
N LEU A 145 -3.39 -1.99 -4.56
CA LEU A 145 -4.37 -2.40 -5.56
C LEU A 145 -4.52 -1.26 -6.58
N ARG A 146 -4.31 -1.57 -7.86
CA ARG A 146 -4.25 -0.56 -8.94
C ARG A 146 -5.35 -0.88 -9.98
N PRO A 147 -5.89 0.16 -10.71
CA PRO A 147 -7.02 -0.02 -11.67
C PRO A 147 -6.66 -0.97 -12.85
N GLN A 148 -6.86 -2.28 -12.60
CA GLN A 148 -6.65 -3.37 -13.58
C GLN A 148 -7.33 -4.65 -13.05
N GLU A 149 -7.33 -5.71 -13.87
CA GLU A 149 -7.78 -7.03 -13.42
C GLU A 149 -6.62 -7.79 -12.78
N TYR A 150 -6.73 -8.01 -11.47
CA TYR A 150 -5.88 -8.97 -10.76
C TYR A 150 -6.49 -10.36 -10.95
N ARG A 151 -5.77 -11.20 -11.70
CA ARG A 151 -6.19 -12.56 -12.04
C ARG A 151 -5.85 -13.55 -10.92
N ARG A 152 -4.90 -13.16 -10.05
CA ARG A 152 -4.51 -13.92 -8.86
C ARG A 152 -3.66 -13.04 -7.92
N CYS A 153 -3.25 -13.60 -6.78
CA CYS A 153 -2.46 -12.89 -5.75
C CYS A 153 -1.11 -12.38 -6.32
N GLN A 154 -0.54 -13.18 -7.23
CA GLN A 154 0.78 -12.94 -7.86
C GLN A 154 0.81 -11.60 -8.65
N ASP A 155 -0.39 -11.17 -9.13
CA ASP A 155 -0.55 -9.92 -9.92
C ASP A 155 -0.14 -8.66 -9.12
N TRP A 156 -0.57 -8.55 -7.83
CA TRP A 156 -0.21 -7.37 -6.99
C TRP A 156 1.04 -7.62 -6.13
N GLY A 157 1.80 -8.68 -6.50
CA GLY A 157 3.06 -9.03 -5.83
C GLY A 157 2.83 -9.56 -4.42
N ALA A 158 1.71 -10.27 -4.22
CA ALA A 158 1.33 -10.80 -2.91
C ALA A 158 2.21 -11.99 -2.52
N MET A 159 2.72 -11.94 -1.29
CA MET A 159 3.48 -13.04 -0.68
C MET A 159 2.51 -14.12 -0.13
N ASP A 160 1.20 -13.74 -0.03
CA ASP A 160 0.11 -14.58 0.50
C ASP A 160 -1.26 -13.92 0.22
N ALA A 161 -2.35 -14.65 0.51
CA ALA A 161 -3.75 -14.26 0.12
C ALA A 161 -4.55 -13.70 1.32
N LYS A 162 -3.86 -13.21 2.37
CA LYS A 162 -4.51 -12.76 3.63
C LYS A 162 -5.41 -11.53 3.38
N ALA A 163 -6.65 -11.61 3.89
CA ALA A 163 -7.67 -10.58 3.72
C ALA A 163 -8.08 -10.03 5.10
N GLY A 164 -7.67 -8.77 5.38
CA GLY A 164 -7.95 -8.12 6.67
C GLY A 164 -8.84 -6.91 6.52
N SER A 165 -8.42 -5.93 5.69
CA SER A 165 -9.22 -4.72 5.40
C SER A 165 -8.84 -4.07 4.03
N LEU A 166 -9.74 -3.21 3.49
CA LEU A 166 -9.49 -2.40 2.26
C LEU A 166 -9.57 -0.90 2.62
N ARG A 167 -8.60 -0.10 2.14
CA ARG A 167 -8.68 1.36 2.18
C ARG A 167 -8.66 1.92 0.74
N ARG A 168 -9.40 3.01 0.53
CA ARG A 168 -9.36 3.79 -0.71
C ARG A 168 -8.24 4.85 -0.59
N VAL A 169 -7.26 4.84 -1.50
CA VAL A 169 -6.16 5.83 -1.50
C VAL A 169 -6.71 7.22 -1.92
N VAL A 170 -6.97 8.04 -0.90
CA VAL A 170 -7.38 9.44 -1.05
C VAL A 170 -6.14 10.35 -0.82
N ASP A 171 -6.07 11.50 -1.50
CA ASP A 171 -5.02 12.50 -1.27
C ASP A 171 -5.26 13.19 0.08
N LEU A 172 -4.19 13.40 0.84
CA LEU A 172 -4.25 14.07 2.15
C LEU A 172 -3.34 15.31 2.14
N TYR A 173 -3.54 16.16 3.13
CA TYR A 173 -2.81 17.43 3.31
C TYR A 173 -2.73 17.80 4.80
N GLY A 1 2.07 14.77 -6.05
CA GLY A 1 2.63 14.15 -4.82
C GLY A 1 4.15 14.27 -4.76
N LYS A 2 4.68 14.41 -3.54
CA LYS A 2 6.12 14.59 -3.28
C LYS A 2 6.45 14.03 -1.89
N ILE A 3 7.69 13.56 -1.72
CA ILE A 3 8.14 12.91 -0.47
C ILE A 3 9.65 13.15 -0.28
N THR A 4 10.15 13.05 0.96
CA THR A 4 11.58 13.19 1.25
C THR A 4 11.97 12.20 2.35
N PHE A 5 12.87 11.27 2.02
CA PHE A 5 13.35 10.20 2.91
C PHE A 5 14.59 10.68 3.68
N TYR A 6 14.79 10.14 4.89
CA TYR A 6 15.97 10.42 5.74
C TYR A 6 16.45 9.10 6.36
N GLU A 7 17.70 8.69 6.02
CA GLU A 7 18.28 7.38 6.45
C GLU A 7 18.26 7.18 7.97
N ASP A 8 18.57 8.24 8.71
CA ASP A 8 18.67 8.21 10.18
C ASP A 8 17.52 9.00 10.80
N ARG A 9 17.23 8.73 12.09
CA ARG A 9 16.09 9.32 12.82
C ARG A 9 16.31 10.82 13.12
N ALA A 10 15.20 11.48 13.52
CA ALA A 10 15.15 12.95 13.80
C ALA A 10 15.45 13.79 12.54
N PHE A 11 15.17 13.19 11.36
CA PHE A 11 15.40 13.77 10.02
C PHE A 11 16.92 13.98 9.75
N GLN A 12 17.69 12.86 9.80
CA GLN A 12 19.14 12.83 9.47
C GLN A 12 19.44 11.77 8.39
N GLY A 13 20.73 11.64 8.01
CA GLY A 13 21.17 10.73 6.96
C GLY A 13 21.01 11.33 5.57
N ARG A 14 20.85 10.47 4.55
CA ARG A 14 20.58 10.92 3.17
C ARG A 14 19.16 11.51 3.10
N SER A 15 19.05 12.78 2.71
CA SER A 15 17.76 13.41 2.43
C SER A 15 17.54 13.34 0.92
N TYR A 16 16.51 12.59 0.51
CA TYR A 16 16.20 12.39 -0.92
C TYR A 16 14.72 12.69 -1.18
N GLU A 17 14.49 13.72 -1.98
CA GLU A 17 13.17 14.15 -2.42
C GLU A 17 12.87 13.55 -3.82
N THR A 18 11.64 13.04 -4.00
CA THR A 18 11.15 12.54 -5.30
C THR A 18 9.65 12.87 -5.45
N THR A 19 9.24 13.23 -6.68
CA THR A 19 7.85 13.60 -7.01
C THR A 19 7.11 12.46 -7.74
N THR A 20 7.83 11.40 -8.15
CA THR A 20 7.24 10.30 -8.93
C THR A 20 7.81 8.93 -8.44
N ASP A 21 7.21 7.81 -8.92
CA ASP A 21 7.60 6.41 -8.56
C ASP A 21 9.09 6.15 -8.81
N CYS A 22 9.73 5.31 -7.98
CA CYS A 22 11.16 4.97 -8.11
C CYS A 22 11.38 3.48 -7.78
N PRO A 23 11.64 2.61 -8.83
CA PRO A 23 11.93 1.16 -8.64
C PRO A 23 13.15 0.88 -7.75
N ASN A 24 14.22 1.69 -7.90
CA ASN A 24 15.45 1.55 -7.10
C ASN A 24 15.78 2.88 -6.39
N LEU A 25 15.47 2.94 -5.10
CA LEU A 25 15.92 4.02 -4.20
C LEU A 25 17.37 3.76 -3.72
N GLN A 26 17.87 2.51 -4.00
CA GLN A 26 19.21 2.01 -3.58
C GLN A 26 20.40 2.99 -3.88
N PRO A 27 20.56 3.55 -5.15
CA PRO A 27 21.68 4.51 -5.48
C PRO A 27 21.75 5.73 -4.55
N TYR A 28 20.60 6.06 -3.95
CA TYR A 28 20.45 7.20 -3.02
C TYR A 28 20.65 6.72 -1.56
N PHE A 29 19.89 5.67 -1.19
CA PHE A 29 19.86 5.11 0.17
C PHE A 29 19.28 3.69 0.14
N SER A 30 19.65 2.88 1.12
CA SER A 30 19.10 1.52 1.28
C SER A 30 17.88 1.53 2.21
N ARG A 31 17.82 2.53 3.09
CA ARG A 31 16.87 2.56 4.21
C ARG A 31 16.54 4.01 4.61
N CYS A 32 15.48 4.15 5.39
CA CYS A 32 14.98 5.43 5.85
C CYS A 32 14.40 5.23 7.26
N ASN A 33 14.96 5.94 8.27
CA ASN A 33 14.53 5.82 9.68
C ASN A 33 13.73 7.05 10.16
N SER A 34 13.49 8.01 9.24
CA SER A 34 12.56 9.14 9.46
C SER A 34 12.20 9.73 8.09
N ILE A 35 11.03 10.36 7.95
CA ILE A 35 10.52 10.70 6.61
C ILE A 35 9.50 11.85 6.66
N ARG A 36 9.57 12.73 5.63
CA ARG A 36 8.66 13.87 5.46
C ARG A 36 7.89 13.68 4.14
N VAL A 37 6.66 13.18 4.21
CA VAL A 37 5.76 13.06 3.04
C VAL A 37 5.06 14.42 2.85
N GLU A 38 5.56 15.22 1.88
CA GLU A 38 5.12 16.62 1.68
C GLU A 38 3.72 16.70 1.06
N SER A 39 3.44 15.77 0.13
CA SER A 39 2.16 15.73 -0.59
C SER A 39 1.87 14.29 -1.08
N GLY A 40 0.59 13.89 -1.00
CA GLY A 40 0.15 12.57 -1.46
C GLY A 40 0.38 11.44 -0.46
N CYS A 41 -0.01 10.23 -0.86
CA CYS A 41 0.20 9.00 -0.09
C CYS A 41 1.08 8.04 -0.92
N TRP A 42 2.26 7.72 -0.37
CA TRP A 42 3.29 6.94 -1.06
C TRP A 42 3.40 5.53 -0.46
N MET A 43 3.16 4.52 -1.31
CA MET A 43 3.32 3.11 -0.94
C MET A 43 4.79 2.73 -1.13
N LEU A 44 5.54 2.72 -0.02
CA LEU A 44 6.97 2.36 0.00
C LEU A 44 7.11 0.83 0.00
N TYR A 45 8.29 0.36 -0.43
CA TYR A 45 8.59 -1.06 -0.58
C TYR A 45 9.90 -1.38 0.12
N GLU A 46 9.91 -2.54 0.76
CA GLU A 46 11.01 -3.00 1.62
C GLU A 46 12.20 -3.49 0.78
N ARG A 47 11.91 -3.94 -0.46
CA ARG A 47 12.91 -4.45 -1.41
C ARG A 47 12.72 -3.78 -2.80
N PRO A 48 13.81 -3.71 -3.65
CA PRO A 48 13.77 -3.00 -4.95
C PRO A 48 12.85 -3.66 -5.99
N ASN A 49 12.56 -2.91 -7.08
CA ASN A 49 11.62 -3.32 -8.15
C ASN A 49 10.21 -3.60 -7.58
N TYR A 50 9.85 -2.80 -6.54
CA TYR A 50 8.54 -2.82 -5.86
C TYR A 50 8.29 -4.15 -5.10
N GLN A 51 9.37 -4.82 -4.65
CA GLN A 51 9.27 -6.13 -3.95
C GLN A 51 9.29 -5.98 -2.41
N GLY A 52 9.19 -7.13 -1.72
CA GLY A 52 9.24 -7.17 -0.25
C GLY A 52 7.90 -6.78 0.38
N GLN A 53 7.97 -6.23 1.60
CA GLN A 53 6.79 -5.72 2.32
C GLN A 53 6.39 -4.34 1.77
N GLN A 54 5.08 -4.09 1.69
CA GLN A 54 4.51 -2.84 1.18
C GLN A 54 4.05 -1.97 2.38
N TYR A 55 4.16 -0.62 2.26
CA TYR A 55 3.93 0.33 3.38
C TYR A 55 3.15 1.56 2.90
N LEU A 56 1.94 1.81 3.46
CA LEU A 56 1.16 3.03 3.16
C LEU A 56 1.71 4.17 4.05
N LEU A 57 2.48 5.09 3.44
CA LEU A 57 2.93 6.33 4.11
C LEU A 57 1.96 7.45 3.72
N ARG A 58 1.34 8.04 4.74
CA ARG A 58 0.37 9.12 4.58
C ARG A 58 1.10 10.48 4.56
N ARG A 59 0.45 11.51 4.00
CA ARG A 59 1.00 12.88 3.94
C ARG A 59 1.19 13.42 5.36
N GLY A 60 2.45 13.42 5.81
CA GLY A 60 2.81 13.82 7.15
C GLY A 60 4.27 13.58 7.42
N GLU A 61 4.78 14.21 8.46
CA GLU A 61 6.16 14.03 8.93
C GLU A 61 6.19 12.87 9.94
N TYR A 62 7.31 12.17 10.00
CA TYR A 62 7.52 11.03 10.90
C TYR A 62 8.94 11.14 11.46
N PRO A 63 9.11 11.60 12.75
CA PRO A 63 10.44 11.67 13.44
C PRO A 63 11.21 10.33 13.45
N ASP A 64 10.46 9.23 13.30
CA ASP A 64 11.00 7.86 13.19
C ASP A 64 9.95 6.93 12.55
N TYR A 65 10.33 5.68 12.29
CA TYR A 65 9.44 4.69 11.61
C TYR A 65 8.52 3.95 12.58
N GLN A 66 8.81 4.01 13.89
CA GLN A 66 7.91 3.45 14.93
C GLN A 66 6.70 4.37 15.16
N GLN A 67 6.80 5.63 14.63
CA GLN A 67 5.75 6.66 14.70
C GLN A 67 4.44 6.11 14.07
N TRP A 68 4.59 5.43 12.92
CA TRP A 68 3.45 4.85 12.15
C TRP A 68 3.43 3.32 12.25
N MET A 69 4.20 2.77 13.21
CA MET A 69 4.29 1.30 13.49
C MET A 69 4.83 0.52 12.26
N GLY A 70 5.82 1.13 11.59
CA GLY A 70 6.53 0.52 10.46
C GLY A 70 7.24 -0.78 10.83
N LEU A 71 7.10 -1.79 9.95
CA LEU A 71 7.60 -3.16 10.19
C LEU A 71 9.14 -3.19 10.15
N SER A 72 9.71 -2.50 9.14
CA SER A 72 11.15 -2.26 9.02
C SER A 72 11.42 -0.92 8.33
N ASP A 73 12.60 -0.34 8.64
CA ASP A 73 13.05 0.94 8.08
C ASP A 73 13.63 0.77 6.66
N SER A 74 13.82 -0.49 6.23
CA SER A 74 14.33 -0.83 4.89
C SER A 74 13.38 -0.30 3.79
N ILE A 75 13.82 0.76 3.09
CA ILE A 75 13.05 1.40 2.00
C ILE A 75 13.95 1.45 0.76
N ARG A 76 13.76 0.46 -0.12
CA ARG A 76 14.61 0.24 -1.30
C ARG A 76 13.84 0.53 -2.60
N SER A 77 12.53 0.83 -2.49
CA SER A 77 11.66 1.18 -3.62
C SER A 77 10.44 1.99 -3.10
N CYS A 78 9.70 2.65 -4.03
CA CYS A 78 8.54 3.50 -3.68
C CYS A 78 7.59 3.68 -4.87
N CYS A 79 6.30 3.93 -4.57
CA CYS A 79 5.27 4.26 -5.57
C CYS A 79 4.44 5.45 -5.09
N LEU A 80 4.12 6.36 -6.01
CA LEU A 80 3.16 7.44 -5.77
C LEU A 80 1.85 7.06 -6.44
N ILE A 81 0.80 6.95 -5.65
CA ILE A 81 -0.56 6.76 -6.14
C ILE A 81 -1.26 8.13 -6.11
N PRO A 82 -1.81 8.61 -7.28
CA PRO A 82 -2.47 9.94 -7.39
C PRO A 82 -3.87 9.96 -6.70
N GLN A 83 -4.45 11.18 -6.59
CA GLN A 83 -5.80 11.39 -6.05
C GLN A 83 -6.85 10.64 -6.86
N THR A 84 -7.71 9.90 -6.17
CA THR A 84 -8.86 9.21 -6.76
C THR A 84 -10.09 9.53 -5.90
N VAL A 85 -11.10 10.17 -6.53
CA VAL A 85 -12.34 10.60 -5.84
C VAL A 85 -13.43 9.50 -5.98
N SER A 86 -13.31 8.67 -7.03
CA SER A 86 -14.25 7.59 -7.35
C SER A 86 -13.51 6.24 -7.34
N HIS A 87 -14.03 5.28 -6.56
CA HIS A 87 -13.41 3.95 -6.37
C HIS A 87 -14.45 2.85 -6.64
N ARG A 88 -14.11 1.92 -7.54
CA ARG A 88 -14.97 0.79 -7.91
C ARG A 88 -14.12 -0.49 -7.90
N LEU A 89 -14.47 -1.41 -6.98
CA LEU A 89 -13.77 -2.69 -6.80
C LEU A 89 -14.82 -3.81 -6.81
N ARG A 90 -14.53 -4.92 -7.49
CA ARG A 90 -15.38 -6.11 -7.49
C ARG A 90 -14.53 -7.33 -7.03
N LEU A 91 -14.85 -7.78 -5.82
CA LEU A 91 -14.20 -8.92 -5.14
C LEU A 91 -14.56 -10.23 -5.86
N TYR A 92 -13.62 -11.19 -5.89
CA TYR A 92 -13.87 -12.54 -6.45
C TYR A 92 -13.30 -13.61 -5.51
N GLU A 93 -14.19 -14.50 -5.08
CA GLU A 93 -13.87 -15.66 -4.25
C GLU A 93 -12.85 -16.58 -4.93
N ARG A 94 -13.03 -16.82 -6.23
CA ARG A 94 -12.27 -17.84 -6.97
C ARG A 94 -11.43 -17.17 -8.06
N GLU A 95 -10.26 -17.79 -8.31
CA GLU A 95 -9.22 -17.26 -9.20
C GLU A 95 -9.74 -17.07 -10.64
N ASP A 96 -9.32 -15.95 -11.25
CA ASP A 96 -9.61 -15.59 -12.64
C ASP A 96 -11.11 -15.34 -12.84
N HIS A 97 -11.62 -14.34 -12.09
CA HIS A 97 -12.95 -13.72 -12.31
C HIS A 97 -14.10 -14.73 -12.07
N LYS A 98 -13.94 -15.61 -11.07
CA LYS A 98 -14.95 -16.64 -10.75
C LYS A 98 -15.37 -16.56 -9.26
N GLY A 99 -16.29 -17.44 -8.88
CA GLY A 99 -16.81 -17.51 -7.52
C GLY A 99 -17.86 -16.46 -7.24
N LEU A 100 -17.95 -16.05 -5.97
CA LEU A 100 -18.87 -14.99 -5.53
C LEU A 100 -18.24 -13.62 -5.83
N MET A 101 -18.96 -12.79 -6.60
CA MET A 101 -18.53 -11.42 -6.92
C MET A 101 -19.25 -10.45 -5.97
N MET A 102 -18.50 -9.53 -5.37
CA MET A 102 -19.05 -8.57 -4.40
C MET A 102 -18.59 -7.16 -4.78
N GLU A 103 -19.54 -6.26 -5.03
CA GLU A 103 -19.24 -4.86 -5.33
C GLU A 103 -18.87 -4.14 -4.03
N LEU A 104 -17.84 -3.29 -4.10
CA LEU A 104 -17.32 -2.55 -2.94
C LEU A 104 -16.78 -1.21 -3.45
N SER A 105 -17.29 -0.12 -2.88
CA SER A 105 -16.87 1.25 -3.22
C SER A 105 -16.47 2.04 -1.96
N GLU A 106 -16.63 1.40 -0.78
CA GLU A 106 -16.40 2.04 0.54
C GLU A 106 -15.43 1.22 1.40
N ASP A 107 -14.94 1.84 2.49
CA ASP A 107 -13.98 1.22 3.42
C ASP A 107 -14.65 0.12 4.24
N CYS A 108 -14.10 -1.09 4.19
CA CYS A 108 -14.59 -2.23 4.99
C CYS A 108 -13.59 -2.46 6.15
N PRO A 109 -13.96 -2.09 7.44
CA PRO A 109 -13.05 -2.19 8.63
C PRO A 109 -12.52 -3.62 8.89
N SER A 110 -13.29 -4.60 8.43
CA SER A 110 -12.98 -6.02 8.59
C SER A 110 -13.62 -6.80 7.44
N ILE A 111 -13.05 -7.95 7.09
CA ILE A 111 -13.63 -8.83 6.03
C ILE A 111 -14.09 -10.15 6.66
N GLN A 112 -13.22 -10.75 7.50
CA GLN A 112 -13.51 -12.00 8.25
C GLN A 112 -14.68 -11.80 9.25
N ASP A 113 -14.77 -10.62 9.84
CA ASP A 113 -15.80 -10.30 10.85
C ASP A 113 -17.14 -9.94 10.18
N ARG A 114 -17.14 -9.67 8.85
CA ARG A 114 -18.34 -9.21 8.12
C ARG A 114 -19.03 -10.35 7.33
N PHE A 115 -18.26 -11.05 6.48
CA PHE A 115 -18.78 -12.12 5.62
C PHE A 115 -17.91 -13.39 5.72
N HIS A 116 -17.09 -13.46 6.79
CA HIS A 116 -16.22 -14.61 7.12
C HIS A 116 -15.21 -14.97 6.00
N LEU A 117 -14.86 -13.96 5.18
CA LEU A 117 -13.88 -14.15 4.11
C LEU A 117 -12.46 -13.85 4.64
N SER A 118 -11.60 -14.89 4.61
CA SER A 118 -10.19 -14.80 5.02
C SER A 118 -9.28 -14.77 3.78
N GLU A 119 -9.83 -15.20 2.62
CA GLU A 119 -9.09 -15.31 1.35
C GLU A 119 -9.97 -14.82 0.16
N ILE A 120 -9.59 -13.69 -0.45
CA ILE A 120 -10.15 -13.22 -1.72
C ILE A 120 -9.00 -13.23 -2.74
N ARG A 121 -9.05 -14.17 -3.70
CA ARG A 121 -7.89 -14.46 -4.57
C ARG A 121 -7.74 -13.43 -5.70
N SER A 122 -8.87 -12.90 -6.20
CA SER A 122 -8.86 -12.04 -7.40
C SER A 122 -9.79 -10.83 -7.19
N LEU A 123 -9.35 -9.66 -7.70
CA LEU A 123 -9.95 -8.35 -7.40
C LEU A 123 -9.91 -7.47 -8.66
N HIS A 124 -11.08 -7.21 -9.28
CA HIS A 124 -11.14 -6.30 -10.44
C HIS A 124 -11.36 -4.88 -9.93
N VAL A 125 -10.25 -4.14 -9.77
CA VAL A 125 -10.28 -2.71 -9.45
C VAL A 125 -10.54 -1.97 -10.77
N LEU A 126 -11.79 -1.55 -11.01
CA LEU A 126 -12.16 -0.80 -12.23
C LEU A 126 -11.47 0.56 -12.23
N GLU A 127 -11.78 1.35 -11.21
CA GLU A 127 -11.26 2.70 -11.02
C GLU A 127 -10.97 2.93 -9.53
N GLY A 128 -10.18 3.97 -9.24
CA GLY A 128 -9.80 4.32 -7.88
C GLY A 128 -8.94 3.26 -7.20
N CYS A 129 -7.70 3.62 -6.86
CA CYS A 129 -6.76 2.69 -6.20
C CYS A 129 -7.22 2.41 -4.75
N TRP A 130 -7.03 1.14 -4.32
CA TRP A 130 -7.31 0.68 -2.94
C TRP A 130 -6.01 0.20 -2.29
N VAL A 131 -6.11 -0.12 -0.99
CA VAL A 131 -5.08 -0.81 -0.22
C VAL A 131 -5.79 -1.87 0.64
N LEU A 132 -5.44 -3.14 0.42
CA LEU A 132 -5.88 -4.26 1.28
C LEU A 132 -4.88 -4.34 2.46
N TYR A 133 -5.39 -4.72 3.63
CA TYR A 133 -4.61 -4.86 4.87
C TYR A 133 -4.70 -6.31 5.32
N GLU A 134 -3.56 -6.89 5.68
CA GLU A 134 -3.45 -8.30 6.09
C GLU A 134 -4.35 -8.59 7.32
N LEU A 135 -4.17 -7.82 8.39
CA LEU A 135 -5.02 -7.91 9.59
C LEU A 135 -6.23 -6.95 9.43
N PRO A 136 -7.41 -7.29 10.05
CA PRO A 136 -8.52 -6.30 10.23
C PRO A 136 -8.10 -5.13 11.15
N ASN A 137 -9.04 -4.16 11.31
CA ASN A 137 -8.80 -2.91 12.08
C ASN A 137 -7.72 -2.04 11.37
N TYR A 138 -7.55 -2.27 10.04
CA TYR A 138 -6.62 -1.52 9.15
C TYR A 138 -5.15 -1.73 9.56
N ARG A 139 -4.80 -3.00 9.87
CA ARG A 139 -3.45 -3.37 10.37
C ARG A 139 -2.79 -4.43 9.46
N GLY A 140 -1.51 -4.75 9.75
CA GLY A 140 -0.76 -5.78 9.04
C GLY A 140 -0.01 -5.26 7.82
N ARG A 141 0.49 -6.19 6.99
CA ARG A 141 1.17 -5.87 5.72
C ARG A 141 0.17 -5.27 4.71
N GLN A 142 0.64 -4.29 3.94
CA GLN A 142 -0.20 -3.57 2.95
C GLN A 142 -0.17 -4.31 1.62
N TYR A 143 -1.24 -4.17 0.84
CA TYR A 143 -1.39 -4.81 -0.48
C TYR A 143 -2.02 -3.77 -1.42
N LEU A 144 -1.18 -3.02 -2.13
CA LEU A 144 -1.61 -1.93 -3.02
C LEU A 144 -2.42 -2.51 -4.19
N LEU A 145 -3.72 -2.18 -4.22
CA LEU A 145 -4.64 -2.56 -5.27
C LEU A 145 -4.72 -1.41 -6.28
N ARG A 146 -4.25 -1.66 -7.50
CA ARG A 146 -4.18 -0.65 -8.56
C ARG A 146 -5.31 -0.91 -9.58
N PRO A 147 -5.84 0.15 -10.28
CA PRO A 147 -6.91 -0.01 -11.31
C PRO A 147 -6.50 -0.99 -12.45
N GLN A 148 -6.89 -2.26 -12.27
CA GLN A 148 -6.67 -3.34 -13.25
C GLN A 148 -7.48 -4.57 -12.82
N GLU A 149 -7.39 -5.63 -13.63
CA GLU A 149 -7.98 -6.93 -13.30
C GLU A 149 -6.92 -7.85 -12.66
N TYR A 150 -7.05 -8.05 -11.34
CA TYR A 150 -6.27 -9.07 -10.63
C TYR A 150 -6.90 -10.44 -10.88
N ARG A 151 -6.09 -11.33 -11.48
CA ARG A 151 -6.46 -12.70 -11.85
C ARG A 151 -6.24 -13.65 -10.65
N ARG A 152 -5.26 -13.28 -9.80
CA ARG A 152 -4.89 -14.03 -8.59
C ARG A 152 -3.99 -13.17 -7.68
N CYS A 153 -3.59 -13.75 -6.53
CA CYS A 153 -2.79 -13.06 -5.48
C CYS A 153 -1.43 -12.59 -6.01
N GLN A 154 -0.90 -13.38 -6.97
CA GLN A 154 0.41 -13.13 -7.61
C GLN A 154 0.46 -11.77 -8.34
N ASP A 155 -0.73 -11.31 -8.82
CA ASP A 155 -0.86 -10.07 -9.61
C ASP A 155 -0.43 -8.79 -8.84
N TRP A 156 -0.66 -8.74 -7.51
CA TRP A 156 -0.20 -7.60 -6.67
C TRP A 156 0.98 -7.99 -5.76
N GLY A 157 1.65 -9.11 -6.14
CA GLY A 157 2.88 -9.57 -5.48
C GLY A 157 2.65 -10.13 -4.07
N ALA A 158 1.46 -10.67 -3.84
CA ALA A 158 1.10 -11.29 -2.55
C ALA A 158 1.41 -12.80 -2.56
N MET A 159 2.04 -13.27 -1.48
CA MET A 159 2.36 -14.72 -1.27
C MET A 159 1.13 -15.48 -0.72
N ASP A 160 0.08 -14.71 -0.38
CA ASP A 160 -1.20 -15.21 0.15
C ASP A 160 -2.36 -14.42 -0.48
N ALA A 161 -3.59 -14.88 -0.23
CA ALA A 161 -4.82 -14.23 -0.74
C ALA A 161 -5.59 -13.58 0.42
N LYS A 162 -4.84 -13.21 1.50
CA LYS A 162 -5.40 -12.71 2.78
C LYS A 162 -6.39 -11.55 2.60
N ALA A 163 -7.44 -11.55 3.43
CA ALA A 163 -8.48 -10.52 3.43
C ALA A 163 -8.78 -10.11 4.88
N GLY A 164 -8.07 -9.05 5.35
CA GLY A 164 -8.25 -8.52 6.69
C GLY A 164 -9.20 -7.32 6.71
N SER A 165 -8.80 -6.26 5.99
CA SER A 165 -9.62 -5.03 5.84
C SER A 165 -9.30 -4.29 4.53
N LEU A 166 -10.25 -3.46 4.07
CA LEU A 166 -10.13 -2.66 2.82
C LEU A 166 -10.30 -1.17 3.10
N ARG A 167 -9.45 -0.34 2.46
CA ARG A 167 -9.55 1.13 2.49
C ARG A 167 -9.16 1.69 1.13
N ARG A 168 -9.77 2.81 0.74
CA ARG A 168 -9.47 3.49 -0.53
C ARG A 168 -8.28 4.45 -0.35
N VAL A 169 -7.54 4.71 -1.44
CA VAL A 169 -6.46 5.70 -1.44
C VAL A 169 -7.06 7.08 -1.73
N VAL A 170 -6.76 8.05 -0.84
CA VAL A 170 -7.13 9.45 -1.02
C VAL A 170 -5.87 10.30 -0.75
N ASP A 171 -5.58 11.23 -1.68
CA ASP A 171 -4.37 12.07 -1.64
C ASP A 171 -4.52 13.11 -0.52
N LEU A 172 -3.74 12.94 0.57
CA LEU A 172 -3.87 13.79 1.78
C LEU A 172 -3.09 15.10 1.62
N TYR A 173 -3.43 16.07 2.49
CA TYR A 173 -2.91 17.45 2.44
C TYR A 173 -2.88 18.07 3.88
N GLY A 1 1.89 18.15 -3.05
CA GLY A 1 2.27 16.71 -3.01
C GLY A 1 3.77 16.51 -3.20
N LYS A 2 4.43 15.87 -2.23
CA LYS A 2 5.90 15.62 -2.26
C LYS A 2 6.28 14.70 -1.08
N ILE A 3 7.39 13.96 -1.25
CA ILE A 3 7.91 13.01 -0.25
C ILE A 3 9.46 13.14 -0.17
N THR A 4 10.02 12.94 1.04
CA THR A 4 11.48 12.97 1.26
C THR A 4 11.87 11.90 2.29
N PHE A 5 12.66 10.91 1.84
CA PHE A 5 13.13 9.78 2.69
C PHE A 5 14.38 10.19 3.47
N TYR A 6 14.62 9.52 4.63
CA TYR A 6 15.83 9.71 5.47
C TYR A 6 16.22 8.36 6.10
N GLU A 7 17.48 7.89 5.86
CA GLU A 7 17.93 6.55 6.30
C GLU A 7 17.98 6.40 7.83
N ASP A 8 18.38 7.48 8.50
CA ASP A 8 18.47 7.53 9.98
C ASP A 8 17.23 8.24 10.53
N ARG A 9 17.06 8.21 11.86
CA ARG A 9 15.90 8.83 12.54
C ARG A 9 16.20 10.31 12.81
N ALA A 10 15.15 11.07 13.17
CA ALA A 10 15.20 12.53 13.39
C ALA A 10 15.57 13.28 12.08
N PHE A 11 15.13 12.69 10.94
CA PHE A 11 15.28 13.26 9.60
C PHE A 11 16.78 13.42 9.23
N GLN A 12 17.50 12.30 9.22
CA GLN A 12 18.98 12.30 9.11
C GLN A 12 19.48 11.20 8.15
N GLY A 13 20.79 11.24 7.82
CA GLY A 13 21.42 10.24 6.96
C GLY A 13 21.31 10.60 5.49
N ARG A 14 21.17 9.59 4.62
CA ARG A 14 20.90 9.83 3.18
C ARG A 14 19.43 10.25 2.99
N SER A 15 19.26 11.44 2.41
CA SER A 15 17.95 12.02 2.10
C SER A 15 17.64 11.84 0.60
N TYR A 16 16.39 11.51 0.27
CA TYR A 16 15.95 11.37 -1.14
C TYR A 16 14.59 12.07 -1.31
N GLU A 17 14.63 13.30 -1.83
CA GLU A 17 13.42 14.07 -2.18
C GLU A 17 12.98 13.71 -3.60
N THR A 18 11.72 13.27 -3.73
CA THR A 18 11.11 12.92 -5.02
C THR A 18 9.61 13.26 -5.00
N THR A 19 9.00 13.30 -6.18
CA THR A 19 7.55 13.50 -6.35
C THR A 19 7.07 12.59 -7.52
N THR A 20 7.79 11.46 -7.73
CA THR A 20 7.50 10.51 -8.83
C THR A 20 7.84 9.08 -8.37
N ASP A 21 7.21 8.08 -9.04
CA ASP A 21 7.47 6.63 -8.83
C ASP A 21 8.96 6.30 -9.07
N CYS A 22 9.50 5.36 -8.29
CA CYS A 22 10.89 4.92 -8.42
C CYS A 22 10.96 3.39 -8.16
N PRO A 23 11.08 2.56 -9.26
CA PRO A 23 11.04 1.07 -9.18
C PRO A 23 12.12 0.45 -8.28
N ASN A 24 13.34 1.00 -8.36
CA ASN A 24 14.50 0.50 -7.62
C ASN A 24 15.17 1.67 -6.89
N LEU A 25 14.97 1.74 -5.57
CA LEU A 25 15.64 2.74 -4.70
C LEU A 25 17.04 2.25 -4.27
N GLN A 26 17.46 1.10 -4.83
CA GLN A 26 18.80 0.49 -4.59
C GLN A 26 19.99 1.47 -4.82
N PRO A 27 20.07 2.26 -5.97
CA PRO A 27 21.17 3.24 -6.17
C PRO A 27 21.02 4.51 -5.29
N TYR A 28 19.86 4.66 -4.62
CA TYR A 28 19.55 5.84 -3.81
C TYR A 28 19.86 5.59 -2.32
N PHE A 29 19.20 4.60 -1.73
CA PHE A 29 19.37 4.20 -0.32
C PHE A 29 18.86 2.76 -0.11
N SER A 30 18.96 2.26 1.13
CA SER A 30 18.54 0.88 1.49
C SER A 30 17.38 0.89 2.49
N ARG A 31 17.40 1.89 3.40
CA ARG A 31 16.47 1.95 4.54
C ARG A 31 16.00 3.39 4.74
N CYS A 32 14.87 3.56 5.43
CA CYS A 32 14.31 4.88 5.72
C CYS A 32 13.67 4.84 7.11
N ASN A 33 14.46 5.22 8.13
CA ASN A 33 14.07 5.15 9.55
C ASN A 33 13.41 6.46 10.02
N SER A 34 13.23 7.42 9.09
CA SER A 34 12.36 8.58 9.27
C SER A 34 12.01 9.16 7.90
N ILE A 35 10.89 9.89 7.80
CA ILE A 35 10.39 10.38 6.52
C ILE A 35 9.52 11.63 6.73
N ARG A 36 9.63 12.58 5.80
CA ARG A 36 8.80 13.78 5.77
C ARG A 36 8.05 13.83 4.43
N VAL A 37 6.75 13.52 4.48
CA VAL A 37 5.84 13.72 3.35
C VAL A 37 5.21 15.11 3.50
N GLU A 38 5.52 16.00 2.53
CA GLU A 38 4.96 17.36 2.45
C GLU A 38 3.42 17.32 2.47
N SER A 39 2.89 16.47 1.57
CA SER A 39 1.46 16.26 1.37
C SER A 39 1.25 15.07 0.42
N GLY A 40 0.07 14.44 0.50
CA GLY A 40 -0.26 13.29 -0.36
C GLY A 40 -0.32 11.95 0.37
N CYS A 41 -0.59 10.88 -0.40
CA CYS A 41 -0.66 9.49 0.10
C CYS A 41 0.09 8.56 -0.89
N TRP A 42 1.34 8.24 -0.53
CA TRP A 42 2.28 7.48 -1.39
C TRP A 42 2.54 6.10 -0.78
N MET A 43 2.53 5.05 -1.61
CA MET A 43 2.77 3.66 -1.16
C MET A 43 4.26 3.33 -1.28
N LEU A 44 4.89 2.99 -0.15
CA LEU A 44 6.30 2.60 -0.10
C LEU A 44 6.42 1.09 0.01
N TYR A 45 7.40 0.54 -0.71
CA TYR A 45 7.59 -0.91 -0.87
C TYR A 45 8.92 -1.30 -0.21
N GLU A 46 8.90 -2.43 0.48
CA GLU A 46 10.05 -2.98 1.23
C GLU A 46 11.17 -3.42 0.28
N ARG A 47 10.77 -4.19 -0.75
CA ARG A 47 11.70 -4.75 -1.75
C ARG A 47 11.57 -3.94 -3.06
N PRO A 48 12.63 -3.92 -3.94
CA PRO A 48 12.56 -3.26 -5.27
C PRO A 48 11.60 -3.98 -6.23
N ASN A 49 11.41 -3.41 -7.44
CA ASN A 49 10.48 -3.92 -8.48
C ASN A 49 9.02 -3.97 -7.96
N TYR A 50 8.73 -3.09 -6.96
CA TYR A 50 7.42 -2.95 -6.31
C TYR A 50 6.98 -4.26 -5.61
N GLN A 51 7.83 -4.78 -4.70
CA GLN A 51 7.57 -6.06 -3.97
C GLN A 51 7.65 -5.89 -2.44
N GLY A 52 7.31 -6.99 -1.73
CA GLY A 52 7.47 -7.08 -0.28
C GLY A 52 6.33 -6.43 0.50
N GLN A 53 6.63 -6.04 1.76
CA GLN A 53 5.69 -5.31 2.62
C GLN A 53 5.51 -3.87 2.10
N GLN A 54 4.26 -3.44 1.94
CA GLN A 54 3.95 -2.08 1.44
C GLN A 54 3.32 -1.24 2.57
N TYR A 55 3.37 0.11 2.43
CA TYR A 55 2.96 1.07 3.49
C TYR A 55 2.34 2.32 2.86
N LEU A 56 1.13 2.71 3.31
CA LEU A 56 0.48 3.96 2.84
C LEU A 56 0.94 5.11 3.77
N LEU A 57 1.90 5.90 3.27
CA LEU A 57 2.44 7.09 3.97
C LEU A 57 1.62 8.33 3.57
N ARG A 58 1.21 9.09 4.59
CA ARG A 58 0.29 10.24 4.43
C ARG A 58 1.06 11.55 4.67
N ARG A 59 0.36 12.69 4.50
CA ARG A 59 0.87 14.02 4.90
C ARG A 59 1.26 13.98 6.38
N GLY A 60 2.52 14.28 6.68
CA GLY A 60 3.02 14.29 8.05
C GLY A 60 4.52 14.04 8.11
N GLU A 61 5.11 14.46 9.23
CA GLU A 61 6.54 14.31 9.50
C GLU A 61 6.74 13.22 10.55
N TYR A 62 7.12 12.01 10.09
CA TYR A 62 7.34 10.85 10.97
C TYR A 62 8.84 10.76 11.35
N PRO A 63 9.23 11.10 12.62
CA PRO A 63 10.66 11.16 13.04
C PRO A 63 11.29 9.76 13.27
N ASP A 64 10.49 8.70 13.11
CA ASP A 64 10.93 7.29 13.25
C ASP A 64 10.01 6.38 12.41
N TYR A 65 10.48 5.13 12.13
CA TYR A 65 9.73 4.17 11.28
C TYR A 65 8.58 3.50 12.05
N GLN A 66 8.73 3.41 13.39
CA GLN A 66 7.72 2.82 14.29
C GLN A 66 6.49 3.76 14.41
N GLN A 67 6.68 5.04 14.02
CA GLN A 67 5.65 6.09 14.07
C GLN A 67 4.40 5.72 13.24
N TRP A 68 4.62 5.14 12.03
CA TRP A 68 3.50 4.69 11.16
C TRP A 68 3.26 3.17 11.30
N MET A 69 3.86 2.57 12.35
CA MET A 69 3.78 1.12 12.66
C MET A 69 4.41 0.29 11.54
N GLY A 70 5.57 0.76 11.04
CA GLY A 70 6.31 0.08 9.98
C GLY A 70 6.83 -1.30 10.43
N LEU A 71 6.38 -2.37 9.75
CA LEU A 71 6.82 -3.77 10.05
C LEU A 71 8.29 -3.98 9.65
N SER A 72 8.79 -3.07 8.79
CA SER A 72 10.20 -2.99 8.39
C SER A 72 10.51 -1.52 8.06
N ASP A 73 11.78 -1.13 8.29
CA ASP A 73 12.32 0.19 7.86
C ASP A 73 12.99 0.06 6.48
N SER A 74 13.10 -1.19 5.98
CA SER A 74 13.55 -1.48 4.60
C SER A 74 12.55 -0.88 3.60
N ILE A 75 13.01 0.11 2.81
CA ILE A 75 12.21 0.77 1.76
C ILE A 75 13.10 0.89 0.51
N ARG A 76 12.83 0.04 -0.50
CA ARG A 76 13.69 -0.11 -1.69
C ARG A 76 12.88 -0.01 -3.00
N SER A 77 11.63 0.48 -2.89
CA SER A 77 10.79 0.86 -4.04
C SER A 77 9.68 1.80 -3.53
N CYS A 78 9.03 2.57 -4.44
CA CYS A 78 8.00 3.55 -4.06
C CYS A 78 7.10 3.91 -5.27
N CYS A 79 5.79 4.07 -5.01
CA CYS A 79 4.80 4.51 -6.00
C CYS A 79 4.17 5.85 -5.56
N LEU A 80 3.84 6.65 -6.56
CA LEU A 80 3.25 7.98 -6.41
C LEU A 80 1.81 7.88 -6.93
N ILE A 81 0.81 7.83 -6.03
CA ILE A 81 -0.60 7.63 -6.44
C ILE A 81 -1.32 8.99 -6.51
N PRO A 82 -1.89 9.37 -7.70
CA PRO A 82 -2.65 10.63 -7.84
C PRO A 82 -4.06 10.55 -7.21
N GLN A 83 -4.63 11.73 -6.91
CA GLN A 83 -6.04 11.90 -6.47
C GLN A 83 -7.02 11.12 -7.36
N THR A 84 -7.76 10.20 -6.75
CA THR A 84 -8.78 9.40 -7.43
C THR A 84 -10.15 9.67 -6.77
N VAL A 85 -11.08 10.23 -7.57
CA VAL A 85 -12.42 10.65 -7.11
C VAL A 85 -13.40 9.45 -7.10
N SER A 86 -13.01 8.41 -7.83
CA SER A 86 -13.77 7.18 -7.98
C SER A 86 -12.93 6.01 -7.43
N HIS A 87 -13.55 5.14 -6.63
CA HIS A 87 -12.94 3.89 -6.12
C HIS A 87 -13.99 2.78 -6.19
N ARG A 88 -13.71 1.73 -6.96
CA ARG A 88 -14.60 0.56 -7.07
C ARG A 88 -13.75 -0.69 -7.24
N LEU A 89 -14.15 -1.76 -6.54
CA LEU A 89 -13.36 -2.99 -6.41
C LEU A 89 -14.30 -4.21 -6.36
N ARG A 90 -13.83 -5.36 -6.89
CA ARG A 90 -14.58 -6.64 -6.84
C ARG A 90 -13.64 -7.75 -6.34
N LEU A 91 -14.01 -8.34 -5.19
CA LEU A 91 -13.25 -9.39 -4.51
C LEU A 91 -13.75 -10.78 -5.02
N TYR A 92 -12.81 -11.64 -5.50
CA TYR A 92 -13.15 -12.99 -6.05
C TYR A 92 -12.51 -14.09 -5.19
N GLU A 93 -13.32 -15.11 -4.87
CA GLU A 93 -12.94 -16.24 -4.01
C GLU A 93 -12.18 -17.35 -4.76
N ARG A 94 -12.15 -17.29 -6.09
CA ARG A 94 -11.29 -18.15 -6.93
C ARG A 94 -10.41 -17.26 -7.81
N GLU A 95 -9.18 -17.74 -8.11
CA GLU A 95 -8.21 -17.05 -8.96
C GLU A 95 -8.73 -16.94 -10.42
N ASP A 96 -8.07 -16.05 -11.20
CA ASP A 96 -8.43 -15.75 -12.60
C ASP A 96 -9.85 -15.13 -12.69
N HIS A 97 -10.31 -14.55 -11.55
CA HIS A 97 -11.57 -13.80 -11.43
C HIS A 97 -12.78 -14.72 -11.59
N LYS A 98 -12.83 -15.77 -10.74
CA LYS A 98 -13.91 -16.77 -10.76
C LYS A 98 -14.52 -16.91 -9.35
N GLY A 99 -15.59 -17.73 -9.25
CA GLY A 99 -16.21 -18.07 -7.98
C GLY A 99 -17.10 -16.96 -7.42
N LEU A 100 -17.10 -16.81 -6.09
CA LEU A 100 -17.91 -15.81 -5.38
C LEU A 100 -17.30 -14.40 -5.56
N MET A 101 -18.10 -13.46 -6.10
CA MET A 101 -17.69 -12.08 -6.36
C MET A 101 -18.52 -11.13 -5.49
N MET A 102 -17.87 -10.08 -4.96
CA MET A 102 -18.55 -9.05 -4.14
C MET A 102 -17.93 -7.69 -4.44
N GLU A 103 -18.79 -6.72 -4.81
CA GLU A 103 -18.35 -5.34 -5.07
C GLU A 103 -18.06 -4.60 -3.76
N LEU A 104 -17.29 -3.51 -3.87
CA LEU A 104 -16.84 -2.69 -2.74
C LEU A 104 -16.40 -1.33 -3.30
N SER A 105 -17.13 -0.27 -2.93
CA SER A 105 -16.82 1.11 -3.34
C SER A 105 -16.58 2.02 -2.12
N GLU A 106 -16.68 1.43 -0.90
CA GLU A 106 -16.38 2.13 0.37
C GLU A 106 -15.21 1.40 1.07
N ASP A 107 -14.54 2.10 2.01
CA ASP A 107 -13.44 1.51 2.82
C ASP A 107 -13.97 0.32 3.63
N CYS A 108 -13.33 -0.85 3.52
CA CYS A 108 -13.74 -2.02 4.31
C CYS A 108 -12.96 -2.04 5.63
N PRO A 109 -13.64 -1.83 6.81
CA PRO A 109 -12.95 -1.80 8.11
C PRO A 109 -12.44 -3.21 8.53
N SER A 110 -13.24 -4.25 8.22
CA SER A 110 -12.92 -5.67 8.53
C SER A 110 -13.80 -6.60 7.67
N ILE A 111 -13.20 -7.28 6.68
CA ILE A 111 -13.92 -8.23 5.80
C ILE A 111 -14.41 -9.46 6.60
N GLN A 112 -13.52 -9.96 7.49
CA GLN A 112 -13.79 -11.14 8.34
C GLN A 112 -14.97 -10.89 9.31
N ASP A 113 -15.10 -9.65 9.78
CA ASP A 113 -16.17 -9.26 10.73
C ASP A 113 -17.47 -8.89 10.00
N ARG A 114 -17.38 -8.65 8.67
CA ARG A 114 -18.57 -8.37 7.83
C ARG A 114 -19.01 -9.67 7.12
N PHE A 115 -18.27 -10.04 6.06
CA PHE A 115 -18.65 -11.14 5.14
C PHE A 115 -18.07 -12.50 5.61
N HIS A 116 -17.16 -12.46 6.61
CA HIS A 116 -16.47 -13.66 7.17
C HIS A 116 -15.40 -14.22 6.20
N LEU A 117 -14.91 -13.37 5.27
CA LEU A 117 -13.77 -13.72 4.40
C LEU A 117 -12.51 -13.07 4.96
N SER A 118 -11.41 -13.82 5.06
CA SER A 118 -10.12 -13.30 5.50
C SER A 118 -9.03 -13.56 4.46
N GLU A 119 -9.44 -14.12 3.30
CA GLU A 119 -8.55 -14.35 2.15
C GLU A 119 -9.35 -14.12 0.86
N ILE A 120 -8.75 -13.42 -0.12
CA ILE A 120 -9.33 -13.25 -1.47
C ILE A 120 -8.27 -13.66 -2.50
N ARG A 121 -8.66 -14.51 -3.47
CA ARG A 121 -7.73 -15.21 -4.39
C ARG A 121 -7.37 -14.36 -5.62
N SER A 122 -8.28 -13.46 -6.03
CA SER A 122 -8.06 -12.52 -7.14
C SER A 122 -9.00 -11.32 -6.98
N LEU A 123 -8.55 -10.11 -7.35
CA LEU A 123 -9.41 -8.90 -7.29
C LEU A 123 -9.40 -8.21 -8.66
N HIS A 124 -10.41 -7.37 -8.88
CA HIS A 124 -10.47 -6.48 -10.04
C HIS A 124 -10.77 -5.08 -9.54
N VAL A 125 -9.78 -4.21 -9.64
CA VAL A 125 -9.94 -2.81 -9.29
C VAL A 125 -10.48 -2.07 -10.54
N LEU A 126 -11.77 -1.71 -10.49
CA LEU A 126 -12.45 -1.02 -11.59
C LEU A 126 -11.93 0.41 -11.71
N GLU A 127 -11.99 1.13 -10.57
CA GLU A 127 -11.65 2.56 -10.47
C GLU A 127 -10.84 2.84 -9.19
N GLY A 128 -9.95 3.83 -9.27
CA GLY A 128 -9.16 4.31 -8.13
C GLY A 128 -8.13 3.32 -7.63
N CYS A 129 -7.28 3.77 -6.72
CA CYS A 129 -6.33 2.88 -6.04
C CYS A 129 -6.85 2.56 -4.63
N TRP A 130 -6.74 1.29 -4.25
CA TRP A 130 -7.10 0.77 -2.92
C TRP A 130 -5.84 0.34 -2.18
N VAL A 131 -5.99 0.02 -0.89
CA VAL A 131 -4.92 -0.56 -0.07
C VAL A 131 -5.51 -1.74 0.71
N LEU A 132 -5.12 -2.95 0.29
CA LEU A 132 -5.41 -4.19 1.03
C LEU A 132 -4.51 -4.23 2.29
N TYR A 133 -5.03 -4.82 3.36
CA TYR A 133 -4.31 -5.03 4.63
C TYR A 133 -4.40 -6.50 4.99
N GLU A 134 -3.31 -7.01 5.60
CA GLU A 134 -3.22 -8.40 6.05
C GLU A 134 -4.30 -8.69 7.12
N LEU A 135 -4.20 -8.00 8.27
CA LEU A 135 -5.19 -8.11 9.36
C LEU A 135 -6.34 -7.11 9.17
N PRO A 136 -7.54 -7.40 9.77
CA PRO A 136 -8.64 -6.41 9.87
C PRO A 136 -8.24 -5.16 10.71
N ASN A 137 -9.12 -4.15 10.71
CA ASN A 137 -8.92 -2.87 11.43
C ASN A 137 -7.71 -2.09 10.84
N TYR A 138 -7.49 -2.27 9.52
CA TYR A 138 -6.44 -1.57 8.74
C TYR A 138 -5.03 -1.92 9.29
N ARG A 139 -4.82 -3.20 9.64
CA ARG A 139 -3.57 -3.67 10.30
C ARG A 139 -2.78 -4.69 9.44
N GLY A 140 -1.52 -4.91 9.82
CA GLY A 140 -0.65 -5.91 9.18
C GLY A 140 0.12 -5.36 7.98
N ARG A 141 0.56 -6.27 7.11
CA ARG A 141 1.20 -5.91 5.82
C ARG A 141 0.17 -5.21 4.90
N GLN A 142 0.48 -3.97 4.49
CA GLN A 142 -0.37 -3.19 3.58
C GLN A 142 0.04 -3.53 2.13
N TYR A 143 -0.88 -3.31 1.16
CA TYR A 143 -0.70 -3.73 -0.25
C TYR A 143 -1.53 -2.83 -1.18
N LEU A 144 -0.89 -2.30 -2.24
CA LEU A 144 -1.53 -1.34 -3.17
C LEU A 144 -2.30 -2.10 -4.25
N LEU A 145 -3.54 -1.66 -4.50
CA LEU A 145 -4.42 -2.23 -5.51
C LEU A 145 -4.74 -1.16 -6.59
N ARG A 146 -3.90 -1.15 -7.64
CA ARG A 146 -4.03 -0.22 -8.78
C ARG A 146 -5.13 -0.70 -9.76
N PRO A 147 -5.83 0.25 -10.50
CA PRO A 147 -6.94 -0.10 -11.43
C PRO A 147 -6.50 -1.08 -12.56
N GLN A 148 -6.79 -2.37 -12.34
CA GLN A 148 -6.43 -3.46 -13.26
C GLN A 148 -7.10 -4.78 -12.81
N GLU A 149 -6.83 -5.86 -13.56
CA GLU A 149 -7.31 -7.21 -13.26
C GLU A 149 -6.18 -8.04 -12.58
N TYR A 150 -6.24 -8.11 -11.24
CA TYR A 150 -5.33 -8.96 -10.43
C TYR A 150 -5.75 -10.44 -10.51
N ARG A 151 -4.95 -11.25 -11.22
CA ARG A 151 -5.24 -12.67 -11.47
C ARG A 151 -5.03 -13.54 -10.20
N ARG A 152 -4.20 -13.02 -9.27
CA ARG A 152 -3.87 -13.68 -7.99
C ARG A 152 -3.02 -12.75 -7.10
N CYS A 153 -2.65 -13.27 -5.91
CA CYS A 153 -1.91 -12.52 -4.87
C CYS A 153 -0.54 -12.00 -5.38
N GLN A 154 0.11 -12.81 -6.23
CA GLN A 154 1.42 -12.51 -6.83
C GLN A 154 1.42 -11.23 -7.69
N ASP A 155 0.23 -10.89 -8.23
CA ASP A 155 0.05 -9.71 -9.09
C ASP A 155 0.34 -8.37 -8.36
N TRP A 156 -0.10 -8.24 -7.08
CA TRP A 156 0.18 -7.03 -6.26
C TRP A 156 1.34 -7.25 -5.28
N GLY A 157 2.09 -8.35 -5.50
CA GLY A 157 3.33 -8.62 -4.74
C GLY A 157 3.09 -9.27 -3.37
N ALA A 158 1.85 -9.74 -3.12
CA ALA A 158 1.51 -10.46 -1.90
C ALA A 158 1.99 -11.91 -1.98
N MET A 159 2.68 -12.36 -0.92
CA MET A 159 3.23 -13.72 -0.82
C MET A 159 2.11 -14.76 -0.59
N ASP A 160 0.92 -14.28 -0.22
CA ASP A 160 -0.25 -15.10 0.11
C ASP A 160 -1.54 -14.32 -0.15
N ALA A 161 -2.68 -15.04 -0.17
CA ALA A 161 -3.99 -14.50 -0.62
C ALA A 161 -4.78 -13.83 0.53
N LYS A 162 -4.09 -13.45 1.64
CA LYS A 162 -4.71 -12.81 2.83
C LYS A 162 -5.39 -11.47 2.47
N ALA A 163 -6.54 -11.19 3.11
CA ALA A 163 -7.33 -9.97 2.92
C ALA A 163 -8.20 -9.72 4.16
N GLY A 164 -7.68 -8.88 5.08
CA GLY A 164 -8.37 -8.55 6.34
C GLY A 164 -9.21 -7.27 6.27
N SER A 165 -8.71 -6.25 5.54
CA SER A 165 -9.43 -4.95 5.40
C SER A 165 -8.95 -4.16 4.15
N LEU A 166 -9.80 -3.20 3.70
CA LEU A 166 -9.54 -2.34 2.51
C LEU A 166 -9.64 -0.84 2.86
N ARG A 167 -8.83 -0.02 2.17
CA ARG A 167 -8.79 1.46 2.29
C ARG A 167 -8.81 2.05 0.87
N ARG A 168 -9.37 3.25 0.72
CA ARG A 168 -9.39 3.99 -0.56
C ARG A 168 -8.31 5.09 -0.51
N VAL A 169 -7.36 5.07 -1.48
CA VAL A 169 -6.30 6.10 -1.55
C VAL A 169 -6.88 7.46 -1.98
N VAL A 170 -7.04 8.33 -0.98
CA VAL A 170 -7.34 9.76 -1.16
C VAL A 170 -6.27 10.54 -0.35
N ASP A 171 -5.55 11.43 -1.05
CA ASP A 171 -4.40 12.15 -0.49
C ASP A 171 -4.81 13.06 0.68
N LEU A 172 -4.10 12.94 1.82
CA LEU A 172 -4.31 13.80 3.00
C LEU A 172 -3.66 15.18 2.77
N TYR A 173 -4.42 16.23 3.09
CA TYR A 173 -4.01 17.63 2.93
C TYR A 173 -3.72 18.22 4.33
N GLY A 1 1.21 16.05 -4.17
CA GLY A 1 2.00 16.17 -2.91
C GLY A 1 3.48 16.03 -3.13
N LYS A 2 4.19 15.54 -2.10
CA LYS A 2 5.65 15.42 -2.10
C LYS A 2 6.10 14.53 -0.94
N ILE A 3 7.24 13.86 -1.13
CA ILE A 3 7.80 12.95 -0.13
C ILE A 3 9.34 13.12 -0.06
N THR A 4 9.89 13.03 1.16
CA THR A 4 11.34 13.11 1.40
C THR A 4 11.76 12.04 2.43
N PHE A 5 12.62 11.12 1.99
CA PHE A 5 13.13 10.01 2.82
C PHE A 5 14.37 10.46 3.61
N TYR A 6 14.64 9.79 4.75
CA TYR A 6 15.83 10.05 5.59
C TYR A 6 16.33 8.70 6.17
N GLU A 7 17.59 8.31 5.89
CA GLU A 7 18.13 6.98 6.28
C GLU A 7 18.29 6.81 7.79
N ASP A 8 18.57 7.90 8.51
CA ASP A 8 18.62 7.89 9.98
C ASP A 8 17.35 8.55 10.52
N ARG A 9 17.06 8.30 11.81
CA ARG A 9 15.93 8.94 12.51
C ARG A 9 16.22 10.42 12.78
N ALA A 10 15.21 11.11 13.35
CA ALA A 10 15.25 12.56 13.67
C ALA A 10 15.51 13.43 12.42
N PHE A 11 15.15 12.87 11.24
CA PHE A 11 15.28 13.52 9.92
C PHE A 11 16.77 13.71 9.52
N GLN A 12 17.58 12.66 9.78
CA GLN A 12 19.03 12.61 9.39
C GLN A 12 19.25 11.48 8.35
N GLY A 13 20.53 11.29 7.94
CA GLY A 13 20.88 10.27 6.94
C GLY A 13 20.84 10.83 5.53
N ARG A 14 20.78 9.97 4.51
CA ARG A 14 20.59 10.41 3.11
C ARG A 14 19.15 10.93 2.95
N SER A 15 19.01 12.22 2.64
CA SER A 15 17.72 12.85 2.39
C SER A 15 17.48 12.91 0.89
N TYR A 16 16.42 12.23 0.42
CA TYR A 16 16.05 12.18 -1.00
C TYR A 16 14.60 12.62 -1.17
N GLU A 17 14.42 13.74 -1.90
CA GLU A 17 13.11 14.31 -2.20
C GLU A 17 12.67 13.88 -3.62
N THR A 18 11.40 13.46 -3.75
CA THR A 18 10.82 13.04 -5.03
C THR A 18 9.30 13.30 -5.06
N THR A 19 8.76 13.37 -6.28
CA THR A 19 7.32 13.46 -6.55
C THR A 19 6.96 12.48 -7.69
N THR A 20 7.71 11.36 -7.81
CA THR A 20 7.50 10.33 -8.86
C THR A 20 7.85 8.92 -8.33
N ASP A 21 7.16 7.90 -8.89
CA ASP A 21 7.44 6.47 -8.65
C ASP A 21 8.89 6.12 -9.03
N CYS A 22 9.60 5.46 -8.13
CA CYS A 22 10.99 5.00 -8.35
C CYS A 22 11.09 3.54 -7.86
N PRO A 23 11.10 2.54 -8.79
CA PRO A 23 11.12 1.10 -8.44
C PRO A 23 12.43 0.70 -7.74
N ASN A 24 13.54 1.34 -8.10
CA ASN A 24 14.85 1.10 -7.47
C ASN A 24 15.34 2.41 -6.83
N LEU A 25 15.04 2.58 -5.54
CA LEU A 25 15.62 3.64 -4.70
C LEU A 25 17.05 3.28 -4.27
N GLN A 26 17.49 2.04 -4.61
CA GLN A 26 18.84 1.48 -4.34
C GLN A 26 20.02 2.49 -4.59
N PRO A 27 20.13 3.18 -5.80
CA PRO A 27 21.23 4.15 -6.06
C PRO A 27 21.25 5.32 -5.05
N TYR A 28 20.04 5.71 -4.59
CA TYR A 28 19.85 6.86 -3.72
C TYR A 28 20.15 6.47 -2.25
N PHE A 29 19.48 5.41 -1.78
CA PHE A 29 19.55 4.95 -0.38
C PHE A 29 19.06 3.49 -0.27
N SER A 30 19.14 2.92 0.95
CA SER A 30 18.73 1.53 1.25
C SER A 30 17.59 1.48 2.28
N ARG A 31 17.50 2.54 3.12
CA ARG A 31 16.54 2.57 4.24
C ARG A 31 16.02 3.99 4.45
N CYS A 32 14.95 4.08 5.25
CA CYS A 32 14.27 5.33 5.56
C CYS A 32 13.72 5.23 6.99
N ASN A 33 14.61 5.48 7.97
CA ASN A 33 14.31 5.32 9.42
C ASN A 33 13.53 6.52 9.96
N SER A 34 13.48 7.60 9.17
CA SER A 34 12.54 8.70 9.37
C SER A 34 12.14 9.23 8.00
N ILE A 35 10.99 9.89 7.91
CA ILE A 35 10.45 10.36 6.63
C ILE A 35 9.49 11.54 6.86
N ARG A 36 9.63 12.57 6.01
CA ARG A 36 8.81 13.77 6.08
C ARG A 36 7.90 13.78 4.83
N VAL A 37 6.69 13.21 4.98
CA VAL A 37 5.67 13.27 3.92
C VAL A 37 5.02 14.65 3.98
N GLU A 38 5.43 15.50 3.03
CA GLU A 38 4.94 16.89 2.88
C GLU A 38 3.39 16.91 2.80
N SER A 39 2.88 16.17 1.83
CA SER A 39 1.44 16.00 1.59
C SER A 39 1.21 14.77 0.72
N GLY A 40 0.06 14.09 0.90
CA GLY A 40 -0.37 12.96 0.06
C GLY A 40 -0.29 11.61 0.75
N CYS A 41 -0.64 10.54 0.00
CA CYS A 41 -0.64 9.14 0.48
C CYS A 41 0.14 8.26 -0.51
N TRP A 42 1.36 7.87 -0.11
CA TRP A 42 2.34 7.22 -1.00
C TRP A 42 2.58 5.77 -0.56
N MET A 43 2.56 4.85 -1.53
CA MET A 43 2.71 3.43 -1.25
C MET A 43 4.18 3.01 -1.42
N LEU A 44 4.92 2.96 -0.30
CA LEU A 44 6.34 2.60 -0.30
C LEU A 44 6.53 1.08 -0.18
N TYR A 45 7.63 0.59 -0.76
CA TYR A 45 7.96 -0.83 -0.79
C TYR A 45 9.32 -1.06 -0.13
N GLU A 46 9.45 -2.20 0.53
CA GLU A 46 10.61 -2.59 1.32
C GLU A 46 11.84 -2.82 0.42
N ARG A 47 11.64 -3.57 -0.66
CA ARG A 47 12.70 -4.01 -1.59
C ARG A 47 12.44 -3.42 -3.00
N PRO A 48 13.50 -3.28 -3.89
CA PRO A 48 13.34 -2.64 -5.22
C PRO A 48 12.50 -3.49 -6.18
N ASN A 49 12.26 -2.96 -7.41
CA ASN A 49 11.41 -3.61 -8.45
C ASN A 49 9.96 -3.82 -7.95
N TYR A 50 9.54 -2.96 -6.99
CA TYR A 50 8.22 -3.04 -6.32
C TYR A 50 8.06 -4.38 -5.56
N GLN A 51 9.08 -4.75 -4.78
CA GLN A 51 9.11 -6.03 -4.02
C GLN A 51 9.12 -5.79 -2.50
N GLY A 52 9.15 -6.90 -1.73
CA GLY A 52 9.15 -6.87 -0.27
C GLY A 52 7.77 -6.61 0.31
N GLN A 53 7.73 -6.06 1.54
CA GLN A 53 6.48 -5.59 2.15
C GLN A 53 6.08 -4.23 1.54
N GLN A 54 4.76 -3.97 1.48
CA GLN A 54 4.22 -2.73 0.90
C GLN A 54 3.55 -1.92 2.02
N TYR A 55 3.59 -0.57 1.92
CA TYR A 55 3.19 0.34 3.02
C TYR A 55 2.50 1.60 2.48
N LEU A 56 1.24 1.83 2.85
CA LEU A 56 0.54 3.11 2.58
C LEU A 56 0.94 4.10 3.70
N LEU A 57 1.82 5.07 3.37
CA LEU A 57 2.18 6.17 4.28
C LEU A 57 1.23 7.34 4.06
N ARG A 58 0.96 8.05 5.16
CA ARG A 58 -0.02 9.14 5.21
C ARG A 58 0.72 10.47 5.20
N ARG A 59 -0.05 11.55 4.99
CA ARG A 59 0.42 12.93 5.17
C ARG A 59 0.88 13.11 6.63
N GLY A 60 2.20 13.19 6.86
CA GLY A 60 2.74 13.30 8.21
C GLY A 60 4.26 13.39 8.25
N GLU A 61 4.76 14.13 9.25
CA GLU A 61 6.20 14.28 9.52
C GLU A 61 6.59 13.26 10.59
N TYR A 62 7.21 12.16 10.16
CA TYR A 62 7.57 11.03 11.02
C TYR A 62 9.07 11.09 11.38
N PRO A 63 9.45 11.44 12.65
CA PRO A 63 10.86 11.44 13.11
C PRO A 63 11.43 10.01 13.28
N ASP A 64 10.55 9.01 13.10
CA ASP A 64 10.90 7.59 13.15
C ASP A 64 9.90 6.81 12.29
N TYR A 65 10.38 5.69 11.72
CA TYR A 65 9.58 4.82 10.85
C TYR A 65 8.48 4.08 11.62
N GLN A 66 8.59 4.05 12.97
CA GLN A 66 7.62 3.40 13.85
C GLN A 66 6.34 4.24 13.99
N GLN A 67 6.43 5.57 13.76
CA GLN A 67 5.29 6.49 13.91
C GLN A 67 4.25 6.32 12.77
N TRP A 68 4.61 5.58 11.69
CA TRP A 68 3.65 5.15 10.64
C TRP A 68 3.51 3.61 10.63
N MET A 69 4.01 2.96 11.70
CA MET A 69 3.99 1.49 11.88
C MET A 69 4.74 0.75 10.76
N GLY A 70 5.98 1.20 10.52
CA GLY A 70 6.88 0.51 9.59
C GLY A 70 7.42 -0.76 10.20
N LEU A 71 7.09 -1.90 9.57
CA LEU A 71 7.58 -3.22 10.02
C LEU A 71 9.08 -3.33 9.76
N SER A 72 9.53 -2.78 8.63
CA SER A 72 10.96 -2.63 8.30
C SER A 72 11.29 -1.16 8.07
N ASP A 73 12.56 -0.80 8.34
CA ASP A 73 13.10 0.55 8.04
C ASP A 73 13.52 0.63 6.56
N SER A 74 13.90 -0.53 6.01
CA SER A 74 14.39 -0.68 4.65
C SER A 74 13.28 -0.38 3.62
N ILE A 75 13.48 0.70 2.85
CA ILE A 75 12.56 1.15 1.79
C ILE A 75 13.40 1.39 0.53
N ARG A 76 13.25 0.51 -0.46
CA ARG A 76 14.13 0.47 -1.65
C ARG A 76 13.29 0.55 -2.94
N SER A 77 11.99 0.87 -2.79
CA SER A 77 11.08 1.14 -3.90
C SER A 77 9.94 2.06 -3.41
N CYS A 78 9.28 2.77 -4.34
CA CYS A 78 8.21 3.74 -3.99
C CYS A 78 7.18 3.85 -5.12
N CYS A 79 5.91 4.07 -4.73
CA CYS A 79 4.81 4.40 -5.63
C CYS A 79 4.14 5.70 -5.18
N LEU A 80 4.12 6.67 -6.08
CA LEU A 80 3.57 8.00 -5.84
C LEU A 80 2.12 8.01 -6.35
N ILE A 81 1.16 7.62 -5.48
CA ILE A 81 -0.25 7.40 -5.90
C ILE A 81 -1.08 8.68 -5.62
N PRO A 82 -1.56 9.38 -6.69
CA PRO A 82 -2.30 10.65 -6.53
C PRO A 82 -3.82 10.44 -6.23
N GLN A 83 -4.54 11.59 -6.21
CA GLN A 83 -6.01 11.66 -6.14
C GLN A 83 -6.65 10.75 -7.18
N THR A 84 -7.54 9.88 -6.70
CA THR A 84 -8.36 9.00 -7.56
C THR A 84 -9.82 9.37 -7.32
N VAL A 85 -10.49 9.85 -8.39
CA VAL A 85 -11.87 10.39 -8.34
C VAL A 85 -12.91 9.29 -8.03
N SER A 86 -12.52 8.04 -8.29
CA SER A 86 -13.36 6.87 -8.10
C SER A 86 -12.59 5.78 -7.37
N HIS A 87 -13.32 4.81 -6.80
CA HIS A 87 -12.78 3.58 -6.18
C HIS A 87 -13.81 2.48 -6.39
N ARG A 88 -13.58 1.63 -7.39
CA ARG A 88 -14.55 0.65 -7.87
C ARG A 88 -13.89 -0.73 -7.89
N LEU A 89 -14.15 -1.54 -6.87
CA LEU A 89 -13.49 -2.83 -6.64
C LEU A 89 -14.52 -3.96 -6.54
N ARG A 90 -14.25 -5.10 -7.20
CA ARG A 90 -15.10 -6.31 -7.10
C ARG A 90 -14.21 -7.47 -6.60
N LEU A 91 -14.52 -8.00 -5.42
CA LEU A 91 -13.79 -9.11 -4.80
C LEU A 91 -14.37 -10.46 -5.29
N TYR A 92 -13.49 -11.47 -5.55
CA TYR A 92 -13.89 -12.78 -6.12
C TYR A 92 -13.36 -13.96 -5.28
N GLU A 93 -14.25 -14.93 -5.05
CA GLU A 93 -14.01 -16.10 -4.17
C GLU A 93 -13.14 -17.17 -4.86
N ARG A 94 -13.09 -17.16 -6.19
CA ARG A 94 -12.17 -18.03 -6.98
C ARG A 94 -11.24 -17.14 -7.82
N GLU A 95 -10.03 -17.66 -8.09
CA GLU A 95 -9.01 -16.96 -8.89
C GLU A 95 -9.45 -16.80 -10.35
N ASP A 96 -8.82 -15.85 -11.06
CA ASP A 96 -9.14 -15.45 -12.43
C ASP A 96 -10.58 -14.90 -12.53
N HIS A 97 -11.05 -14.34 -11.39
CA HIS A 97 -12.31 -13.59 -11.26
C HIS A 97 -13.53 -14.50 -11.50
N LYS A 98 -13.66 -15.53 -10.66
CA LYS A 98 -14.79 -16.49 -10.68
C LYS A 98 -15.36 -16.65 -9.26
N GLY A 99 -16.39 -17.51 -9.13
CA GLY A 99 -17.01 -17.80 -7.85
C GLY A 99 -17.96 -16.70 -7.38
N LEU A 100 -18.08 -16.53 -6.04
CA LEU A 100 -18.87 -15.43 -5.45
C LEU A 100 -18.20 -14.08 -5.76
N MET A 101 -19.03 -13.07 -6.01
CA MET A 101 -18.58 -11.73 -6.41
C MET A 101 -19.26 -10.69 -5.51
N MET A 102 -18.46 -9.78 -4.94
CA MET A 102 -18.97 -8.75 -4.01
C MET A 102 -18.29 -7.41 -4.31
N GLU A 103 -19.11 -6.43 -4.72
CA GLU A 103 -18.64 -5.07 -5.03
C GLU A 103 -18.37 -4.31 -3.73
N LEU A 104 -17.44 -3.36 -3.81
CA LEU A 104 -17.10 -2.49 -2.69
C LEU A 104 -16.52 -1.19 -3.27
N SER A 105 -17.07 -0.07 -2.82
CA SER A 105 -16.63 1.28 -3.23
C SER A 105 -16.27 2.12 -2.01
N GLU A 106 -16.31 1.49 -0.81
CA GLU A 106 -16.14 2.17 0.48
C GLU A 106 -15.01 1.51 1.30
N ASP A 107 -14.47 2.26 2.28
CA ASP A 107 -13.46 1.73 3.23
C ASP A 107 -14.09 0.64 4.12
N CYS A 108 -13.46 -0.53 4.16
CA CYS A 108 -13.89 -1.65 5.03
C CYS A 108 -12.85 -1.85 6.16
N PRO A 109 -13.14 -1.37 7.42
CA PRO A 109 -12.23 -1.54 8.58
C PRO A 109 -11.92 -3.01 8.91
N SER A 110 -12.89 -3.91 8.68
CA SER A 110 -12.77 -5.36 8.95
C SER A 110 -13.78 -6.15 8.08
N ILE A 111 -13.29 -6.75 6.98
CA ILE A 111 -14.13 -7.50 6.01
C ILE A 111 -14.60 -8.85 6.60
N GLN A 112 -13.74 -9.45 7.44
CA GLN A 112 -14.05 -10.71 8.15
C GLN A 112 -15.28 -10.53 9.06
N ASP A 113 -15.40 -9.34 9.67
CA ASP A 113 -16.53 -8.99 10.53
C ASP A 113 -17.77 -8.63 9.70
N ARG A 114 -17.57 -8.23 8.41
CA ARG A 114 -18.68 -7.86 7.50
C ARG A 114 -19.14 -9.08 6.67
N PHE A 115 -18.43 -9.39 5.58
CA PHE A 115 -18.83 -10.44 4.63
C PHE A 115 -18.06 -11.75 4.89
N HIS A 116 -17.35 -11.80 6.03
CA HIS A 116 -16.63 -13.01 6.52
C HIS A 116 -15.53 -13.47 5.54
N LEU A 117 -15.07 -12.54 4.66
CA LEU A 117 -13.98 -12.81 3.73
C LEU A 117 -12.67 -12.89 4.52
N SER A 118 -12.20 -14.12 4.70
CA SER A 118 -10.97 -14.42 5.42
C SER A 118 -9.76 -14.20 4.52
N GLU A 119 -9.89 -14.63 3.25
CA GLU A 119 -8.81 -14.64 2.26
C GLU A 119 -9.41 -14.38 0.87
N ILE A 120 -8.88 -13.38 0.15
CA ILE A 120 -9.35 -13.02 -1.20
C ILE A 120 -8.40 -13.64 -2.26
N ARG A 121 -9.00 -14.18 -3.33
CA ARG A 121 -8.30 -15.00 -4.32
C ARG A 121 -7.92 -14.15 -5.55
N SER A 122 -8.89 -13.35 -6.03
CA SER A 122 -8.69 -12.40 -7.14
C SER A 122 -9.58 -11.17 -6.94
N LEU A 123 -9.06 -9.98 -7.31
CA LEU A 123 -9.83 -8.72 -7.25
C LEU A 123 -9.82 -8.05 -8.63
N HIS A 124 -10.85 -7.29 -8.93
CA HIS A 124 -10.93 -6.47 -10.15
C HIS A 124 -11.12 -5.01 -9.72
N VAL A 125 -10.00 -4.27 -9.66
CA VAL A 125 -10.03 -2.83 -9.45
C VAL A 125 -10.34 -2.16 -10.80
N LEU A 126 -11.62 -1.89 -11.07
CA LEU A 126 -12.07 -1.29 -12.34
C LEU A 126 -11.40 0.09 -12.53
N GLU A 127 -11.47 0.90 -11.46
CA GLU A 127 -10.94 2.26 -11.45
C GLU A 127 -10.62 2.68 -10.01
N GLY A 128 -9.69 3.64 -9.87
CA GLY A 128 -9.19 4.07 -8.56
C GLY A 128 -8.09 3.18 -8.02
N CYS A 129 -7.53 3.57 -6.86
CA CYS A 129 -6.47 2.80 -6.17
C CYS A 129 -6.92 2.42 -4.75
N TRP A 130 -6.87 1.13 -4.45
CA TRP A 130 -7.13 0.57 -3.12
C TRP A 130 -5.81 0.04 -2.52
N VAL A 131 -5.90 -0.44 -1.27
CA VAL A 131 -4.84 -1.19 -0.59
C VAL A 131 -5.51 -2.28 0.28
N LEU A 132 -5.11 -3.53 0.06
CA LEU A 132 -5.48 -4.68 0.91
C LEU A 132 -4.61 -4.68 2.18
N TYR A 133 -5.20 -5.14 3.27
CA TYR A 133 -4.51 -5.27 4.57
C TYR A 133 -4.69 -6.71 5.03
N GLU A 134 -3.57 -7.34 5.42
CA GLU A 134 -3.51 -8.76 5.77
C GLU A 134 -4.49 -9.08 6.92
N LEU A 135 -4.31 -8.39 8.06
CA LEU A 135 -5.21 -8.51 9.24
C LEU A 135 -6.33 -7.44 9.16
N PRO A 136 -7.50 -7.70 9.82
CA PRO A 136 -8.52 -6.64 10.07
C PRO A 136 -7.97 -5.50 10.95
N ASN A 137 -8.78 -4.43 11.12
CA ASN A 137 -8.41 -3.20 11.88
C ASN A 137 -7.22 -2.47 11.21
N TYR A 138 -7.03 -2.72 9.88
CA TYR A 138 -5.93 -2.16 9.07
C TYR A 138 -4.54 -2.54 9.64
N ARG A 139 -4.43 -3.80 10.08
CA ARG A 139 -3.19 -4.37 10.62
C ARG A 139 -2.53 -5.30 9.57
N GLY A 140 -1.31 -5.76 9.86
CA GLY A 140 -0.60 -6.72 9.02
C GLY A 140 0.21 -6.04 7.92
N ARG A 141 0.61 -6.84 6.91
CA ARG A 141 1.31 -6.35 5.71
C ARG A 141 0.27 -5.74 4.75
N GLN A 142 0.60 -4.59 4.15
CA GLN A 142 -0.30 -3.87 3.23
C GLN A 142 0.04 -4.30 1.79
N TYR A 143 -0.95 -4.20 0.87
CA TYR A 143 -0.83 -4.69 -0.53
C TYR A 143 -1.55 -3.71 -1.48
N LEU A 144 -0.79 -3.04 -2.35
CA LEU A 144 -1.32 -2.02 -3.28
C LEU A 144 -2.22 -2.67 -4.36
N LEU A 145 -3.39 -2.05 -4.60
CA LEU A 145 -4.39 -2.49 -5.58
C LEU A 145 -4.65 -1.35 -6.60
N ARG A 146 -3.82 -1.29 -7.64
CA ARG A 146 -3.92 -0.27 -8.72
C ARG A 146 -5.05 -0.66 -9.71
N PRO A 147 -5.57 0.32 -10.54
CA PRO A 147 -6.66 0.06 -11.52
C PRO A 147 -6.27 -1.01 -12.57
N GLN A 148 -6.56 -2.27 -12.22
CA GLN A 148 -6.32 -3.45 -13.10
C GLN A 148 -7.09 -4.66 -12.54
N GLU A 149 -7.05 -5.78 -13.27
CA GLU A 149 -7.64 -7.04 -12.80
C GLU A 149 -6.55 -7.97 -12.21
N TYR A 150 -6.49 -8.02 -10.87
CA TYR A 150 -5.61 -8.94 -10.12
C TYR A 150 -6.18 -10.36 -10.21
N ARG A 151 -5.52 -11.20 -11.02
CA ARG A 151 -5.96 -12.57 -11.32
C ARG A 151 -5.75 -13.52 -10.12
N ARG A 152 -4.76 -13.21 -9.29
CA ARG A 152 -4.35 -14.07 -8.16
C ARG A 152 -3.40 -13.30 -7.22
N CYS A 153 -3.02 -13.94 -6.11
CA CYS A 153 -2.16 -13.33 -5.07
C CYS A 153 -0.77 -12.92 -5.60
N GLN A 154 -0.30 -13.67 -6.62
CA GLN A 154 1.00 -13.45 -7.28
C GLN A 154 1.02 -12.13 -8.09
N ASP A 155 -0.18 -11.62 -8.48
CA ASP A 155 -0.33 -10.35 -9.20
C ASP A 155 0.11 -9.15 -8.33
N TRP A 156 -0.39 -9.09 -7.07
CA TRP A 156 0.00 -8.02 -6.12
C TRP A 156 1.21 -8.46 -5.26
N GLY A 157 1.90 -9.52 -5.71
CA GLY A 157 3.21 -9.93 -5.15
C GLY A 157 3.16 -10.44 -3.72
N ALA A 158 1.98 -10.86 -3.27
CA ALA A 158 1.79 -11.43 -1.92
C ALA A 158 2.20 -12.91 -1.91
N MET A 159 2.71 -13.34 -0.74
CA MET A 159 3.07 -14.76 -0.50
C MET A 159 1.82 -15.57 -0.07
N ASP A 160 0.68 -14.87 0.00
CA ASP A 160 -0.55 -15.32 0.63
C ASP A 160 -1.75 -14.61 -0.01
N ALA A 161 -2.96 -15.10 0.29
CA ALA A 161 -4.22 -14.55 -0.25
C ALA A 161 -5.04 -13.89 0.87
N LYS A 162 -4.41 -13.65 2.04
CA LYS A 162 -5.09 -13.21 3.26
C LYS A 162 -5.72 -11.80 3.12
N ALA A 163 -7.04 -11.71 3.38
CA ALA A 163 -7.83 -10.47 3.27
C ALA A 163 -8.48 -10.14 4.61
N GLY A 164 -7.98 -9.11 5.29
CA GLY A 164 -8.52 -8.66 6.57
C GLY A 164 -9.33 -7.38 6.46
N SER A 165 -8.80 -6.39 5.71
CA SER A 165 -9.43 -5.06 5.56
C SER A 165 -8.97 -4.35 4.26
N LEU A 166 -9.70 -3.29 3.87
CA LEU A 166 -9.48 -2.52 2.63
C LEU A 166 -9.60 -1.01 2.89
N ARG A 167 -8.66 -0.22 2.33
CA ARG A 167 -8.70 1.26 2.41
C ARG A 167 -8.45 1.88 1.03
N ARG A 168 -9.17 2.98 0.77
CA ARG A 168 -9.14 3.72 -0.49
C ARG A 168 -8.03 4.78 -0.45
N VAL A 169 -7.07 4.72 -1.41
CA VAL A 169 -5.98 5.72 -1.51
C VAL A 169 -6.53 7.06 -2.03
N VAL A 170 -6.35 8.11 -1.23
CA VAL A 170 -6.75 9.48 -1.54
C VAL A 170 -5.69 10.42 -0.95
N ASP A 171 -5.29 11.48 -1.70
CA ASP A 171 -4.29 12.43 -1.21
C ASP A 171 -4.84 13.21 -0.01
N LEU A 172 -4.30 12.89 1.18
CA LEU A 172 -4.50 13.69 2.38
C LEU A 172 -3.63 14.94 2.25
N TYR A 173 -4.25 16.11 2.39
CA TYR A 173 -3.60 17.40 2.12
C TYR A 173 -2.89 17.91 3.40
N GLY A 1 2.03 16.72 -5.07
CA GLY A 1 2.54 16.34 -3.73
C GLY A 1 4.06 16.31 -3.68
N LYS A 2 4.62 15.78 -2.59
CA LYS A 2 6.08 15.67 -2.38
C LYS A 2 6.39 14.77 -1.18
N ILE A 3 7.52 14.06 -1.24
CA ILE A 3 7.97 13.13 -0.17
C ILE A 3 9.51 13.17 -0.06
N THR A 4 10.04 13.01 1.18
CA THR A 4 11.49 13.04 1.43
C THR A 4 11.86 11.97 2.48
N PHE A 5 12.87 11.15 2.17
CA PHE A 5 13.29 9.97 2.97
C PHE A 5 14.57 10.29 3.76
N TYR A 6 14.73 9.62 4.91
CA TYR A 6 15.90 9.77 5.80
C TYR A 6 16.25 8.39 6.40
N GLU A 7 17.49 7.90 6.16
CA GLU A 7 17.92 6.52 6.56
C GLU A 7 17.97 6.33 8.09
N ASP A 8 18.23 7.40 8.84
CA ASP A 8 18.23 7.36 10.31
C ASP A 8 17.06 8.18 10.84
N ARG A 9 16.71 7.95 12.13
CA ARG A 9 15.59 8.64 12.79
C ARG A 9 15.96 10.11 13.09
N ALA A 10 14.94 10.91 13.45
CA ALA A 10 15.08 12.35 13.74
C ALA A 10 15.51 13.13 12.48
N PHE A 11 15.07 12.63 11.31
CA PHE A 11 15.32 13.22 9.98
C PHE A 11 16.85 13.31 9.72
N GLN A 12 17.50 12.13 9.73
CA GLN A 12 18.97 12.00 9.65
C GLN A 12 19.35 10.92 8.60
N GLY A 13 20.66 10.78 8.31
CA GLY A 13 21.14 9.80 7.31
C GLY A 13 21.04 10.33 5.89
N ARG A 14 20.84 9.44 4.91
CA ARG A 14 20.66 9.86 3.51
C ARG A 14 19.32 10.59 3.34
N SER A 15 19.38 11.84 2.87
CA SER A 15 18.20 12.64 2.58
C SER A 15 17.94 12.59 1.05
N TYR A 16 16.78 12.06 0.66
CA TYR A 16 16.39 11.92 -0.77
C TYR A 16 14.94 12.35 -0.96
N GLU A 17 14.72 13.40 -1.76
CA GLU A 17 13.39 13.91 -2.10
C GLU A 17 13.01 13.38 -3.50
N THR A 18 11.75 12.95 -3.65
CA THR A 18 11.18 12.54 -4.95
C THR A 18 9.70 12.93 -5.03
N THR A 19 9.20 13.05 -6.26
CA THR A 19 7.77 13.28 -6.57
C THR A 19 7.33 12.36 -7.71
N THR A 20 8.12 11.29 -7.93
CA THR A 20 7.91 10.33 -9.02
C THR A 20 8.07 8.88 -8.52
N ASP A 21 7.58 7.93 -9.33
CA ASP A 21 7.79 6.48 -9.11
C ASP A 21 9.26 6.11 -9.30
N CYS A 22 9.72 5.09 -8.57
CA CYS A 22 11.08 4.56 -8.71
C CYS A 22 11.11 3.13 -8.14
N PRO A 23 11.26 2.08 -8.99
CA PRO A 23 11.35 0.67 -8.53
C PRO A 23 12.67 0.37 -7.82
N ASN A 24 13.65 1.29 -7.97
CA ASN A 24 15.01 1.11 -7.45
C ASN A 24 15.43 2.37 -6.68
N LEU A 25 14.97 2.45 -5.42
CA LEU A 25 15.43 3.50 -4.47
C LEU A 25 16.78 3.11 -3.85
N GLN A 26 17.20 1.82 -4.06
CA GLN A 26 18.43 1.23 -3.48
C GLN A 26 19.71 2.09 -3.75
N PRO A 27 20.00 2.59 -5.03
CA PRO A 27 21.19 3.46 -5.33
C PRO A 27 21.23 4.76 -4.50
N TYR A 28 20.06 5.23 -4.06
CA TYR A 28 19.93 6.44 -3.24
C TYR A 28 20.09 6.07 -1.75
N PHE A 29 19.20 5.17 -1.29
CA PHE A 29 19.14 4.71 0.10
C PHE A 29 18.57 3.28 0.14
N SER A 30 18.92 2.52 1.19
CA SER A 30 18.42 1.14 1.37
C SER A 30 17.29 1.08 2.42
N ARG A 31 17.14 2.15 3.23
CA ARG A 31 16.19 2.20 4.35
C ARG A 31 15.68 3.65 4.57
N CYS A 32 14.50 3.77 5.17
CA CYS A 32 13.94 5.05 5.62
C CYS A 32 13.43 4.87 7.06
N ASN A 33 14.22 5.37 8.04
CA ASN A 33 13.88 5.26 9.48
C ASN A 33 13.14 6.52 9.98
N SER A 34 13.07 7.54 9.14
CA SER A 34 12.20 8.71 9.34
C SER A 34 11.90 9.34 7.98
N ILE A 35 10.76 10.02 7.87
CA ILE A 35 10.25 10.47 6.56
C ILE A 35 9.33 11.68 6.75
N ARG A 36 9.24 12.52 5.72
CA ARG A 36 8.40 13.71 5.73
C ARG A 36 7.69 13.79 4.37
N VAL A 37 6.40 13.44 4.37
CA VAL A 37 5.53 13.57 3.19
C VAL A 37 4.80 14.92 3.29
N GLU A 38 5.12 15.85 2.37
CA GLU A 38 4.47 17.19 2.32
C GLU A 38 2.95 17.06 2.11
N SER A 39 2.60 16.21 1.14
CA SER A 39 1.20 15.92 0.78
C SER A 39 1.14 14.64 -0.08
N GLY A 40 0.09 13.83 0.14
CA GLY A 40 -0.16 12.61 -0.65
C GLY A 40 -0.18 11.34 0.17
N CYS A 41 -0.51 10.23 -0.50
CA CYS A 41 -0.46 8.87 0.06
C CYS A 41 0.28 7.99 -0.96
N TRP A 42 1.59 7.87 -0.76
CA TRP A 42 2.48 7.17 -1.67
C TRP A 42 2.77 5.77 -1.14
N MET A 43 2.64 4.74 -1.98
CA MET A 43 2.89 3.35 -1.55
C MET A 43 4.39 3.03 -1.66
N LEU A 44 5.05 2.97 -0.51
CA LEU A 44 6.45 2.55 -0.39
C LEU A 44 6.54 1.02 -0.28
N TYR A 45 7.72 0.50 -0.57
CA TYR A 45 8.00 -0.94 -0.61
C TYR A 45 9.30 -1.22 0.13
N GLU A 46 9.34 -2.35 0.85
CA GLU A 46 10.52 -2.85 1.53
C GLU A 46 11.63 -3.20 0.52
N ARG A 47 11.23 -3.88 -0.57
CA ARG A 47 12.14 -4.41 -1.59
C ARG A 47 11.91 -3.70 -2.93
N PRO A 48 12.90 -3.77 -3.90
CA PRO A 48 12.76 -3.18 -5.25
C PRO A 48 11.72 -3.91 -6.12
N ASN A 49 11.47 -3.35 -7.33
CA ASN A 49 10.57 -3.93 -8.35
C ASN A 49 9.11 -4.04 -7.85
N TYR A 50 8.74 -3.13 -6.91
CA TYR A 50 7.38 -3.05 -6.32
C TYR A 50 7.03 -4.34 -5.55
N GLN A 51 7.99 -4.83 -4.75
CA GLN A 51 7.86 -6.11 -4.00
C GLN A 51 8.19 -5.90 -2.51
N GLY A 52 7.97 -6.96 -1.72
CA GLY A 52 8.23 -6.93 -0.27
C GLY A 52 7.03 -6.47 0.53
N GLN A 53 7.28 -6.04 1.79
CA GLN A 53 6.25 -5.46 2.66
C GLN A 53 5.96 -4.02 2.21
N GLN A 54 4.68 -3.70 1.97
CA GLN A 54 4.26 -2.40 1.41
C GLN A 54 3.72 -1.50 2.53
N TYR A 55 3.92 -0.18 2.38
CA TYR A 55 3.60 0.83 3.43
C TYR A 55 3.07 2.10 2.75
N LEU A 56 1.78 2.42 2.99
CA LEU A 56 1.19 3.66 2.47
C LEU A 56 1.61 4.84 3.37
N LEU A 57 2.61 5.60 2.90
CA LEU A 57 3.12 6.78 3.62
C LEU A 57 2.29 8.00 3.25
N ARG A 58 1.52 8.45 4.24
CA ARG A 58 0.54 9.52 4.12
C ARG A 58 1.21 10.87 4.48
N ARG A 59 0.50 11.98 4.17
CA ARG A 59 0.93 13.34 4.54
C ARG A 59 1.14 13.43 6.05
N GLY A 60 2.39 13.64 6.45
CA GLY A 60 2.78 13.71 7.86
C GLY A 60 4.28 13.72 8.02
N GLU A 61 4.72 14.12 9.22
CA GLU A 61 6.14 14.12 9.61
C GLU A 61 6.36 12.98 10.61
N TYR A 62 6.81 11.82 10.10
CA TYR A 62 7.09 10.65 10.93
C TYR A 62 8.57 10.68 11.38
N PRO A 63 8.86 11.01 12.68
CA PRO A 63 10.25 11.15 13.20
C PRO A 63 10.94 9.79 13.44
N ASP A 64 10.19 8.69 13.29
CA ASP A 64 10.71 7.30 13.36
C ASP A 64 9.85 6.35 12.53
N TYR A 65 10.37 5.12 12.34
CA TYR A 65 9.77 4.09 11.47
C TYR A 65 8.52 3.41 12.08
N GLN A 66 8.46 3.33 13.41
CA GLN A 66 7.31 2.71 14.12
C GLN A 66 6.11 3.67 14.14
N GLN A 67 6.34 4.95 13.82
CA GLN A 67 5.30 5.99 13.86
C GLN A 67 4.26 5.82 12.72
N TRP A 68 4.64 5.10 11.64
CA TRP A 68 3.68 4.70 10.57
C TRP A 68 3.36 3.20 10.65
N MET A 69 3.68 2.59 11.82
CA MET A 69 3.53 1.14 12.09
C MET A 69 4.40 0.29 11.15
N GLY A 70 5.59 0.81 10.79
CA GLY A 70 6.50 0.11 9.88
C GLY A 70 7.03 -1.19 10.47
N LEU A 71 6.68 -2.32 9.81
CA LEU A 71 7.10 -3.68 10.23
C LEU A 71 8.62 -3.87 9.96
N SER A 72 9.10 -3.17 8.92
CA SER A 72 10.54 -3.05 8.59
C SER A 72 10.81 -1.60 8.17
N ASP A 73 12.01 -1.10 8.53
CA ASP A 73 12.45 0.26 8.21
C ASP A 73 13.09 0.33 6.80
N SER A 74 13.40 -0.85 6.21
CA SER A 74 13.93 -0.95 4.84
C SER A 74 12.89 -0.47 3.81
N ILE A 75 13.30 0.49 2.96
CA ILE A 75 12.51 1.01 1.83
C ILE A 75 13.43 1.05 0.60
N ARG A 76 13.08 0.27 -0.44
CA ARG A 76 13.91 0.12 -1.65
C ARG A 76 13.10 0.34 -2.95
N SER A 77 11.83 0.77 -2.82
CA SER A 77 10.96 1.07 -3.99
C SER A 77 9.79 1.98 -3.59
N CYS A 78 9.25 2.75 -4.57
CA CYS A 78 8.14 3.71 -4.35
C CYS A 78 7.14 3.70 -5.52
N CYS A 79 5.86 3.98 -5.18
CA CYS A 79 4.78 4.23 -6.13
C CYS A 79 4.09 5.56 -5.76
N LEU A 80 4.05 6.48 -6.70
CA LEU A 80 3.47 7.81 -6.52
C LEU A 80 1.96 7.70 -6.87
N ILE A 81 1.11 7.43 -5.85
CA ILE A 81 -0.33 7.17 -6.07
C ILE A 81 -1.15 8.41 -5.61
N PRO A 82 -1.62 9.29 -6.55
CA PRO A 82 -2.27 10.58 -6.20
C PRO A 82 -3.76 10.42 -5.84
N GLN A 83 -4.48 11.57 -5.87
CA GLN A 83 -5.93 11.59 -5.68
C GLN A 83 -6.64 10.85 -6.83
N THR A 84 -7.56 9.96 -6.48
CA THR A 84 -8.43 9.26 -7.44
C THR A 84 -9.90 9.58 -7.06
N VAL A 85 -10.62 10.24 -7.98
CA VAL A 85 -11.97 10.80 -7.72
C VAL A 85 -13.03 9.70 -7.50
N SER A 86 -12.83 8.57 -8.18
CA SER A 86 -13.74 7.42 -8.16
C SER A 86 -13.00 6.20 -7.58
N HIS A 87 -13.75 5.28 -6.96
CA HIS A 87 -13.21 4.04 -6.35
C HIS A 87 -14.26 2.93 -6.47
N ARG A 88 -13.84 1.76 -6.98
CA ARG A 88 -14.73 0.60 -7.16
C ARG A 88 -13.87 -0.66 -7.26
N LEU A 89 -14.21 -1.69 -6.47
CA LEU A 89 -13.43 -2.94 -6.35
C LEU A 89 -14.39 -4.14 -6.28
N ARG A 90 -14.00 -5.27 -6.89
CA ARG A 90 -14.77 -6.52 -6.86
C ARG A 90 -13.89 -7.65 -6.28
N LEU A 91 -14.32 -8.20 -5.15
CA LEU A 91 -13.70 -9.34 -4.48
C LEU A 91 -14.21 -10.66 -5.10
N TYR A 92 -13.29 -11.61 -5.40
CA TYR A 92 -13.66 -12.92 -6.00
C TYR A 92 -13.15 -14.09 -5.13
N GLU A 93 -14.06 -15.04 -4.91
CA GLU A 93 -13.87 -16.20 -4.02
C GLU A 93 -12.79 -17.18 -4.56
N ARG A 94 -12.67 -17.29 -5.89
CA ARG A 94 -11.62 -18.09 -6.56
C ARG A 94 -10.77 -17.18 -7.45
N GLU A 95 -9.55 -17.66 -7.77
CA GLU A 95 -8.63 -16.99 -8.70
C GLU A 95 -9.17 -17.04 -10.14
N ASP A 96 -8.68 -16.10 -10.99
CA ASP A 96 -9.19 -15.87 -12.35
C ASP A 96 -10.68 -15.50 -12.35
N HIS A 97 -11.08 -14.76 -11.29
CA HIS A 97 -12.38 -14.07 -11.17
C HIS A 97 -13.56 -15.05 -11.08
N LYS A 98 -13.28 -16.27 -10.60
CA LYS A 98 -14.29 -17.34 -10.49
C LYS A 98 -14.97 -17.28 -9.11
N GLY A 99 -16.05 -18.05 -8.96
CA GLY A 99 -16.80 -18.17 -7.71
C GLY A 99 -17.67 -16.96 -7.42
N LEU A 100 -17.81 -16.63 -6.13
CA LEU A 100 -18.65 -15.52 -5.65
C LEU A 100 -17.97 -14.18 -5.97
N MET A 101 -18.77 -13.19 -6.40
CA MET A 101 -18.30 -11.81 -6.64
C MET A 101 -18.98 -10.88 -5.63
N MET A 102 -18.20 -9.97 -5.05
CA MET A 102 -18.67 -9.02 -4.04
C MET A 102 -18.11 -7.63 -4.37
N GLU A 103 -18.99 -6.72 -4.84
CA GLU A 103 -18.60 -5.34 -5.14
C GLU A 103 -18.38 -4.53 -3.85
N LEU A 104 -17.57 -3.49 -3.96
CA LEU A 104 -17.19 -2.63 -2.82
C LEU A 104 -16.62 -1.30 -3.35
N SER A 105 -17.38 -0.22 -3.19
CA SER A 105 -16.94 1.16 -3.53
C SER A 105 -16.61 1.96 -2.25
N GLU A 106 -16.75 1.31 -1.07
CA GLU A 106 -16.56 1.93 0.26
C GLU A 106 -15.40 1.27 1.02
N ASP A 107 -14.88 1.96 2.07
CA ASP A 107 -13.87 1.38 2.98
C ASP A 107 -14.45 0.14 3.70
N CYS A 108 -13.59 -0.84 4.00
CA CYS A 108 -13.98 -2.03 4.80
C CYS A 108 -12.92 -2.26 5.91
N PRO A 109 -13.09 -1.62 7.12
CA PRO A 109 -12.13 -1.75 8.25
C PRO A 109 -11.92 -3.18 8.77
N SER A 110 -12.78 -4.13 8.36
CA SER A 110 -12.66 -5.55 8.74
C SER A 110 -13.51 -6.45 7.81
N ILE A 111 -12.82 -7.12 6.86
CA ILE A 111 -13.46 -8.05 5.89
C ILE A 111 -13.89 -9.36 6.60
N GLN A 112 -13.08 -9.77 7.59
CA GLN A 112 -13.31 -10.98 8.40
C GLN A 112 -14.59 -10.85 9.24
N ASP A 113 -14.92 -9.63 9.66
CA ASP A 113 -16.16 -9.34 10.41
C ASP A 113 -17.37 -9.22 9.48
N ARG A 114 -17.14 -8.96 8.18
CA ARG A 114 -18.22 -8.80 7.20
C ARG A 114 -18.58 -10.15 6.55
N PHE A 115 -17.75 -10.61 5.59
CA PHE A 115 -18.04 -11.85 4.82
C PHE A 115 -17.15 -13.02 5.31
N HIS A 116 -16.35 -12.76 6.38
CA HIS A 116 -15.44 -13.75 6.99
C HIS A 116 -14.33 -14.20 6.03
N LEU A 117 -13.97 -13.32 5.07
CA LEU A 117 -12.90 -13.59 4.12
C LEU A 117 -11.53 -13.39 4.81
N SER A 118 -10.90 -14.52 5.14
CA SER A 118 -9.52 -14.57 5.66
C SER A 118 -8.52 -14.48 4.50
N GLU A 119 -8.99 -14.86 3.30
CA GLU A 119 -8.25 -14.72 2.04
C GLU A 119 -9.13 -14.03 0.99
N ILE A 120 -8.47 -13.49 -0.01
CA ILE A 120 -9.07 -13.01 -1.24
C ILE A 120 -8.17 -13.47 -2.40
N ARG A 121 -8.75 -14.22 -3.32
CA ARG A 121 -8.00 -15.01 -4.31
C ARG A 121 -7.71 -14.18 -5.57
N SER A 122 -8.71 -13.40 -6.01
CA SER A 122 -8.55 -12.45 -7.13
C SER A 122 -9.45 -11.22 -6.89
N LEU A 123 -9.05 -10.09 -7.49
CA LEU A 123 -9.74 -8.79 -7.36
C LEU A 123 -9.98 -8.18 -8.75
N HIS A 124 -10.81 -7.14 -8.82
CA HIS A 124 -10.98 -6.33 -10.02
C HIS A 124 -11.28 -4.91 -9.58
N VAL A 125 -10.23 -4.07 -9.53
CA VAL A 125 -10.36 -2.66 -9.27
C VAL A 125 -10.83 -1.98 -10.58
N LEU A 126 -12.12 -1.59 -10.65
CA LEU A 126 -12.66 -0.89 -11.82
C LEU A 126 -12.10 0.54 -11.85
N GLU A 127 -12.31 1.27 -10.74
CA GLU A 127 -11.92 2.69 -10.62
C GLU A 127 -11.11 2.92 -9.34
N GLY A 128 -10.23 3.94 -9.40
CA GLY A 128 -9.41 4.36 -8.27
C GLY A 128 -8.36 3.38 -7.85
N CYS A 129 -7.56 3.77 -6.87
CA CYS A 129 -6.58 2.88 -6.24
C CYS A 129 -7.03 2.59 -4.82
N TRP A 130 -6.85 1.35 -4.39
CA TRP A 130 -7.18 0.87 -3.05
C TRP A 130 -5.91 0.36 -2.37
N VAL A 131 -6.04 -0.05 -1.10
CA VAL A 131 -5.00 -0.74 -0.33
C VAL A 131 -5.64 -1.90 0.43
N LEU A 132 -5.17 -3.12 0.13
CA LEU A 132 -5.46 -4.30 0.95
C LEU A 132 -4.52 -4.28 2.17
N TYR A 133 -5.01 -4.80 3.29
CA TYR A 133 -4.24 -4.91 4.54
C TYR A 133 -4.33 -6.35 5.02
N GLU A 134 -3.20 -6.84 5.56
CA GLU A 134 -3.07 -8.21 6.08
C GLU A 134 -4.04 -8.45 7.24
N LEU A 135 -3.98 -7.58 8.27
CA LEU A 135 -4.91 -7.62 9.42
C LEU A 135 -5.99 -6.53 9.25
N PRO A 136 -7.19 -6.70 9.93
CA PRO A 136 -8.17 -5.60 10.08
C PRO A 136 -7.61 -4.40 10.89
N ASN A 137 -8.45 -3.36 11.04
CA ASN A 137 -8.08 -2.09 11.70
C ASN A 137 -6.96 -1.36 10.91
N TYR A 138 -6.85 -1.70 9.59
CA TYR A 138 -5.84 -1.17 8.66
C TYR A 138 -4.40 -1.47 9.15
N ARG A 139 -4.18 -2.73 9.55
CA ARG A 139 -2.90 -3.17 10.18
C ARG A 139 -2.18 -4.23 9.33
N GLY A 140 -0.89 -4.43 9.65
CA GLY A 140 -0.07 -5.48 9.07
C GLY A 140 0.59 -5.07 7.77
N ARG A 141 0.90 -6.09 6.95
CA ARG A 141 1.45 -5.91 5.60
C ARG A 141 0.38 -5.31 4.67
N GLN A 142 0.67 -4.13 4.12
CA GLN A 142 -0.25 -3.43 3.19
C GLN A 142 0.02 -3.91 1.75
N TYR A 143 -0.94 -3.65 0.83
CA TYR A 143 -0.87 -4.10 -0.58
C TYR A 143 -1.57 -3.07 -1.48
N LEU A 144 -0.90 -2.62 -2.55
CA LEU A 144 -1.44 -1.58 -3.45
C LEU A 144 -2.36 -2.25 -4.50
N LEU A 145 -3.57 -1.68 -4.66
CA LEU A 145 -4.58 -2.21 -5.59
C LEU A 145 -4.88 -1.16 -6.68
N ARG A 146 -4.10 -1.22 -7.75
CA ARG A 146 -4.22 -0.31 -8.92
C ARG A 146 -5.42 -0.69 -9.82
N PRO A 147 -6.02 0.30 -10.58
CA PRO A 147 -7.22 0.09 -11.42
C PRO A 147 -7.02 -0.97 -12.54
N GLN A 148 -7.26 -2.24 -12.20
CA GLN A 148 -7.14 -3.38 -13.14
C GLN A 148 -7.75 -4.66 -12.55
N GLU A 149 -7.72 -5.72 -13.35
CA GLU A 149 -8.24 -7.04 -12.98
C GLU A 149 -7.10 -7.94 -12.47
N TYR A 150 -7.05 -8.11 -11.14
CA TYR A 150 -6.13 -9.04 -10.47
C TYR A 150 -6.67 -10.48 -10.61
N ARG A 151 -5.91 -11.34 -11.30
CA ARG A 151 -6.27 -12.76 -11.53
C ARG A 151 -5.72 -13.67 -10.42
N ARG A 152 -4.79 -13.13 -9.62
CA ARG A 152 -4.09 -13.84 -8.53
C ARG A 152 -3.52 -12.81 -7.53
N CYS A 153 -2.92 -13.30 -6.44
CA CYS A 153 -2.39 -12.44 -5.36
C CYS A 153 -1.02 -11.84 -5.73
N GLN A 154 -0.26 -12.57 -6.58
CA GLN A 154 1.08 -12.17 -7.01
C GLN A 154 1.06 -10.86 -7.82
N ASP A 155 -0.09 -10.57 -8.46
CA ASP A 155 -0.27 -9.37 -9.30
C ASP A 155 -0.15 -8.08 -8.46
N TRP A 156 -0.70 -8.09 -7.21
CA TRP A 156 -0.63 -6.92 -6.30
C TRP A 156 0.60 -7.00 -5.36
N GLY A 157 1.58 -7.86 -5.73
CA GLY A 157 2.87 -7.94 -5.04
C GLY A 157 2.77 -8.59 -3.65
N ALA A 158 2.00 -9.69 -3.58
CA ALA A 158 1.76 -10.42 -2.33
C ALA A 158 2.46 -11.78 -2.32
N MET A 159 2.84 -12.22 -1.11
CA MET A 159 3.42 -13.56 -0.83
C MET A 159 2.31 -14.54 -0.38
N ASP A 160 1.09 -14.02 -0.35
CA ASP A 160 -0.10 -14.65 0.27
C ASP A 160 -1.36 -14.03 -0.35
N ALA A 161 -2.53 -14.60 -0.03
CA ALA A 161 -3.83 -14.08 -0.48
C ALA A 161 -4.57 -13.39 0.68
N LYS A 162 -3.85 -13.13 1.79
CA LYS A 162 -4.45 -12.69 3.07
C LYS A 162 -5.30 -11.40 2.93
N ALA A 163 -6.56 -11.48 3.41
CA ALA A 163 -7.51 -10.37 3.42
C ALA A 163 -7.90 -10.06 4.88
N GLY A 164 -7.63 -8.80 5.30
CA GLY A 164 -7.96 -8.34 6.65
C GLY A 164 -8.85 -7.11 6.61
N SER A 165 -8.43 -6.11 5.83
CA SER A 165 -9.19 -4.85 5.63
C SER A 165 -8.84 -4.19 4.28
N LEU A 166 -9.74 -3.32 3.80
CA LEU A 166 -9.61 -2.56 2.55
C LEU A 166 -9.86 -1.07 2.82
N ARG A 167 -9.16 -0.20 2.07
CA ARG A 167 -9.31 1.26 2.18
C ARG A 167 -9.04 1.94 0.83
N ARG A 168 -9.71 3.08 0.57
CA ARG A 168 -9.47 3.88 -0.64
C ARG A 168 -8.16 4.69 -0.48
N VAL A 169 -7.32 4.73 -1.54
CA VAL A 169 -6.21 5.70 -1.60
C VAL A 169 -6.79 7.07 -1.97
N VAL A 170 -6.75 7.97 -1.00
CA VAL A 170 -7.19 9.36 -1.14
C VAL A 170 -6.00 10.27 -0.81
N ASP A 171 -5.87 11.39 -1.53
CA ASP A 171 -4.82 12.38 -1.26
C ASP A 171 -5.08 13.07 0.07
N LEU A 172 -4.06 13.07 0.94
CA LEU A 172 -4.07 13.79 2.22
C LEU A 172 -3.31 15.11 2.03
N TYR A 173 -3.97 16.21 2.40
CA TYR A 173 -3.47 17.58 2.24
C TYR A 173 -3.77 18.39 3.52
N GLY A 1 0.85 15.82 -4.23
CA GLY A 1 1.63 15.67 -2.99
C GLY A 1 3.12 15.52 -3.22
N LYS A 2 3.84 15.06 -2.17
CA LYS A 2 5.30 14.97 -2.17
C LYS A 2 5.77 14.05 -1.04
N ILE A 3 6.92 13.38 -1.25
CA ILE A 3 7.53 12.47 -0.27
C ILE A 3 9.04 12.77 -0.11
N THR A 4 9.56 12.60 1.12
CA THR A 4 10.97 12.85 1.44
C THR A 4 11.48 11.75 2.41
N PHE A 5 12.58 11.10 2.03
CA PHE A 5 13.17 9.94 2.72
C PHE A 5 14.40 10.35 3.53
N TYR A 6 14.62 9.68 4.68
CA TYR A 6 15.83 9.83 5.51
C TYR A 6 16.20 8.45 6.07
N GLU A 7 17.43 7.95 5.75
CA GLU A 7 17.89 6.59 6.14
C GLU A 7 17.84 6.37 7.65
N ASP A 8 18.32 7.35 8.40
CA ASP A 8 18.36 7.31 9.87
C ASP A 8 17.15 8.03 10.44
N ARG A 9 16.90 7.82 11.74
CA ARG A 9 15.79 8.43 12.48
C ARG A 9 16.06 9.93 12.73
N ALA A 10 15.08 10.63 13.33
CA ALA A 10 15.15 12.08 13.66
C ALA A 10 15.43 12.95 12.41
N PHE A 11 15.05 12.41 11.22
CA PHE A 11 15.25 13.05 9.91
C PHE A 11 16.74 13.20 9.59
N GLN A 12 17.46 12.07 9.51
CA GLN A 12 18.93 12.04 9.33
C GLN A 12 19.32 10.99 8.24
N GLY A 13 20.60 11.02 7.80
CA GLY A 13 21.11 10.07 6.79
C GLY A 13 20.93 10.57 5.37
N ARG A 14 20.91 9.64 4.39
CA ARG A 14 20.76 10.00 2.97
C ARG A 14 19.33 10.52 2.75
N SER A 15 19.25 11.79 2.34
CA SER A 15 17.99 12.51 2.17
C SER A 15 17.60 12.51 0.68
N TYR A 16 16.46 11.90 0.34
CA TYR A 16 16.02 11.75 -1.05
C TYR A 16 14.56 12.21 -1.18
N GLU A 17 14.30 13.18 -2.05
CA GLU A 17 12.96 13.76 -2.23
C GLU A 17 12.51 13.54 -3.68
N THR A 18 11.26 13.08 -3.87
CA THR A 18 10.68 12.79 -5.19
C THR A 18 9.15 13.01 -5.18
N THR A 19 8.60 13.18 -6.40
CA THR A 19 7.16 13.24 -6.66
C THR A 19 6.79 12.25 -7.79
N THR A 20 7.62 11.19 -7.92
CA THR A 20 7.46 10.17 -8.98
C THR A 20 7.70 8.76 -8.39
N ASP A 21 7.11 7.73 -9.05
CA ASP A 21 7.38 6.31 -8.76
C ASP A 21 8.87 5.99 -8.97
N CYS A 22 9.43 5.13 -8.11
CA CYS A 22 10.82 4.69 -8.21
C CYS A 22 10.93 3.22 -7.74
N PRO A 23 10.97 2.23 -8.69
CA PRO A 23 11.07 0.78 -8.34
C PRO A 23 12.45 0.42 -7.76
N ASN A 24 13.45 1.27 -7.99
CA ASN A 24 14.84 1.04 -7.55
C ASN A 24 15.31 2.26 -6.76
N LEU A 25 15.00 2.28 -5.45
CA LEU A 25 15.57 3.25 -4.50
C LEU A 25 16.96 2.80 -4.04
N GLN A 26 17.32 1.53 -4.38
CA GLN A 26 18.62 0.87 -4.05
C GLN A 26 19.87 1.78 -4.26
N PRO A 27 20.10 2.43 -5.47
CA PRO A 27 21.31 3.28 -5.73
C PRO A 27 21.41 4.50 -4.80
N TYR A 28 20.26 4.93 -4.27
CA TYR A 28 20.15 6.13 -3.44
C TYR A 28 20.32 5.75 -1.95
N PHE A 29 19.51 4.76 -1.52
CA PHE A 29 19.47 4.29 -0.11
C PHE A 29 18.85 2.88 -0.04
N SER A 30 19.09 2.18 1.08
CA SER A 30 18.51 0.83 1.33
C SER A 30 17.43 0.89 2.42
N ARG A 31 17.42 1.98 3.18
CA ARG A 31 16.51 2.16 4.32
C ARG A 31 16.02 3.61 4.37
N CYS A 32 14.80 3.78 4.88
CA CYS A 32 14.24 5.07 5.23
C CYS A 32 13.52 4.89 6.57
N ASN A 33 14.21 5.26 7.67
CA ASN A 33 13.66 5.13 9.03
C ASN A 33 12.68 6.27 9.30
N SER A 34 13.06 7.49 8.92
CA SER A 34 12.24 8.68 9.14
C SER A 34 11.87 9.27 7.78
N ILE A 35 10.64 9.77 7.65
CA ILE A 35 10.04 10.06 6.35
C ILE A 35 8.92 11.09 6.51
N ARG A 36 8.73 11.95 5.50
CA ARG A 36 7.67 12.97 5.49
C ARG A 36 6.81 12.79 4.24
N VAL A 37 5.49 12.85 4.43
CA VAL A 37 4.52 13.00 3.36
C VAL A 37 3.83 14.37 3.54
N GLU A 38 4.15 15.31 2.63
CA GLU A 38 3.62 16.69 2.67
C GLU A 38 2.10 16.71 2.42
N SER A 39 1.68 15.79 1.53
CA SER A 39 0.28 15.47 1.24
C SER A 39 0.25 14.23 0.34
N GLY A 40 -0.87 13.48 0.36
CA GLY A 40 -1.02 12.28 -0.48
C GLY A 40 -1.01 10.98 0.31
N CYS A 41 -1.10 9.85 -0.41
CA CYS A 41 -1.04 8.50 0.16
C CYS A 41 -0.14 7.62 -0.74
N TRP A 42 1.10 7.39 -0.26
CA TRP A 42 2.15 6.71 -1.05
C TRP A 42 2.32 5.27 -0.58
N MET A 43 2.62 4.36 -1.52
CA MET A 43 2.83 2.94 -1.23
C MET A 43 4.32 2.60 -1.30
N LEU A 44 4.95 2.55 -0.12
CA LEU A 44 6.38 2.26 0.04
C LEU A 44 6.61 0.74 0.13
N TYR A 45 7.58 0.27 -0.62
CA TYR A 45 7.92 -1.17 -0.72
C TYR A 45 9.25 -1.44 -0.03
N GLU A 46 9.30 -2.60 0.64
CA GLU A 46 10.46 -3.07 1.39
C GLU A 46 11.66 -3.32 0.46
N ARG A 47 11.38 -3.94 -0.70
CA ARG A 47 12.41 -4.45 -1.63
C ARG A 47 12.18 -3.88 -3.06
N PRO A 48 13.24 -3.83 -3.95
CA PRO A 48 13.14 -3.22 -5.29
C PRO A 48 12.22 -4.00 -6.26
N ASN A 49 11.96 -3.40 -7.43
CA ASN A 49 11.04 -3.94 -8.47
C ASN A 49 9.62 -4.15 -7.88
N TYR A 50 9.25 -3.27 -6.92
CA TYR A 50 7.92 -3.27 -6.26
C TYR A 50 7.65 -4.58 -5.49
N GLN A 51 8.68 -5.08 -4.76
CA GLN A 51 8.59 -6.36 -4.02
C GLN A 51 8.68 -6.13 -2.49
N GLY A 52 8.55 -7.24 -1.73
CA GLY A 52 8.57 -7.20 -0.26
C GLY A 52 7.22 -6.86 0.32
N GLN A 53 7.21 -6.36 1.57
CA GLN A 53 5.99 -5.82 2.20
C GLN A 53 5.73 -4.40 1.70
N GLN A 54 4.46 -4.08 1.44
CA GLN A 54 4.03 -2.77 0.94
C GLN A 54 3.46 -1.97 2.13
N TYR A 55 3.58 -0.64 2.09
CA TYR A 55 3.25 0.25 3.23
C TYR A 55 2.52 1.51 2.74
N LEU A 56 1.45 1.92 3.44
CA LEU A 56 0.74 3.19 3.10
C LEU A 56 1.21 4.28 4.08
N LEU A 57 2.03 5.20 3.56
CA LEU A 57 2.48 6.39 4.30
C LEU A 57 1.50 7.54 4.02
N ARG A 58 0.89 8.04 5.10
CA ARG A 58 -0.11 9.13 5.06
C ARG A 58 0.57 10.46 5.42
N ARG A 59 -0.21 11.55 5.36
CA ARG A 59 0.29 12.92 5.58
C ARG A 59 0.77 13.10 7.03
N GLY A 60 2.06 13.45 7.17
CA GLY A 60 2.67 13.72 8.48
C GLY A 60 4.18 13.57 8.45
N GLU A 61 4.85 14.24 9.38
CA GLU A 61 6.30 14.09 9.62
C GLU A 61 6.52 12.94 10.61
N TYR A 62 7.02 11.81 10.12
CA TYR A 62 7.33 10.64 10.95
C TYR A 62 8.83 10.70 11.36
N PRO A 63 9.15 10.98 12.68
CA PRO A 63 10.54 11.01 13.18
C PRO A 63 11.20 9.61 13.17
N ASP A 64 10.38 8.54 12.95
CA ASP A 64 10.86 7.17 12.81
C ASP A 64 9.76 6.27 12.23
N TYR A 65 10.16 5.02 11.92
CA TYR A 65 9.32 4.03 11.25
C TYR A 65 8.28 3.42 12.18
N GLN A 66 8.63 3.25 13.48
CA GLN A 66 7.71 2.68 14.49
C GLN A 66 6.54 3.63 14.78
N GLN A 67 6.71 4.93 14.39
CA GLN A 67 5.67 5.96 14.52
C GLN A 67 4.41 5.55 13.70
N TRP A 68 4.64 5.10 12.45
CA TRP A 68 3.57 4.63 11.54
C TRP A 68 3.47 3.10 11.53
N MET A 69 4.03 2.45 12.57
CA MET A 69 3.97 0.98 12.80
C MET A 69 4.65 0.19 11.65
N GLY A 70 5.74 0.77 11.13
CA GLY A 70 6.56 0.16 10.08
C GLY A 70 7.21 -1.15 10.50
N LEU A 71 6.87 -2.23 9.78
CA LEU A 71 7.35 -3.60 10.09
C LEU A 71 8.84 -3.74 9.74
N SER A 72 9.28 -3.04 8.68
CA SER A 72 10.71 -2.89 8.32
C SER A 72 11.01 -1.43 7.96
N ASP A 73 12.19 -0.96 8.41
CA ASP A 73 12.72 0.38 8.07
C ASP A 73 13.27 0.40 6.63
N SER A 74 13.58 -0.80 6.10
CA SER A 74 14.06 -0.98 4.72
C SER A 74 12.98 -0.57 3.69
N ILE A 75 13.30 0.47 2.90
CA ILE A 75 12.42 0.98 1.82
C ILE A 75 13.30 1.11 0.56
N ARG A 76 13.14 0.16 -0.37
CA ARG A 76 14.02 -0.01 -1.54
C ARG A 76 13.22 0.10 -2.86
N SER A 77 11.94 0.49 -2.74
CA SER A 77 11.06 0.76 -3.88
C SER A 77 9.87 1.62 -3.39
N CYS A 78 9.17 2.29 -4.32
CA CYS A 78 8.05 3.20 -3.97
C CYS A 78 7.12 3.42 -5.17
N CYS A 79 5.81 3.42 -4.90
CA CYS A 79 4.77 3.81 -5.87
C CYS A 79 4.13 5.12 -5.39
N LEU A 80 3.97 6.05 -6.32
CA LEU A 80 3.46 7.40 -6.07
C LEU A 80 2.02 7.45 -6.62
N ILE A 81 1.00 7.19 -5.76
CA ILE A 81 -0.40 7.20 -6.20
C ILE A 81 -1.08 8.48 -5.69
N PRO A 82 -1.45 9.44 -6.60
CA PRO A 82 -2.08 10.70 -6.19
C PRO A 82 -3.59 10.54 -5.93
N GLN A 83 -4.31 11.67 -5.92
CA GLN A 83 -5.76 11.69 -5.75
C GLN A 83 -6.44 10.93 -6.88
N THR A 84 -7.47 10.16 -6.53
CA THR A 84 -8.37 9.50 -7.46
C THR A 84 -9.81 9.83 -7.02
N VAL A 85 -10.57 10.50 -7.92
CA VAL A 85 -11.87 11.13 -7.62
C VAL A 85 -12.93 10.11 -7.13
N SER A 86 -12.84 8.89 -7.66
CA SER A 86 -13.76 7.78 -7.32
C SER A 86 -12.98 6.46 -7.27
N HIS A 87 -13.49 5.51 -6.48
CA HIS A 87 -12.88 4.18 -6.28
C HIS A 87 -13.95 3.11 -6.46
N ARG A 88 -13.60 2.00 -7.14
CA ARG A 88 -14.52 0.89 -7.42
C ARG A 88 -13.73 -0.42 -7.58
N LEU A 89 -14.22 -1.49 -6.95
CA LEU A 89 -13.49 -2.77 -6.80
C LEU A 89 -14.46 -3.97 -6.80
N ARG A 90 -13.99 -5.10 -7.38
CA ARG A 90 -14.71 -6.39 -7.41
C ARG A 90 -13.79 -7.45 -6.76
N LEU A 91 -14.09 -7.82 -5.52
CA LEU A 91 -13.42 -8.92 -4.80
C LEU A 91 -13.81 -10.27 -5.44
N TYR A 92 -12.86 -11.22 -5.48
CA TYR A 92 -13.11 -12.59 -5.95
C TYR A 92 -12.39 -13.56 -5.02
N GLU A 93 -13.18 -14.44 -4.41
CA GLU A 93 -12.75 -15.36 -3.36
C GLU A 93 -12.03 -16.59 -3.92
N ARG A 94 -12.00 -16.73 -5.26
CA ARG A 94 -11.14 -17.70 -5.97
C ARG A 94 -10.36 -16.95 -7.06
N GLU A 95 -9.19 -17.51 -7.48
CA GLU A 95 -8.32 -16.88 -8.50
C GLU A 95 -9.01 -16.90 -9.88
N ASP A 96 -8.48 -16.09 -10.81
CA ASP A 96 -8.95 -15.98 -12.21
C ASP A 96 -10.39 -15.48 -12.28
N HIS A 97 -10.80 -14.73 -11.22
CA HIS A 97 -12.12 -14.10 -11.11
C HIS A 97 -13.24 -15.16 -11.04
N LYS A 98 -12.93 -16.30 -10.39
CA LYS A 98 -13.87 -17.42 -10.23
C LYS A 98 -14.53 -17.37 -8.84
N GLY A 99 -15.51 -18.26 -8.64
CA GLY A 99 -16.14 -18.46 -7.33
C GLY A 99 -17.06 -17.32 -6.93
N LEU A 100 -16.90 -16.84 -5.70
CA LEU A 100 -17.76 -15.79 -5.10
C LEU A 100 -17.20 -14.41 -5.49
N MET A 101 -18.11 -13.43 -5.69
CA MET A 101 -17.75 -12.06 -6.11
C MET A 101 -18.39 -11.05 -5.15
N MET A 102 -17.72 -9.89 -4.96
CA MET A 102 -18.16 -8.84 -4.03
C MET A 102 -17.86 -7.45 -4.61
N GLU A 103 -18.88 -6.59 -4.75
CA GLU A 103 -18.69 -5.19 -5.19
C GLU A 103 -18.39 -4.31 -3.96
N LEU A 104 -17.50 -3.32 -4.14
CA LEU A 104 -17.15 -2.37 -3.10
C LEU A 104 -16.64 -1.05 -3.75
N SER A 105 -17.07 0.08 -3.18
CA SER A 105 -16.70 1.43 -3.64
C SER A 105 -16.38 2.33 -2.44
N GLU A 106 -16.40 1.74 -1.21
CA GLU A 106 -16.30 2.47 0.07
C GLU A 106 -15.17 1.88 0.95
N ASP A 107 -14.67 2.68 1.91
CA ASP A 107 -13.68 2.22 2.91
C ASP A 107 -14.29 1.11 3.77
N CYS A 108 -13.74 -0.10 3.65
CA CYS A 108 -14.19 -1.29 4.42
C CYS A 108 -13.27 -1.49 5.64
N PRO A 109 -13.74 -1.14 6.90
CA PRO A 109 -12.92 -1.23 8.14
C PRO A 109 -12.45 -2.65 8.47
N SER A 110 -13.17 -3.65 7.92
CA SER A 110 -12.89 -5.06 8.14
C SER A 110 -13.51 -5.90 7.00
N ILE A 111 -12.90 -7.06 6.70
CA ILE A 111 -13.44 -8.03 5.73
C ILE A 111 -13.80 -9.33 6.49
N GLN A 112 -12.86 -9.74 7.37
CA GLN A 112 -13.02 -10.92 8.24
C GLN A 112 -14.18 -10.74 9.24
N ASP A 113 -14.28 -9.55 9.86
CA ASP A 113 -15.35 -9.25 10.84
C ASP A 113 -16.71 -9.02 10.16
N ARG A 114 -16.73 -8.97 8.81
CA ARG A 114 -17.96 -8.76 8.02
C ARG A 114 -18.39 -10.07 7.34
N PHE A 115 -17.72 -10.42 6.21
CA PHE A 115 -18.13 -11.54 5.33
C PHE A 115 -17.30 -12.81 5.65
N HIS A 116 -16.48 -12.73 6.73
CA HIS A 116 -15.64 -13.85 7.25
C HIS A 116 -14.51 -14.25 6.28
N LEU A 117 -14.17 -13.33 5.35
CA LEU A 117 -13.11 -13.54 4.37
C LEU A 117 -11.75 -13.13 4.97
N SER A 118 -10.91 -14.13 5.27
CA SER A 118 -9.56 -13.91 5.82
C SER A 118 -8.54 -13.71 4.70
N GLU A 119 -8.86 -14.16 3.45
CA GLU A 119 -7.98 -14.06 2.27
C GLU A 119 -8.81 -13.86 0.99
N ILE A 120 -8.44 -12.86 0.15
CA ILE A 120 -9.02 -12.64 -1.18
C ILE A 120 -7.97 -13.02 -2.24
N ARG A 121 -8.36 -13.89 -3.20
CA ARG A 121 -7.43 -14.49 -4.16
C ARG A 121 -7.18 -13.56 -5.36
N SER A 122 -8.26 -13.01 -5.95
CA SER A 122 -8.18 -12.15 -7.15
C SER A 122 -9.15 -10.97 -7.04
N LEU A 123 -8.88 -9.89 -7.79
CA LEU A 123 -9.61 -8.61 -7.70
C LEU A 123 -9.86 -8.03 -9.11
N HIS A 124 -10.68 -6.98 -9.17
CA HIS A 124 -10.88 -6.18 -10.38
C HIS A 124 -11.16 -4.74 -9.96
N VAL A 125 -10.11 -3.93 -9.90
CA VAL A 125 -10.24 -2.49 -9.63
C VAL A 125 -10.63 -1.80 -10.94
N LEU A 126 -11.87 -1.27 -11.00
CA LEU A 126 -12.41 -0.62 -12.22
C LEU A 126 -11.81 0.78 -12.38
N GLU A 127 -11.57 1.45 -11.25
CA GLU A 127 -11.15 2.85 -11.21
C GLU A 127 -10.71 3.22 -9.79
N GLY A 128 -9.66 4.06 -9.71
CA GLY A 128 -9.15 4.57 -8.43
C GLY A 128 -8.45 3.51 -7.59
N CYS A 129 -7.14 3.69 -7.35
CA CYS A 129 -6.32 2.71 -6.63
C CYS A 129 -6.81 2.51 -5.16
N TRP A 130 -7.01 1.25 -4.79
CA TRP A 130 -7.28 0.82 -3.41
C TRP A 130 -5.97 0.39 -2.73
N VAL A 131 -6.08 -0.01 -1.46
CA VAL A 131 -5.01 -0.63 -0.67
C VAL A 131 -5.64 -1.68 0.25
N LEU A 132 -5.28 -2.95 0.00
CA LEU A 132 -5.60 -4.07 0.90
C LEU A 132 -4.69 -4.02 2.13
N TYR A 133 -5.21 -4.48 3.26
CA TYR A 133 -4.46 -4.62 4.51
C TYR A 133 -4.51 -6.07 4.95
N GLU A 134 -3.39 -6.52 5.51
CA GLU A 134 -3.22 -7.87 6.05
C GLU A 134 -4.21 -8.13 7.22
N LEU A 135 -4.22 -7.19 8.19
CA LEU A 135 -5.15 -7.20 9.34
C LEU A 135 -6.32 -6.22 9.10
N PRO A 136 -7.48 -6.41 9.82
CA PRO A 136 -8.56 -5.38 9.91
C PRO A 136 -8.10 -4.13 10.71
N ASN A 137 -9.03 -3.16 10.87
CA ASN A 137 -8.77 -1.87 11.58
C ASN A 137 -7.71 -1.02 10.81
N TYR A 138 -7.48 -1.39 9.52
CA TYR A 138 -6.46 -0.81 8.63
C TYR A 138 -5.04 -1.01 9.21
N ARG A 139 -4.71 -2.27 9.58
CA ARG A 139 -3.41 -2.61 10.23
C ARG A 139 -2.66 -3.71 9.47
N GLY A 140 -1.43 -3.99 9.93
CA GLY A 140 -0.58 -5.05 9.38
C GLY A 140 0.24 -4.56 8.21
N ARG A 141 0.44 -5.45 7.23
CA ARG A 141 0.99 -5.07 5.91
C ARG A 141 -0.08 -4.33 5.09
N GLN A 142 0.38 -3.56 4.12
CA GLN A 142 -0.47 -2.96 3.08
C GLN A 142 -0.21 -3.67 1.74
N TYR A 143 -1.11 -3.48 0.76
CA TYR A 143 -1.01 -4.08 -0.59
C TYR A 143 -1.70 -3.12 -1.59
N LEU A 144 -0.94 -2.48 -2.50
CA LEU A 144 -1.49 -1.52 -3.49
C LEU A 144 -2.35 -2.24 -4.54
N LEU A 145 -3.54 -1.69 -4.81
CA LEU A 145 -4.53 -2.25 -5.73
C LEU A 145 -4.86 -1.22 -6.83
N ARG A 146 -4.05 -1.21 -7.90
CA ARG A 146 -4.21 -0.26 -9.01
C ARG A 146 -5.36 -0.70 -9.97
N PRO A 147 -6.00 0.28 -10.71
CA PRO A 147 -7.08 -0.02 -11.70
C PRO A 147 -6.64 -1.02 -12.79
N GLN A 148 -6.96 -2.30 -12.54
CA GLN A 148 -6.74 -3.42 -13.47
C GLN A 148 -7.44 -4.68 -12.93
N GLU A 149 -7.47 -5.75 -13.76
CA GLU A 149 -8.02 -7.04 -13.35
C GLU A 149 -6.89 -7.93 -12.76
N TYR A 150 -6.82 -7.95 -11.42
CA TYR A 150 -5.92 -8.84 -10.69
C TYR A 150 -6.44 -10.29 -10.80
N ARG A 151 -5.72 -11.12 -11.54
CA ARG A 151 -6.11 -12.51 -11.81
C ARG A 151 -5.64 -13.47 -10.70
N ARG A 152 -4.81 -12.95 -9.76
CA ARG A 152 -4.37 -13.67 -8.54
C ARG A 152 -3.53 -12.73 -7.65
N CYS A 153 -3.14 -13.23 -6.46
CA CYS A 153 -2.32 -12.47 -5.47
C CYS A 153 -0.93 -12.12 -6.04
N GLN A 154 -0.43 -13.01 -6.92
CA GLN A 154 0.88 -12.88 -7.59
C GLN A 154 0.94 -11.65 -8.52
N ASP A 155 -0.24 -11.12 -8.91
CA ASP A 155 -0.35 -9.90 -9.74
C ASP A 155 0.24 -8.66 -9.02
N TRP A 156 -0.13 -8.45 -7.72
CA TRP A 156 0.42 -7.34 -6.91
C TRP A 156 1.62 -7.81 -6.05
N GLY A 157 2.12 -9.03 -6.35
CA GLY A 157 3.36 -9.57 -5.76
C GLY A 157 3.22 -9.94 -4.28
N ALA A 158 2.00 -10.36 -3.90
CA ALA A 158 1.70 -10.78 -2.52
C ALA A 158 2.32 -12.17 -2.24
N MET A 159 3.10 -12.26 -1.14
CA MET A 159 3.69 -13.54 -0.65
C MET A 159 2.60 -14.42 0.00
N ASP A 160 1.42 -13.81 0.23
CA ASP A 160 0.17 -14.48 0.66
C ASP A 160 -1.02 -13.54 0.37
N ALA A 161 -2.19 -14.13 0.11
CA ALA A 161 -3.40 -13.40 -0.31
C ALA A 161 -4.20 -12.84 0.89
N LYS A 162 -3.49 -12.60 2.02
CA LYS A 162 -4.08 -12.22 3.31
C LYS A 162 -4.85 -10.88 3.23
N ALA A 163 -6.13 -10.96 3.58
CA ALA A 163 -7.08 -9.84 3.52
C ALA A 163 -7.70 -9.58 4.91
N GLY A 164 -7.77 -8.29 5.28
CA GLY A 164 -8.29 -7.89 6.59
C GLY A 164 -9.15 -6.65 6.52
N SER A 165 -8.72 -5.67 5.71
CA SER A 165 -9.49 -4.42 5.47
C SER A 165 -9.10 -3.80 4.12
N LEU A 166 -10.01 -2.97 3.56
CA LEU A 166 -9.83 -2.30 2.26
C LEU A 166 -10.00 -0.79 2.43
N ARG A 167 -9.13 0.00 1.79
CA ARG A 167 -9.14 1.46 1.90
C ARG A 167 -8.86 2.10 0.53
N ARG A 168 -9.42 3.29 0.34
CA ARG A 168 -9.31 4.09 -0.88
C ARG A 168 -8.10 5.04 -0.78
N VAL A 169 -7.24 5.08 -1.82
CA VAL A 169 -6.13 6.06 -1.89
C VAL A 169 -6.68 7.45 -2.23
N VAL A 170 -6.82 8.28 -1.19
CA VAL A 170 -7.29 9.66 -1.29
C VAL A 170 -6.19 10.58 -0.71
N ASP A 171 -5.86 11.67 -1.44
CA ASP A 171 -4.85 12.66 -0.98
C ASP A 171 -5.28 13.27 0.35
N LEU A 172 -4.55 12.93 1.41
CA LEU A 172 -4.75 13.49 2.76
C LEU A 172 -3.81 14.69 2.94
N TYR A 173 -4.31 15.74 3.61
CA TYR A 173 -3.58 16.98 3.85
C TYR A 173 -4.04 17.57 5.20
N GLY A 1 1.54 15.69 -4.65
CA GLY A 1 2.27 15.93 -3.39
C GLY A 1 3.77 15.69 -3.51
N LYS A 2 4.40 15.22 -2.41
CA LYS A 2 5.86 15.05 -2.32
C LYS A 2 6.22 14.16 -1.10
N ILE A 3 7.34 13.43 -1.20
CA ILE A 3 7.90 12.62 -0.09
C ILE A 3 9.42 12.83 -0.03
N THR A 4 10.03 12.61 1.15
CA THR A 4 11.48 12.79 1.37
C THR A 4 11.97 11.77 2.42
N PHE A 5 12.86 10.86 1.99
CA PHE A 5 13.43 9.80 2.83
C PHE A 5 14.68 10.30 3.57
N TYR A 6 14.92 9.75 4.77
CA TYR A 6 16.14 9.99 5.59
C TYR A 6 16.49 8.68 6.32
N GLU A 7 17.69 8.10 6.05
CA GLU A 7 18.09 6.78 6.62
C GLU A 7 18.21 6.77 8.15
N ASP A 8 18.34 7.94 8.79
CA ASP A 8 18.43 8.07 10.26
C ASP A 8 17.29 8.94 10.78
N ARG A 9 17.10 8.94 12.12
CA ARG A 9 15.99 9.68 12.78
C ARG A 9 16.26 11.21 12.75
N ALA A 10 15.26 12.00 13.20
CA ALA A 10 15.35 13.47 13.32
C ALA A 10 15.59 14.15 11.96
N PHE A 11 15.19 13.46 10.88
CA PHE A 11 15.35 13.91 9.49
C PHE A 11 16.84 14.09 9.15
N GLN A 12 17.60 12.98 9.25
CA GLN A 12 19.07 13.00 9.11
C GLN A 12 19.56 11.76 8.33
N GLY A 13 20.84 11.77 7.93
CA GLY A 13 21.45 10.67 7.20
C GLY A 13 21.34 10.84 5.68
N ARG A 14 21.27 9.71 4.96
CA ARG A 14 21.20 9.70 3.50
C ARG A 14 19.77 10.08 3.07
N SER A 15 19.63 11.28 2.48
CA SER A 15 18.33 11.86 2.13
C SER A 15 18.08 11.84 0.62
N TYR A 16 16.86 11.41 0.23
CA TYR A 16 16.41 11.40 -1.17
C TYR A 16 14.95 11.87 -1.22
N GLU A 17 14.74 13.07 -1.77
CA GLU A 17 13.39 13.59 -2.05
C GLU A 17 12.90 12.99 -3.37
N THR A 18 11.64 12.53 -3.38
CA THR A 18 11.06 11.73 -4.47
C THR A 18 9.65 12.24 -4.81
N THR A 19 9.35 12.39 -6.10
CA THR A 19 8.01 12.73 -6.62
C THR A 19 7.66 11.80 -7.80
N THR A 20 8.23 10.57 -7.79
CA THR A 20 8.08 9.59 -8.90
C THR A 20 8.22 8.15 -8.34
N ASP A 21 7.74 7.16 -9.13
CA ASP A 21 7.96 5.73 -8.87
C ASP A 21 9.45 5.37 -9.06
N CYS A 22 9.91 4.33 -8.36
CA CYS A 22 11.28 3.83 -8.46
C CYS A 22 11.32 2.36 -8.00
N PRO A 23 11.50 1.37 -8.93
CA PRO A 23 11.53 -0.07 -8.57
C PRO A 23 12.78 -0.45 -7.75
N ASN A 24 13.87 0.32 -7.91
CA ASN A 24 15.12 0.10 -7.18
C ASN A 24 15.60 1.42 -6.59
N LEU A 25 15.26 1.66 -5.30
CA LEU A 25 15.77 2.80 -4.53
C LEU A 25 17.21 2.55 -4.04
N GLN A 26 17.77 1.36 -4.37
CA GLN A 26 19.14 0.91 -3.99
C GLN A 26 20.26 1.98 -4.23
N PRO A 27 20.38 2.64 -5.46
CA PRO A 27 21.44 3.68 -5.70
C PRO A 27 21.29 4.94 -4.82
N TYR A 28 20.15 5.06 -4.11
CA TYR A 28 19.82 6.22 -3.27
C TYR A 28 19.99 5.85 -1.78
N PHE A 29 19.29 4.78 -1.35
CA PHE A 29 19.31 4.26 0.03
C PHE A 29 18.78 2.80 0.06
N SER A 30 18.76 2.17 1.24
CA SER A 30 18.11 0.86 1.46
C SER A 30 17.04 0.96 2.57
N ARG A 31 17.18 1.96 3.47
CA ARG A 31 16.30 2.12 4.63
C ARG A 31 15.96 3.61 4.87
N CYS A 32 15.00 3.88 5.75
CA CYS A 32 14.51 5.25 6.01
C CYS A 32 13.89 5.34 7.41
N ASN A 33 14.71 5.71 8.42
CA ASN A 33 14.28 5.72 9.83
C ASN A 33 13.39 6.92 10.15
N SER A 34 13.53 8.01 9.37
CA SER A 34 12.61 9.16 9.46
C SER A 34 12.20 9.53 8.04
N ILE A 35 10.91 9.79 7.83
CA ILE A 35 10.37 9.99 6.49
C ILE A 35 9.35 11.14 6.50
N ARG A 36 9.68 12.21 5.76
CA ARG A 36 8.83 13.39 5.61
C ARG A 36 7.95 13.24 4.36
N VAL A 37 6.71 12.84 4.56
CA VAL A 37 5.70 12.89 3.51
C VAL A 37 5.04 14.27 3.60
N GLU A 38 5.50 15.18 2.74
CA GLU A 38 5.05 16.59 2.70
C GLU A 38 3.53 16.67 2.50
N SER A 39 3.07 15.87 1.52
CA SER A 39 1.66 15.74 1.14
C SER A 39 1.48 14.48 0.29
N GLY A 40 0.29 13.84 0.40
CA GLY A 40 -0.06 12.71 -0.45
C GLY A 40 -0.11 11.38 0.28
N CYS A 41 -0.41 10.33 -0.49
CA CYS A 41 -0.47 8.93 -0.04
C CYS A 41 0.25 8.05 -1.07
N TRP A 42 1.51 7.72 -0.75
CA TRP A 42 2.44 7.03 -1.66
C TRP A 42 2.63 5.60 -1.17
N MET A 43 2.71 4.64 -2.11
CA MET A 43 2.88 3.23 -1.76
C MET A 43 4.37 2.88 -1.75
N LEU A 44 4.93 2.70 -0.55
CA LEU A 44 6.31 2.24 -0.36
C LEU A 44 6.35 0.71 -0.31
N TYR A 45 7.55 0.15 -0.47
CA TYR A 45 7.76 -1.30 -0.57
C TYR A 45 9.04 -1.68 0.18
N GLU A 46 8.98 -2.79 0.93
CA GLU A 46 10.13 -3.34 1.68
C GLU A 46 11.26 -3.73 0.72
N ARG A 47 10.95 -4.62 -0.24
CA ARG A 47 11.92 -5.14 -1.23
C ARG A 47 11.83 -4.30 -2.53
N PRO A 48 12.85 -4.40 -3.47
CA PRO A 48 12.73 -3.82 -4.83
C PRO A 48 11.65 -4.53 -5.68
N ASN A 49 11.44 -3.99 -6.91
CA ASN A 49 10.53 -4.57 -7.93
C ASN A 49 9.07 -4.69 -7.43
N TYR A 50 8.71 -3.79 -6.48
CA TYR A 50 7.37 -3.71 -5.86
C TYR A 50 7.00 -5.02 -5.11
N GLN A 51 7.90 -5.42 -4.19
CA GLN A 51 7.77 -6.67 -3.39
C GLN A 51 7.86 -6.38 -1.87
N GLY A 52 7.65 -7.45 -1.08
CA GLY A 52 7.80 -7.41 0.38
C GLY A 52 6.57 -6.86 1.09
N GLN A 53 6.78 -6.34 2.31
CA GLN A 53 5.77 -5.60 3.06
C GLN A 53 5.54 -4.25 2.38
N GLN A 54 4.37 -4.11 1.75
CA GLN A 54 4.00 -2.89 1.05
C GLN A 54 3.33 -1.94 2.07
N TYR A 55 3.78 -0.69 2.10
CA TYR A 55 3.28 0.35 3.01
C TYR A 55 2.62 1.47 2.21
N LEU A 56 1.66 2.17 2.81
CA LEU A 56 1.17 3.46 2.30
C LEU A 56 1.49 4.50 3.37
N LEU A 57 2.38 5.44 3.02
CA LEU A 57 2.76 6.55 3.89
C LEU A 57 1.80 7.74 3.65
N ARG A 58 1.21 8.20 4.74
CA ARG A 58 0.25 9.31 4.76
C ARG A 58 1.03 10.61 4.92
N ARG A 59 0.36 11.75 4.67
CA ARG A 59 0.96 13.07 4.90
C ARG A 59 1.38 13.20 6.37
N GLY A 60 2.69 13.27 6.62
CA GLY A 60 3.23 13.48 7.95
C GLY A 60 4.73 13.53 7.92
N GLU A 61 5.29 14.49 8.65
CA GLU A 61 6.72 14.61 8.88
C GLU A 61 7.07 13.68 10.04
N TYR A 62 7.38 12.42 9.71
CA TYR A 62 7.65 11.37 10.72
C TYR A 62 9.14 11.42 11.12
N PRO A 63 9.48 11.84 12.39
CA PRO A 63 10.89 11.92 12.87
C PRO A 63 11.47 10.53 13.21
N ASP A 64 10.62 9.50 13.17
CA ASP A 64 11.01 8.09 13.39
C ASP A 64 10.00 7.15 12.69
N TYR A 65 10.41 5.89 12.53
CA TYR A 65 9.63 4.86 11.82
C TYR A 65 8.48 4.32 12.71
N GLN A 66 8.67 4.40 14.03
CA GLN A 66 7.65 3.98 15.01
C GLN A 66 6.47 4.97 15.05
N GLN A 67 6.70 6.19 14.49
CA GLN A 67 5.71 7.28 14.45
C GLN A 67 4.51 6.89 13.56
N TRP A 68 4.80 6.22 12.43
CA TRP A 68 3.78 5.68 11.52
C TRP A 68 3.56 4.16 11.74
N MET A 69 4.15 3.65 12.85
CA MET A 69 4.04 2.24 13.29
C MET A 69 4.54 1.25 12.22
N GLY A 70 5.58 1.68 11.49
CA GLY A 70 6.17 0.90 10.41
C GLY A 70 6.74 -0.43 10.88
N LEU A 71 6.36 -1.51 10.18
CA LEU A 71 6.77 -2.90 10.50
C LEU A 71 8.29 -3.07 10.26
N SER A 72 8.80 -2.31 9.27
CA SER A 72 10.22 -2.12 9.01
C SER A 72 10.40 -0.85 8.17
N ASP A 73 11.47 -0.10 8.43
CA ASP A 73 11.76 1.17 7.72
C ASP A 73 12.62 0.94 6.46
N SER A 74 12.99 -0.33 6.19
CA SER A 74 13.84 -0.69 5.04
C SER A 74 13.00 -0.62 3.74
N ILE A 75 13.12 0.52 3.04
CA ILE A 75 12.36 0.82 1.82
C ILE A 75 13.31 0.73 0.61
N ARG A 76 13.06 -0.23 -0.28
CA ARG A 76 13.92 -0.50 -1.45
C ARG A 76 13.16 -0.28 -2.77
N SER A 77 11.87 0.12 -2.68
CA SER A 77 11.05 0.48 -3.86
C SER A 77 9.90 1.43 -3.44
N CYS A 78 9.39 2.23 -4.39
CA CYS A 78 8.35 3.25 -4.14
C CYS A 78 7.40 3.39 -5.33
N CYS A 79 6.18 3.89 -5.05
CA CYS A 79 5.16 4.22 -6.04
C CYS A 79 4.48 5.55 -5.68
N LEU A 80 4.27 6.38 -6.70
CA LEU A 80 3.65 7.71 -6.56
C LEU A 80 2.18 7.56 -6.99
N ILE A 81 1.27 7.36 -6.02
CA ILE A 81 -0.14 7.03 -6.31
C ILE A 81 -0.97 8.32 -6.46
N PRO A 82 -1.53 8.62 -7.69
CA PRO A 82 -2.40 9.80 -7.88
C PRO A 82 -3.75 9.64 -7.16
N GLN A 83 -4.21 10.71 -6.45
CA GLN A 83 -5.51 10.69 -5.75
C GLN A 83 -6.64 10.51 -6.76
N THR A 84 -7.58 9.64 -6.41
CA THR A 84 -8.72 9.28 -7.23
C THR A 84 -10.00 9.69 -6.48
N VAL A 85 -10.89 10.42 -7.19
CA VAL A 85 -12.10 11.03 -6.60
C VAL A 85 -13.13 9.96 -6.20
N SER A 86 -13.25 8.93 -7.04
CA SER A 86 -14.23 7.83 -6.87
C SER A 86 -13.49 6.48 -6.82
N HIS A 87 -14.04 5.52 -6.07
CA HIS A 87 -13.45 4.18 -5.87
C HIS A 87 -14.54 3.11 -5.97
N ARG A 88 -14.29 2.04 -6.75
CA ARG A 88 -15.19 0.89 -6.87
C ARG A 88 -14.35 -0.37 -7.17
N LEU A 89 -14.73 -1.49 -6.53
CA LEU A 89 -13.98 -2.75 -6.55
C LEU A 89 -14.93 -3.95 -6.49
N ARG A 90 -14.59 -5.04 -7.20
CA ARG A 90 -15.29 -6.34 -7.12
C ARG A 90 -14.28 -7.43 -6.71
N LEU A 91 -14.47 -7.95 -5.49
CA LEU A 91 -13.66 -9.03 -4.90
C LEU A 91 -14.05 -10.37 -5.54
N TYR A 92 -13.09 -11.30 -5.69
CA TYR A 92 -13.34 -12.67 -6.20
C TYR A 92 -12.64 -13.70 -5.30
N GLU A 93 -13.35 -14.80 -5.02
CA GLU A 93 -12.94 -15.86 -4.10
C GLU A 93 -11.72 -16.64 -4.61
N ARG A 94 -11.77 -17.04 -5.89
CA ARG A 94 -10.75 -17.90 -6.52
C ARG A 94 -10.10 -17.16 -7.69
N GLU A 95 -8.90 -17.61 -8.09
CA GLU A 95 -8.12 -17.01 -9.19
C GLU A 95 -8.85 -17.16 -10.54
N ASP A 96 -8.47 -16.30 -11.53
CA ASP A 96 -9.15 -16.19 -12.86
C ASP A 96 -10.58 -15.61 -12.71
N HIS A 97 -10.82 -14.90 -11.59
CA HIS A 97 -12.11 -14.25 -11.26
C HIS A 97 -13.22 -15.29 -11.00
N LYS A 98 -12.82 -16.48 -10.50
CA LYS A 98 -13.77 -17.58 -10.23
C LYS A 98 -14.34 -17.48 -8.81
N GLY A 99 -15.31 -18.36 -8.49
CA GLY A 99 -15.94 -18.39 -7.19
C GLY A 99 -16.95 -17.25 -6.98
N LEU A 100 -17.12 -16.82 -5.73
CA LEU A 100 -18.06 -15.73 -5.36
C LEU A 100 -17.46 -14.35 -5.68
N MET A 101 -18.35 -13.35 -5.83
CA MET A 101 -17.98 -11.95 -6.13
C MET A 101 -18.67 -10.99 -5.15
N MET A 102 -17.97 -9.91 -4.74
CA MET A 102 -18.49 -8.91 -3.79
C MET A 102 -18.17 -7.49 -4.29
N GLU A 103 -19.21 -6.70 -4.59
CA GLU A 103 -19.04 -5.27 -4.96
C GLU A 103 -18.82 -4.44 -3.69
N LEU A 104 -17.95 -3.42 -3.82
CA LEU A 104 -17.57 -2.54 -2.71
C LEU A 104 -17.12 -1.18 -3.27
N SER A 105 -17.74 -0.09 -2.80
CA SER A 105 -17.37 1.29 -3.14
C SER A 105 -16.90 2.07 -1.89
N GLU A 106 -16.93 1.40 -0.71
CA GLU A 106 -16.64 2.03 0.60
C GLU A 106 -15.44 1.37 1.30
N ASP A 107 -14.89 2.07 2.30
CA ASP A 107 -13.83 1.51 3.18
C ASP A 107 -14.43 0.37 4.04
N CYS A 108 -13.91 -0.86 3.87
CA CYS A 108 -14.31 -2.02 4.69
C CYS A 108 -13.33 -2.18 5.87
N PRO A 109 -13.76 -1.83 7.14
CA PRO A 109 -12.88 -1.95 8.34
C PRO A 109 -12.53 -3.40 8.70
N SER A 110 -13.40 -4.36 8.34
CA SER A 110 -13.18 -5.78 8.65
C SER A 110 -13.96 -6.69 7.68
N ILE A 111 -13.27 -7.28 6.70
CA ILE A 111 -13.87 -8.28 5.80
C ILE A 111 -13.99 -9.63 6.54
N GLN A 112 -12.98 -9.90 7.40
CA GLN A 112 -12.85 -11.17 8.14
C GLN A 112 -14.00 -11.35 9.16
N ASP A 113 -14.43 -10.24 9.76
CA ASP A 113 -15.51 -10.24 10.78
C ASP A 113 -16.90 -10.08 10.13
N ARG A 114 -16.95 -9.82 8.80
CA ARG A 114 -18.22 -9.63 8.06
C ARG A 114 -18.49 -10.83 7.12
N PHE A 115 -17.73 -10.90 6.01
CA PHE A 115 -17.93 -11.92 4.94
C PHE A 115 -16.94 -13.10 5.12
N HIS A 116 -16.06 -12.95 6.16
CA HIS A 116 -15.10 -13.98 6.60
C HIS A 116 -14.08 -14.37 5.51
N LEU A 117 -13.81 -13.46 4.55
CA LEU A 117 -12.81 -13.73 3.49
C LEU A 117 -11.42 -13.88 4.12
N SER A 118 -10.90 -15.11 4.06
CA SER A 118 -9.61 -15.48 4.64
C SER A 118 -8.47 -14.98 3.74
N GLU A 119 -8.69 -15.12 2.42
CA GLU A 119 -7.80 -14.59 1.37
C GLU A 119 -8.63 -13.93 0.26
N ILE A 120 -8.02 -12.96 -0.41
CA ILE A 120 -8.49 -12.41 -1.69
C ILE A 120 -7.50 -12.89 -2.78
N ARG A 121 -8.00 -13.67 -3.74
CA ARG A 121 -7.16 -14.25 -4.81
C ARG A 121 -7.14 -13.35 -6.05
N SER A 122 -8.32 -12.86 -6.47
CA SER A 122 -8.45 -12.03 -7.66
C SER A 122 -9.44 -10.88 -7.42
N LEU A 123 -9.27 -9.78 -8.17
CA LEU A 123 -10.04 -8.53 -7.99
C LEU A 123 -10.41 -7.93 -9.35
N HIS A 124 -11.31 -6.95 -9.31
CA HIS A 124 -11.61 -6.09 -10.46
C HIS A 124 -11.89 -4.69 -9.93
N VAL A 125 -10.83 -3.88 -9.80
CA VAL A 125 -10.95 -2.47 -9.48
C VAL A 125 -11.47 -1.74 -10.73
N LEU A 126 -12.74 -1.30 -10.68
CA LEU A 126 -13.39 -0.63 -11.84
C LEU A 126 -12.83 0.80 -12.00
N GLU A 127 -12.55 1.43 -10.85
CA GLU A 127 -12.05 2.81 -10.77
C GLU A 127 -11.50 3.10 -9.37
N GLY A 128 -10.51 3.99 -9.30
CA GLY A 128 -9.95 4.45 -8.04
C GLY A 128 -9.02 3.44 -7.38
N CYS A 129 -7.79 3.86 -7.04
CA CYS A 129 -6.81 2.99 -6.38
C CYS A 129 -7.27 2.62 -4.95
N TRP A 130 -7.30 1.32 -4.64
CA TRP A 130 -7.59 0.79 -3.29
C TRP A 130 -6.29 0.30 -2.61
N VAL A 131 -6.43 -0.16 -1.35
CA VAL A 131 -5.33 -0.77 -0.56
C VAL A 131 -5.91 -1.92 0.28
N LEU A 132 -5.47 -3.16 -0.03
CA LEU A 132 -5.79 -4.37 0.77
C LEU A 132 -4.93 -4.34 2.05
N TYR A 133 -5.45 -4.89 3.14
CA TYR A 133 -4.74 -5.01 4.43
C TYR A 133 -4.84 -6.45 4.93
N GLU A 134 -3.72 -6.94 5.49
CA GLU A 134 -3.59 -8.30 6.04
C GLU A 134 -4.59 -8.52 7.19
N LEU A 135 -4.58 -7.60 8.16
CA LEU A 135 -5.47 -7.61 9.33
C LEU A 135 -6.60 -6.57 9.16
N PRO A 136 -7.78 -6.76 9.85
CA PRO A 136 -8.80 -5.71 9.98
C PRO A 136 -8.30 -4.51 10.83
N ASN A 137 -9.18 -3.51 10.99
CA ASN A 137 -8.85 -2.19 11.61
C ASN A 137 -7.77 -1.44 10.79
N TYR A 138 -7.64 -1.83 9.49
CA TYR A 138 -6.65 -1.27 8.54
C TYR A 138 -5.21 -1.45 9.09
N ARG A 139 -4.90 -2.69 9.52
CA ARG A 139 -3.60 -3.05 10.12
C ARG A 139 -2.91 -4.18 9.32
N GLY A 140 -1.64 -4.45 9.65
CA GLY A 140 -0.85 -5.51 9.02
C GLY A 140 -0.11 -5.06 7.77
N ARG A 141 0.27 -6.02 6.92
CA ARG A 141 0.88 -5.73 5.61
C ARG A 141 -0.17 -5.13 4.66
N GLN A 142 0.13 -3.98 4.07
CA GLN A 142 -0.75 -3.31 3.11
C GLN A 142 -0.42 -3.84 1.70
N TYR A 143 -1.35 -3.66 0.75
CA TYR A 143 -1.23 -4.19 -0.62
C TYR A 143 -1.89 -3.21 -1.60
N LEU A 144 -1.16 -2.72 -2.62
CA LEU A 144 -1.67 -1.70 -3.55
C LEU A 144 -2.60 -2.34 -4.59
N LEU A 145 -3.82 -1.79 -4.72
CA LEU A 145 -4.82 -2.26 -5.68
C LEU A 145 -5.06 -1.13 -6.70
N ARG A 146 -4.68 -1.37 -7.96
CA ARG A 146 -4.71 -0.36 -9.04
C ARG A 146 -5.94 -0.62 -9.95
N PRO A 147 -6.57 0.47 -10.52
CA PRO A 147 -7.77 0.35 -11.43
C PRO A 147 -7.56 -0.59 -12.65
N GLN A 148 -7.87 -1.87 -12.43
CA GLN A 148 -7.72 -2.96 -13.42
C GLN A 148 -8.34 -4.27 -12.87
N GLU A 149 -8.25 -5.37 -13.65
CA GLU A 149 -8.66 -6.70 -13.20
C GLU A 149 -7.43 -7.54 -12.76
N TYR A 150 -7.33 -7.82 -11.45
CA TYR A 150 -6.31 -8.74 -10.89
C TYR A 150 -6.78 -10.19 -11.05
N ARG A 151 -5.88 -11.05 -11.51
CA ARG A 151 -6.17 -12.48 -11.81
C ARG A 151 -5.61 -13.39 -10.69
N ARG A 152 -4.55 -12.90 -10.03
CA ARG A 152 -3.83 -13.57 -8.93
C ARG A 152 -3.24 -12.50 -7.98
N CYS A 153 -2.66 -12.96 -6.86
CA CYS A 153 -2.04 -12.07 -5.84
C CYS A 153 -0.68 -11.53 -6.35
N GLN A 154 -0.09 -12.28 -7.30
CA GLN A 154 1.21 -11.98 -7.90
C GLN A 154 1.21 -10.65 -8.67
N ASP A 155 0.05 -10.28 -9.23
CA ASP A 155 -0.09 -9.10 -10.13
C ASP A 155 0.31 -7.78 -9.46
N TRP A 156 -0.07 -7.59 -8.17
CA TRP A 156 0.28 -6.36 -7.44
C TRP A 156 1.56 -6.53 -6.59
N GLY A 157 2.14 -7.74 -6.62
CA GLY A 157 3.40 -8.02 -5.93
C GLY A 157 3.22 -8.44 -4.49
N ALA A 158 2.09 -9.11 -4.21
CA ALA A 158 1.78 -9.64 -2.88
C ALA A 158 2.62 -10.89 -2.57
N MET A 159 3.22 -10.94 -1.39
CA MET A 159 3.93 -12.13 -0.89
C MET A 159 2.93 -13.26 -0.59
N ASP A 160 1.69 -12.85 -0.28
CA ASP A 160 0.58 -13.75 0.08
C ASP A 160 -0.77 -13.04 -0.20
N ALA A 161 -1.85 -13.82 -0.18
CA ALA A 161 -3.20 -13.36 -0.59
C ALA A 161 -4.10 -13.00 0.61
N LYS A 162 -3.54 -12.93 1.83
CA LYS A 162 -4.31 -12.73 3.10
C LYS A 162 -5.24 -11.49 3.06
N ALA A 163 -6.48 -11.66 3.56
CA ALA A 163 -7.52 -10.61 3.57
C ALA A 163 -7.93 -10.27 5.02
N GLY A 164 -8.04 -8.96 5.30
CA GLY A 164 -8.50 -8.46 6.60
C GLY A 164 -9.39 -7.24 6.46
N SER A 165 -8.97 -6.28 5.62
CA SER A 165 -9.73 -5.01 5.38
C SER A 165 -9.33 -4.36 4.03
N LEU A 166 -10.14 -3.37 3.58
CA LEU A 166 -9.92 -2.61 2.32
C LEU A 166 -10.12 -1.10 2.57
N ARG A 167 -9.19 -0.29 2.06
CA ARG A 167 -9.21 1.19 2.16
C ARG A 167 -9.12 1.82 0.76
N ARG A 168 -9.68 3.02 0.64
CA ARG A 168 -9.70 3.82 -0.59
C ARG A 168 -8.59 4.89 -0.52
N VAL A 169 -7.72 4.96 -1.56
CA VAL A 169 -6.62 5.96 -1.62
C VAL A 169 -7.18 7.38 -1.84
N VAL A 170 -7.25 8.13 -0.74
CA VAL A 170 -7.53 9.56 -0.74
C VAL A 170 -6.33 10.27 -0.09
N ASP A 171 -5.47 10.87 -0.93
CA ASP A 171 -4.22 11.55 -0.51
C ASP A 171 -4.47 12.61 0.57
N LEU A 172 -3.80 12.43 1.72
CA LEU A 172 -3.90 13.34 2.88
C LEU A 172 -3.11 14.65 2.64
N TYR A 173 -3.45 15.67 3.44
CA TYR A 173 -2.85 17.02 3.36
C TYR A 173 -2.70 17.61 4.80
N GLY A 1 2.18 16.31 -3.34
CA GLY A 1 2.99 15.32 -4.08
C GLY A 1 4.47 15.64 -4.00
N LYS A 2 5.11 15.20 -2.90
CA LYS A 2 6.54 15.39 -2.61
C LYS A 2 6.88 14.64 -1.31
N ILE A 3 7.93 13.80 -1.37
CA ILE A 3 8.32 12.86 -0.31
C ILE A 3 9.83 12.96 -0.05
N THR A 4 10.25 12.91 1.22
CA THR A 4 11.67 12.97 1.59
C THR A 4 11.99 11.92 2.68
N PHE A 5 12.85 10.96 2.32
CA PHE A 5 13.27 9.85 3.18
C PHE A 5 14.42 10.28 4.10
N TYR A 6 14.54 9.62 5.25
CA TYR A 6 15.61 9.85 6.25
C TYR A 6 15.95 8.51 6.93
N GLU A 7 17.21 8.05 6.79
CA GLU A 7 17.64 6.70 7.28
C GLU A 7 17.54 6.55 8.80
N ASP A 8 17.86 7.61 9.54
CA ASP A 8 17.71 7.65 11.02
C ASP A 8 16.44 8.39 11.40
N ARG A 9 16.02 8.23 12.67
CA ARG A 9 14.80 8.84 13.21
C ARG A 9 15.03 10.34 13.50
N ALA A 10 13.93 11.06 13.80
CA ALA A 10 13.93 12.53 14.04
C ALA A 10 14.38 13.29 12.79
N PHE A 11 14.07 12.73 11.61
CA PHE A 11 14.39 13.32 10.29
C PHE A 11 15.91 13.50 10.14
N GLN A 12 16.63 12.37 10.15
CA GLN A 12 18.11 12.36 10.19
C GLN A 12 18.67 11.24 9.30
N GLY A 13 20.00 11.21 9.11
CA GLY A 13 20.66 10.21 8.26
C GLY A 13 20.74 10.66 6.82
N ARG A 14 20.84 9.69 5.89
CA ARG A 14 20.84 9.98 4.44
C ARG A 14 19.44 10.44 4.02
N SER A 15 19.36 11.65 3.45
CA SER A 15 18.12 12.26 2.99
C SER A 15 17.99 12.05 1.47
N TYR A 16 16.76 11.87 1.00
CA TYR A 16 16.44 11.75 -0.43
C TYR A 16 15.03 12.26 -0.71
N GLU A 17 14.94 13.35 -1.47
CA GLU A 17 13.66 13.92 -1.91
C GLU A 17 13.33 13.42 -3.34
N THR A 18 12.07 13.02 -3.56
CA THR A 18 11.57 12.64 -4.89
C THR A 18 10.06 12.94 -4.98
N THR A 19 9.51 12.75 -6.19
CA THR A 19 8.06 12.82 -6.46
C THR A 19 7.67 11.70 -7.47
N THR A 20 8.67 11.10 -8.15
CA THR A 20 8.47 10.11 -9.21
C THR A 20 8.61 8.69 -8.64
N ASP A 21 8.03 7.70 -9.35
CA ASP A 21 8.19 6.27 -9.05
C ASP A 21 9.69 5.90 -9.20
N CYS A 22 10.33 5.48 -8.11
CA CYS A 22 11.73 5.05 -8.12
C CYS A 22 11.80 3.51 -7.98
N PRO A 23 12.27 2.76 -9.03
CA PRO A 23 12.43 1.29 -8.97
C PRO A 23 13.45 0.87 -7.90
N ASN A 24 14.61 1.54 -7.90
CA ASN A 24 15.75 1.20 -7.01
C ASN A 24 16.16 2.45 -6.22
N LEU A 25 15.79 2.48 -4.93
CA LEU A 25 16.27 3.50 -3.97
C LEU A 25 17.65 3.12 -3.40
N GLN A 26 18.20 1.97 -3.88
CA GLN A 26 19.52 1.42 -3.46
C GLN A 26 20.70 2.42 -3.63
N PRO A 27 20.87 3.15 -4.81
CA PRO A 27 22.01 4.11 -5.01
C PRO A 27 21.92 5.35 -4.10
N TYR A 28 20.77 5.52 -3.43
CA TYR A 28 20.49 6.66 -2.57
C TYR A 28 20.67 6.24 -1.08
N PHE A 29 19.98 5.16 -0.70
CA PHE A 29 19.95 4.66 0.70
C PHE A 29 19.46 3.18 0.73
N SER A 30 19.35 2.60 1.94
CA SER A 30 18.82 1.23 2.15
C SER A 30 17.56 1.25 3.06
N ARG A 31 17.47 2.28 3.94
CA ARG A 31 16.44 2.36 4.98
C ARG A 31 15.89 3.77 5.13
N CYS A 32 14.75 3.87 5.80
CA CYS A 32 14.08 5.13 6.08
C CYS A 32 13.34 4.95 7.41
N ASN A 33 14.04 5.25 8.52
CA ASN A 33 13.49 5.12 9.90
C ASN A 33 12.74 6.40 10.31
N SER A 34 12.69 7.40 9.41
CA SER A 34 11.78 8.54 9.50
C SER A 34 11.59 9.12 8.10
N ILE A 35 10.49 9.84 7.90
CA ILE A 35 10.11 10.35 6.58
C ILE A 35 9.25 11.60 6.76
N ARG A 36 9.60 12.67 6.04
CA ARG A 36 8.80 13.89 6.06
C ARG A 36 7.96 13.95 4.79
N VAL A 37 6.70 13.53 4.91
CA VAL A 37 5.73 13.65 3.83
C VAL A 37 5.11 15.05 3.88
N GLU A 38 5.43 15.86 2.87
CA GLU A 38 4.90 17.22 2.73
C GLU A 38 3.44 17.14 2.26
N SER A 39 3.21 16.31 1.23
CA SER A 39 1.88 16.03 0.67
C SER A 39 1.99 14.90 -0.35
N GLY A 40 0.91 14.12 -0.54
CA GLY A 40 0.89 12.99 -1.49
C GLY A 40 0.69 11.63 -0.83
N CYS A 41 0.58 10.58 -1.67
CA CYS A 41 0.45 9.18 -1.24
C CYS A 41 1.30 8.29 -2.16
N TRP A 42 2.19 7.45 -1.56
CA TRP A 42 3.08 6.53 -2.31
C TRP A 42 3.04 5.16 -1.67
N MET A 43 3.13 4.11 -2.50
CA MET A 43 3.30 2.74 -2.04
C MET A 43 4.80 2.44 -1.94
N LEU A 44 5.34 2.60 -0.73
CA LEU A 44 6.74 2.27 -0.39
C LEU A 44 6.92 0.76 -0.34
N TYR A 45 8.03 0.29 -0.91
CA TYR A 45 8.38 -1.15 -0.97
C TYR A 45 9.65 -1.40 -0.14
N GLU A 46 9.66 -2.53 0.58
CA GLU A 46 10.80 -2.98 1.38
C GLU A 46 12.02 -3.26 0.47
N ARG A 47 11.73 -3.85 -0.69
CA ARG A 47 12.72 -4.36 -1.64
C ARG A 47 12.59 -3.63 -3.00
N PRO A 48 13.68 -3.56 -3.84
CA PRO A 48 13.65 -2.81 -5.12
C PRO A 48 12.82 -3.54 -6.18
N ASN A 49 12.60 -2.86 -7.33
CA ASN A 49 11.82 -3.37 -8.47
C ASN A 49 10.37 -3.71 -8.08
N TYR A 50 9.84 -2.94 -7.10
CA TYR A 50 8.46 -3.04 -6.58
C TYR A 50 8.20 -4.43 -5.93
N GLN A 51 9.12 -4.86 -5.05
CA GLN A 51 9.05 -6.17 -4.36
C GLN A 51 9.02 -5.99 -2.84
N GLY A 52 8.72 -7.09 -2.13
CA GLY A 52 8.71 -7.12 -0.66
C GLY A 52 7.41 -6.59 -0.05
N GLN A 53 7.50 -6.08 1.19
CA GLN A 53 6.37 -5.48 1.92
C GLN A 53 6.00 -4.11 1.32
N GLN A 54 4.70 -3.87 1.15
CA GLN A 54 4.18 -2.61 0.56
C GLN A 54 3.60 -1.71 1.68
N TYR A 55 3.69 -0.36 1.52
CA TYR A 55 3.32 0.63 2.56
C TYR A 55 2.75 1.92 1.91
N LEU A 56 1.43 2.12 1.95
CA LEU A 56 0.81 3.39 1.51
C LEU A 56 0.94 4.42 2.65
N LEU A 57 1.85 5.40 2.48
CA LEU A 57 2.02 6.55 3.39
C LEU A 57 1.33 7.77 2.78
N ARG A 58 0.60 8.53 3.62
CA ARG A 58 -0.09 9.77 3.24
C ARG A 58 0.59 10.97 3.92
N ARG A 59 -0.02 12.17 3.81
CA ARG A 59 0.53 13.43 4.39
C ARG A 59 0.73 13.28 5.90
N GLY A 60 1.98 13.44 6.34
CA GLY A 60 2.33 13.38 7.74
C GLY A 60 3.82 13.27 7.93
N GLU A 61 4.35 14.06 8.85
CA GLU A 61 5.76 14.05 9.22
C GLU A 61 5.97 12.92 10.23
N TYR A 62 6.34 11.73 9.74
CA TYR A 62 6.50 10.54 10.59
C TYR A 62 7.96 10.50 11.12
N PRO A 63 8.21 10.85 12.43
CA PRO A 63 9.58 10.97 12.98
C PRO A 63 10.23 9.60 13.27
N ASP A 64 9.45 8.53 13.09
CA ASP A 64 9.92 7.14 13.24
C ASP A 64 9.09 6.22 12.33
N TYR A 65 9.63 5.03 12.05
CA TYR A 65 8.99 4.05 11.15
C TYR A 65 7.76 3.39 11.82
N GLN A 66 7.73 3.42 13.15
CA GLN A 66 6.67 2.81 13.97
C GLN A 66 5.37 3.62 13.85
N GLN A 67 5.51 4.90 13.44
CA GLN A 67 4.39 5.84 13.28
C GLN A 67 3.47 5.44 12.10
N TRP A 68 4.03 4.74 11.07
CA TRP A 68 3.19 4.17 9.98
C TRP A 68 3.04 2.64 10.13
N MET A 69 3.42 2.13 11.33
CA MET A 69 3.40 0.70 11.69
C MET A 69 4.27 -0.13 10.72
N GLY A 70 5.43 0.45 10.33
CA GLY A 70 6.35 -0.21 9.42
C GLY A 70 6.94 -1.48 10.02
N LEU A 71 6.64 -2.63 9.39
CA LEU A 71 7.12 -3.94 9.86
C LEU A 71 8.64 -4.08 9.58
N SER A 72 9.10 -3.33 8.57
CA SER A 72 10.51 -3.19 8.21
C SER A 72 10.88 -1.70 8.12
N ASP A 73 12.14 -1.40 8.49
CA ASP A 73 12.73 -0.05 8.35
C ASP A 73 13.19 0.17 6.89
N SER A 74 13.40 -0.95 6.18
CA SER A 74 13.95 -0.98 4.82
C SER A 74 12.92 -0.46 3.80
N ILE A 75 13.34 0.53 3.00
CA ILE A 75 12.57 1.06 1.85
C ILE A 75 13.56 1.16 0.67
N ARG A 76 13.40 0.28 -0.33
CA ARG A 76 14.33 0.19 -1.49
C ARG A 76 13.59 0.42 -2.81
N SER A 77 12.30 0.82 -2.73
CA SER A 77 11.49 1.19 -3.92
C SER A 77 10.29 2.04 -3.47
N CYS A 78 9.65 2.75 -4.43
CA CYS A 78 8.51 3.63 -4.16
C CYS A 78 7.71 3.86 -5.46
N CYS A 79 6.40 3.55 -5.43
CA CYS A 79 5.46 3.91 -6.51
C CYS A 79 4.67 5.15 -6.09
N LEU A 80 4.62 6.18 -6.95
CA LEU A 80 3.68 7.31 -6.75
C LEU A 80 2.26 6.80 -7.02
N ILE A 81 1.35 7.04 -6.08
CA ILE A 81 -0.05 6.58 -6.17
C ILE A 81 -0.99 7.80 -6.31
N PRO A 82 -1.29 8.25 -7.56
CA PRO A 82 -2.18 9.41 -7.81
C PRO A 82 -3.64 9.10 -7.42
N GLN A 83 -4.37 10.12 -6.95
CA GLN A 83 -5.75 9.97 -6.48
C GLN A 83 -6.70 9.83 -7.69
N THR A 84 -7.80 9.13 -7.50
CA THR A 84 -8.77 8.78 -8.54
C THR A 84 -10.13 9.38 -8.21
N VAL A 85 -10.90 9.75 -9.26
CA VAL A 85 -12.16 10.50 -9.13
C VAL A 85 -13.28 9.68 -8.44
N SER A 86 -13.36 8.38 -8.75
CA SER A 86 -14.35 7.46 -8.16
C SER A 86 -13.64 6.17 -7.69
N HIS A 87 -14.23 5.47 -6.69
CA HIS A 87 -13.61 4.28 -6.05
C HIS A 87 -14.66 3.18 -5.87
N ARG A 88 -14.55 2.10 -6.66
CA ARG A 88 -15.46 0.95 -6.61
C ARG A 88 -14.66 -0.35 -6.90
N LEU A 89 -14.98 -1.41 -6.13
CA LEU A 89 -14.20 -2.66 -6.09
C LEU A 89 -15.16 -3.86 -5.91
N ARG A 90 -14.78 -5.03 -6.47
CA ARG A 90 -15.46 -6.32 -6.23
C ARG A 90 -14.41 -7.35 -5.75
N LEU A 91 -14.60 -7.86 -4.53
CA LEU A 91 -13.75 -8.89 -3.91
C LEU A 91 -14.18 -10.27 -4.44
N TYR A 92 -13.20 -11.15 -4.75
CA TYR A 92 -13.49 -12.54 -5.17
C TYR A 92 -12.71 -13.52 -4.27
N GLU A 93 -13.39 -14.62 -3.94
CA GLU A 93 -12.92 -15.68 -3.05
C GLU A 93 -11.80 -16.51 -3.70
N ARG A 94 -12.01 -16.85 -4.98
CA ARG A 94 -11.12 -17.75 -5.72
C ARG A 94 -10.54 -16.96 -6.92
N GLU A 95 -9.29 -17.29 -7.29
CA GLU A 95 -8.55 -16.64 -8.40
C GLU A 95 -9.27 -16.81 -9.76
N ASP A 96 -8.93 -15.91 -10.70
CA ASP A 96 -9.57 -15.83 -12.03
C ASP A 96 -11.06 -15.47 -11.91
N HIS A 97 -11.40 -14.78 -10.79
CA HIS A 97 -12.72 -14.17 -10.54
C HIS A 97 -13.80 -15.24 -10.34
N LYS A 98 -13.51 -16.19 -9.43
CA LYS A 98 -14.41 -17.31 -9.11
C LYS A 98 -14.74 -17.29 -7.61
N GLY A 99 -15.50 -18.32 -7.16
CA GLY A 99 -15.96 -18.43 -5.78
C GLY A 99 -17.05 -17.40 -5.47
N LEU A 100 -17.12 -16.98 -4.20
CA LEU A 100 -18.04 -15.91 -3.77
C LEU A 100 -17.49 -14.53 -4.13
N MET A 101 -18.40 -13.57 -4.33
CA MET A 101 -18.09 -12.19 -4.73
C MET A 101 -18.87 -11.20 -3.86
N MET A 102 -18.26 -10.05 -3.55
CA MET A 102 -18.91 -8.97 -2.80
C MET A 102 -18.36 -7.62 -3.29
N GLU A 103 -19.26 -6.70 -3.64
CA GLU A 103 -18.91 -5.31 -4.02
C GLU A 103 -18.53 -4.51 -2.78
N LEU A 104 -17.80 -3.41 -3.00
CA LEU A 104 -17.33 -2.51 -1.96
C LEU A 104 -16.85 -1.21 -2.61
N SER A 105 -17.37 -0.07 -2.14
CA SER A 105 -16.97 1.27 -2.58
C SER A 105 -16.64 2.16 -1.36
N GLU A 106 -16.53 1.52 -0.17
CA GLU A 106 -16.30 2.17 1.13
C GLU A 106 -14.98 1.67 1.75
N ASP A 107 -14.47 2.38 2.78
CA ASP A 107 -13.41 1.85 3.66
C ASP A 107 -14.01 0.72 4.52
N CYS A 108 -13.29 -0.38 4.68
CA CYS A 108 -13.79 -1.56 5.39
C CYS A 108 -12.74 -2.00 6.44
N PRO A 109 -13.00 -1.77 7.77
CA PRO A 109 -12.02 -2.09 8.86
C PRO A 109 -11.86 -3.60 9.15
N SER A 110 -12.70 -4.43 8.52
CA SER A 110 -12.69 -5.89 8.67
C SER A 110 -13.21 -6.53 7.38
N ILE A 111 -12.79 -7.75 7.07
CA ILE A 111 -13.33 -8.53 5.91
C ILE A 111 -13.94 -9.86 6.40
N GLN A 112 -13.29 -10.47 7.40
CA GLN A 112 -13.75 -11.73 8.02
C GLN A 112 -15.10 -11.54 8.71
N ASP A 113 -15.28 -10.37 9.34
CA ASP A 113 -16.53 -10.00 10.04
C ASP A 113 -17.64 -9.63 9.04
N ARG A 114 -17.25 -9.26 7.81
CA ARG A 114 -18.18 -8.83 6.77
C ARG A 114 -18.68 -10.04 5.98
N PHE A 115 -17.81 -10.55 5.11
CA PHE A 115 -18.16 -11.60 4.13
C PHE A 115 -17.33 -12.88 4.37
N HIS A 116 -16.66 -12.94 5.55
CA HIS A 116 -15.87 -14.13 6.00
C HIS A 116 -14.67 -14.45 5.08
N LEU A 117 -14.24 -13.47 4.25
CA LEU A 117 -13.09 -13.66 3.36
C LEU A 117 -11.79 -13.40 4.13
N SER A 118 -10.98 -14.45 4.30
CA SER A 118 -9.64 -14.36 4.88
C SER A 118 -8.60 -14.00 3.82
N GLU A 119 -8.89 -14.38 2.57
CA GLU A 119 -8.02 -14.14 1.42
C GLU A 119 -8.84 -13.62 0.24
N ILE A 120 -8.48 -12.44 -0.30
CA ILE A 120 -9.05 -11.94 -1.55
C ILE A 120 -8.10 -12.34 -2.68
N ARG A 121 -8.47 -13.42 -3.36
CA ARG A 121 -7.60 -14.12 -4.33
C ARG A 121 -7.58 -13.44 -5.71
N SER A 122 -8.67 -12.75 -6.04
CA SER A 122 -8.77 -11.96 -7.26
C SER A 122 -9.72 -10.78 -7.03
N LEU A 123 -9.46 -9.63 -7.68
CA LEU A 123 -10.24 -8.39 -7.48
C LEU A 123 -10.64 -7.81 -8.83
N HIS A 124 -11.76 -7.09 -8.85
CA HIS A 124 -12.17 -6.28 -9.99
C HIS A 124 -12.39 -4.87 -9.48
N VAL A 125 -11.31 -4.09 -9.46
CA VAL A 125 -11.37 -2.67 -9.14
C VAL A 125 -11.92 -1.94 -10.37
N LEU A 126 -13.23 -1.57 -10.35
CA LEU A 126 -13.88 -0.85 -11.46
C LEU A 126 -13.20 0.51 -11.67
N GLU A 127 -12.88 1.13 -10.53
CA GLU A 127 -12.25 2.45 -10.47
C GLU A 127 -11.67 2.63 -9.07
N GLY A 128 -10.68 3.52 -8.95
CA GLY A 128 -10.14 3.87 -7.64
C GLY A 128 -8.80 3.23 -7.34
N CYS A 129 -8.00 3.96 -6.57
CA CYS A 129 -6.77 3.44 -5.98
C CYS A 129 -7.12 2.94 -4.58
N TRP A 130 -7.15 1.62 -4.43
CA TRP A 130 -7.41 0.95 -3.14
C TRP A 130 -6.10 0.38 -2.57
N VAL A 131 -6.15 0.00 -1.29
CA VAL A 131 -5.03 -0.62 -0.57
C VAL A 131 -5.59 -1.72 0.35
N LEU A 132 -5.20 -2.97 0.07
CA LEU A 132 -5.52 -4.12 0.90
C LEU A 132 -4.56 -4.11 2.12
N TYR A 133 -5.05 -4.57 3.27
CA TYR A 133 -4.27 -4.67 4.52
C TYR A 133 -4.36 -6.11 5.03
N GLU A 134 -3.21 -6.64 5.45
CA GLU A 134 -3.05 -8.03 5.91
C GLU A 134 -3.96 -8.33 7.13
N LEU A 135 -3.79 -7.52 8.19
CA LEU A 135 -4.61 -7.59 9.42
C LEU A 135 -5.79 -6.58 9.33
N PRO A 136 -6.91 -6.83 10.10
CA PRO A 136 -7.99 -5.82 10.31
C PRO A 136 -7.50 -4.60 11.11
N ASN A 137 -8.40 -3.59 11.24
CA ASN A 137 -8.11 -2.28 11.88
C ASN A 137 -7.07 -1.49 11.05
N TYR A 138 -6.96 -1.84 9.74
CA TYR A 138 -6.00 -1.23 8.79
C TYR A 138 -4.55 -1.46 9.26
N ARG A 139 -4.26 -2.71 9.63
CA ARG A 139 -2.94 -3.11 10.18
C ARG A 139 -2.25 -4.13 9.28
N GLY A 140 -0.95 -4.34 9.56
CA GLY A 140 -0.14 -5.34 8.87
C GLY A 140 0.49 -4.80 7.60
N ARG A 141 0.93 -5.71 6.72
CA ARG A 141 1.51 -5.38 5.43
C ARG A 141 0.42 -4.94 4.47
N GLN A 142 0.70 -3.88 3.71
CA GLN A 142 -0.27 -3.27 2.79
C GLN A 142 -0.05 -3.86 1.38
N TYR A 143 -1.03 -3.65 0.47
CA TYR A 143 -1.00 -4.16 -0.91
C TYR A 143 -1.73 -3.16 -1.81
N LEU A 144 -1.09 -2.73 -2.92
CA LEU A 144 -1.68 -1.71 -3.82
C LEU A 144 -2.68 -2.39 -4.78
N LEU A 145 -3.85 -1.74 -4.94
CA LEU A 145 -4.96 -2.22 -5.79
C LEU A 145 -5.32 -1.12 -6.80
N ARG A 146 -4.86 -1.26 -8.05
CA ARG A 146 -5.11 -0.28 -9.12
C ARG A 146 -6.41 -0.62 -9.90
N PRO A 147 -7.10 0.40 -10.53
CA PRO A 147 -8.38 0.21 -11.27
C PRO A 147 -8.25 -0.76 -12.47
N GLN A 148 -8.45 -2.06 -12.19
CA GLN A 148 -8.38 -3.15 -13.18
C GLN A 148 -8.86 -4.47 -12.54
N GLU A 149 -8.87 -5.54 -13.34
CA GLU A 149 -9.27 -6.87 -12.91
C GLU A 149 -8.02 -7.72 -12.61
N TYR A 150 -7.69 -7.83 -11.32
CA TYR A 150 -6.68 -8.78 -10.81
C TYR A 150 -7.22 -10.21 -10.94
N ARG A 151 -6.50 -11.05 -11.67
CA ARG A 151 -6.91 -12.44 -11.97
C ARG A 151 -6.23 -13.45 -11.03
N ARG A 152 -5.37 -12.95 -10.12
CA ARG A 152 -4.70 -13.73 -9.06
C ARG A 152 -3.86 -12.80 -8.16
N CYS A 153 -3.38 -13.35 -7.03
CA CYS A 153 -2.57 -12.62 -6.04
C CYS A 153 -1.22 -12.15 -6.63
N GLN A 154 -0.72 -12.90 -7.64
CA GLN A 154 0.57 -12.66 -8.31
C GLN A 154 0.62 -11.31 -9.06
N ASP A 155 -0.56 -10.81 -9.47
CA ASP A 155 -0.68 -9.60 -10.33
C ASP A 155 -0.06 -8.33 -9.70
N TRP A 156 -0.25 -8.11 -8.38
CA TRP A 156 0.33 -6.93 -7.68
C TRP A 156 1.56 -7.32 -6.83
N GLY A 157 2.12 -8.51 -7.14
CA GLY A 157 3.33 -9.01 -6.47
C GLY A 157 3.09 -9.46 -5.04
N ALA A 158 1.84 -9.88 -4.73
CA ALA A 158 1.49 -10.40 -3.40
C ALA A 158 2.10 -11.80 -3.23
N MET A 159 2.97 -11.94 -2.25
CA MET A 159 3.61 -13.24 -1.89
C MET A 159 2.64 -14.13 -1.10
N ASP A 160 1.48 -13.56 -0.73
CA ASP A 160 0.33 -14.24 -0.12
C ASP A 160 -0.92 -13.37 -0.29
N ALA A 161 -2.10 -13.99 -0.24
CA ALA A 161 -3.39 -13.33 -0.55
C ALA A 161 -4.13 -12.91 0.74
N LYS A 162 -3.43 -12.90 1.88
CA LYS A 162 -4.01 -12.60 3.20
C LYS A 162 -4.66 -11.20 3.22
N ALA A 163 -5.89 -11.16 3.77
CA ALA A 163 -6.75 -9.99 3.77
C ALA A 163 -7.40 -9.82 5.15
N GLY A 164 -7.49 -8.56 5.60
CA GLY A 164 -8.04 -8.21 6.90
C GLY A 164 -8.88 -6.93 6.86
N SER A 165 -8.48 -5.97 5.99
CA SER A 165 -9.20 -4.69 5.82
C SER A 165 -8.85 -4.01 4.46
N LEU A 166 -9.78 -3.17 3.92
CA LEU A 166 -9.55 -2.35 2.69
C LEU A 166 -9.61 -0.85 3.03
N ARG A 167 -8.74 -0.06 2.41
CA ARG A 167 -8.74 1.41 2.51
C ARG A 167 -8.71 2.02 1.10
N ARG A 168 -9.43 3.13 0.93
CA ARG A 168 -9.42 3.93 -0.29
C ARG A 168 -8.35 5.04 -0.14
N VAL A 169 -7.43 5.15 -1.14
CA VAL A 169 -6.39 6.19 -1.16
C VAL A 169 -7.03 7.59 -1.29
N VAL A 170 -7.22 8.24 -0.13
CA VAL A 170 -7.54 9.66 -0.06
C VAL A 170 -6.20 10.42 0.00
N ASP A 171 -5.84 11.07 -1.12
CA ASP A 171 -4.60 11.82 -1.24
C ASP A 171 -4.63 13.04 -0.33
N LEU A 172 -3.88 12.97 0.76
CA LEU A 172 -3.84 14.03 1.77
C LEU A 172 -2.72 15.02 1.42
N TYR A 173 -3.02 16.32 1.61
CA TYR A 173 -2.08 17.42 1.32
C TYR A 173 -2.16 18.51 2.43
N GLY A 1 2.89 14.32 -5.67
CA GLY A 1 3.19 14.20 -4.23
C GLY A 1 4.68 14.27 -3.96
N LYS A 2 5.10 14.99 -2.90
CA LYS A 2 6.51 15.19 -2.55
C LYS A 2 6.77 14.59 -1.16
N ILE A 3 7.79 13.71 -1.08
CA ILE A 3 8.09 12.90 0.12
C ILE A 3 9.60 12.93 0.39
N THR A 4 9.99 12.96 1.68
CA THR A 4 11.41 13.04 2.08
C THR A 4 11.73 11.97 3.12
N PHE A 5 12.73 11.13 2.79
CA PHE A 5 13.18 9.98 3.59
C PHE A 5 14.39 10.37 4.41
N TYR A 6 14.52 9.75 5.60
CA TYR A 6 15.66 9.93 6.50
C TYR A 6 16.03 8.54 7.07
N GLU A 7 17.27 8.06 6.77
CA GLU A 7 17.70 6.68 7.12
C GLU A 7 17.70 6.42 8.64
N ASP A 8 18.11 7.40 9.44
CA ASP A 8 18.08 7.29 10.92
C ASP A 8 16.80 7.96 11.44
N ARG A 9 16.51 7.76 12.75
CA ARG A 9 15.34 8.38 13.43
C ARG A 9 15.55 9.90 13.61
N ALA A 10 14.50 10.58 14.13
CA ALA A 10 14.51 12.01 14.50
C ALA A 10 14.74 12.95 13.30
N PHE A 11 14.51 12.42 12.09
CA PHE A 11 14.79 13.11 10.80
C PHE A 11 16.30 13.31 10.61
N GLN A 12 17.07 12.21 10.80
CA GLN A 12 18.54 12.21 10.67
C GLN A 12 19.01 11.15 9.65
N GLY A 13 20.33 11.14 9.38
CA GLY A 13 20.96 10.19 8.47
C GLY A 13 21.01 10.70 7.04
N ARG A 14 20.85 9.78 6.07
CA ARG A 14 20.72 10.15 4.66
C ARG A 14 19.38 10.84 4.45
N SER A 15 19.32 11.78 3.50
CA SER A 15 18.11 12.54 3.21
C SER A 15 17.91 12.57 1.70
N TYR A 16 16.75 12.09 1.22
CA TYR A 16 16.41 12.10 -0.21
C TYR A 16 14.92 12.45 -0.38
N GLU A 17 14.64 13.28 -1.39
CA GLU A 17 13.27 13.71 -1.73
C GLU A 17 12.95 13.22 -3.15
N THR A 18 11.81 12.54 -3.31
CA THR A 18 11.29 12.12 -4.63
C THR A 18 9.82 12.53 -4.75
N THR A 19 9.39 12.76 -5.99
CA THR A 19 8.02 13.14 -6.34
C THR A 19 7.41 12.06 -7.26
N THR A 20 8.29 11.36 -8.00
CA THR A 20 7.92 10.38 -9.02
C THR A 20 8.21 8.94 -8.51
N ASP A 21 7.78 7.93 -9.30
CA ASP A 21 8.17 6.51 -9.11
C ASP A 21 9.70 6.35 -9.25
N CYS A 22 10.23 5.27 -8.63
CA CYS A 22 11.63 4.89 -8.73
C CYS A 22 11.76 3.40 -8.35
N PRO A 23 12.11 2.49 -9.32
CA PRO A 23 12.29 1.04 -9.05
C PRO A 23 13.48 0.77 -8.10
N ASN A 24 14.54 1.59 -8.22
CA ASN A 24 15.78 1.41 -7.48
C ASN A 24 16.13 2.70 -6.71
N LEU A 25 15.63 2.78 -5.47
CA LEU A 25 16.04 3.83 -4.49
C LEU A 25 17.41 3.49 -3.85
N GLN A 26 17.97 2.29 -4.21
CA GLN A 26 19.28 1.79 -3.73
C GLN A 26 20.43 2.86 -3.75
N PRO A 27 20.71 3.59 -4.92
CA PRO A 27 21.84 4.57 -5.00
C PRO A 27 21.68 5.78 -4.07
N TYR A 28 20.44 5.98 -3.59
CA TYR A 28 20.09 7.11 -2.71
C TYR A 28 20.17 6.65 -1.24
N PHE A 29 19.44 5.57 -0.93
CA PHE A 29 19.34 4.99 0.43
C PHE A 29 18.86 3.53 0.36
N SER A 30 18.87 2.84 1.50
CA SER A 30 18.40 1.43 1.61
C SER A 30 17.26 1.31 2.65
N ARG A 31 17.18 2.30 3.55
CA ARG A 31 16.19 2.31 4.65
C ARG A 31 15.67 3.74 4.87
N CYS A 32 14.67 3.85 5.75
CA CYS A 32 14.05 5.13 6.12
C CYS A 32 13.37 4.97 7.48
N ASN A 33 14.16 5.21 8.56
CA ASN A 33 13.69 5.00 9.95
C ASN A 33 12.88 6.19 10.46
N SER A 34 12.96 7.34 9.76
CA SER A 34 12.05 8.47 9.95
C SER A 34 11.77 9.08 8.59
N ILE A 35 10.59 9.69 8.43
CA ILE A 35 10.11 10.10 7.12
C ILE A 35 9.10 11.26 7.27
N ARG A 36 9.31 12.34 6.51
CA ARG A 36 8.37 13.46 6.49
C ARG A 36 7.66 13.48 5.15
N VAL A 37 6.38 13.12 5.19
CA VAL A 37 5.47 13.31 4.08
C VAL A 37 5.03 14.78 4.06
N GLU A 38 5.43 15.50 3.01
CA GLU A 38 5.03 16.91 2.78
C GLU A 38 3.54 16.92 2.39
N SER A 39 3.24 16.23 1.26
CA SER A 39 1.86 16.01 0.80
C SER A 39 1.85 14.93 -0.30
N GLY A 40 0.78 14.13 -0.32
CA GLY A 40 0.61 13.04 -1.29
C GLY A 40 0.42 11.69 -0.62
N CYS A 41 0.27 10.65 -1.46
CA CYS A 41 0.12 9.25 -1.02
C CYS A 41 0.92 8.34 -1.98
N TRP A 42 1.89 7.58 -1.45
CA TRP A 42 2.77 6.72 -2.26
C TRP A 42 2.74 5.31 -1.70
N MET A 43 2.92 4.32 -2.57
CA MET A 43 3.17 2.94 -2.15
C MET A 43 4.69 2.73 -2.12
N LEU A 44 5.26 2.75 -0.91
CA LEU A 44 6.68 2.48 -0.65
C LEU A 44 6.90 0.97 -0.53
N TYR A 45 7.92 0.48 -1.21
CA TYR A 45 8.26 -0.94 -1.26
C TYR A 45 9.52 -1.20 -0.46
N GLU A 46 9.50 -2.32 0.29
CA GLU A 46 10.60 -2.81 1.12
C GLU A 46 11.85 -3.12 0.28
N ARG A 47 11.60 -3.66 -0.93
CA ARG A 47 12.66 -4.14 -1.85
C ARG A 47 12.52 -3.41 -3.21
N PRO A 48 13.63 -3.36 -4.05
CA PRO A 48 13.59 -2.69 -5.39
C PRO A 48 12.75 -3.50 -6.40
N ASN A 49 12.63 -2.95 -7.64
CA ASN A 49 11.85 -3.54 -8.74
C ASN A 49 10.35 -3.66 -8.36
N TYR A 50 9.94 -2.80 -7.40
CA TYR A 50 8.58 -2.80 -6.81
C TYR A 50 8.25 -4.17 -6.16
N GLN A 51 9.05 -4.57 -5.15
CA GLN A 51 8.91 -5.87 -4.45
C GLN A 51 8.85 -5.70 -2.92
N GLY A 52 8.57 -6.82 -2.25
CA GLY A 52 8.58 -6.90 -0.79
C GLY A 52 7.29 -6.41 -0.15
N GLN A 53 7.39 -5.98 1.12
CA GLN A 53 6.27 -5.39 1.86
C GLN A 53 5.98 -3.97 1.35
N GLN A 54 4.70 -3.69 1.07
CA GLN A 54 4.26 -2.40 0.50
C GLN A 54 3.68 -1.52 1.63
N TYR A 55 3.74 -0.16 1.47
CA TYR A 55 3.44 0.81 2.55
C TYR A 55 2.83 2.12 1.99
N LEU A 56 1.54 2.39 2.27
CA LEU A 56 0.91 3.68 1.93
C LEU A 56 1.32 4.72 2.99
N LEU A 57 2.17 5.68 2.59
CA LEU A 57 2.55 6.83 3.43
C LEU A 57 1.56 7.99 3.21
N ARG A 58 0.81 8.29 4.27
CA ARG A 58 -0.19 9.37 4.31
C ARG A 58 0.50 10.66 4.81
N ARG A 59 -0.25 11.79 4.84
CA ARG A 59 0.26 13.07 5.37
C ARG A 59 0.79 12.91 6.83
N GLY A 60 2.04 13.39 7.09
CA GLY A 60 2.55 13.42 8.46
C GLY A 60 4.06 13.48 8.56
N GLU A 61 4.53 14.21 9.58
CA GLU A 61 5.93 14.22 10.01
C GLU A 61 6.09 13.05 11.00
N TYR A 62 6.64 11.95 10.52
CA TYR A 62 6.84 10.74 11.34
C TYR A 62 8.33 10.67 11.78
N PRO A 63 8.64 10.94 13.09
CA PRO A 63 10.03 10.94 13.60
C PRO A 63 10.62 9.52 13.81
N ASP A 64 9.79 8.50 13.54
CA ASP A 64 10.18 7.10 13.59
C ASP A 64 9.22 6.26 12.72
N TYR A 65 9.71 5.10 12.27
CA TYR A 65 8.98 4.18 11.38
C TYR A 65 7.81 3.49 12.11
N GLN A 66 7.96 3.33 13.45
CA GLN A 66 6.93 2.69 14.31
C GLN A 66 5.67 3.59 14.42
N GLN A 67 5.85 4.90 14.17
CA GLN A 67 4.77 5.91 14.23
C GLN A 67 3.74 5.69 13.09
N TRP A 68 4.22 5.40 11.87
CA TRP A 68 3.33 5.08 10.71
C TRP A 68 3.15 3.56 10.53
N MET A 69 3.52 2.79 11.58
CA MET A 69 3.30 1.32 11.65
C MET A 69 4.10 0.56 10.58
N GLY A 70 5.27 1.10 10.20
CA GLY A 70 6.22 0.41 9.33
C GLY A 70 6.74 -0.87 9.98
N LEU A 71 6.48 -2.03 9.34
CA LEU A 71 6.90 -3.35 9.86
C LEU A 71 8.42 -3.49 9.72
N SER A 72 8.91 -3.11 8.55
CA SER A 72 10.35 -2.99 8.27
C SER A 72 10.63 -1.55 7.84
N ASP A 73 11.76 -1.00 8.33
CA ASP A 73 12.18 0.38 8.02
C ASP A 73 12.81 0.49 6.62
N SER A 74 13.22 -0.66 6.05
CA SER A 74 13.79 -0.75 4.70
C SER A 74 12.79 -0.28 3.63
N ILE A 75 13.22 0.72 2.84
CA ILE A 75 12.49 1.24 1.67
C ILE A 75 13.51 1.36 0.52
N ARG A 76 13.29 0.59 -0.56
CA ARG A 76 14.23 0.50 -1.71
C ARG A 76 13.52 0.70 -3.06
N SER A 77 12.20 1.03 -3.02
CA SER A 77 11.43 1.35 -4.23
C SER A 77 10.19 2.20 -3.83
N CYS A 78 9.61 2.92 -4.81
CA CYS A 78 8.49 3.85 -4.55
C CYS A 78 7.59 4.02 -5.79
N CYS A 79 6.27 4.14 -5.55
CA CYS A 79 5.27 4.43 -6.60
C CYS A 79 4.39 5.61 -6.16
N LEU A 80 4.35 6.68 -6.98
CA LEU A 80 3.45 7.82 -6.74
C LEU A 80 2.00 7.40 -7.05
N ILE A 81 1.18 7.24 -6.00
CA ILE A 81 -0.21 6.77 -6.13
C ILE A 81 -1.18 7.96 -5.94
N PRO A 82 -1.70 8.57 -7.06
CA PRO A 82 -2.50 9.81 -6.98
C PRO A 82 -3.97 9.54 -6.62
N GLN A 83 -4.78 10.63 -6.64
CA GLN A 83 -6.21 10.57 -6.41
C GLN A 83 -6.91 9.92 -7.63
N THR A 84 -8.06 9.29 -7.38
CA THR A 84 -8.92 8.68 -8.39
C THR A 84 -10.38 9.10 -8.10
N VAL A 85 -11.09 9.53 -9.16
CA VAL A 85 -12.39 10.22 -9.07
C VAL A 85 -13.49 9.31 -8.46
N SER A 86 -13.38 8.00 -8.70
CA SER A 86 -14.30 6.99 -8.16
C SER A 86 -13.49 5.77 -7.70
N HIS A 87 -14.01 5.06 -6.68
CA HIS A 87 -13.36 3.87 -6.10
C HIS A 87 -14.38 2.73 -6.02
N ARG A 88 -14.27 1.76 -6.93
CA ARG A 88 -15.18 0.60 -6.99
C ARG A 88 -14.36 -0.68 -7.21
N LEU A 89 -14.55 -1.65 -6.32
CA LEU A 89 -13.79 -2.91 -6.24
C LEU A 89 -14.76 -4.10 -6.10
N ARG A 90 -14.43 -5.25 -6.68
CA ARG A 90 -15.21 -6.49 -6.58
C ARG A 90 -14.31 -7.65 -6.10
N LEU A 91 -14.53 -8.05 -4.84
CA LEU A 91 -13.81 -9.15 -4.19
C LEU A 91 -14.37 -10.50 -4.67
N TYR A 92 -13.49 -11.37 -5.19
CA TYR A 92 -13.86 -12.73 -5.62
C TYR A 92 -13.26 -13.76 -4.65
N GLU A 93 -14.11 -14.70 -4.23
CA GLU A 93 -13.75 -15.79 -3.32
C GLU A 93 -12.85 -16.81 -4.01
N ARG A 94 -13.00 -16.98 -5.34
CA ARG A 94 -12.15 -17.90 -6.14
C ARG A 94 -11.45 -17.13 -7.27
N GLU A 95 -10.29 -17.65 -7.70
CA GLU A 95 -9.43 -17.03 -8.73
C GLU A 95 -10.09 -17.04 -10.12
N ASP A 96 -9.51 -16.22 -11.02
CA ASP A 96 -10.02 -15.97 -12.38
C ASP A 96 -11.46 -15.44 -12.36
N HIS A 97 -11.77 -14.64 -11.31
CA HIS A 97 -13.01 -13.85 -11.20
C HIS A 97 -14.23 -14.77 -10.98
N LYS A 98 -14.09 -15.73 -10.06
CA LYS A 98 -15.12 -16.74 -9.79
C LYS A 98 -15.44 -16.82 -8.29
N GLY A 99 -16.24 -17.83 -7.91
CA GLY A 99 -16.71 -18.01 -6.54
C GLY A 99 -17.75 -16.96 -6.17
N LEU A 100 -17.74 -16.54 -4.90
CA LEU A 100 -18.59 -15.43 -4.42
C LEU A 100 -18.00 -14.08 -4.91
N MET A 101 -18.81 -13.30 -5.62
CA MET A 101 -18.47 -11.92 -6.02
C MET A 101 -19.15 -10.96 -5.04
N MET A 102 -18.43 -9.95 -4.56
CA MET A 102 -18.97 -8.95 -3.62
C MET A 102 -18.36 -7.58 -3.92
N GLU A 103 -19.20 -6.62 -4.36
CA GLU A 103 -18.77 -5.24 -4.64
C GLU A 103 -18.43 -4.50 -3.34
N LEU A 104 -17.65 -3.43 -3.50
CA LEU A 104 -17.18 -2.60 -2.38
C LEU A 104 -16.74 -1.24 -2.94
N SER A 105 -17.25 -0.17 -2.34
CA SER A 105 -16.96 1.22 -2.78
C SER A 105 -16.53 2.08 -1.58
N GLU A 106 -16.48 1.47 -0.39
CA GLU A 106 -16.07 2.13 0.88
C GLU A 106 -14.82 1.43 1.44
N ASP A 107 -14.11 2.11 2.36
CA ASP A 107 -12.99 1.51 3.10
C ASP A 107 -13.54 0.36 3.97
N CYS A 108 -13.06 -0.87 3.77
CA CYS A 108 -13.46 -2.02 4.61
C CYS A 108 -12.52 -2.07 5.83
N PRO A 109 -13.05 -1.85 7.08
CA PRO A 109 -12.20 -1.78 8.30
C PRO A 109 -11.66 -3.16 8.73
N SER A 110 -12.43 -4.24 8.45
CA SER A 110 -12.12 -5.60 8.91
C SER A 110 -12.87 -6.64 8.03
N ILE A 111 -12.20 -7.17 6.98
CA ILE A 111 -12.81 -8.12 6.01
C ILE A 111 -13.33 -9.39 6.72
N GLN A 112 -12.53 -9.86 7.70
CA GLN A 112 -12.87 -11.03 8.53
C GLN A 112 -14.12 -10.77 9.40
N ASP A 113 -14.28 -9.53 9.87
CA ASP A 113 -15.41 -9.15 10.74
C ASP A 113 -16.60 -8.61 9.92
N ARG A 114 -16.46 -8.55 8.57
CA ARG A 114 -17.56 -8.11 7.66
C ARG A 114 -18.19 -9.32 6.97
N PHE A 115 -17.38 -10.07 6.21
CA PHE A 115 -17.87 -11.22 5.41
C PHE A 115 -17.15 -12.53 5.82
N HIS A 116 -16.20 -12.43 6.78
CA HIS A 116 -15.39 -13.58 7.28
C HIS A 116 -14.44 -14.14 6.21
N LEU A 117 -14.09 -13.33 5.18
CA LEU A 117 -13.10 -13.73 4.17
C LEU A 117 -11.72 -13.73 4.82
N SER A 118 -11.14 -14.94 4.98
CA SER A 118 -9.82 -15.13 5.56
C SER A 118 -8.73 -14.83 4.51
N GLU A 119 -9.08 -15.08 3.24
CA GLU A 119 -8.17 -14.94 2.10
C GLU A 119 -8.90 -14.29 0.90
N ILE A 120 -8.20 -13.39 0.19
CA ILE A 120 -8.62 -12.82 -1.09
C ILE A 120 -7.89 -13.55 -2.22
N ARG A 121 -8.65 -14.06 -3.20
CA ARG A 121 -8.10 -14.83 -4.34
C ARG A 121 -7.86 -13.91 -5.53
N SER A 122 -8.94 -13.28 -6.02
CA SER A 122 -8.89 -12.39 -7.18
C SER A 122 -9.77 -11.17 -6.92
N LEU A 123 -9.47 -10.06 -7.63
CA LEU A 123 -10.15 -8.77 -7.46
C LEU A 123 -10.53 -8.18 -8.82
N HIS A 124 -11.46 -7.23 -8.81
CA HIS A 124 -11.77 -6.41 -9.98
C HIS A 124 -11.91 -4.97 -9.51
N VAL A 125 -10.82 -4.23 -9.58
CA VAL A 125 -10.85 -2.80 -9.32
C VAL A 125 -11.34 -2.10 -10.60
N LEU A 126 -12.66 -1.77 -10.65
CA LEU A 126 -13.28 -1.06 -11.79
C LEU A 126 -12.64 0.32 -11.95
N GLU A 127 -12.44 0.96 -10.80
CA GLU A 127 -11.89 2.30 -10.70
C GLU A 127 -11.33 2.48 -9.29
N GLY A 128 -10.39 3.39 -9.15
CA GLY A 128 -9.87 3.77 -7.85
C GLY A 128 -8.58 3.07 -7.50
N CYS A 129 -7.65 3.81 -6.93
CA CYS A 129 -6.49 3.24 -6.28
C CYS A 129 -6.94 2.75 -4.89
N TRP A 130 -7.00 1.43 -4.72
CA TRP A 130 -7.29 0.78 -3.42
C TRP A 130 -5.98 0.23 -2.84
N VAL A 131 -6.04 -0.27 -1.59
CA VAL A 131 -4.92 -0.92 -0.88
C VAL A 131 -5.49 -2.03 0.03
N LEU A 132 -5.01 -3.27 -0.17
CA LEU A 132 -5.31 -4.42 0.71
C LEU A 132 -4.31 -4.40 1.88
N TYR A 133 -4.74 -4.87 3.06
CA TYR A 133 -3.90 -4.92 4.28
C TYR A 133 -3.93 -6.33 4.86
N GLU A 134 -2.78 -6.75 5.41
CA GLU A 134 -2.61 -8.05 6.08
C GLU A 134 -3.55 -8.16 7.30
N LEU A 135 -3.34 -7.29 8.30
CA LEU A 135 -4.22 -7.23 9.49
C LEU A 135 -5.41 -6.27 9.22
N PRO A 136 -6.55 -6.45 9.95
CA PRO A 136 -7.62 -5.42 10.04
C PRO A 136 -7.11 -4.08 10.64
N ASN A 137 -8.02 -3.10 10.72
CA ASN A 137 -7.74 -1.77 11.29
C ASN A 137 -6.69 -1.00 10.45
N TYR A 138 -6.61 -1.37 9.15
CA TYR A 138 -5.69 -0.78 8.16
C TYR A 138 -4.23 -0.95 8.60
N ARG A 139 -3.91 -2.17 9.11
CA ARG A 139 -2.59 -2.53 9.65
C ARG A 139 -1.99 -3.73 8.90
N GLY A 140 -0.69 -3.98 9.13
CA GLY A 140 0.02 -5.11 8.55
C GLY A 140 0.64 -4.79 7.20
N ARG A 141 1.15 -5.84 6.52
CA ARG A 141 1.74 -5.75 5.17
C ARG A 141 0.67 -5.31 4.15
N GLN A 142 0.90 -4.16 3.51
CA GLN A 142 -0.07 -3.56 2.58
C GLN A 142 0.20 -4.08 1.15
N TYR A 143 -0.79 -3.87 0.26
CA TYR A 143 -0.76 -4.36 -1.13
C TYR A 143 -1.52 -3.34 -2.01
N LEU A 144 -0.84 -2.76 -3.01
CA LEU A 144 -1.43 -1.72 -3.89
C LEU A 144 -2.40 -2.38 -4.89
N LEU A 145 -3.63 -1.83 -4.97
CA LEU A 145 -4.69 -2.32 -5.85
C LEU A 145 -5.05 -1.23 -6.89
N ARG A 146 -4.37 -1.27 -8.04
CA ARG A 146 -4.58 -0.31 -9.14
C ARG A 146 -5.86 -0.66 -9.93
N PRO A 147 -6.54 0.35 -10.59
CA PRO A 147 -7.72 0.10 -11.45
C PRO A 147 -7.44 -0.93 -12.59
N GLN A 148 -7.76 -2.21 -12.28
CA GLN A 148 -7.69 -3.35 -13.23
C GLN A 148 -8.32 -4.58 -12.56
N GLU A 149 -8.60 -5.62 -13.36
CA GLU A 149 -9.15 -6.88 -12.84
C GLU A 149 -8.01 -7.88 -12.54
N TYR A 150 -7.62 -7.95 -11.26
CA TYR A 150 -6.59 -8.88 -10.77
C TYR A 150 -7.08 -10.32 -10.86
N ARG A 151 -6.44 -11.11 -11.74
CA ARG A 151 -6.87 -12.50 -12.04
C ARG A 151 -6.62 -13.43 -10.84
N ARG A 152 -5.65 -13.06 -10.00
CA ARG A 152 -5.27 -13.83 -8.80
C ARG A 152 -4.30 -13.01 -7.94
N CYS A 153 -3.85 -13.61 -6.82
CA CYS A 153 -2.94 -12.96 -5.85
C CYS A 153 -1.59 -12.57 -6.48
N GLN A 154 -1.14 -13.39 -7.46
CA GLN A 154 0.15 -13.18 -8.17
C GLN A 154 0.18 -11.84 -8.92
N ASP A 155 -1.00 -11.34 -9.34
CA ASP A 155 -1.14 -10.09 -10.10
C ASP A 155 -0.62 -8.86 -9.32
N TRP A 156 -1.08 -8.67 -8.06
CA TRP A 156 -0.65 -7.50 -7.23
C TRP A 156 0.63 -7.79 -6.42
N GLY A 157 1.27 -8.95 -6.73
CA GLY A 157 2.53 -9.34 -6.09
C GLY A 157 2.34 -9.71 -4.63
N ALA A 158 1.26 -10.45 -4.33
CA ALA A 158 0.92 -10.88 -2.98
C ALA A 158 1.94 -11.91 -2.49
N MET A 159 2.56 -11.62 -1.35
CA MET A 159 3.41 -12.57 -0.61
C MET A 159 2.56 -13.80 -0.21
N ASP A 160 1.27 -13.52 0.07
CA ASP A 160 0.22 -14.53 0.35
C ASP A 160 -1.15 -13.84 0.29
N ALA A 161 -2.22 -14.66 0.41
CA ALA A 161 -3.60 -14.24 0.12
C ALA A 161 -4.34 -13.66 1.35
N LYS A 162 -3.61 -13.30 2.43
CA LYS A 162 -4.20 -12.80 3.70
C LYS A 162 -5.16 -11.61 3.48
N ALA A 163 -6.33 -11.66 4.15
CA ALA A 163 -7.37 -10.62 4.07
C ALA A 163 -7.59 -10.00 5.45
N GLY A 164 -7.34 -8.67 5.55
CA GLY A 164 -7.49 -7.94 6.80
C GLY A 164 -8.39 -6.71 6.66
N SER A 165 -8.03 -5.81 5.74
CA SER A 165 -8.82 -4.57 5.46
C SER A 165 -8.52 -3.99 4.05
N LEU A 166 -9.50 -3.21 3.49
CA LEU A 166 -9.31 -2.42 2.24
C LEU A 166 -9.39 -0.91 2.56
N ARG A 167 -8.57 -0.11 1.88
CA ARG A 167 -8.59 1.36 1.96
C ARG A 167 -8.50 1.97 0.56
N ARG A 168 -9.29 3.01 0.34
CA ARG A 168 -9.26 3.82 -0.87
C ARG A 168 -8.20 4.92 -0.70
N VAL A 169 -7.26 5.00 -1.65
CA VAL A 169 -6.26 6.08 -1.71
C VAL A 169 -6.97 7.42 -2.04
N VAL A 170 -7.36 8.11 -0.97
CA VAL A 170 -7.76 9.51 -1.02
C VAL A 170 -6.49 10.35 -0.78
N ASP A 171 -5.99 10.99 -1.86
CA ASP A 171 -4.72 11.75 -1.82
C ASP A 171 -4.78 12.87 -0.77
N LEU A 172 -4.06 12.68 0.34
CA LEU A 172 -4.00 13.65 1.42
C LEU A 172 -2.92 14.66 1.11
N TYR A 173 -3.32 15.92 0.91
CA TYR A 173 -2.39 17.01 0.57
C TYR A 173 -2.23 17.95 1.80
N GLY A 1 1.00 16.75 -2.90
CA GLY A 1 1.51 15.37 -2.81
C GLY A 1 3.00 15.29 -3.08
N LYS A 2 3.78 14.90 -2.05
CA LYS A 2 5.25 14.84 -2.13
C LYS A 2 5.79 14.00 -0.97
N ILE A 3 6.94 13.36 -1.20
CA ILE A 3 7.59 12.44 -0.25
C ILE A 3 9.12 12.66 -0.26
N THR A 4 9.77 12.57 0.91
CA THR A 4 11.23 12.74 1.04
C THR A 4 11.77 11.75 2.10
N PHE A 5 12.76 10.95 1.70
CA PHE A 5 13.36 9.87 2.51
C PHE A 5 14.57 10.38 3.29
N TYR A 6 14.79 9.79 4.48
CA TYR A 6 15.97 10.06 5.33
C TYR A 6 16.38 8.74 6.00
N GLU A 7 17.60 8.23 5.68
CA GLU A 7 18.09 6.93 6.24
C GLU A 7 18.26 6.98 7.76
N ASP A 8 18.62 8.14 8.30
CA ASP A 8 18.74 8.35 9.76
C ASP A 8 17.45 8.96 10.29
N ARG A 9 17.26 8.84 11.61
CA ARG A 9 16.11 9.41 12.32
C ARG A 9 16.31 10.93 12.50
N ALA A 10 15.27 11.63 12.99
CA ALA A 10 15.25 13.10 13.18
C ALA A 10 15.38 13.87 11.85
N PHE A 11 15.03 13.18 10.73
CA PHE A 11 15.12 13.69 9.34
C PHE A 11 16.58 13.94 8.92
N GLN A 12 17.49 13.04 9.33
CA GLN A 12 18.94 13.15 9.02
C GLN A 12 19.38 12.06 8.02
N GLY A 13 20.67 12.09 7.66
CA GLY A 13 21.27 11.08 6.80
C GLY A 13 21.02 11.31 5.32
N ARG A 14 20.99 10.21 4.55
CA ARG A 14 20.83 10.24 3.09
C ARG A 14 19.41 10.71 2.74
N SER A 15 19.34 11.93 2.21
CA SER A 15 18.09 12.60 1.89
C SER A 15 17.78 12.46 0.40
N TYR A 16 16.61 11.91 0.06
CA TYR A 16 16.17 11.77 -1.33
C TYR A 16 14.70 12.18 -1.47
N GLU A 17 14.47 13.32 -2.13
CA GLU A 17 13.14 13.83 -2.46
C GLU A 17 12.61 13.06 -3.69
N THR A 18 11.28 12.79 -3.72
CA THR A 18 10.63 11.98 -4.76
C THR A 18 9.21 12.50 -5.01
N THR A 19 8.79 12.56 -6.28
CA THR A 19 7.40 12.90 -6.68
C THR A 19 6.90 11.89 -7.77
N THR A 20 7.71 10.87 -8.11
CA THR A 20 7.33 9.81 -9.09
C THR A 20 7.50 8.40 -8.49
N ASP A 21 7.06 7.37 -9.24
CA ASP A 21 7.33 5.94 -8.93
C ASP A 21 8.83 5.64 -9.13
N CYS A 22 9.35 4.60 -8.45
CA CYS A 22 10.76 4.20 -8.58
C CYS A 22 10.92 2.71 -8.20
N PRO A 23 11.11 1.80 -9.21
CA PRO A 23 11.36 0.36 -8.97
C PRO A 23 12.58 0.11 -8.08
N ASN A 24 13.67 0.87 -8.32
CA ASN A 24 14.96 0.67 -7.65
C ASN A 24 15.41 1.98 -6.98
N LEU A 25 15.23 2.06 -5.65
CA LEU A 25 15.77 3.15 -4.82
C LEU A 25 17.23 2.84 -4.40
N GLN A 26 17.79 1.70 -4.90
CA GLN A 26 19.17 1.23 -4.61
C GLN A 26 20.28 2.28 -4.92
N PRO A 27 20.28 2.99 -6.11
CA PRO A 27 21.30 4.05 -6.40
C PRO A 27 21.07 5.37 -5.63
N TYR A 28 20.19 5.33 -4.62
CA TYR A 28 19.85 6.50 -3.79
C TYR A 28 20.10 6.16 -2.30
N PHE A 29 19.53 5.03 -1.85
CA PHE A 29 19.64 4.53 -0.45
C PHE A 29 19.22 3.04 -0.36
N SER A 30 19.24 2.47 0.86
CA SER A 30 18.74 1.09 1.13
C SER A 30 17.63 1.08 2.20
N ARG A 31 17.56 2.17 3.00
CA ARG A 31 16.64 2.26 4.15
C ARG A 31 16.15 3.70 4.33
N CYS A 32 15.19 3.87 5.24
CA CYS A 32 14.58 5.17 5.54
C CYS A 32 13.98 5.09 6.94
N ASN A 33 14.75 5.52 7.94
CA ASN A 33 14.33 5.43 9.37
C ASN A 33 13.40 6.58 9.73
N SER A 34 13.43 7.69 8.95
CA SER A 34 12.49 8.80 9.09
C SER A 34 12.08 9.28 7.69
N ILE A 35 10.82 9.70 7.54
CA ILE A 35 10.28 10.06 6.22
C ILE A 35 9.39 11.32 6.36
N ARG A 36 9.64 12.33 5.53
CA ARG A 36 8.84 13.55 5.50
C ARG A 36 7.87 13.46 4.34
N VAL A 37 6.63 13.07 4.64
CA VAL A 37 5.53 13.06 3.67
C VAL A 37 4.76 14.39 3.79
N GLU A 38 4.85 15.21 2.73
CA GLU A 38 4.12 16.49 2.63
C GLU A 38 2.60 16.23 2.66
N SER A 39 2.17 15.26 1.85
CA SER A 39 0.76 14.87 1.65
C SER A 39 0.69 13.66 0.70
N GLY A 40 -0.43 12.90 0.74
CA GLY A 40 -0.69 11.82 -0.22
C GLY A 40 -0.76 10.42 0.38
N CYS A 41 -1.04 9.42 -0.48
CA CYS A 41 -1.13 8.00 -0.10
C CYS A 41 -0.03 7.21 -0.82
N TRP A 42 1.16 7.13 -0.21
CA TRP A 42 2.35 6.56 -0.87
C TRP A 42 2.59 5.12 -0.42
N MET A 43 2.83 4.23 -1.39
CA MET A 43 3.04 2.80 -1.14
C MET A 43 4.53 2.45 -1.28
N LEU A 44 5.21 2.41 -0.12
CA LEU A 44 6.63 2.10 -0.02
C LEU A 44 6.85 0.60 0.10
N TYR A 45 7.82 0.09 -0.66
CA TYR A 45 8.18 -1.33 -0.67
C TYR A 45 9.50 -1.53 0.06
N GLU A 46 9.51 -2.56 0.91
CA GLU A 46 10.64 -2.96 1.74
C GLU A 46 11.87 -3.31 0.89
N ARG A 47 11.62 -4.07 -0.20
CA ARG A 47 12.66 -4.60 -1.09
C ARG A 47 12.52 -3.98 -2.50
N PRO A 48 13.60 -3.99 -3.37
CA PRO A 48 13.55 -3.36 -4.71
C PRO A 48 12.69 -4.17 -5.70
N ASN A 49 12.52 -3.60 -6.92
CA ASN A 49 11.74 -4.21 -8.02
C ASN A 49 10.28 -4.54 -7.59
N TYR A 50 9.77 -3.71 -6.65
CA TYR A 50 8.40 -3.82 -6.08
C TYR A 50 8.19 -5.16 -5.35
N GLN A 51 9.06 -5.44 -4.36
CA GLN A 51 9.02 -6.70 -3.56
C GLN A 51 8.98 -6.41 -2.05
N GLY A 52 8.77 -7.49 -1.27
CA GLY A 52 8.76 -7.42 0.20
C GLY A 52 7.46 -6.92 0.78
N GLN A 53 7.52 -6.39 2.00
CA GLN A 53 6.35 -5.79 2.69
C GLN A 53 6.02 -4.42 2.09
N GLN A 54 4.73 -4.12 1.94
CA GLN A 54 4.26 -2.84 1.38
C GLN A 54 3.74 -1.96 2.53
N TYR A 55 3.94 -0.64 2.42
CA TYR A 55 3.69 0.34 3.51
C TYR A 55 2.89 1.52 2.96
N LEU A 56 1.67 1.75 3.50
CA LEU A 56 0.91 2.96 3.16
C LEU A 56 1.36 4.06 4.14
N LEU A 57 2.20 4.97 3.62
CA LEU A 57 2.59 6.19 4.32
C LEU A 57 1.58 7.28 4.01
N ARG A 58 0.95 7.79 5.06
CA ARG A 58 -0.01 8.90 4.99
C ARG A 58 0.74 10.23 5.09
N ARG A 59 0.00 11.34 4.99
CA ARG A 59 0.54 12.68 5.25
C ARG A 59 1.07 12.74 6.70
N GLY A 60 2.33 13.12 6.84
CA GLY A 60 2.95 13.26 8.14
C GLY A 60 4.44 13.37 8.01
N GLU A 61 5.02 14.22 8.83
CA GLU A 61 6.45 14.34 8.96
C GLU A 61 6.90 13.40 10.09
N TYR A 62 7.18 12.14 9.71
CA TYR A 62 7.49 11.06 10.66
C TYR A 62 9.01 11.10 10.97
N PRO A 63 9.43 11.53 12.19
CA PRO A 63 10.87 11.67 12.56
C PRO A 63 11.52 10.33 12.95
N ASP A 64 10.75 9.21 12.84
CA ASP A 64 11.27 7.85 13.03
C ASP A 64 10.24 6.82 12.53
N TYR A 65 10.69 5.55 12.41
CA TYR A 65 9.89 4.45 11.84
C TYR A 65 8.75 4.03 12.77
N GLN A 66 8.98 4.08 14.09
CA GLN A 66 7.95 3.72 15.11
C GLN A 66 6.75 4.66 15.02
N GLN A 67 6.98 5.89 14.53
CA GLN A 67 5.95 6.92 14.36
C GLN A 67 4.83 6.44 13.41
N TRP A 68 5.20 5.76 12.28
CA TRP A 68 4.20 5.19 11.33
C TRP A 68 3.97 3.69 11.57
N MET A 69 4.56 3.16 12.68
CA MET A 69 4.45 1.73 13.10
C MET A 69 5.11 0.80 12.06
N GLY A 70 6.24 1.30 11.50
CA GLY A 70 7.00 0.62 10.47
C GLY A 70 7.55 -0.73 10.91
N LEU A 71 7.24 -1.78 10.15
CA LEU A 71 7.62 -3.16 10.46
C LEU A 71 9.14 -3.33 10.29
N SER A 72 9.67 -2.72 9.22
CA SER A 72 11.10 -2.49 9.05
C SER A 72 11.29 -1.08 8.44
N ASP A 73 12.44 -0.46 8.73
CA ASP A 73 12.84 0.83 8.17
C ASP A 73 13.37 0.68 6.73
N SER A 74 13.68 -0.57 6.34
CA SER A 74 14.18 -0.91 4.99
C SER A 74 13.18 -0.48 3.90
N ILE A 75 13.59 0.48 3.06
CA ILE A 75 12.79 1.02 1.94
C ILE A 75 13.69 1.03 0.70
N ARG A 76 13.37 0.18 -0.30
CA ARG A 76 14.25 -0.01 -1.48
C ARG A 76 13.47 0.10 -2.80
N SER A 77 12.16 0.40 -2.71
CA SER A 77 11.30 0.65 -3.87
C SER A 77 10.11 1.52 -3.41
N CYS A 78 9.45 2.22 -4.34
CA CYS A 78 8.34 3.14 -4.00
C CYS A 78 7.34 3.26 -5.16
N CYS A 79 6.07 3.45 -4.80
CA CYS A 79 4.97 3.73 -5.74
C CYS A 79 4.25 5.01 -5.31
N LEU A 80 4.02 5.90 -6.27
CA LEU A 80 3.47 7.24 -6.05
C LEU A 80 2.04 7.28 -6.64
N ILE A 81 1.02 6.98 -5.81
CA ILE A 81 -0.39 6.99 -6.25
C ILE A 81 -1.11 8.16 -5.54
N PRO A 82 -1.49 9.25 -6.29
CA PRO A 82 -2.16 10.42 -5.70
C PRO A 82 -3.69 10.22 -5.59
N GLN A 83 -4.40 11.33 -5.30
CA GLN A 83 -5.86 11.36 -5.12
C GLN A 83 -6.61 10.78 -6.33
N THR A 84 -7.63 9.97 -6.03
CA THR A 84 -8.51 9.37 -7.03
C THR A 84 -9.97 9.71 -6.65
N VAL A 85 -10.67 10.40 -7.57
CA VAL A 85 -11.99 11.03 -7.33
C VAL A 85 -13.11 9.99 -7.03
N SER A 86 -12.99 8.82 -7.65
CA SER A 86 -13.94 7.71 -7.50
C SER A 86 -13.17 6.42 -7.17
N HIS A 87 -13.86 5.43 -6.56
CA HIS A 87 -13.28 4.09 -6.30
C HIS A 87 -14.38 3.05 -6.51
N ARG A 88 -14.04 1.95 -7.18
CA ARG A 88 -14.97 0.86 -7.44
C ARG A 88 -14.17 -0.43 -7.68
N LEU A 89 -14.57 -1.50 -6.99
CA LEU A 89 -13.81 -2.76 -6.92
C LEU A 89 -14.78 -3.95 -6.85
N ARG A 90 -14.42 -5.04 -7.53
CA ARG A 90 -15.12 -6.33 -7.41
C ARG A 90 -14.08 -7.38 -6.93
N LEU A 91 -14.34 -7.93 -5.74
CA LEU A 91 -13.51 -8.96 -5.09
C LEU A 91 -13.97 -10.35 -5.57
N TYR A 92 -13.03 -11.28 -5.82
CA TYR A 92 -13.36 -12.64 -6.32
C TYR A 92 -12.73 -13.70 -5.41
N GLU A 93 -13.53 -14.72 -5.08
CA GLU A 93 -13.17 -15.79 -4.14
C GLU A 93 -12.38 -16.93 -4.79
N ARG A 94 -12.37 -16.98 -6.13
CA ARG A 94 -11.51 -17.91 -6.89
C ARG A 94 -10.74 -17.07 -7.92
N GLU A 95 -9.45 -17.44 -8.13
CA GLU A 95 -8.54 -16.76 -9.07
C GLU A 95 -9.09 -16.77 -10.52
N ASP A 96 -8.55 -15.85 -11.34
CA ASP A 96 -8.97 -15.63 -12.73
C ASP A 96 -10.44 -15.16 -12.81
N HIS A 97 -10.86 -14.44 -11.74
CA HIS A 97 -12.16 -13.73 -11.67
C HIS A 97 -13.33 -14.73 -11.71
N LYS A 98 -13.31 -15.67 -10.74
CA LYS A 98 -14.31 -16.75 -10.64
C LYS A 98 -14.82 -16.87 -9.20
N GLY A 99 -15.77 -17.79 -9.00
CA GLY A 99 -16.37 -18.03 -7.68
C GLY A 99 -17.36 -16.94 -7.29
N LEU A 100 -17.37 -16.56 -6.01
CA LEU A 100 -18.17 -15.42 -5.52
C LEU A 100 -17.56 -14.10 -5.99
N MET A 101 -18.42 -13.17 -6.41
CA MET A 101 -18.02 -11.80 -6.77
C MET A 101 -18.74 -10.82 -5.81
N MET A 102 -17.96 -9.91 -5.22
CA MET A 102 -18.43 -8.97 -4.20
C MET A 102 -18.06 -7.55 -4.63
N GLU A 103 -19.06 -6.75 -5.02
CA GLU A 103 -18.85 -5.33 -5.35
C GLU A 103 -18.56 -4.51 -4.07
N LEU A 104 -17.82 -3.41 -4.22
CA LEU A 104 -17.48 -2.50 -3.12
C LEU A 104 -16.94 -1.18 -3.70
N SER A 105 -17.40 -0.05 -3.14
CA SER A 105 -16.93 1.30 -3.52
C SER A 105 -16.66 2.16 -2.25
N GLU A 106 -16.71 1.51 -1.07
CA GLU A 106 -16.52 2.14 0.26
C GLU A 106 -15.33 1.47 0.98
N ASP A 107 -14.80 2.13 2.04
CA ASP A 107 -13.79 1.52 2.93
C ASP A 107 -14.43 0.37 3.73
N CYS A 108 -13.77 -0.80 3.75
CA CYS A 108 -14.23 -1.95 4.54
C CYS A 108 -13.36 -2.07 5.83
N PRO A 109 -13.88 -1.63 7.02
CA PRO A 109 -13.11 -1.64 8.29
C PRO A 109 -12.63 -3.04 8.73
N SER A 110 -13.46 -4.07 8.48
CA SER A 110 -13.16 -5.48 8.85
C SER A 110 -13.91 -6.45 7.91
N ILE A 111 -13.20 -6.94 6.88
CA ILE A 111 -13.77 -7.79 5.80
C ILE A 111 -14.22 -9.17 6.36
N GLN A 112 -13.42 -9.70 7.29
CA GLN A 112 -13.69 -10.97 7.98
C GLN A 112 -14.99 -10.90 8.82
N ASP A 113 -15.32 -9.69 9.30
CA ASP A 113 -16.56 -9.46 10.07
C ASP A 113 -17.74 -9.16 9.14
N ARG A 114 -17.45 -8.75 7.88
CA ARG A 114 -18.49 -8.44 6.88
C ARG A 114 -19.08 -9.72 6.28
N PHE A 115 -18.25 -10.53 5.60
CA PHE A 115 -18.70 -11.76 4.90
C PHE A 115 -17.90 -13.01 5.37
N HIS A 116 -16.85 -12.78 6.19
CA HIS A 116 -15.84 -13.79 6.59
C HIS A 116 -14.98 -14.19 5.40
N LEU A 117 -14.41 -13.16 4.73
CA LEU A 117 -13.42 -13.35 3.67
C LEU A 117 -12.02 -13.29 4.30
N SER A 118 -11.37 -14.47 4.36
CA SER A 118 -10.02 -14.63 4.93
C SER A 118 -8.95 -14.18 3.93
N GLU A 119 -9.24 -14.42 2.64
CA GLU A 119 -8.37 -14.07 1.50
C GLU A 119 -9.23 -13.63 0.31
N ILE A 120 -8.66 -12.79 -0.58
CA ILE A 120 -9.26 -12.49 -1.89
C ILE A 120 -8.30 -12.98 -2.99
N ARG A 121 -8.72 -14.05 -3.68
CA ARG A 121 -7.89 -14.77 -4.66
C ARG A 121 -7.56 -13.90 -5.89
N SER A 122 -8.56 -13.15 -6.39
CA SER A 122 -8.39 -12.25 -7.54
C SER A 122 -9.33 -11.04 -7.39
N LEU A 123 -8.95 -9.89 -7.96
CA LEU A 123 -9.73 -8.63 -7.85
C LEU A 123 -9.93 -8.01 -9.23
N HIS A 124 -10.79 -6.99 -9.29
CA HIS A 124 -10.96 -6.15 -10.46
C HIS A 124 -11.31 -4.73 -10.01
N VAL A 125 -10.27 -3.90 -9.86
CA VAL A 125 -10.43 -2.47 -9.58
C VAL A 125 -10.83 -1.77 -10.90
N LEU A 126 -12.09 -1.30 -10.97
CA LEU A 126 -12.60 -0.59 -12.16
C LEU A 126 -11.97 0.81 -12.26
N GLU A 127 -11.85 1.47 -11.11
CA GLU A 127 -11.45 2.87 -11.01
C GLU A 127 -11.02 3.18 -9.58
N GLY A 128 -10.05 4.10 -9.43
CA GLY A 128 -9.56 4.54 -8.14
C GLY A 128 -8.82 3.45 -7.39
N CYS A 129 -7.49 3.63 -7.21
CA CYS A 129 -6.63 2.65 -6.54
C CYS A 129 -7.10 2.40 -5.08
N TRP A 130 -7.05 1.13 -4.66
CA TRP A 130 -7.33 0.71 -3.27
C TRP A 130 -6.02 0.27 -2.59
N VAL A 131 -6.14 -0.10 -1.31
CA VAL A 131 -5.05 -0.67 -0.50
C VAL A 131 -5.66 -1.73 0.44
N LEU A 132 -5.28 -3.00 0.21
CA LEU A 132 -5.63 -4.12 1.09
C LEU A 132 -4.73 -4.12 2.34
N TYR A 133 -5.28 -4.59 3.45
CA TYR A 133 -4.56 -4.75 4.73
C TYR A 133 -4.66 -6.20 5.18
N GLU A 134 -3.56 -6.69 5.76
CA GLU A 134 -3.45 -8.04 6.33
C GLU A 134 -4.45 -8.22 7.50
N LEU A 135 -4.32 -7.36 8.51
CA LEU A 135 -5.14 -7.42 9.74
C LEU A 135 -6.31 -6.42 9.62
N PRO A 136 -7.54 -6.73 10.15
CA PRO A 136 -8.66 -5.75 10.24
C PRO A 136 -8.29 -4.53 11.10
N ASN A 137 -9.17 -3.50 11.03
CA ASN A 137 -8.97 -2.19 11.69
C ASN A 137 -7.75 -1.46 11.05
N TYR A 138 -7.52 -1.74 9.74
CA TYR A 138 -6.51 -1.03 8.90
C TYR A 138 -5.07 -1.23 9.42
N ARG A 139 -4.81 -2.43 9.96
CA ARG A 139 -3.50 -2.79 10.56
C ARG A 139 -2.82 -3.91 9.75
N GLY A 140 -1.60 -4.29 10.18
CA GLY A 140 -0.82 -5.35 9.53
C GLY A 140 0.03 -4.81 8.38
N ARG A 141 0.33 -5.69 7.42
CA ARG A 141 1.03 -5.31 6.18
C ARG A 141 0.03 -4.78 5.15
N GLN A 142 0.45 -3.76 4.39
CA GLN A 142 -0.38 -3.13 3.35
C GLN A 142 -0.14 -3.81 1.99
N TYR A 143 -1.05 -3.54 1.03
CA TYR A 143 -1.01 -4.09 -0.34
C TYR A 143 -1.66 -3.09 -1.29
N LEU A 144 -0.93 -2.65 -2.34
CA LEU A 144 -1.47 -1.69 -3.32
C LEU A 144 -2.34 -2.45 -4.35
N LEU A 145 -3.54 -1.90 -4.60
CA LEU A 145 -4.52 -2.46 -5.55
C LEU A 145 -4.77 -1.44 -6.68
N ARG A 146 -4.02 -1.59 -7.78
CA ARG A 146 -4.05 -0.67 -8.94
C ARG A 146 -5.28 -0.96 -9.85
N PRO A 147 -5.83 0.10 -10.57
CA PRO A 147 -7.02 -0.02 -11.45
C PRO A 147 -6.80 -0.99 -12.63
N GLN A 148 -7.14 -2.26 -12.39
CA GLN A 148 -6.99 -3.35 -13.36
C GLN A 148 -7.68 -4.61 -12.81
N GLU A 149 -7.72 -5.66 -13.64
CA GLU A 149 -8.23 -6.96 -13.25
C GLU A 149 -7.07 -7.87 -12.80
N TYR A 150 -6.88 -7.97 -11.49
CA TYR A 150 -5.91 -8.93 -10.88
C TYR A 150 -6.40 -10.37 -11.10
N ARG A 151 -5.64 -11.15 -11.88
CA ARG A 151 -5.95 -12.58 -12.13
C ARG A 151 -5.54 -13.48 -10.95
N ARG A 152 -4.71 -12.93 -10.05
CA ARG A 152 -4.11 -13.68 -8.95
C ARG A 152 -3.59 -12.71 -7.87
N CYS A 153 -3.23 -13.29 -6.72
CA CYS A 153 -2.66 -12.56 -5.57
C CYS A 153 -1.21 -12.14 -5.83
N GLN A 154 -0.51 -12.97 -6.61
CA GLN A 154 0.92 -12.80 -6.95
C GLN A 154 1.18 -11.64 -7.95
N ASP A 155 0.10 -11.02 -8.47
CA ASP A 155 0.20 -9.89 -9.42
C ASP A 155 0.90 -8.67 -8.80
N TRP A 156 0.46 -8.28 -7.57
CA TRP A 156 1.08 -7.15 -6.83
C TRP A 156 2.15 -7.66 -5.85
N GLY A 157 2.66 -8.88 -6.12
CA GLY A 157 3.77 -9.47 -5.35
C GLY A 157 3.36 -9.97 -3.97
N ALA A 158 2.06 -10.20 -3.76
CA ALA A 158 1.52 -10.67 -2.47
C ALA A 158 1.81 -12.17 -2.29
N MET A 159 2.62 -12.49 -1.27
CA MET A 159 2.91 -13.88 -0.85
C MET A 159 1.63 -14.58 -0.34
N ASP A 160 0.69 -13.74 0.14
CA ASP A 160 -0.61 -14.17 0.67
C ASP A 160 -1.69 -13.15 0.30
N ALA A 161 -2.93 -13.62 0.16
CA ALA A 161 -4.08 -12.79 -0.25
C ALA A 161 -4.89 -12.28 0.95
N LYS A 162 -4.22 -12.23 2.12
CA LYS A 162 -4.86 -11.98 3.43
C LYS A 162 -5.71 -10.68 3.43
N ALA A 163 -7.01 -10.86 3.70
CA ALA A 163 -8.02 -9.82 3.57
C ALA A 163 -8.63 -9.51 4.95
N GLY A 164 -7.99 -8.56 5.64
CA GLY A 164 -8.45 -8.09 6.94
C GLY A 164 -9.30 -6.84 6.82
N SER A 165 -8.83 -5.86 6.03
CA SER A 165 -9.54 -4.58 5.82
C SER A 165 -9.12 -3.92 4.48
N LEU A 166 -10.05 -3.15 3.89
CA LEU A 166 -9.83 -2.37 2.65
C LEU A 166 -9.96 -0.87 2.91
N ARG A 167 -9.03 -0.08 2.38
CA ARG A 167 -9.12 1.39 2.34
C ARG A 167 -8.82 1.87 0.92
N ARG A 168 -9.49 2.97 0.56
CA ARG A 168 -9.37 3.63 -0.73
C ARG A 168 -8.21 4.65 -0.70
N VAL A 169 -7.46 4.77 -1.82
CA VAL A 169 -6.39 5.79 -1.95
C VAL A 169 -7.04 7.19 -2.10
N VAL A 170 -7.00 7.95 -1.01
CA VAL A 170 -7.60 9.27 -0.91
C VAL A 170 -6.63 10.18 -0.13
N ASP A 171 -6.13 11.23 -0.81
CA ASP A 171 -5.13 12.15 -0.23
C ASP A 171 -5.75 13.04 0.85
N LEU A 172 -5.37 12.78 2.12
CA LEU A 172 -5.73 13.63 3.27
C LEU A 172 -4.48 14.40 3.73
N TYR A 173 -4.69 15.34 4.66
CA TYR A 173 -3.62 16.13 5.29
C TYR A 173 -4.04 16.48 6.75
N GLY A 1 2.01 17.54 -3.31
CA GLY A 1 2.21 16.08 -3.29
C GLY A 1 3.67 15.73 -3.53
N LYS A 2 4.38 15.37 -2.45
CA LYS A 2 5.86 15.21 -2.46
C LYS A 2 6.29 14.37 -1.25
N ILE A 3 7.43 13.67 -1.41
CA ILE A 3 8.00 12.79 -0.36
C ILE A 3 9.54 12.90 -0.36
N THR A 4 10.16 12.76 0.84
CA THR A 4 11.63 12.89 1.01
C THR A 4 12.12 11.89 2.07
N PHE A 5 12.88 10.87 1.64
CA PHE A 5 13.41 9.80 2.51
C PHE A 5 14.68 10.27 3.22
N TYR A 6 14.97 9.66 4.39
CA TYR A 6 16.20 9.88 5.18
C TYR A 6 16.61 8.55 5.83
N GLU A 7 17.87 8.10 5.60
CA GLU A 7 18.36 6.81 6.14
C GLU A 7 18.43 6.80 7.67
N ASP A 8 18.80 7.94 8.27
CA ASP A 8 18.88 8.08 9.75
C ASP A 8 17.62 8.79 10.26
N ARG A 9 17.34 8.65 11.58
CA ARG A 9 16.24 9.38 12.25
C ARG A 9 16.57 10.88 12.32
N ALA A 10 15.61 11.67 12.86
CA ALA A 10 15.77 13.13 13.03
C ALA A 10 16.03 13.85 11.70
N PHE A 11 15.59 13.19 10.59
CA PHE A 11 15.72 13.70 9.22
C PHE A 11 17.20 13.93 8.89
N GLN A 12 17.98 12.85 8.91
CA GLN A 12 19.44 12.91 8.80
C GLN A 12 19.96 11.84 7.81
N GLY A 13 21.24 11.97 7.41
CA GLY A 13 21.89 10.99 6.55
C GLY A 13 21.52 11.18 5.07
N ARG A 14 21.46 10.07 4.33
CA ARG A 14 21.15 10.07 2.88
C ARG A 14 19.68 10.46 2.65
N SER A 15 19.49 11.56 1.90
CA SER A 15 18.17 12.10 1.56
C SER A 15 17.82 11.77 0.10
N TYR A 16 16.53 11.56 -0.17
CA TYR A 16 16.02 11.31 -1.52
C TYR A 16 14.61 11.89 -1.66
N GLU A 17 14.50 13.02 -2.35
CA GLU A 17 13.22 13.68 -2.65
C GLU A 17 12.73 13.18 -4.02
N THR A 18 11.44 12.80 -4.10
CA THR A 18 10.82 12.35 -5.35
C THR A 18 9.31 12.70 -5.37
N THR A 19 8.76 12.78 -6.58
CA THR A 19 7.32 12.99 -6.83
C THR A 19 6.86 12.01 -7.92
N THR A 20 7.58 10.87 -8.05
CA THR A 20 7.32 9.82 -9.07
C THR A 20 7.51 8.42 -8.46
N ASP A 21 6.99 7.38 -9.16
CA ASP A 21 7.16 5.97 -8.77
C ASP A 21 8.63 5.55 -8.99
N CYS A 22 9.22 4.80 -8.05
CA CYS A 22 10.61 4.31 -8.19
C CYS A 22 10.72 2.91 -7.55
N PRO A 23 10.57 1.82 -8.37
CA PRO A 23 10.69 0.41 -7.89
C PRO A 23 12.11 0.01 -7.45
N ASN A 24 13.11 0.82 -7.82
CA ASN A 24 14.52 0.57 -7.48
C ASN A 24 15.10 1.79 -6.74
N LEU A 25 14.87 1.82 -5.41
CA LEU A 25 15.46 2.84 -4.52
C LEU A 25 16.89 2.46 -4.11
N GLN A 26 17.34 1.23 -4.53
CA GLN A 26 18.67 0.64 -4.23
C GLN A 26 19.88 1.61 -4.43
N PRO A 27 20.05 2.30 -5.64
CA PRO A 27 21.25 3.16 -5.90
C PRO A 27 21.31 4.39 -4.97
N TYR A 28 20.15 4.77 -4.41
CA TYR A 28 20.02 5.94 -3.54
C TYR A 28 20.28 5.53 -2.07
N PHE A 29 19.49 4.54 -1.61
CA PHE A 29 19.49 4.07 -0.21
C PHE A 29 18.86 2.67 -0.10
N SER A 30 18.97 2.07 1.09
CA SER A 30 18.34 0.77 1.40
C SER A 30 17.36 0.89 2.58
N ARG A 31 17.53 1.95 3.37
CA ARG A 31 16.86 2.12 4.66
C ARG A 31 16.36 3.55 4.81
N CYS A 32 15.30 3.71 5.58
CA CYS A 32 14.64 5.00 5.79
C CYS A 32 14.09 5.03 7.22
N ASN A 33 14.95 5.49 8.17
CA ASN A 33 14.60 5.57 9.60
C ASN A 33 13.82 6.85 9.93
N SER A 34 13.72 7.80 8.97
CA SER A 34 12.82 8.97 9.08
C SER A 34 12.48 9.48 7.67
N ILE A 35 11.34 10.18 7.54
CA ILE A 35 10.82 10.57 6.21
C ILE A 35 9.82 11.73 6.34
N ARG A 36 9.86 12.65 5.37
CA ARG A 36 8.91 13.76 5.27
C ARG A 36 8.01 13.55 4.07
N VAL A 37 6.74 13.18 4.33
CA VAL A 37 5.70 13.22 3.32
C VAL A 37 5.07 14.61 3.39
N GLU A 38 5.46 15.49 2.45
CA GLU A 38 4.97 16.90 2.35
C GLU A 38 3.44 16.91 2.30
N SER A 39 2.89 16.06 1.41
CA SER A 39 1.45 15.79 1.29
C SER A 39 1.21 14.55 0.44
N GLY A 40 -0.05 14.06 0.45
CA GLY A 40 -0.45 12.90 -0.32
C GLY A 40 -0.46 11.59 0.46
N CYS A 41 -0.81 10.49 -0.23
CA CYS A 41 -0.81 9.13 0.34
C CYS A 41 -0.02 8.18 -0.57
N TRP A 42 1.26 8.00 -0.24
CA TRP A 42 2.21 7.24 -1.09
C TRP A 42 2.42 5.84 -0.50
N MET A 43 2.50 4.83 -1.38
CA MET A 43 2.74 3.44 -0.96
C MET A 43 4.24 3.13 -1.06
N LEU A 44 4.87 2.98 0.10
CA LEU A 44 6.28 2.58 0.23
C LEU A 44 6.36 1.07 0.40
N TYR A 45 7.44 0.48 -0.12
CA TYR A 45 7.62 -0.98 -0.14
C TYR A 45 8.96 -1.33 0.52
N GLU A 46 8.96 -2.46 1.25
CA GLU A 46 10.14 -2.98 1.96
C GLU A 46 11.29 -3.28 0.96
N ARG A 47 10.93 -4.05 -0.07
CA ARG A 47 11.88 -4.63 -1.05
C ARG A 47 11.63 -4.01 -2.44
N PRO A 48 12.63 -4.08 -3.40
CA PRO A 48 12.46 -3.57 -4.78
C PRO A 48 11.43 -4.39 -5.59
N ASN A 49 11.02 -3.84 -6.76
CA ASN A 49 9.99 -4.43 -7.65
C ASN A 49 8.63 -4.55 -6.94
N TYR A 50 8.37 -3.62 -6.00
CA TYR A 50 7.09 -3.51 -5.25
C TYR A 50 6.83 -4.74 -4.34
N GLN A 51 7.93 -5.38 -3.88
CA GLN A 51 7.86 -6.62 -3.07
C GLN A 51 7.96 -6.32 -1.56
N GLY A 52 7.60 -7.35 -0.75
CA GLY A 52 7.73 -7.28 0.71
C GLY A 52 6.55 -6.63 1.40
N GLN A 53 6.81 -6.07 2.59
CA GLN A 53 5.82 -5.36 3.41
C GLN A 53 5.58 -3.97 2.82
N GLN A 54 4.33 -3.65 2.52
CA GLN A 54 3.95 -2.38 1.88
C GLN A 54 3.29 -1.47 2.93
N TYR A 55 3.40 -0.13 2.75
CA TYR A 55 3.03 0.87 3.78
C TYR A 55 2.43 2.12 3.10
N LEU A 56 1.34 2.68 3.64
CA LEU A 56 0.75 3.93 3.10
C LEU A 56 1.11 5.08 4.05
N LEU A 57 2.13 5.88 3.68
CA LEU A 57 2.56 7.06 4.46
C LEU A 57 1.89 8.30 3.89
N ARG A 58 1.40 9.16 4.78
CA ARG A 58 0.55 10.30 4.42
C ARG A 58 1.14 11.61 4.95
N ARG A 59 0.49 12.74 4.57
CA ARG A 59 0.90 14.12 4.90
C ARG A 59 1.31 14.25 6.38
N GLY A 60 2.63 14.21 6.63
CA GLY A 60 3.20 14.33 7.95
C GLY A 60 4.69 14.05 7.96
N GLU A 61 5.40 14.69 8.90
CA GLU A 61 6.83 14.48 9.14
C GLU A 61 7.01 13.39 10.21
N TYR A 62 7.57 12.25 9.81
CA TYR A 62 7.86 11.13 10.71
C TYR A 62 9.34 11.20 11.12
N PRO A 63 9.67 11.59 12.40
CA PRO A 63 11.08 11.64 12.90
C PRO A 63 11.71 10.24 13.10
N ASP A 64 10.87 9.19 13.03
CA ASP A 64 11.33 7.78 13.14
C ASP A 64 10.37 6.84 12.35
N TYR A 65 10.82 5.58 12.20
CA TYR A 65 10.11 4.53 11.42
C TYR A 65 8.88 3.96 12.17
N GLN A 66 8.93 3.95 13.52
CA GLN A 66 7.82 3.49 14.37
C GLN A 66 6.69 4.54 14.42
N GLN A 67 6.97 5.76 13.92
CA GLN A 67 6.01 6.88 13.93
C GLN A 67 4.82 6.59 12.99
N TRP A 68 5.06 5.87 11.87
CA TRP A 68 3.97 5.40 10.98
C TRP A 68 3.62 3.93 11.28
N MET A 69 4.10 3.44 12.46
CA MET A 69 3.95 2.04 12.91
C MET A 69 4.66 1.08 11.93
N GLY A 70 5.73 1.57 11.28
CA GLY A 70 6.47 0.84 10.25
C GLY A 70 7.10 -0.46 10.74
N LEU A 71 6.68 -1.57 10.12
CA LEU A 71 7.12 -2.94 10.49
C LEU A 71 8.56 -3.21 10.04
N SER A 72 9.10 -2.36 9.15
CA SER A 72 10.50 -2.40 8.71
C SER A 72 11.01 -0.96 8.50
N ASP A 73 12.34 -0.78 8.64
CA ASP A 73 13.01 0.49 8.32
C ASP A 73 13.35 0.56 6.82
N SER A 74 13.60 -0.62 6.21
CA SER A 74 14.03 -0.73 4.82
C SER A 74 12.87 -0.40 3.85
N ILE A 75 13.12 0.58 2.97
CA ILE A 75 12.18 1.01 1.92
C ILE A 75 12.98 1.06 0.62
N ARG A 76 12.81 0.03 -0.24
CA ARG A 76 13.65 -0.15 -1.45
C ARG A 76 12.81 -0.14 -2.74
N SER A 77 11.55 0.29 -2.58
CA SER A 77 10.65 0.58 -3.70
C SER A 77 9.58 1.58 -3.22
N CYS A 78 8.97 2.33 -4.15
CA CYS A 78 7.96 3.35 -3.82
C CYS A 78 6.96 3.53 -4.97
N CYS A 79 5.76 4.06 -4.64
CA CYS A 79 4.70 4.38 -5.60
C CYS A 79 4.01 5.69 -5.20
N LEU A 80 3.87 6.58 -6.18
CA LEU A 80 3.25 7.88 -6.02
C LEU A 80 1.77 7.74 -6.43
N ILE A 81 0.89 7.42 -5.45
CA ILE A 81 -0.53 7.12 -5.73
C ILE A 81 -1.41 8.33 -5.31
N PRO A 82 -1.86 9.19 -6.27
CA PRO A 82 -2.51 10.47 -5.97
C PRO A 82 -4.05 10.39 -5.84
N GLN A 83 -4.67 11.58 -5.86
CA GLN A 83 -6.15 11.76 -5.86
C GLN A 83 -6.84 10.92 -6.94
N THR A 84 -8.03 10.43 -6.58
CA THR A 84 -8.85 9.58 -7.44
C THR A 84 -10.32 9.98 -7.22
N VAL A 85 -11.02 10.34 -8.33
CA VAL A 85 -12.38 10.96 -8.28
C VAL A 85 -13.43 10.04 -7.62
N SER A 86 -13.16 8.74 -7.68
CA SER A 86 -14.06 7.69 -7.17
C SER A 86 -13.27 6.38 -7.00
N HIS A 87 -13.82 5.40 -6.25
CA HIS A 87 -13.19 4.09 -6.04
C HIS A 87 -14.25 2.99 -6.21
N ARG A 88 -13.92 1.93 -6.95
CA ARG A 88 -14.76 0.74 -7.08
C ARG A 88 -13.87 -0.48 -7.29
N LEU A 89 -13.81 -1.32 -6.25
CA LEU A 89 -13.10 -2.62 -6.29
C LEU A 89 -14.12 -3.74 -6.44
N ARG A 90 -13.73 -4.80 -7.16
CA ARG A 90 -14.54 -6.03 -7.27
C ARG A 90 -13.75 -7.19 -6.66
N LEU A 91 -14.28 -7.72 -5.54
CA LEU A 91 -13.72 -8.85 -4.79
C LEU A 91 -14.12 -10.17 -5.48
N TYR A 92 -13.16 -11.11 -5.63
CA TYR A 92 -13.41 -12.44 -6.23
C TYR A 92 -12.83 -13.56 -5.33
N GLU A 93 -13.61 -14.63 -5.17
CA GLU A 93 -13.31 -15.74 -4.26
C GLU A 93 -12.14 -16.60 -4.78
N ARG A 94 -12.16 -16.89 -6.08
CA ARG A 94 -11.22 -17.81 -6.74
C ARG A 94 -10.46 -17.06 -7.84
N GLU A 95 -9.20 -17.49 -8.11
CA GLU A 95 -8.31 -16.87 -9.11
C GLU A 95 -8.93 -16.89 -10.51
N ASP A 96 -8.50 -15.92 -11.36
CA ASP A 96 -9.05 -15.70 -12.72
C ASP A 96 -10.52 -15.22 -12.65
N HIS A 97 -10.90 -14.64 -11.48
CA HIS A 97 -12.20 -13.98 -11.24
C HIS A 97 -13.36 -14.98 -11.15
N LYS A 98 -13.06 -16.18 -10.65
CA LYS A 98 -14.04 -17.26 -10.50
C LYS A 98 -14.67 -17.23 -9.09
N GLY A 99 -15.67 -18.10 -8.87
CA GLY A 99 -16.36 -18.21 -7.57
C GLY A 99 -17.28 -17.02 -7.30
N LEU A 100 -17.26 -16.54 -6.05
CA LEU A 100 -18.00 -15.32 -5.63
C LEU A 100 -17.50 -14.08 -6.39
N MET A 101 -18.43 -13.20 -6.73
CA MET A 101 -18.17 -11.89 -7.35
C MET A 101 -18.93 -10.81 -6.55
N MET A 102 -18.22 -9.77 -6.11
CA MET A 102 -18.78 -8.70 -5.25
C MET A 102 -18.13 -7.37 -5.60
N GLU A 103 -18.87 -6.25 -5.53
CA GLU A 103 -18.31 -4.90 -5.64
C GLU A 103 -18.19 -4.26 -4.25
N LEU A 104 -17.48 -3.12 -4.20
CA LEU A 104 -17.31 -2.31 -2.99
C LEU A 104 -16.80 -0.92 -3.40
N SER A 105 -17.37 0.14 -2.80
CA SER A 105 -16.90 1.52 -3.00
C SER A 105 -16.72 2.23 -1.63
N GLU A 106 -16.75 1.44 -0.52
CA GLU A 106 -16.57 1.95 0.86
C GLU A 106 -15.34 1.31 1.49
N ASP A 107 -14.73 1.98 2.48
CA ASP A 107 -13.60 1.43 3.25
C ASP A 107 -14.13 0.28 4.13
N CYS A 108 -13.67 -0.95 3.89
CA CYS A 108 -14.12 -2.15 4.62
C CYS A 108 -13.29 -2.33 5.91
N PRO A 109 -13.90 -2.13 7.13
CA PRO A 109 -13.19 -2.30 8.42
C PRO A 109 -12.62 -3.70 8.64
N SER A 110 -13.39 -4.75 8.24
CA SER A 110 -12.97 -6.16 8.42
C SER A 110 -13.74 -7.08 7.44
N ILE A 111 -13.07 -7.48 6.33
CA ILE A 111 -13.64 -8.43 5.32
C ILE A 111 -13.99 -9.79 5.98
N GLN A 112 -13.14 -10.16 6.95
CA GLN A 112 -13.31 -11.38 7.75
C GLN A 112 -14.63 -11.34 8.56
N ASP A 113 -15.03 -10.15 9.00
CA ASP A 113 -16.28 -9.94 9.77
C ASP A 113 -17.46 -9.61 8.85
N ARG A 114 -17.19 -9.41 7.54
CA ARG A 114 -18.24 -9.12 6.54
C ARG A 114 -18.77 -10.42 5.89
N PHE A 115 -17.86 -11.20 5.27
CA PHE A 115 -18.24 -12.45 4.56
C PHE A 115 -17.43 -13.66 5.08
N HIS A 116 -16.41 -13.38 5.94
CA HIS A 116 -15.45 -14.38 6.49
C HIS A 116 -14.42 -14.83 5.44
N LEU A 117 -14.07 -13.91 4.52
CA LEU A 117 -13.02 -14.15 3.53
C LEU A 117 -11.64 -14.09 4.23
N SER A 118 -11.06 -15.29 4.45
CA SER A 118 -9.73 -15.46 5.05
C SER A 118 -8.65 -15.17 4.00
N GLU A 119 -8.96 -15.59 2.77
CA GLU A 119 -8.17 -15.31 1.57
C GLU A 119 -9.08 -14.61 0.54
N ILE A 120 -8.44 -13.97 -0.42
CA ILE A 120 -9.08 -13.34 -1.56
C ILE A 120 -8.16 -13.56 -2.77
N ARG A 121 -8.63 -14.37 -3.70
CA ARG A 121 -7.78 -15.01 -4.72
C ARG A 121 -7.66 -14.19 -6.02
N SER A 122 -8.51 -13.17 -6.20
CA SER A 122 -8.39 -12.23 -7.32
C SER A 122 -9.25 -10.98 -7.08
N LEU A 123 -8.92 -9.91 -7.82
CA LEU A 123 -9.55 -8.58 -7.66
C LEU A 123 -9.72 -7.91 -9.04
N HIS A 124 -10.52 -6.84 -9.08
CA HIS A 124 -10.64 -5.97 -10.26
C HIS A 124 -10.98 -4.57 -9.78
N VAL A 125 -9.94 -3.73 -9.64
CA VAL A 125 -10.09 -2.30 -9.39
C VAL A 125 -10.45 -1.64 -10.73
N LEU A 126 -11.72 -1.21 -10.87
CA LEU A 126 -12.19 -0.53 -12.09
C LEU A 126 -11.64 0.91 -12.12
N GLU A 127 -11.69 1.55 -10.96
CA GLU A 127 -11.43 2.99 -10.81
C GLU A 127 -10.97 3.24 -9.37
N GLY A 128 -9.99 4.15 -9.23
CA GLY A 128 -9.51 4.59 -7.92
C GLY A 128 -8.78 3.52 -7.12
N CYS A 129 -7.47 3.74 -6.88
CA CYS A 129 -6.60 2.79 -6.16
C CYS A 129 -7.11 2.52 -4.72
N TRP A 130 -7.06 1.25 -4.31
CA TRP A 130 -7.38 0.78 -2.95
C TRP A 130 -6.09 0.29 -2.24
N VAL A 131 -6.28 -0.18 -1.00
CA VAL A 131 -5.26 -0.85 -0.19
C VAL A 131 -5.94 -2.03 0.52
N LEU A 132 -5.54 -3.26 0.16
CA LEU A 132 -5.87 -4.45 0.95
C LEU A 132 -4.95 -4.50 2.17
N TYR A 133 -5.46 -5.08 3.26
CA TYR A 133 -4.72 -5.24 4.50
C TYR A 133 -4.72 -6.71 4.87
N GLU A 134 -3.59 -7.15 5.42
CA GLU A 134 -3.41 -8.51 5.93
C GLU A 134 -4.41 -8.79 7.08
N LEU A 135 -4.35 -7.93 8.11
CA LEU A 135 -5.17 -8.11 9.33
C LEU A 135 -6.39 -7.16 9.30
N PRO A 136 -7.54 -7.57 9.94
CA PRO A 136 -8.72 -6.68 10.16
C PRO A 136 -8.37 -5.39 10.93
N ASN A 137 -9.32 -4.44 10.89
CA ASN A 137 -9.20 -3.09 11.51
C ASN A 137 -8.05 -2.28 10.86
N TYR A 138 -7.87 -2.48 9.52
CA TYR A 138 -6.91 -1.72 8.67
C TYR A 138 -5.44 -1.93 9.14
N ARG A 139 -5.14 -3.16 9.61
CA ARG A 139 -3.85 -3.50 10.25
C ARG A 139 -3.06 -4.54 9.43
N GLY A 140 -1.83 -4.83 9.90
CA GLY A 140 -0.96 -5.84 9.27
C GLY A 140 -0.11 -5.27 8.16
N ARG A 141 0.35 -6.16 7.27
CA ARG A 141 1.07 -5.78 6.04
C ARG A 141 0.06 -5.26 5.01
N GLN A 142 0.34 -4.09 4.42
CA GLN A 142 -0.58 -3.44 3.47
C GLN A 142 -0.31 -3.96 2.05
N TYR A 143 -1.28 -3.74 1.14
CA TYR A 143 -1.24 -4.26 -0.25
C TYR A 143 -1.85 -3.21 -1.19
N LEU A 144 -1.06 -2.66 -2.13
CA LEU A 144 -1.52 -1.60 -3.05
C LEU A 144 -2.34 -2.22 -4.20
N LEU A 145 -3.54 -1.67 -4.41
CA LEU A 145 -4.49 -2.15 -5.41
C LEU A 145 -4.75 -1.06 -6.46
N ARG A 146 -3.93 -1.05 -7.52
CA ARG A 146 -4.04 -0.06 -8.60
C ARG A 146 -5.21 -0.42 -9.56
N PRO A 147 -5.82 0.58 -10.28
CA PRO A 147 -6.92 0.34 -11.25
C PRO A 147 -6.52 -0.63 -12.37
N GLN A 148 -6.80 -1.93 -12.14
CA GLN A 148 -6.64 -3.02 -13.11
C GLN A 148 -7.33 -4.28 -12.58
N GLU A 149 -7.32 -5.34 -13.40
CA GLU A 149 -7.87 -6.64 -13.05
C GLU A 149 -6.74 -7.57 -12.58
N TYR A 150 -6.66 -7.77 -11.25
CA TYR A 150 -5.72 -8.72 -10.62
C TYR A 150 -6.19 -10.18 -10.81
N ARG A 151 -5.29 -11.04 -11.32
CA ARG A 151 -5.57 -12.47 -11.56
C ARG A 151 -5.40 -13.30 -10.27
N ARG A 152 -4.48 -12.83 -9.41
CA ARG A 152 -4.08 -13.49 -8.16
C ARG A 152 -3.34 -12.48 -7.25
N CYS A 153 -2.89 -12.95 -6.06
CA CYS A 153 -2.29 -12.08 -5.04
C CYS A 153 -0.88 -11.59 -5.44
N GLN A 154 -0.12 -12.41 -6.19
CA GLN A 154 1.27 -12.08 -6.61
C GLN A 154 1.30 -10.86 -7.56
N ASP A 155 0.16 -10.57 -8.23
CA ASP A 155 0.03 -9.40 -9.11
C ASP A 155 0.24 -8.07 -8.35
N TRP A 156 -0.18 -8.01 -7.07
CA TRP A 156 0.00 -6.79 -6.24
C TRP A 156 1.16 -6.97 -5.22
N GLY A 157 2.01 -7.98 -5.45
CA GLY A 157 3.22 -8.21 -4.65
C GLY A 157 3.01 -9.11 -3.43
N ALA A 158 1.76 -9.58 -3.22
CA ALA A 158 1.43 -10.48 -2.10
C ALA A 158 1.83 -11.93 -2.44
N MET A 159 2.73 -12.50 -1.63
CA MET A 159 3.17 -13.90 -1.76
C MET A 159 2.04 -14.87 -1.33
N ASP A 160 1.07 -14.35 -0.56
CA ASP A 160 -0.09 -15.13 -0.07
C ASP A 160 -1.37 -14.27 -0.19
N ALA A 161 -2.53 -14.95 -0.21
CA ALA A 161 -3.81 -14.34 -0.62
C ALA A 161 -4.60 -13.72 0.56
N LYS A 162 -3.90 -13.41 1.68
CA LYS A 162 -4.54 -12.97 2.95
C LYS A 162 -5.47 -11.73 2.78
N ALA A 163 -6.72 -11.88 3.29
CA ALA A 163 -7.74 -10.84 3.29
C ALA A 163 -8.12 -10.49 4.74
N GLY A 164 -8.00 -9.20 5.09
CA GLY A 164 -8.33 -8.72 6.44
C GLY A 164 -9.25 -7.52 6.40
N SER A 165 -8.85 -6.48 5.62
CA SER A 165 -9.64 -5.24 5.47
C SER A 165 -9.25 -4.48 4.16
N LEU A 166 -10.05 -3.46 3.79
CA LEU A 166 -9.86 -2.64 2.56
C LEU A 166 -10.03 -1.15 2.89
N ARG A 167 -9.25 -0.28 2.20
CA ARG A 167 -9.36 1.18 2.34
C ARG A 167 -8.92 1.89 1.05
N ARG A 168 -9.63 2.96 0.73
CA ARG A 168 -9.48 3.74 -0.52
C ARG A 168 -8.32 4.74 -0.40
N VAL A 169 -7.39 4.75 -1.38
CA VAL A 169 -6.27 5.72 -1.41
C VAL A 169 -6.79 7.09 -1.91
N VAL A 170 -6.68 8.09 -1.05
CA VAL A 170 -7.00 9.49 -1.37
C VAL A 170 -5.99 10.39 -0.64
N ASP A 171 -5.37 11.34 -1.36
CA ASP A 171 -4.34 12.24 -0.80
C ASP A 171 -4.88 13.00 0.42
N LEU A 172 -4.34 12.67 1.62
CA LEU A 172 -4.64 13.43 2.84
C LEU A 172 -3.94 14.78 2.73
N TYR A 173 -4.75 15.85 2.79
CA TYR A 173 -4.31 17.22 2.55
C TYR A 173 -4.28 18.00 3.88
N GLY A 1 1.44 17.35 -3.05
CA GLY A 1 1.87 15.93 -3.03
C GLY A 1 3.36 15.78 -3.29
N LYS A 2 4.09 15.18 -2.34
CA LYS A 2 5.57 15.08 -2.36
C LYS A 2 6.02 14.21 -1.17
N ILE A 3 7.20 13.55 -1.30
CA ILE A 3 7.76 12.67 -0.25
C ILE A 3 9.30 12.80 -0.20
N THR A 4 9.86 12.70 1.03
CA THR A 4 11.30 12.85 1.27
C THR A 4 11.78 11.78 2.29
N PHE A 5 12.77 10.98 1.89
CA PHE A 5 13.32 9.86 2.68
C PHE A 5 14.60 10.27 3.40
N TYR A 6 14.83 9.68 4.58
CA TYR A 6 16.04 9.89 5.40
C TYR A 6 16.45 8.55 6.02
N GLU A 7 17.64 8.00 5.62
CA GLU A 7 18.08 6.65 6.04
C GLU A 7 18.22 6.51 7.55
N ASP A 8 18.61 7.58 8.25
CA ASP A 8 18.72 7.57 9.73
C ASP A 8 17.61 8.42 10.35
N ARG A 9 17.35 8.18 11.64
CA ARG A 9 16.29 8.86 12.40
C ARG A 9 16.61 10.35 12.62
N ALA A 10 15.56 11.09 13.04
CA ALA A 10 15.62 12.55 13.30
C ALA A 10 15.96 13.34 12.02
N PHE A 11 15.58 12.73 10.87
CA PHE A 11 15.76 13.27 9.51
C PHE A 11 17.25 13.34 9.09
N GLN A 12 18.07 12.44 9.68
CA GLN A 12 19.51 12.30 9.36
C GLN A 12 19.73 11.22 8.27
N GLY A 13 21.01 11.00 7.91
CA GLY A 13 21.39 9.98 6.94
C GLY A 13 21.30 10.49 5.51
N ARG A 14 20.97 9.58 4.59
CA ARG A 14 20.77 9.92 3.16
C ARG A 14 19.47 10.70 3.00
N SER A 15 19.58 11.94 2.50
CA SER A 15 18.42 12.76 2.18
C SER A 15 18.13 12.63 0.67
N TYR A 16 16.96 12.10 0.35
CA TYR A 16 16.48 11.93 -1.02
C TYR A 16 15.02 12.35 -1.09
N GLU A 17 14.60 12.89 -2.23
CA GLU A 17 13.23 13.39 -2.43
C GLU A 17 12.74 13.03 -3.84
N THR A 18 11.47 12.62 -3.94
CA THR A 18 10.83 12.28 -5.23
C THR A 18 9.32 12.59 -5.17
N THR A 19 8.71 12.64 -6.36
CA THR A 19 7.26 12.78 -6.55
C THR A 19 6.85 11.88 -7.76
N THR A 20 7.65 10.82 -7.99
CA THR A 20 7.43 9.86 -9.10
C THR A 20 7.70 8.43 -8.59
N ASP A 21 7.02 7.45 -9.22
CA ASP A 21 7.26 6.01 -9.00
C ASP A 21 8.68 5.63 -9.47
N CYS A 22 9.35 4.73 -8.73
CA CYS A 22 10.68 4.22 -9.08
C CYS A 22 10.86 2.78 -8.54
N PRO A 23 11.14 1.76 -9.42
CA PRO A 23 11.30 0.35 -9.00
C PRO A 23 12.59 0.10 -8.20
N ASN A 24 13.63 0.93 -8.46
CA ASN A 24 14.96 0.76 -7.86
C ASN A 24 15.39 2.08 -7.19
N LEU A 25 15.20 2.17 -5.87
CA LEU A 25 15.73 3.28 -5.06
C LEU A 25 17.13 2.94 -4.54
N GLN A 26 17.67 1.75 -4.96
CA GLN A 26 19.01 1.21 -4.56
C GLN A 26 20.18 2.24 -4.68
N PRO A 27 20.37 2.98 -5.85
CA PRO A 27 21.51 3.94 -6.01
C PRO A 27 21.39 5.15 -5.07
N TYR A 28 20.16 5.41 -4.60
CA TYR A 28 19.86 6.56 -3.74
C TYR A 28 20.05 6.15 -2.27
N PHE A 29 19.27 5.12 -1.84
CA PHE A 29 19.24 4.64 -0.45
C PHE A 29 18.69 3.19 -0.38
N SER A 30 18.77 2.58 0.82
CA SER A 30 18.27 1.20 1.07
C SER A 30 17.21 1.16 2.20
N ARG A 31 17.20 2.20 3.04
CA ARG A 31 16.28 2.29 4.20
C ARG A 31 15.79 3.73 4.39
N CYS A 32 14.89 3.90 5.35
CA CYS A 32 14.30 5.18 5.67
C CYS A 32 13.77 5.10 7.11
N ASN A 33 14.69 5.36 8.06
CA ASN A 33 14.40 5.26 9.52
C ASN A 33 13.66 6.52 10.01
N SER A 34 13.56 7.54 9.15
CA SER A 34 12.68 8.71 9.35
C SER A 34 12.28 9.25 7.98
N ILE A 35 11.11 9.88 7.88
CA ILE A 35 10.52 10.24 6.59
C ILE A 35 9.60 11.46 6.75
N ARG A 36 9.53 12.31 5.71
CA ARG A 36 8.68 13.50 5.69
C ARG A 36 7.84 13.51 4.40
N VAL A 37 6.53 13.32 4.55
CA VAL A 37 5.57 13.35 3.44
C VAL A 37 4.79 14.67 3.51
N GLU A 38 4.89 15.50 2.45
CA GLU A 38 4.21 16.81 2.34
C GLU A 38 2.67 16.64 2.44
N SER A 39 2.15 15.76 1.58
CA SER A 39 0.74 15.36 1.54
C SER A 39 0.63 14.06 0.73
N GLY A 40 -0.59 13.53 0.59
CA GLY A 40 -0.83 12.32 -0.18
C GLY A 40 -0.78 11.04 0.62
N CYS A 41 -0.98 9.94 -0.11
CA CYS A 41 -0.95 8.58 0.42
C CYS A 41 -0.14 7.71 -0.57
N TRP A 42 1.16 7.60 -0.31
CA TRP A 42 2.11 6.93 -1.21
C TRP A 42 2.38 5.50 -0.71
N MET A 43 2.59 4.55 -1.63
CA MET A 43 2.91 3.16 -1.27
C MET A 43 4.43 2.92 -1.40
N LEU A 44 5.07 2.67 -0.27
CA LEU A 44 6.51 2.42 -0.17
C LEU A 44 6.76 0.95 0.09
N TYR A 45 7.59 0.38 -0.78
CA TYR A 45 7.96 -1.03 -0.73
C TYR A 45 9.28 -1.22 0.01
N GLU A 46 9.30 -2.27 0.83
CA GLU A 46 10.44 -2.71 1.62
C GLU A 46 11.63 -3.07 0.72
N ARG A 47 11.31 -3.77 -0.37
CA ARG A 47 12.30 -4.26 -1.36
C ARG A 47 12.07 -3.57 -2.73
N PRO A 48 13.08 -3.61 -3.67
CA PRO A 48 12.90 -3.06 -5.04
C PRO A 48 12.01 -3.97 -5.89
N ASN A 49 11.90 -3.64 -7.20
CA ASN A 49 11.07 -4.36 -8.18
C ASN A 49 9.58 -4.34 -7.80
N TYR A 50 9.22 -3.36 -6.94
CA TYR A 50 7.89 -3.22 -6.32
C TYR A 50 7.51 -4.51 -5.54
N GLN A 51 8.38 -4.90 -4.57
CA GLN A 51 8.24 -6.16 -3.79
C GLN A 51 8.49 -5.93 -2.28
N GLY A 52 8.38 -7.03 -1.50
CA GLY A 52 8.52 -6.99 -0.03
C GLY A 52 7.23 -6.57 0.65
N GLN A 53 7.35 -6.06 1.89
CA GLN A 53 6.21 -5.44 2.61
C GLN A 53 5.86 -4.09 1.96
N GLN A 54 4.59 -3.70 2.02
CA GLN A 54 4.11 -2.44 1.42
C GLN A 54 3.56 -1.55 2.54
N TYR A 55 3.81 -0.23 2.44
CA TYR A 55 3.55 0.74 3.52
C TYR A 55 2.84 1.96 2.95
N LEU A 56 1.65 2.30 3.48
CA LEU A 56 0.92 3.50 3.07
C LEU A 56 1.38 4.66 3.97
N LEU A 57 2.22 5.54 3.39
CA LEU A 57 2.74 6.73 4.07
C LEU A 57 1.77 7.89 3.87
N ARG A 58 1.25 8.39 5.00
CA ARG A 58 0.36 9.55 5.05
C ARG A 58 1.21 10.82 5.20
N ARG A 59 0.57 11.98 5.08
CA ARG A 59 1.17 13.28 5.41
C ARG A 59 1.69 13.29 6.86
N GLY A 60 2.95 13.75 7.05
CA GLY A 60 3.50 13.96 8.38
C GLY A 60 5.02 13.93 8.41
N GLU A 61 5.58 14.72 9.33
CA GLU A 61 7.01 14.70 9.66
C GLU A 61 7.26 13.60 10.71
N TYR A 62 7.55 12.39 10.23
CA TYR A 62 7.81 11.22 11.09
C TYR A 62 9.33 11.18 11.42
N PRO A 63 9.73 11.50 12.69
CA PRO A 63 11.16 11.56 13.10
C PRO A 63 11.76 10.16 13.41
N ASP A 64 10.93 9.12 13.24
CA ASP A 64 11.35 7.71 13.35
C ASP A 64 10.32 6.82 12.62
N TYR A 65 10.76 5.61 12.24
CA TYR A 65 9.96 4.66 11.43
C TYR A 65 8.78 4.06 12.25
N GLN A 66 8.97 3.93 13.57
CA GLN A 66 7.97 3.35 14.49
C GLN A 66 6.75 4.28 14.65
N GLN A 67 6.98 5.59 14.42
CA GLN A 67 5.97 6.65 14.56
C GLN A 67 4.79 6.46 13.58
N TRP A 68 5.10 6.05 12.34
CA TRP A 68 4.07 5.74 11.31
C TRP A 68 3.76 4.23 11.26
N MET A 69 4.18 3.50 12.32
CA MET A 69 3.93 2.05 12.50
C MET A 69 4.62 1.23 11.38
N GLY A 70 5.82 1.69 10.99
CA GLY A 70 6.67 0.96 10.06
C GLY A 70 7.21 -0.31 10.68
N LEU A 71 6.89 -1.47 10.07
CA LEU A 71 7.26 -2.79 10.57
C LEU A 71 8.78 -2.98 10.44
N SER A 72 9.30 -2.75 9.21
CA SER A 72 10.74 -2.66 8.96
C SER A 72 11.06 -1.26 8.40
N ASP A 73 12.26 -0.76 8.71
CA ASP A 73 12.76 0.55 8.23
C ASP A 73 13.15 0.52 6.74
N SER A 74 13.21 -0.70 6.16
CA SER A 74 13.61 -0.91 4.76
C SER A 74 12.59 -0.29 3.78
N ILE A 75 13.08 0.60 2.90
CA ILE A 75 12.31 1.16 1.77
C ILE A 75 13.28 1.24 0.58
N ARG A 76 13.00 0.46 -0.48
CA ARG A 76 13.89 0.33 -1.66
C ARG A 76 13.11 0.48 -2.99
N SER A 77 11.81 0.85 -2.90
CA SER A 77 10.98 1.12 -4.08
C SER A 77 9.81 2.06 -3.67
N CYS A 78 9.48 3.03 -4.54
CA CYS A 78 8.43 4.04 -4.26
C CYS A 78 7.30 3.96 -5.30
N CYS A 79 6.06 4.20 -4.83
CA CYS A 79 4.88 4.34 -5.70
C CYS A 79 4.08 5.59 -5.27
N LEU A 80 3.99 6.55 -6.19
CA LEU A 80 3.27 7.81 -5.97
C LEU A 80 1.78 7.53 -6.30
N ILE A 81 0.94 7.35 -5.26
CA ILE A 81 -0.49 7.00 -5.44
C ILE A 81 -1.37 8.25 -5.17
N PRO A 82 -1.69 9.08 -6.22
CA PRO A 82 -2.27 10.42 -6.05
C PRO A 82 -3.82 10.44 -5.96
N GLN A 83 -4.42 11.61 -6.29
CA GLN A 83 -5.87 11.79 -6.34
C GLN A 83 -6.54 10.80 -7.31
N THR A 84 -7.56 10.12 -6.80
CA THR A 84 -8.46 9.27 -7.57
C THR A 84 -9.91 9.62 -7.16
N VAL A 85 -10.70 10.11 -8.13
CA VAL A 85 -12.01 10.74 -7.89
C VAL A 85 -13.09 9.70 -7.49
N SER A 86 -12.98 8.48 -8.02
CA SER A 86 -13.95 7.41 -7.79
C SER A 86 -13.21 6.07 -7.68
N HIS A 87 -13.66 5.21 -6.74
CA HIS A 87 -13.05 3.91 -6.45
C HIS A 87 -14.14 2.83 -6.53
N ARG A 88 -13.90 1.78 -7.31
CA ARG A 88 -14.80 0.63 -7.42
C ARG A 88 -13.94 -0.64 -7.56
N LEU A 89 -14.27 -1.65 -6.75
CA LEU A 89 -13.52 -2.91 -6.65
C LEU A 89 -14.50 -4.09 -6.67
N ARG A 90 -14.05 -5.23 -7.21
CA ARG A 90 -14.79 -6.51 -7.18
C ARG A 90 -13.87 -7.61 -6.59
N LEU A 91 -14.31 -8.19 -5.46
CA LEU A 91 -13.62 -9.29 -4.77
C LEU A 91 -14.13 -10.64 -5.32
N TYR A 92 -13.22 -11.50 -5.83
CA TYR A 92 -13.57 -12.81 -6.41
C TYR A 92 -13.04 -13.95 -5.52
N GLU A 93 -13.83 -15.04 -5.50
CA GLU A 93 -13.59 -16.21 -4.65
C GLU A 93 -12.34 -16.99 -5.09
N ARG A 94 -12.26 -17.28 -6.41
CA ARG A 94 -11.18 -18.07 -7.00
C ARG A 94 -10.40 -17.26 -8.03
N GLU A 95 -9.15 -17.70 -8.29
CA GLU A 95 -8.24 -17.07 -9.25
C GLU A 95 -8.81 -17.09 -10.68
N ASP A 96 -8.25 -16.25 -11.55
CA ASP A 96 -8.70 -16.06 -12.94
C ASP A 96 -10.13 -15.46 -12.97
N HIS A 97 -10.50 -14.77 -11.85
CA HIS A 97 -11.80 -14.07 -11.70
C HIS A 97 -12.97 -15.06 -11.80
N LYS A 98 -12.96 -16.06 -10.91
CA LYS A 98 -13.93 -17.15 -10.87
C LYS A 98 -14.58 -17.24 -9.48
N GLY A 99 -15.52 -18.20 -9.33
CA GLY A 99 -16.28 -18.37 -8.10
C GLY A 99 -17.29 -17.24 -7.90
N LEU A 100 -17.46 -16.81 -6.64
CA LEU A 100 -18.28 -15.64 -6.28
C LEU A 100 -17.61 -14.32 -6.74
N MET A 101 -18.40 -13.24 -6.70
CA MET A 101 -17.94 -11.87 -6.97
C MET A 101 -18.80 -10.89 -6.15
N MET A 102 -18.16 -9.86 -5.58
CA MET A 102 -18.85 -8.84 -4.77
C MET A 102 -18.25 -7.46 -5.04
N GLU A 103 -19.10 -6.48 -5.37
CA GLU A 103 -18.69 -5.08 -5.54
C GLU A 103 -18.45 -4.44 -4.15
N LEU A 104 -17.52 -3.50 -4.13
CA LEU A 104 -17.17 -2.72 -2.96
C LEU A 104 -16.62 -1.38 -3.47
N SER A 105 -17.22 -0.27 -3.01
CA SER A 105 -16.77 1.08 -3.36
C SER A 105 -16.70 1.96 -2.10
N GLU A 106 -16.60 1.29 -0.92
CA GLU A 106 -16.55 1.93 0.41
C GLU A 106 -15.26 1.51 1.13
N ASP A 107 -14.79 2.32 2.10
CA ASP A 107 -13.72 1.92 3.03
C ASP A 107 -14.26 0.81 3.95
N CYS A 108 -13.80 -0.42 3.75
CA CYS A 108 -14.27 -1.58 4.53
C CYS A 108 -13.34 -1.80 5.74
N PRO A 109 -13.79 -1.48 7.01
CA PRO A 109 -12.94 -1.55 8.23
C PRO A 109 -12.50 -2.99 8.59
N SER A 110 -13.23 -3.96 8.05
CA SER A 110 -12.97 -5.39 8.23
C SER A 110 -13.70 -6.18 7.13
N ILE A 111 -13.15 -7.34 6.73
CA ILE A 111 -13.76 -8.19 5.69
C ILE A 111 -14.10 -9.56 6.31
N GLN A 112 -13.15 -10.07 7.12
CA GLN A 112 -13.31 -11.32 7.89
C GLN A 112 -14.47 -11.22 8.91
N ASP A 113 -14.57 -10.07 9.58
CA ASP A 113 -15.63 -9.81 10.57
C ASP A 113 -17.02 -9.73 9.89
N ARG A 114 -17.03 -9.47 8.56
CA ARG A 114 -18.29 -9.32 7.80
C ARG A 114 -18.71 -10.65 7.15
N PHE A 115 -18.11 -10.98 5.99
CA PHE A 115 -18.52 -12.14 5.17
C PHE A 115 -17.51 -13.30 5.34
N HIS A 116 -16.70 -13.22 6.41
CA HIS A 116 -15.70 -14.24 6.80
C HIS A 116 -14.65 -14.47 5.70
N LEU A 117 -14.45 -13.45 4.84
CA LEU A 117 -13.48 -13.50 3.75
C LEU A 117 -12.09 -13.12 4.30
N SER A 118 -11.25 -14.14 4.46
CA SER A 118 -9.86 -14.00 4.92
C SER A 118 -8.89 -14.08 3.73
N GLU A 119 -9.33 -14.70 2.61
CA GLU A 119 -8.48 -14.94 1.43
C GLU A 119 -9.26 -14.67 0.11
N ILE A 120 -9.00 -13.52 -0.50
CA ILE A 120 -9.50 -13.22 -1.85
C ILE A 120 -8.42 -13.65 -2.87
N ARG A 121 -8.82 -14.45 -3.86
CA ARG A 121 -7.90 -15.09 -4.82
C ARG A 121 -7.71 -14.27 -6.10
N SER A 122 -8.65 -13.37 -6.41
CA SER A 122 -8.50 -12.43 -7.54
C SER A 122 -9.38 -11.20 -7.33
N LEU A 123 -8.90 -10.05 -7.80
CA LEU A 123 -9.61 -8.76 -7.69
C LEU A 123 -9.82 -8.16 -9.09
N HIS A 124 -10.79 -7.25 -9.19
CA HIS A 124 -10.96 -6.40 -10.38
C HIS A 124 -11.25 -5.00 -9.86
N VAL A 125 -10.19 -4.21 -9.67
CA VAL A 125 -10.33 -2.79 -9.37
C VAL A 125 -10.74 -2.10 -10.67
N LEU A 126 -12.05 -1.80 -10.80
CA LEU A 126 -12.62 -1.20 -12.02
C LEU A 126 -12.07 0.22 -12.25
N GLU A 127 -11.88 0.94 -11.13
CA GLU A 127 -11.42 2.35 -11.16
C GLU A 127 -10.88 2.76 -9.78
N GLY A 128 -9.97 3.75 -9.79
CA GLY A 128 -9.37 4.28 -8.58
C GLY A 128 -8.33 3.36 -7.95
N CYS A 129 -7.66 3.84 -6.90
CA CYS A 129 -6.65 3.07 -6.17
C CYS A 129 -7.16 2.74 -4.76
N TRP A 130 -6.90 1.49 -4.34
CA TRP A 130 -7.21 0.98 -2.99
C TRP A 130 -5.92 0.53 -2.28
N VAL A 131 -6.05 0.21 -0.99
CA VAL A 131 -5.00 -0.40 -0.16
C VAL A 131 -5.63 -1.55 0.63
N LEU A 132 -5.14 -2.76 0.39
CA LEU A 132 -5.47 -3.95 1.17
C LEU A 132 -4.62 -3.93 2.46
N TYR A 133 -5.19 -4.47 3.55
CA TYR A 133 -4.52 -4.59 4.85
C TYR A 133 -4.65 -6.05 5.27
N GLU A 134 -3.54 -6.67 5.67
CA GLU A 134 -3.46 -8.10 6.01
C GLU A 134 -4.42 -8.45 7.17
N LEU A 135 -4.28 -7.73 8.29
CA LEU A 135 -5.20 -7.85 9.44
C LEU A 135 -6.36 -6.85 9.27
N PRO A 136 -7.59 -7.18 9.79
CA PRO A 136 -8.69 -6.20 9.93
C PRO A 136 -8.32 -5.03 10.88
N ASN A 137 -9.25 -4.06 11.01
CA ASN A 137 -9.06 -2.85 11.84
C ASN A 137 -7.94 -1.94 11.25
N TYR A 138 -7.66 -2.14 9.92
CA TYR A 138 -6.62 -1.41 9.16
C TYR A 138 -5.20 -1.67 9.73
N ARG A 139 -4.92 -2.95 10.03
CA ARG A 139 -3.64 -3.39 10.64
C ARG A 139 -2.92 -4.40 9.73
N GLY A 140 -1.68 -4.77 10.12
CA GLY A 140 -0.89 -5.78 9.39
C GLY A 140 -0.05 -5.18 8.28
N ARG A 141 0.49 -6.06 7.42
CA ARG A 141 1.24 -5.64 6.23
C ARG A 141 0.25 -5.16 5.16
N GLN A 142 0.51 -3.98 4.60
CA GLN A 142 -0.41 -3.34 3.64
C GLN A 142 -0.04 -3.80 2.23
N TYR A 143 -0.96 -3.65 1.27
CA TYR A 143 -0.80 -4.10 -0.13
C TYR A 143 -1.52 -3.10 -1.04
N LEU A 144 -0.91 -2.73 -2.18
CA LEU A 144 -1.45 -1.69 -3.08
C LEU A 144 -2.33 -2.36 -4.14
N LEU A 145 -3.59 -1.91 -4.20
CA LEU A 145 -4.55 -2.31 -5.24
C LEU A 145 -4.66 -1.15 -6.26
N ARG A 146 -4.35 -1.44 -7.52
CA ARG A 146 -4.33 -0.44 -8.61
C ARG A 146 -5.46 -0.75 -9.59
N PRO A 147 -6.00 0.26 -10.34
CA PRO A 147 -7.12 0.06 -11.29
C PRO A 147 -6.75 -0.95 -12.43
N GLN A 148 -7.05 -2.24 -12.15
CA GLN A 148 -6.83 -3.37 -13.07
C GLN A 148 -7.50 -4.63 -12.51
N GLU A 149 -7.47 -5.70 -13.31
CA GLU A 149 -7.99 -7.03 -12.93
C GLU A 149 -6.81 -7.91 -12.47
N TYR A 150 -6.64 -8.01 -11.14
CA TYR A 150 -5.69 -8.94 -10.51
C TYR A 150 -6.18 -10.39 -10.69
N ARG A 151 -5.36 -11.19 -11.36
CA ARG A 151 -5.66 -12.59 -11.69
C ARG A 151 -5.45 -13.52 -10.48
N ARG A 152 -4.52 -13.11 -9.59
CA ARG A 152 -4.10 -13.89 -8.41
C ARG A 152 -3.57 -12.96 -7.32
N CYS A 153 -3.31 -13.53 -6.12
CA CYS A 153 -2.85 -12.79 -4.92
C CYS A 153 -1.44 -12.19 -5.10
N GLN A 154 -0.62 -12.91 -5.87
CA GLN A 154 0.79 -12.55 -6.12
C GLN A 154 0.91 -11.25 -6.96
N ASP A 155 -0.17 -10.93 -7.71
CA ASP A 155 -0.20 -9.76 -8.62
C ASP A 155 -0.24 -8.43 -7.85
N TRP A 156 -0.90 -8.40 -6.67
CA TRP A 156 -0.91 -7.19 -5.81
C TRP A 156 0.22 -7.24 -4.75
N GLY A 157 1.24 -8.08 -5.04
CA GLY A 157 2.48 -8.13 -4.24
C GLY A 157 2.28 -8.72 -2.85
N ALA A 158 1.30 -9.63 -2.72
CA ALA A 158 0.97 -10.27 -1.45
C ALA A 158 1.71 -11.59 -1.28
N MET A 159 2.06 -11.91 -0.02
CA MET A 159 2.74 -13.16 0.34
C MET A 159 1.78 -14.36 0.18
N ASP A 160 0.50 -14.10 0.48
CA ASP A 160 -0.60 -15.07 0.39
C ASP A 160 -1.88 -14.32 -0.06
N ALA A 161 -3.05 -15.00 -0.02
CA ALA A 161 -4.32 -14.43 -0.54
C ALA A 161 -5.05 -13.55 0.49
N LYS A 162 -4.37 -13.21 1.61
CA LYS A 162 -4.97 -12.54 2.78
C LYS A 162 -5.70 -11.23 2.41
N ALA A 163 -6.85 -11.01 3.06
CA ALA A 163 -7.71 -9.84 2.89
C ALA A 163 -8.42 -9.54 4.23
N GLY A 164 -7.82 -8.63 5.02
CA GLY A 164 -8.34 -8.28 6.35
C GLY A 164 -9.24 -7.05 6.34
N SER A 165 -8.76 -5.97 5.71
CA SER A 165 -9.53 -4.70 5.55
C SER A 165 -9.09 -3.94 4.28
N LEU A 166 -9.95 -3.01 3.81
CA LEU A 166 -9.74 -2.26 2.54
C LEU A 166 -10.03 -0.76 2.75
N ARG A 167 -9.20 0.10 2.11
CA ARG A 167 -9.36 1.57 2.15
C ARG A 167 -9.12 2.16 0.75
N ARG A 168 -9.88 3.22 0.43
CA ARG A 168 -9.78 3.98 -0.82
C ARG A 168 -8.73 5.09 -0.66
N VAL A 169 -7.77 5.16 -1.60
CA VAL A 169 -6.68 6.16 -1.56
C VAL A 169 -7.18 7.55 -2.03
N VAL A 170 -6.80 8.59 -1.28
CA VAL A 170 -7.03 10.00 -1.62
C VAL A 170 -5.87 10.81 -1.01
N ASP A 171 -5.48 11.93 -1.64
CA ASP A 171 -4.39 12.79 -1.13
C ASP A 171 -4.78 13.35 0.25
N LEU A 172 -4.13 12.84 1.31
CA LEU A 172 -4.39 13.22 2.70
C LEU A 172 -3.37 14.28 3.15
N TYR A 173 -3.86 15.27 3.89
CA TYR A 173 -3.08 16.42 4.36
C TYR A 173 -3.42 16.68 5.85
N GLY A 1 0.24 15.35 -3.83
CA GLY A 1 1.13 15.55 -2.67
C GLY A 1 2.58 15.27 -2.98
N LYS A 2 3.39 15.09 -1.93
CA LYS A 2 4.85 14.98 -2.05
C LYS A 2 5.42 14.11 -0.93
N ILE A 3 6.54 13.45 -1.23
CA ILE A 3 7.25 12.57 -0.29
C ILE A 3 8.72 13.01 -0.21
N THR A 4 9.34 12.87 0.98
CA THR A 4 10.77 13.17 1.19
C THR A 4 11.35 12.17 2.20
N PHE A 5 12.22 11.26 1.72
CA PHE A 5 12.84 10.20 2.54
C PHE A 5 14.01 10.77 3.36
N TYR A 6 14.27 10.16 4.53
CA TYR A 6 15.44 10.45 5.37
C TYR A 6 15.99 9.14 5.92
N GLU A 7 17.29 8.86 5.64
CA GLU A 7 17.93 7.59 6.02
C GLU A 7 17.99 7.40 7.53
N ASP A 8 18.36 8.46 8.26
CA ASP A 8 18.45 8.43 9.73
C ASP A 8 17.21 9.08 10.36
N ARG A 9 16.99 8.78 11.66
CA ARG A 9 15.83 9.27 12.43
C ARG A 9 15.95 10.78 12.74
N ALA A 10 14.81 11.37 13.18
CA ALA A 10 14.69 12.82 13.49
C ALA A 10 14.93 13.69 12.24
N PHE A 11 14.57 13.12 11.06
CA PHE A 11 14.77 13.74 9.75
C PHE A 11 16.26 14.04 9.50
N GLN A 12 17.07 12.98 9.52
CA GLN A 12 18.54 13.09 9.37
C GLN A 12 19.02 12.13 8.27
N GLY A 13 20.34 12.13 8.00
CA GLY A 13 20.93 11.30 6.96
C GLY A 13 20.73 11.89 5.58
N ARG A 14 20.92 11.07 4.55
CA ARG A 14 20.70 11.48 3.17
C ARG A 14 19.20 11.65 2.91
N SER A 15 18.83 12.85 2.44
CA SER A 15 17.44 13.24 2.18
C SER A 15 17.16 13.06 0.68
N TYR A 16 16.00 12.47 0.35
CA TYR A 16 15.62 12.22 -1.06
C TYR A 16 14.15 12.63 -1.27
N GLU A 17 13.95 13.86 -1.77
CA GLU A 17 12.62 14.38 -2.13
C GLU A 17 12.22 13.79 -3.50
N THR A 18 11.05 13.12 -3.54
CA THR A 18 10.58 12.40 -4.73
C THR A 18 9.12 12.78 -5.03
N THR A 19 8.75 12.75 -6.32
CA THR A 19 7.37 13.02 -6.80
C THR A 19 6.99 12.04 -7.94
N THR A 20 7.77 10.94 -8.07
CA THR A 20 7.61 9.93 -9.15
C THR A 20 7.77 8.51 -8.56
N ASP A 21 7.13 7.51 -9.22
CA ASP A 21 7.28 6.08 -8.85
C ASP A 21 8.72 5.63 -9.14
N CYS A 22 9.45 5.20 -8.10
CA CYS A 22 10.85 4.75 -8.21
C CYS A 22 10.95 3.27 -7.80
N PRO A 23 11.03 2.33 -8.79
CA PRO A 23 11.10 0.87 -8.50
C PRO A 23 12.43 0.45 -7.83
N ASN A 24 13.53 1.13 -8.18
CA ASN A 24 14.86 0.84 -7.62
C ASN A 24 15.40 2.09 -6.93
N LEU A 25 15.11 2.21 -5.63
CA LEU A 25 15.66 3.29 -4.77
C LEU A 25 17.13 3.02 -4.41
N GLN A 26 17.64 1.80 -4.75
CA GLN A 26 19.02 1.32 -4.45
C GLN A 26 20.15 2.37 -4.72
N PRO A 27 20.24 3.05 -5.95
CA PRO A 27 21.28 4.08 -6.20
C PRO A 27 21.17 5.29 -5.25
N TYR A 28 19.92 5.62 -4.88
CA TYR A 28 19.59 6.83 -4.13
C TYR A 28 19.83 6.63 -2.63
N PHE A 29 19.27 5.54 -2.07
CA PHE A 29 19.45 5.14 -0.66
C PHE A 29 19.03 3.65 -0.48
N SER A 30 19.20 3.11 0.74
CA SER A 30 18.76 1.72 1.08
C SER A 30 17.77 1.68 2.26
N ARG A 31 17.72 2.79 3.03
CA ARG A 31 17.04 2.85 4.34
C ARG A 31 16.31 4.19 4.50
N CYS A 32 15.15 4.16 5.19
CA CYS A 32 14.38 5.37 5.51
C CYS A 32 13.82 5.22 6.93
N ASN A 33 14.63 5.67 7.92
CA ASN A 33 14.32 5.54 9.37
C ASN A 33 13.44 6.70 9.86
N SER A 34 13.24 7.71 8.99
CA SER A 34 12.26 8.81 9.21
C SER A 34 11.88 9.38 7.85
N ILE A 35 10.71 10.03 7.74
CA ILE A 35 10.19 10.45 6.44
C ILE A 35 9.15 11.57 6.55
N ARG A 36 9.32 12.59 5.70
CA ARG A 36 8.42 13.73 5.57
C ARG A 36 7.36 13.36 4.51
N VAL A 37 6.19 12.88 4.94
CA VAL A 37 5.03 12.72 4.05
C VAL A 37 4.14 13.96 4.22
N GLU A 38 4.40 14.95 3.34
CA GLU A 38 3.77 16.28 3.40
C GLU A 38 2.26 16.18 3.12
N SER A 39 1.93 15.32 2.15
CA SER A 39 0.57 15.09 1.68
C SER A 39 0.55 13.84 0.82
N GLY A 40 -0.54 13.03 0.94
CA GLY A 40 -0.74 11.83 0.11
C GLY A 40 -0.68 10.52 0.86
N CYS A 41 -0.84 9.43 0.10
CA CYS A 41 -0.72 8.04 0.58
C CYS A 41 0.22 7.28 -0.37
N TRP A 42 1.48 7.11 0.08
CA TRP A 42 2.58 6.60 -0.76
C TRP A 42 2.94 5.17 -0.33
N MET A 43 2.89 4.23 -1.28
CA MET A 43 3.16 2.81 -1.01
C MET A 43 4.65 2.51 -1.18
N LEU A 44 5.39 2.49 -0.07
CA LEU A 44 6.80 2.07 -0.07
C LEU A 44 6.89 0.55 -0.07
N TYR A 45 7.94 0.02 -0.70
CA TYR A 45 8.22 -1.41 -0.76
C TYR A 45 9.57 -1.68 -0.10
N GLU A 46 9.64 -2.84 0.57
CA GLU A 46 10.83 -3.30 1.29
C GLU A 46 11.99 -3.61 0.33
N ARG A 47 11.67 -4.37 -0.73
CA ARG A 47 12.63 -4.83 -1.75
C ARG A 47 12.39 -4.08 -3.08
N PRO A 48 13.44 -3.94 -3.97
CA PRO A 48 13.30 -3.22 -5.26
C PRO A 48 12.36 -3.91 -6.27
N ASN A 49 12.08 -3.21 -7.39
CA ASN A 49 11.21 -3.68 -8.48
C ASN A 49 9.79 -4.05 -7.98
N TYR A 50 9.35 -3.37 -6.91
CA TYR A 50 8.02 -3.57 -6.28
C TYR A 50 7.88 -5.00 -5.68
N GLN A 51 8.86 -5.40 -4.85
CA GLN A 51 8.81 -6.67 -4.06
C GLN A 51 8.92 -6.39 -2.56
N GLY A 52 8.88 -7.48 -1.77
CA GLY A 52 8.96 -7.42 -0.32
C GLY A 52 7.64 -7.09 0.33
N GLN A 53 7.70 -6.61 1.58
CA GLN A 53 6.51 -6.09 2.28
C GLN A 53 6.17 -4.69 1.73
N GLN A 54 4.88 -4.46 1.49
CA GLN A 54 4.37 -3.17 0.99
C GLN A 54 3.96 -2.31 2.20
N TYR A 55 3.99 -0.97 2.05
CA TYR A 55 3.82 -0.01 3.18
C TYR A 55 3.03 1.24 2.73
N LEU A 56 1.74 1.35 3.08
CA LEU A 56 0.95 2.59 2.86
C LEU A 56 1.29 3.54 4.01
N LEU A 57 2.01 4.61 3.71
CA LEU A 57 2.25 5.70 4.65
C LEU A 57 1.16 6.75 4.48
N ARG A 58 0.61 7.22 5.60
CA ARG A 58 -0.43 8.26 5.62
C ARG A 58 0.27 9.63 5.64
N ARG A 59 -0.51 10.71 5.59
CA ARG A 59 0.04 12.07 5.69
C ARG A 59 0.56 12.30 7.12
N GLY A 60 1.86 12.55 7.25
CA GLY A 60 2.45 12.85 8.54
C GLY A 60 3.94 13.10 8.44
N GLU A 61 4.43 14.01 9.27
CA GLU A 61 5.87 14.24 9.47
C GLU A 61 6.36 13.20 10.48
N TYR A 62 6.85 12.06 9.97
CA TYR A 62 7.27 10.92 10.80
C TYR A 62 8.76 11.07 11.21
N PRO A 63 9.07 11.31 12.53
CA PRO A 63 10.46 11.42 13.02
C PRO A 63 11.12 10.04 13.24
N ASP A 64 10.35 8.97 12.95
CA ASP A 64 10.82 7.58 13.01
C ASP A 64 9.90 6.71 12.13
N TYR A 65 10.42 5.56 11.69
CA TYR A 65 9.67 4.64 10.80
C TYR A 65 8.56 3.88 11.56
N GLN A 66 8.74 3.74 12.88
CA GLN A 66 7.76 3.05 13.76
C GLN A 66 6.50 3.93 13.97
N GLN A 67 6.64 5.25 13.71
CA GLN A 67 5.55 6.23 13.82
C GLN A 67 4.43 5.93 12.80
N TRP A 68 4.81 5.33 11.65
CA TRP A 68 3.84 4.87 10.62
C TRP A 68 3.71 3.33 10.64
N MET A 69 4.01 2.72 11.80
CA MET A 69 3.87 1.25 12.03
C MET A 69 4.77 0.44 11.06
N GLY A 70 5.91 1.03 10.68
CA GLY A 70 6.87 0.41 9.78
C GLY A 70 7.52 -0.83 10.36
N LEU A 71 7.32 -1.99 9.70
CA LEU A 71 7.85 -3.28 10.18
C LEU A 71 9.38 -3.28 10.05
N SER A 72 9.88 -2.99 8.85
CA SER A 72 11.31 -2.78 8.58
C SER A 72 11.53 -1.38 7.96
N ASP A 73 12.69 -0.76 8.28
CA ASP A 73 13.13 0.54 7.69
C ASP A 73 13.79 0.35 6.31
N SER A 74 13.89 -0.92 5.88
CA SER A 74 14.31 -1.31 4.53
C SER A 74 13.30 -0.76 3.50
N ILE A 75 13.67 0.34 2.83
CA ILE A 75 12.86 0.99 1.79
C ILE A 75 13.70 1.08 0.51
N ARG A 76 13.44 0.15 -0.41
CA ARG A 76 14.27 -0.05 -1.63
C ARG A 76 13.44 0.04 -2.92
N SER A 77 12.13 0.38 -2.76
CA SER A 77 11.22 0.67 -3.89
C SER A 77 10.06 1.55 -3.38
N CYS A 78 9.32 2.20 -4.30
CA CYS A 78 8.21 3.10 -3.93
C CYS A 78 7.25 3.35 -5.12
N CYS A 79 5.95 3.41 -4.79
CA CYS A 79 4.86 3.77 -5.71
C CYS A 79 4.22 5.07 -5.22
N LEU A 80 4.33 6.11 -6.06
CA LEU A 80 3.76 7.44 -5.81
C LEU A 80 2.30 7.40 -6.33
N ILE A 81 1.34 7.05 -5.46
CA ILE A 81 -0.07 6.83 -5.87
C ILE A 81 -0.93 8.04 -5.44
N PRO A 82 -1.27 8.97 -6.39
CA PRO A 82 -1.87 10.29 -6.06
C PRO A 82 -3.41 10.25 -5.91
N GLN A 83 -4.03 11.46 -5.96
CA GLN A 83 -5.49 11.66 -5.97
C GLN A 83 -6.17 10.79 -7.04
N THR A 84 -7.25 10.12 -6.64
CA THR A 84 -8.14 9.39 -7.54
C THR A 84 -9.59 9.74 -7.15
N VAL A 85 -10.33 10.35 -8.10
CA VAL A 85 -11.67 10.96 -7.86
C VAL A 85 -12.71 9.92 -7.40
N SER A 86 -12.68 8.75 -8.04
CA SER A 86 -13.60 7.64 -7.75
C SER A 86 -12.80 6.36 -7.44
N HIS A 87 -13.41 5.48 -6.64
CA HIS A 87 -12.81 4.20 -6.21
C HIS A 87 -13.85 3.09 -6.35
N ARG A 88 -13.57 2.08 -7.17
CA ARG A 88 -14.44 0.92 -7.34
C ARG A 88 -13.60 -0.36 -7.46
N LEU A 89 -13.86 -1.31 -6.57
CA LEU A 89 -13.13 -2.59 -6.45
C LEU A 89 -14.14 -3.75 -6.39
N ARG A 90 -13.75 -4.91 -6.94
CA ARG A 90 -14.52 -6.17 -6.83
C ARG A 90 -13.59 -7.24 -6.25
N LEU A 91 -13.99 -7.81 -5.10
CA LEU A 91 -13.25 -8.89 -4.42
C LEU A 91 -13.75 -10.25 -4.94
N TYR A 92 -12.84 -11.22 -5.20
CA TYR A 92 -13.21 -12.55 -5.73
C TYR A 92 -12.59 -13.66 -4.86
N GLU A 93 -13.42 -14.66 -4.56
CA GLU A 93 -13.04 -15.85 -3.77
C GLU A 93 -12.07 -16.76 -4.56
N ARG A 94 -12.28 -16.87 -5.87
CA ARG A 94 -11.48 -17.75 -6.74
C ARG A 94 -10.77 -16.91 -7.81
N GLU A 95 -9.57 -17.40 -8.22
CA GLU A 95 -8.76 -16.78 -9.28
C GLU A 95 -9.44 -16.96 -10.65
N ASP A 96 -8.95 -16.20 -11.65
CA ASP A 96 -9.62 -15.98 -12.96
C ASP A 96 -11.00 -15.33 -12.77
N HIS A 97 -11.15 -14.63 -11.61
CA HIS A 97 -12.33 -13.81 -11.27
C HIS A 97 -13.62 -14.65 -11.19
N LYS A 98 -13.61 -15.63 -10.27
CA LYS A 98 -14.77 -16.51 -10.01
C LYS A 98 -15.06 -16.56 -8.51
N GLY A 99 -16.02 -17.42 -8.12
CA GLY A 99 -16.41 -17.58 -6.72
C GLY A 99 -17.31 -16.44 -6.26
N LEU A 100 -17.24 -16.12 -4.96
CA LEU A 100 -17.94 -14.98 -4.37
C LEU A 100 -17.33 -13.67 -4.88
N MET A 101 -18.15 -12.88 -5.60
CA MET A 101 -17.77 -11.57 -6.14
C MET A 101 -18.54 -10.47 -5.39
N MET A 102 -17.81 -9.46 -4.88
CA MET A 102 -18.39 -8.40 -4.04
C MET A 102 -17.81 -7.04 -4.44
N GLU A 103 -18.67 -6.14 -4.96
CA GLU A 103 -18.29 -4.77 -5.30
C GLU A 103 -18.23 -3.92 -4.01
N LEU A 104 -17.35 -2.92 -4.01
CA LEU A 104 -17.16 -2.01 -2.89
C LEU A 104 -16.58 -0.69 -3.43
N SER A 105 -17.13 0.44 -2.96
CA SER A 105 -16.67 1.79 -3.34
C SER A 105 -16.20 2.57 -2.09
N GLU A 106 -16.25 1.91 -0.92
CA GLU A 106 -16.04 2.56 0.41
C GLU A 106 -14.96 1.84 1.24
N ASP A 107 -14.42 2.55 2.25
CA ASP A 107 -13.38 2.02 3.14
C ASP A 107 -13.97 1.00 4.12
N CYS A 108 -13.50 -0.26 4.04
CA CYS A 108 -13.96 -1.34 4.93
C CYS A 108 -12.93 -1.53 6.06
N PRO A 109 -13.28 -1.20 7.35
CA PRO A 109 -12.36 -1.40 8.50
C PRO A 109 -12.13 -2.89 8.85
N SER A 110 -13.01 -3.78 8.34
CA SER A 110 -12.93 -5.22 8.63
C SER A 110 -13.85 -6.05 7.69
N ILE A 111 -13.24 -6.63 6.62
CA ILE A 111 -13.96 -7.44 5.60
C ILE A 111 -14.55 -8.73 6.23
N GLN A 112 -13.81 -9.29 7.20
CA GLN A 112 -14.19 -10.51 7.93
C GLN A 112 -15.50 -10.29 8.73
N ASP A 113 -15.64 -9.11 9.33
CA ASP A 113 -16.82 -8.75 10.14
C ASP A 113 -18.05 -8.45 9.26
N ARG A 114 -17.84 -8.30 7.94
CA ARG A 114 -18.93 -8.09 6.98
C ARG A 114 -19.34 -9.43 6.32
N PHE A 115 -18.58 -9.86 5.29
CA PHE A 115 -18.95 -11.05 4.47
C PHE A 115 -18.05 -12.25 4.79
N HIS A 116 -17.25 -12.13 5.89
CA HIS A 116 -16.38 -13.21 6.41
C HIS A 116 -15.30 -13.63 5.39
N LEU A 117 -14.85 -12.66 4.56
CA LEU A 117 -13.80 -12.91 3.57
C LEU A 117 -12.41 -12.73 4.21
N SER A 118 -11.88 -13.86 4.70
CA SER A 118 -10.56 -13.95 5.36
C SER A 118 -9.44 -14.03 4.30
N GLU A 119 -9.80 -14.45 3.08
CA GLU A 119 -8.88 -14.54 1.93
C GLU A 119 -9.61 -14.10 0.67
N ILE A 120 -8.90 -13.31 -0.17
CA ILE A 120 -9.33 -12.94 -1.51
C ILE A 120 -8.19 -13.29 -2.47
N ARG A 121 -8.47 -14.23 -3.39
CA ARG A 121 -7.46 -14.81 -4.30
C ARG A 121 -7.25 -13.97 -5.56
N SER A 122 -8.27 -13.19 -5.95
CA SER A 122 -8.20 -12.30 -7.13
C SER A 122 -9.11 -11.08 -6.92
N LEU A 123 -8.72 -9.92 -7.45
CA LEU A 123 -9.49 -8.65 -7.32
C LEU A 123 -9.64 -7.99 -8.70
N HIS A 124 -10.44 -6.92 -8.75
CA HIS A 124 -10.57 -6.07 -9.94
C HIS A 124 -10.79 -4.63 -9.49
N VAL A 125 -9.70 -3.84 -9.49
CA VAL A 125 -9.77 -2.39 -9.31
C VAL A 125 -10.17 -1.79 -10.67
N LEU A 126 -11.45 -1.42 -10.81
CA LEU A 126 -11.98 -0.82 -12.04
C LEU A 126 -11.33 0.56 -12.25
N GLU A 127 -11.39 1.37 -11.19
CA GLU A 127 -10.92 2.75 -11.22
C GLU A 127 -10.61 3.21 -9.78
N GLY A 128 -9.54 3.99 -9.64
CA GLY A 128 -9.11 4.52 -8.35
C GLY A 128 -8.43 3.47 -7.49
N CYS A 129 -7.13 3.67 -7.23
CA CYS A 129 -6.28 2.70 -6.52
C CYS A 129 -6.78 2.45 -5.08
N TRP A 130 -6.76 1.16 -4.69
CA TRP A 130 -7.07 0.71 -3.32
C TRP A 130 -5.79 0.16 -2.68
N VAL A 131 -5.91 -0.29 -1.42
CA VAL A 131 -4.88 -1.04 -0.70
C VAL A 131 -5.59 -2.05 0.22
N LEU A 132 -5.28 -3.34 0.04
CA LEU A 132 -5.68 -4.40 0.95
C LEU A 132 -4.76 -4.37 2.19
N TYR A 133 -5.34 -4.72 3.32
CA TYR A 133 -4.64 -4.81 4.62
C TYR A 133 -4.80 -6.25 5.09
N GLU A 134 -3.70 -6.82 5.57
CA GLU A 134 -3.62 -8.23 5.99
C GLU A 134 -4.59 -8.52 7.16
N LEU A 135 -4.40 -7.83 8.29
CA LEU A 135 -5.32 -7.93 9.46
C LEU A 135 -6.41 -6.84 9.39
N PRO A 136 -7.60 -7.08 10.02
CA PRO A 136 -8.63 -6.03 10.22
C PRO A 136 -8.13 -4.86 11.11
N ASN A 137 -9.00 -3.84 11.25
CA ASN A 137 -8.71 -2.57 11.95
C ASN A 137 -7.50 -1.84 11.30
N TYR A 138 -7.22 -2.18 10.03
CA TYR A 138 -6.09 -1.63 9.24
C TYR A 138 -4.71 -1.98 9.85
N ARG A 139 -4.54 -3.27 10.23
CA ARG A 139 -3.27 -3.81 10.75
C ARG A 139 -2.63 -4.79 9.73
N GLY A 140 -1.42 -5.28 10.06
CA GLY A 140 -0.71 -6.29 9.26
C GLY A 140 0.14 -5.69 8.15
N ARG A 141 0.45 -6.52 7.14
CA ARG A 141 1.12 -6.05 5.91
C ARG A 141 0.13 -5.27 5.05
N GLN A 142 0.67 -4.48 4.11
CA GLN A 142 -0.13 -3.73 3.13
C GLN A 142 -0.02 -4.45 1.77
N TYR A 143 -1.04 -4.31 0.91
CA TYR A 143 -1.07 -4.90 -0.43
C TYR A 143 -1.72 -3.89 -1.39
N LEU A 144 -0.87 -3.08 -2.07
CA LEU A 144 -1.32 -2.06 -3.04
C LEU A 144 -2.14 -2.70 -4.16
N LEU A 145 -3.34 -2.14 -4.39
CA LEU A 145 -4.27 -2.60 -5.41
C LEU A 145 -4.36 -1.52 -6.52
N ARG A 146 -3.55 -1.69 -7.57
CA ARG A 146 -3.45 -0.74 -8.69
C ARG A 146 -4.63 -0.94 -9.70
N PRO A 147 -5.03 0.13 -10.47
CA PRO A 147 -6.18 0.07 -11.42
C PRO A 147 -5.97 -0.98 -12.54
N GLN A 148 -6.45 -2.20 -12.25
CA GLN A 148 -6.40 -3.36 -13.17
C GLN A 148 -7.27 -4.50 -12.62
N GLU A 149 -7.40 -5.58 -13.39
CA GLU A 149 -7.97 -6.82 -12.89
C GLU A 149 -6.82 -7.76 -12.44
N TYR A 150 -6.73 -8.00 -11.13
CA TYR A 150 -5.84 -9.01 -10.56
C TYR A 150 -6.43 -10.39 -10.81
N ARG A 151 -5.84 -11.12 -11.75
CA ARG A 151 -6.32 -12.43 -12.21
C ARG A 151 -6.07 -13.52 -11.16
N ARG A 152 -5.15 -13.24 -10.25
CA ARG A 152 -4.65 -14.17 -9.23
C ARG A 152 -3.79 -13.41 -8.23
N CYS A 153 -3.48 -14.06 -7.07
CA CYS A 153 -2.71 -13.42 -5.99
C CYS A 153 -1.25 -13.16 -6.42
N GLN A 154 -0.80 -13.91 -7.46
CA GLN A 154 0.56 -13.78 -8.00
C GLN A 154 0.79 -12.40 -8.66
N ASP A 155 -0.28 -11.74 -9.16
CA ASP A 155 -0.18 -10.47 -9.93
C ASP A 155 0.49 -9.32 -9.13
N TRP A 156 0.06 -9.10 -7.86
CA TRP A 156 0.64 -8.00 -7.03
C TRP A 156 1.75 -8.53 -6.10
N GLY A 157 2.18 -9.78 -6.35
CA GLY A 157 3.24 -10.42 -5.59
C GLY A 157 2.86 -10.64 -4.14
N ALA A 158 1.64 -11.16 -3.92
CA ALA A 158 1.10 -11.41 -2.59
C ALA A 158 1.90 -12.52 -1.89
N MET A 159 2.39 -12.22 -0.68
CA MET A 159 3.02 -13.21 0.21
C MET A 159 1.96 -14.27 0.58
N ASP A 160 0.70 -13.79 0.69
CA ASP A 160 -0.49 -14.62 0.93
C ASP A 160 -1.76 -13.81 0.56
N ALA A 161 -2.91 -14.49 0.51
CA ALA A 161 -4.19 -13.93 0.03
C ALA A 161 -5.00 -13.28 1.17
N LYS A 162 -4.37 -13.06 2.33
CA LYS A 162 -5.04 -12.62 3.56
C LYS A 162 -5.74 -11.26 3.39
N ALA A 163 -7.06 -11.26 3.61
CA ALA A 163 -7.94 -10.11 3.48
C ALA A 163 -8.56 -9.77 4.84
N GLY A 164 -8.12 -8.63 5.41
CA GLY A 164 -8.59 -8.18 6.71
C GLY A 164 -9.38 -6.89 6.63
N SER A 165 -8.88 -5.92 5.84
CA SER A 165 -9.53 -4.60 5.66
C SER A 165 -9.10 -3.93 4.33
N LEU A 166 -9.88 -2.91 3.88
CA LEU A 166 -9.65 -2.19 2.61
C LEU A 166 -9.66 -0.67 2.83
N ARG A 167 -8.79 0.03 2.10
CA ARG A 167 -8.68 1.50 2.14
C ARG A 167 -8.52 2.05 0.70
N ARG A 168 -9.06 3.25 0.49
CA ARG A 168 -9.05 3.97 -0.78
C ARG A 168 -7.93 5.04 -0.74
N VAL A 169 -7.04 5.00 -1.74
CA VAL A 169 -5.87 5.92 -1.80
C VAL A 169 -6.30 7.30 -2.32
N VAL A 170 -6.11 8.31 -1.48
CA VAL A 170 -6.46 9.72 -1.76
C VAL A 170 -5.40 10.62 -1.08
N ASP A 171 -5.20 11.84 -1.56
CA ASP A 171 -4.25 12.78 -0.91
C ASP A 171 -4.86 13.36 0.37
N LEU A 172 -4.33 12.90 1.51
CA LEU A 172 -4.55 13.51 2.83
C LEU A 172 -3.59 14.70 2.94
N TYR A 173 -3.98 15.73 3.71
CA TYR A 173 -3.21 17.00 3.81
C TYR A 173 -3.33 17.60 5.23
N GLY A 1 1.54 17.40 -2.85
CA GLY A 1 1.88 15.97 -2.83
C GLY A 1 3.37 15.73 -3.00
N LYS A 2 4.05 15.29 -1.93
CA LYS A 2 5.51 15.12 -1.91
C LYS A 2 5.95 14.27 -0.71
N ILE A 3 7.08 13.57 -0.87
CA ILE A 3 7.68 12.69 0.14
C ILE A 3 9.19 12.96 0.22
N THR A 4 9.77 12.86 1.43
CA THR A 4 11.21 13.10 1.65
C THR A 4 11.73 12.09 2.69
N PHE A 5 12.69 11.25 2.27
CA PHE A 5 13.27 10.16 3.09
C PHE A 5 14.49 10.66 3.89
N TYR A 6 14.70 10.08 5.08
CA TYR A 6 15.85 10.38 5.95
C TYR A 6 16.31 9.07 6.63
N GLU A 7 17.57 8.64 6.37
CA GLU A 7 18.10 7.35 6.87
C GLU A 7 18.13 7.24 8.40
N ASP A 8 18.48 8.33 9.07
CA ASP A 8 18.55 8.41 10.55
C ASP A 8 17.32 9.15 11.07
N ARG A 9 16.98 8.90 12.35
CA ARG A 9 15.80 9.50 13.01
C ARG A 9 16.01 11.01 13.25
N ALA A 10 14.90 11.70 13.59
CA ALA A 10 14.84 13.16 13.80
C ALA A 10 15.21 13.92 12.51
N PHE A 11 14.87 13.30 11.37
CA PHE A 11 15.09 13.85 10.02
C PHE A 11 16.60 14.09 9.76
N GLN A 12 17.37 13.00 9.82
CA GLN A 12 18.85 13.07 9.69
C GLN A 12 19.34 11.99 8.71
N GLY A 13 20.66 11.98 8.41
CA GLY A 13 21.25 11.02 7.48
C GLY A 13 21.08 11.44 6.04
N ARG A 14 21.07 10.46 5.12
CA ARG A 14 20.86 10.71 3.69
C ARG A 14 19.42 11.18 3.46
N SER A 15 19.29 12.47 3.13
CA SER A 15 17.99 13.12 2.93
C SER A 15 17.72 13.22 1.43
N TYR A 16 16.67 12.53 0.95
CA TYR A 16 16.35 12.45 -0.47
C TYR A 16 14.86 12.78 -0.70
N GLU A 17 14.61 13.92 -1.36
CA GLU A 17 13.28 14.33 -1.78
C GLU A 17 12.88 13.57 -3.06
N THR A 18 11.63 13.09 -3.11
CA THR A 18 11.11 12.29 -4.22
C THR A 18 9.68 12.78 -4.55
N THR A 19 9.36 12.84 -5.85
CA THR A 19 8.02 13.19 -6.33
C THR A 19 7.57 12.22 -7.44
N THR A 20 8.28 11.07 -7.58
CA THR A 20 8.04 10.07 -8.65
C THR A 20 8.09 8.63 -8.10
N ASP A 21 7.73 7.66 -8.97
CA ASP A 21 7.89 6.21 -8.71
C ASP A 21 9.34 5.82 -9.03
N CYS A 22 9.86 4.79 -8.33
CA CYS A 22 11.25 4.35 -8.48
C CYS A 22 11.42 2.90 -7.99
N PRO A 23 11.90 1.95 -8.86
CA PRO A 23 12.13 0.55 -8.44
C PRO A 23 13.38 0.39 -7.57
N ASN A 24 14.35 1.30 -7.74
CA ASN A 24 15.66 1.24 -7.04
C ASN A 24 15.93 2.57 -6.32
N LEU A 25 15.58 2.61 -5.03
CA LEU A 25 15.97 3.71 -4.12
C LEU A 25 17.37 3.46 -3.53
N GLN A 26 17.98 2.30 -3.87
CA GLN A 26 19.33 1.88 -3.43
C GLN A 26 20.44 2.92 -3.79
N PRO A 27 20.56 3.45 -5.08
CA PRO A 27 21.61 4.46 -5.46
C PRO A 27 21.47 5.80 -4.70
N TYR A 28 20.34 5.97 -4.01
CA TYR A 28 20.02 7.19 -3.27
C TYR A 28 20.32 6.97 -1.78
N PHE A 29 19.67 5.97 -1.20
CA PHE A 29 19.79 5.59 0.23
C PHE A 29 19.50 4.09 0.39
N SER A 30 19.54 3.60 1.63
CA SER A 30 19.25 2.18 1.95
C SER A 30 18.01 2.07 2.85
N ARG A 31 17.87 3.07 3.75
CA ARG A 31 16.83 3.04 4.79
C ARG A 31 16.22 4.43 4.98
N CYS A 32 15.14 4.46 5.78
CA CYS A 32 14.40 5.67 6.10
C CYS A 32 13.82 5.52 7.51
N ASN A 33 14.66 5.86 8.52
CA ASN A 33 14.28 5.75 9.96
C ASN A 33 13.45 6.95 10.41
N SER A 34 13.32 7.95 9.53
CA SER A 34 12.37 9.06 9.68
C SER A 34 11.97 9.54 8.29
N ILE A 35 10.71 9.91 8.09
CA ILE A 35 10.18 10.22 6.77
C ILE A 35 9.17 11.38 6.85
N ARG A 36 9.44 12.44 6.08
CA ARG A 36 8.54 13.58 5.95
C ARG A 36 7.58 13.31 4.80
N VAL A 37 6.37 12.82 5.10
CA VAL A 37 5.28 12.75 4.13
C VAL A 37 4.58 14.10 4.17
N GLU A 38 5.10 15.02 3.33
CA GLU A 38 4.68 16.44 3.26
C GLU A 38 3.16 16.53 3.01
N SER A 39 2.69 15.76 2.02
CA SER A 39 1.26 15.59 1.71
C SER A 39 1.05 14.38 0.79
N GLY A 40 -0.16 13.78 0.86
CA GLY A 40 -0.53 12.63 0.02
C GLY A 40 -0.37 11.28 0.72
N CYS A 41 -0.67 10.19 -0.02
CA CYS A 41 -0.54 8.80 0.44
C CYS A 41 0.32 8.00 -0.55
N TRP A 42 1.58 7.77 -0.16
CA TRP A 42 2.62 7.19 -1.06
C TRP A 42 3.00 5.79 -0.57
N MET A 43 2.99 4.81 -1.48
CA MET A 43 3.12 3.40 -1.11
C MET A 43 4.55 2.90 -1.41
N LEU A 44 5.32 2.65 -0.33
CA LEU A 44 6.72 2.18 -0.41
C LEU A 44 6.80 0.65 -0.43
N TYR A 45 7.99 0.15 -0.81
CA TYR A 45 8.31 -1.28 -0.83
C TYR A 45 9.58 -1.52 -0.01
N GLU A 46 9.58 -2.64 0.70
CA GLU A 46 10.72 -3.16 1.46
C GLU A 46 11.88 -3.52 0.52
N ARG A 47 11.55 -4.25 -0.55
CA ARG A 47 12.53 -4.75 -1.54
C ARG A 47 12.44 -3.93 -2.84
N PRO A 48 13.53 -3.93 -3.69
CA PRO A 48 13.53 -3.21 -4.99
C PRO A 48 12.65 -3.93 -6.04
N ASN A 49 12.54 -3.33 -7.24
CA ASN A 49 11.76 -3.87 -8.37
C ASN A 49 10.26 -3.97 -8.05
N TYR A 50 9.81 -3.12 -7.11
CA TYR A 50 8.40 -3.05 -6.67
C TYR A 50 7.96 -4.40 -6.03
N GLN A 51 8.80 -4.94 -5.13
CA GLN A 51 8.59 -6.28 -4.50
C GLN A 51 8.68 -6.23 -2.97
N GLY A 52 8.33 -7.36 -2.33
CA GLY A 52 8.45 -7.54 -0.89
C GLY A 52 7.22 -7.07 -0.13
N GLN A 53 7.43 -6.63 1.11
CA GLN A 53 6.37 -6.04 1.94
C GLN A 53 6.05 -4.63 1.45
N GLN A 54 4.76 -4.31 1.38
CA GLN A 54 4.27 -3.01 0.87
C GLN A 54 3.82 -2.15 2.05
N TYR A 55 4.00 -0.81 1.94
CA TYR A 55 3.81 0.13 3.07
C TYR A 55 3.12 1.41 2.58
N LEU A 56 1.82 1.57 2.86
CA LEU A 56 1.11 2.82 2.52
C LEU A 56 1.42 3.87 3.61
N LEU A 57 2.04 4.97 3.20
CA LEU A 57 2.37 6.10 4.07
C LEU A 57 1.19 7.07 4.10
N ARG A 58 0.77 7.44 5.31
CA ARG A 58 -0.21 8.49 5.53
C ARG A 58 0.52 9.82 5.65
N ARG A 59 -0.18 10.95 5.57
CA ARG A 59 0.46 12.27 5.67
C ARG A 59 0.89 12.53 7.12
N GLY A 60 2.16 12.91 7.28
CA GLY A 60 2.71 13.31 8.57
C GLY A 60 4.21 13.37 8.52
N GLU A 61 4.76 14.32 9.26
CA GLU A 61 6.20 14.45 9.46
C GLU A 61 6.59 13.46 10.57
N TYR A 62 7.00 12.25 10.15
CA TYR A 62 7.33 11.15 11.06
C TYR A 62 8.84 11.25 11.45
N PRO A 63 9.15 11.60 12.74
CA PRO A 63 10.56 11.70 13.23
C PRO A 63 11.18 10.32 13.52
N ASP A 64 10.39 9.25 13.33
CA ASP A 64 10.84 7.86 13.46
C ASP A 64 9.94 6.95 12.59
N TYR A 65 10.44 5.76 12.25
CA TYR A 65 9.72 4.78 11.40
C TYR A 65 8.53 4.15 12.13
N GLN A 66 8.62 4.01 13.48
CA GLN A 66 7.54 3.43 14.31
C GLN A 66 6.33 4.39 14.40
N GLN A 67 6.55 5.68 14.07
CA GLN A 67 5.50 6.71 14.08
C GLN A 67 4.43 6.42 13.00
N TRP A 68 4.85 5.73 11.91
CA TRP A 68 3.93 5.25 10.85
C TRP A 68 3.82 3.71 10.84
N MET A 69 4.24 3.09 11.97
CA MET A 69 4.14 1.62 12.22
C MET A 69 5.03 0.80 11.24
N GLY A 70 6.12 1.43 10.76
CA GLY A 70 7.01 0.82 9.77
C GLY A 70 7.61 -0.51 10.22
N LEU A 71 7.28 -1.59 9.47
CA LEU A 71 7.72 -2.96 9.78
C LEU A 71 9.22 -3.10 9.51
N SER A 72 9.66 -2.56 8.36
CA SER A 72 11.08 -2.41 8.02
C SER A 72 11.37 -0.92 7.83
N ASP A 73 12.52 -0.48 8.36
CA ASP A 73 13.01 0.89 8.16
C ASP A 73 13.67 1.00 6.76
N SER A 74 14.23 -0.14 6.26
CA SER A 74 14.87 -0.22 4.95
C SER A 74 13.83 -0.12 3.82
N ILE A 75 13.95 0.95 2.99
CA ILE A 75 13.04 1.23 1.87
C ILE A 75 13.86 1.23 0.57
N ARG A 76 13.54 0.29 -0.34
CA ARG A 76 14.36 0.05 -1.56
C ARG A 76 13.56 0.31 -2.85
N SER A 77 12.26 0.65 -2.74
CA SER A 77 11.41 1.04 -3.87
C SER A 77 10.25 1.93 -3.37
N CYS A 78 9.72 2.81 -4.25
CA CYS A 78 8.62 3.74 -3.91
C CYS A 78 7.58 3.79 -5.03
N CYS A 79 6.35 4.20 -4.67
CA CYS A 79 5.26 4.51 -5.61
C CYS A 79 4.54 5.79 -5.18
N LEU A 80 4.41 6.73 -6.13
CA LEU A 80 3.77 8.04 -5.94
C LEU A 80 2.37 7.93 -6.54
N ILE A 81 1.35 7.60 -5.69
CA ILE A 81 -0.01 7.30 -6.17
C ILE A 81 -0.97 8.44 -5.72
N PRO A 82 -1.28 9.43 -6.61
CA PRO A 82 -2.11 10.61 -6.27
C PRO A 82 -3.62 10.28 -6.15
N GLN A 83 -4.44 11.35 -6.16
CA GLN A 83 -5.90 11.26 -6.03
C GLN A 83 -6.52 10.39 -7.13
N THR A 84 -7.53 9.62 -6.74
CA THR A 84 -8.39 8.89 -7.66
C THR A 84 -9.85 9.27 -7.32
N VAL A 85 -10.54 9.86 -8.31
CA VAL A 85 -11.86 10.50 -8.13
C VAL A 85 -13.01 9.48 -7.99
N SER A 86 -12.67 8.20 -8.17
CA SER A 86 -13.61 7.07 -8.05
C SER A 86 -12.82 5.82 -7.60
N HIS A 87 -13.50 4.87 -6.93
CA HIS A 87 -12.92 3.55 -6.54
C HIS A 87 -14.01 2.50 -6.68
N ARG A 88 -13.80 1.51 -7.55
CA ARG A 88 -14.80 0.48 -7.87
C ARG A 88 -14.11 -0.88 -7.94
N LEU A 89 -14.34 -1.70 -6.91
CA LEU A 89 -13.70 -3.01 -6.72
C LEU A 89 -14.78 -4.10 -6.64
N ARG A 90 -14.52 -5.27 -7.24
CA ARG A 90 -15.42 -6.43 -7.17
C ARG A 90 -14.63 -7.66 -6.71
N LEU A 91 -14.83 -8.04 -5.44
CA LEU A 91 -14.17 -9.20 -4.82
C LEU A 91 -14.82 -10.52 -5.30
N TYR A 92 -14.03 -11.60 -5.37
CA TYR A 92 -14.50 -12.95 -5.80
C TYR A 92 -13.98 -14.04 -4.84
N GLU A 93 -14.90 -14.92 -4.43
CA GLU A 93 -14.63 -16.02 -3.51
C GLU A 93 -13.71 -17.10 -4.13
N ARG A 94 -13.84 -17.32 -5.45
CA ARG A 94 -13.00 -18.28 -6.21
C ARG A 94 -12.20 -17.52 -7.28
N GLU A 95 -11.04 -18.10 -7.66
CA GLU A 95 -10.14 -17.54 -8.70
C GLU A 95 -10.78 -17.64 -10.09
N ASP A 96 -10.15 -16.93 -11.07
CA ASP A 96 -10.63 -16.83 -12.46
C ASP A 96 -12.00 -16.12 -12.51
N HIS A 97 -12.23 -15.23 -11.52
CA HIS A 97 -13.45 -14.40 -11.41
C HIS A 97 -14.69 -15.29 -11.23
N LYS A 98 -14.68 -16.10 -10.16
CA LYS A 98 -15.74 -17.10 -9.88
C LYS A 98 -16.21 -17.01 -8.42
N GLY A 99 -17.12 -17.93 -8.05
CA GLY A 99 -17.68 -17.99 -6.69
C GLY A 99 -18.68 -16.86 -6.46
N LEU A 100 -18.68 -16.33 -5.23
CA LEU A 100 -19.54 -15.19 -4.87
C LEU A 100 -18.81 -13.86 -5.19
N MET A 101 -19.51 -13.00 -5.94
CA MET A 101 -19.03 -11.68 -6.35
C MET A 101 -19.64 -10.59 -5.45
N MET A 102 -18.80 -9.67 -4.94
CA MET A 102 -19.24 -8.60 -4.04
C MET A 102 -18.58 -7.27 -4.46
N GLU A 103 -19.41 -6.29 -4.83
CA GLU A 103 -18.96 -4.94 -5.17
C GLU A 103 -18.62 -4.17 -3.88
N LEU A 104 -17.65 -3.26 -3.98
CA LEU A 104 -17.23 -2.41 -2.87
C LEU A 104 -16.65 -1.11 -3.44
N SER A 105 -17.19 0.02 -3.01
CA SER A 105 -16.72 1.37 -3.38
C SER A 105 -16.26 2.14 -2.12
N GLU A 106 -16.27 1.46 -0.95
CA GLU A 106 -16.01 2.07 0.36
C GLU A 106 -14.83 1.40 1.06
N ASP A 107 -14.29 2.06 2.10
CA ASP A 107 -13.22 1.48 2.93
C ASP A 107 -13.80 0.36 3.81
N CYS A 108 -13.16 -0.81 3.80
CA CYS A 108 -13.56 -1.94 4.66
C CYS A 108 -12.73 -1.93 5.95
N PRO A 109 -13.35 -1.63 7.15
CA PRO A 109 -12.64 -1.63 8.45
C PRO A 109 -12.06 -3.01 8.83
N SER A 110 -12.80 -4.07 8.48
CA SER A 110 -12.40 -5.46 8.77
C SER A 110 -13.20 -6.43 7.88
N ILE A 111 -12.54 -6.95 6.82
CA ILE A 111 -13.14 -7.87 5.83
C ILE A 111 -13.61 -9.18 6.49
N GLN A 112 -12.90 -9.58 7.57
CA GLN A 112 -13.24 -10.75 8.37
C GLN A 112 -14.63 -10.60 9.05
N ASP A 113 -15.00 -9.37 9.39
CA ASP A 113 -16.32 -9.07 9.99
C ASP A 113 -17.36 -8.67 8.91
N ARG A 114 -16.91 -8.39 7.68
CA ARG A 114 -17.81 -7.95 6.58
C ARG A 114 -18.34 -9.12 5.74
N PHE A 115 -17.47 -10.09 5.43
CA PHE A 115 -17.87 -11.31 4.67
C PHE A 115 -17.04 -12.54 5.11
N HIS A 116 -16.21 -12.36 6.16
CA HIS A 116 -15.35 -13.42 6.74
C HIS A 116 -14.30 -13.95 5.76
N LEU A 117 -13.89 -13.10 4.81
CA LEU A 117 -12.79 -13.41 3.89
C LEU A 117 -11.46 -13.09 4.59
N SER A 118 -10.78 -14.14 5.09
CA SER A 118 -9.42 -14.05 5.65
C SER A 118 -8.39 -14.06 4.52
N GLU A 119 -8.83 -14.48 3.32
CA GLU A 119 -8.09 -14.32 2.04
C GLU A 119 -9.08 -14.05 0.92
N ILE A 120 -8.58 -13.36 -0.11
CA ILE A 120 -9.33 -13.12 -1.36
C ILE A 120 -8.64 -13.92 -2.50
N ARG A 121 -9.41 -14.34 -3.51
CA ARG A 121 -8.89 -15.20 -4.58
C ARG A 121 -8.69 -14.42 -5.89
N SER A 122 -9.74 -13.74 -6.34
CA SER A 122 -9.67 -12.86 -7.53
C SER A 122 -10.49 -11.59 -7.28
N LEU A 123 -10.06 -10.47 -7.89
CA LEU A 123 -10.68 -9.15 -7.71
C LEU A 123 -10.92 -8.51 -9.09
N HIS A 124 -11.61 -7.37 -9.10
CA HIS A 124 -11.76 -6.56 -10.30
C HIS A 124 -11.79 -5.08 -9.89
N VAL A 125 -10.62 -4.44 -9.95
CA VAL A 125 -10.52 -2.98 -9.76
C VAL A 125 -10.80 -2.32 -11.13
N LEU A 126 -12.05 -1.89 -11.34
CA LEU A 126 -12.47 -1.22 -12.59
C LEU A 126 -11.77 0.14 -12.72
N GLU A 127 -11.68 0.84 -11.58
CA GLU A 127 -11.15 2.21 -11.50
C GLU A 127 -10.75 2.55 -10.06
N GLY A 128 -9.74 3.42 -9.93
CA GLY A 128 -9.29 3.91 -8.63
C GLY A 128 -8.45 2.91 -7.88
N CYS A 129 -7.17 3.25 -7.63
CA CYS A 129 -6.24 2.41 -6.88
C CYS A 129 -6.74 2.16 -5.43
N TRP A 130 -6.77 0.90 -5.02
CA TRP A 130 -7.05 0.49 -3.63
C TRP A 130 -5.74 0.09 -2.92
N VAL A 131 -5.87 -0.23 -1.62
CA VAL A 131 -4.78 -0.71 -0.77
C VAL A 131 -5.37 -1.73 0.21
N LEU A 132 -5.11 -3.02 -0.06
CA LEU A 132 -5.40 -4.12 0.85
C LEU A 132 -4.44 -4.06 2.07
N TYR A 133 -4.91 -4.54 3.21
CA TYR A 133 -4.15 -4.64 4.46
C TYR A 133 -4.26 -6.06 4.98
N GLU A 134 -3.14 -6.59 5.48
CA GLU A 134 -3.03 -7.94 6.03
C GLU A 134 -3.94 -8.10 7.26
N LEU A 135 -3.79 -7.18 8.23
CA LEU A 135 -4.64 -7.15 9.44
C LEU A 135 -5.80 -6.16 9.25
N PRO A 136 -6.96 -6.40 9.94
CA PRO A 136 -8.02 -5.38 10.10
C PRO A 136 -7.50 -4.15 10.88
N ASN A 137 -8.36 -3.11 10.98
CA ASN A 137 -8.01 -1.81 11.60
C ASN A 137 -6.92 -1.08 10.75
N TYR A 138 -6.79 -1.51 9.46
CA TYR A 138 -5.82 -0.98 8.48
C TYR A 138 -4.35 -1.19 8.96
N ARG A 139 -4.04 -2.40 9.46
CA ARG A 139 -2.70 -2.72 10.00
C ARG A 139 -2.02 -3.85 9.20
N GLY A 140 -0.76 -4.15 9.57
CA GLY A 140 -0.01 -5.27 8.98
C GLY A 140 0.77 -4.88 7.72
N ARG A 141 0.88 -5.83 6.80
CA ARG A 141 1.50 -5.64 5.46
C ARG A 141 0.44 -5.19 4.44
N GLN A 142 0.77 -4.21 3.60
CA GLN A 142 -0.14 -3.66 2.57
C GLN A 142 -0.03 -4.45 1.26
N TYR A 143 -1.00 -4.22 0.37
CA TYR A 143 -1.05 -4.77 -0.99
C TYR A 143 -1.85 -3.81 -1.88
N LEU A 144 -1.13 -2.94 -2.62
CA LEU A 144 -1.74 -1.93 -3.48
C LEU A 144 -2.46 -2.64 -4.66
N LEU A 145 -3.77 -2.38 -4.79
CA LEU A 145 -4.60 -2.93 -5.86
C LEU A 145 -4.71 -1.90 -7.00
N ARG A 146 -3.97 -2.15 -8.09
CA ARG A 146 -3.90 -1.26 -9.27
C ARG A 146 -5.18 -1.45 -10.14
N PRO A 147 -5.64 -0.37 -10.89
CA PRO A 147 -6.88 -0.41 -11.70
C PRO A 147 -6.81 -1.44 -12.87
N GLN A 148 -7.20 -2.69 -12.54
CA GLN A 148 -7.28 -3.81 -13.48
C GLN A 148 -8.02 -4.99 -12.81
N GLU A 149 -8.41 -5.98 -13.61
CA GLU A 149 -8.96 -7.22 -13.08
C GLU A 149 -7.83 -8.15 -12.59
N TYR A 150 -7.96 -8.64 -11.36
CA TYR A 150 -7.09 -9.68 -10.82
C TYR A 150 -7.76 -11.04 -10.97
N ARG A 151 -7.14 -11.91 -11.76
CA ARG A 151 -7.61 -13.28 -12.02
C ARG A 151 -7.19 -14.22 -10.88
N ARG A 152 -6.18 -13.78 -10.11
CA ARG A 152 -5.53 -14.58 -9.05
C ARG A 152 -4.77 -13.64 -8.09
N CYS A 153 -4.16 -14.21 -7.04
CA CYS A 153 -3.35 -13.46 -6.07
C CYS A 153 -1.99 -13.08 -6.64
N GLN A 154 -1.49 -13.91 -7.58
CA GLN A 154 -0.13 -13.80 -8.12
C GLN A 154 0.06 -12.59 -9.07
N ASP A 155 -1.06 -11.97 -9.51
CA ASP A 155 -1.01 -10.86 -10.52
C ASP A 155 -0.26 -9.61 -10.00
N TRP A 156 -0.52 -9.24 -8.72
CA TRP A 156 0.18 -8.07 -8.09
C TRP A 156 1.39 -8.53 -7.26
N GLY A 157 1.80 -9.79 -7.47
CA GLY A 157 3.00 -10.36 -6.84
C GLY A 157 2.81 -10.67 -5.36
N ALA A 158 1.57 -11.05 -4.99
CA ALA A 158 1.22 -11.36 -3.59
C ALA A 158 1.78 -12.72 -3.17
N MET A 159 2.68 -12.71 -2.17
CA MET A 159 3.20 -13.95 -1.54
C MET A 159 2.08 -14.66 -0.75
N ASP A 160 1.06 -13.88 -0.36
CA ASP A 160 -0.16 -14.34 0.30
C ASP A 160 -1.28 -13.35 -0.01
N ALA A 161 -2.53 -13.85 -0.01
CA ALA A 161 -3.71 -13.07 -0.40
C ALA A 161 -4.56 -12.64 0.82
N LYS A 162 -3.88 -12.54 1.98
CA LYS A 162 -4.50 -12.20 3.27
C LYS A 162 -5.36 -10.91 3.17
N ALA A 163 -6.64 -11.05 3.56
CA ALA A 163 -7.64 -9.99 3.44
C ALA A 163 -8.14 -9.60 4.85
N GLY A 164 -7.47 -8.59 5.42
CA GLY A 164 -7.81 -8.08 6.76
C GLY A 164 -8.70 -6.85 6.71
N SER A 165 -8.32 -5.88 5.87
CA SER A 165 -9.08 -4.63 5.66
C SER A 165 -8.72 -4.00 4.29
N LEU A 166 -9.61 -3.12 3.78
CA LEU A 166 -9.43 -2.42 2.48
C LEU A 166 -9.53 -0.91 2.68
N ARG A 167 -8.69 -0.16 1.97
CA ARG A 167 -8.69 1.30 1.94
C ARG A 167 -8.56 1.78 0.50
N ARG A 168 -9.13 2.95 0.24
CA ARG A 168 -9.10 3.61 -1.06
C ARG A 168 -7.97 4.66 -1.06
N VAL A 169 -7.15 4.70 -2.13
CA VAL A 169 -6.08 5.72 -2.25
C VAL A 169 -6.72 7.11 -2.41
N VAL A 170 -6.65 7.89 -1.33
CA VAL A 170 -7.13 9.27 -1.27
C VAL A 170 -6.06 10.10 -0.53
N ASP A 171 -5.78 11.31 -1.03
CA ASP A 171 -4.79 12.21 -0.42
C ASP A 171 -5.19 12.65 1.00
N LEU A 172 -4.34 12.30 1.97
CA LEU A 172 -4.39 12.88 3.33
C LEU A 172 -3.49 14.11 3.35
N TYR A 173 -3.94 15.19 4.00
CA TYR A 173 -3.20 16.45 4.10
C TYR A 173 -3.61 17.20 5.39
N GLY A 1 1.60 17.00 -4.12
CA GLY A 1 2.05 15.80 -3.37
C GLY A 1 3.51 15.50 -3.61
N LYS A 2 4.22 15.02 -2.57
CA LYS A 2 5.69 14.87 -2.59
C LYS A 2 6.14 14.07 -1.36
N ILE A 3 7.30 13.38 -1.48
CA ILE A 3 7.86 12.54 -0.40
C ILE A 3 9.40 12.76 -0.31
N THR A 4 9.96 12.62 0.91
CA THR A 4 11.40 12.76 1.16
C THR A 4 11.84 11.77 2.26
N PHE A 5 12.93 11.06 1.99
CA PHE A 5 13.48 9.99 2.85
C PHE A 5 14.70 10.51 3.61
N TYR A 6 14.89 10.04 4.84
CA TYR A 6 16.07 10.31 5.68
C TYR A 6 16.46 9.01 6.40
N GLU A 7 17.69 8.52 6.14
CA GLU A 7 18.15 7.21 6.69
C GLU A 7 18.20 7.20 8.22
N ASP A 8 18.49 8.35 8.85
CA ASP A 8 18.56 8.48 10.31
C ASP A 8 17.31 9.17 10.85
N ARG A 9 17.10 9.08 12.17
CA ARG A 9 15.96 9.72 12.88
C ARG A 9 16.13 11.25 12.90
N ALA A 10 15.04 11.95 13.28
CA ALA A 10 15.01 13.43 13.41
C ALA A 10 15.37 14.16 12.09
N PHE A 11 15.19 13.44 10.96
CA PHE A 11 15.47 13.91 9.60
C PHE A 11 16.97 14.20 9.38
N GLN A 12 17.80 13.17 9.65
CA GLN A 12 19.25 13.17 9.35
C GLN A 12 19.58 12.07 8.31
N GLY A 13 20.84 12.04 7.86
CA GLY A 13 21.34 10.99 6.97
C GLY A 13 21.12 11.30 5.50
N ARG A 14 21.09 10.25 4.67
CA ARG A 14 20.91 10.39 3.21
C ARG A 14 19.48 10.89 2.94
N SER A 15 19.41 12.09 2.40
CA SER A 15 18.16 12.77 2.11
C SER A 15 17.82 12.55 0.62
N TYR A 16 16.70 11.86 0.34
CA TYR A 16 16.25 11.66 -1.05
C TYR A 16 14.80 12.13 -1.22
N GLU A 17 14.64 13.24 -1.95
CA GLU A 17 13.32 13.80 -2.31
C GLU A 17 12.93 13.27 -3.70
N THR A 18 11.68 12.78 -3.83
CA THR A 18 11.09 12.41 -5.13
C THR A 18 9.60 12.73 -5.15
N THR A 19 9.06 12.95 -6.35
CA THR A 19 7.63 13.20 -6.59
C THR A 19 7.09 12.17 -7.62
N THR A 20 7.93 11.19 -7.96
CA THR A 20 7.62 10.14 -8.96
C THR A 20 7.69 8.74 -8.32
N ASP A 21 7.30 7.72 -9.10
CA ASP A 21 7.51 6.31 -8.74
C ASP A 21 9.00 5.95 -8.95
N CYS A 22 9.50 4.97 -8.19
CA CYS A 22 10.86 4.46 -8.35
C CYS A 22 10.94 3.01 -7.83
N PRO A 23 11.10 1.99 -8.73
CA PRO A 23 11.22 0.57 -8.33
C PRO A 23 12.56 0.26 -7.64
N ASN A 24 13.58 1.13 -7.81
CA ASN A 24 14.93 0.88 -7.27
C ASN A 24 15.48 2.13 -6.58
N LEU A 25 15.32 2.16 -5.25
CA LEU A 25 15.91 3.20 -4.38
C LEU A 25 17.35 2.78 -3.94
N GLN A 26 17.89 1.73 -4.61
CA GLN A 26 19.23 1.16 -4.37
C GLN A 26 20.38 2.22 -4.46
N PRO A 27 20.49 3.06 -5.56
CA PRO A 27 21.62 4.03 -5.69
C PRO A 27 21.51 5.21 -4.71
N TYR A 28 20.29 5.44 -4.21
CA TYR A 28 19.99 6.59 -3.34
C TYR A 28 20.32 6.25 -1.88
N PHE A 29 19.63 5.23 -1.34
CA PHE A 29 19.72 4.84 0.10
C PHE A 29 19.33 3.36 0.27
N SER A 30 19.32 2.87 1.54
CA SER A 30 18.95 1.48 1.87
C SER A 30 17.74 1.43 2.82
N ARG A 31 17.65 2.43 3.72
CA ARG A 31 16.61 2.49 4.76
C ARG A 31 16.21 3.94 5.03
N CYS A 32 15.11 4.11 5.76
CA CYS A 32 14.54 5.43 6.07
C CYS A 32 13.96 5.39 7.49
N ASN A 33 14.78 5.83 8.48
CA ASN A 33 14.40 5.81 9.91
C ASN A 33 13.58 7.05 10.30
N SER A 34 13.49 8.05 9.39
CA SER A 34 12.54 9.16 9.50
C SER A 34 12.15 9.62 8.09
N ILE A 35 10.86 9.84 7.86
CA ILE A 35 10.34 10.12 6.51
C ILE A 35 9.34 11.28 6.56
N ARG A 36 9.53 12.26 5.65
CA ARG A 36 8.65 13.43 5.54
C ARG A 36 7.85 13.32 4.23
N VAL A 37 6.57 12.93 4.35
CA VAL A 37 5.62 13.03 3.24
C VAL A 37 4.98 14.43 3.29
N GLU A 38 5.31 15.25 2.27
CA GLU A 38 4.83 16.63 2.14
C GLU A 38 3.30 16.65 2.15
N SER A 39 2.71 15.95 1.19
CA SER A 39 1.26 15.65 1.15
C SER A 39 1.03 14.39 0.32
N GLY A 40 -0.12 13.73 0.52
CA GLY A 40 -0.49 12.54 -0.25
C GLY A 40 -0.42 11.25 0.55
N CYS A 41 -0.66 10.12 -0.14
CA CYS A 41 -0.64 8.77 0.45
C CYS A 41 0.12 7.84 -0.51
N TRP A 42 1.42 7.64 -0.23
CA TRP A 42 2.35 6.95 -1.14
C TRP A 42 2.71 5.57 -0.56
N MET A 43 2.79 4.56 -1.44
CA MET A 43 3.03 3.18 -1.03
C MET A 43 4.51 2.82 -1.16
N LEU A 44 5.17 2.63 -0.01
CA LEU A 44 6.60 2.29 0.08
C LEU A 44 6.78 0.78 0.15
N TYR A 45 7.88 0.29 -0.42
CA TYR A 45 8.16 -1.15 -0.55
C TYR A 45 9.55 -1.44 -0.01
N GLU A 46 9.64 -2.50 0.80
CA GLU A 46 10.88 -2.93 1.45
C GLU A 46 11.89 -3.46 0.42
N ARG A 47 11.41 -4.36 -0.46
CA ARG A 47 12.20 -4.92 -1.58
C ARG A 47 11.98 -4.07 -2.85
N PRO A 48 12.99 -4.02 -3.80
CA PRO A 48 12.83 -3.34 -5.11
C PRO A 48 11.77 -4.02 -6.02
N ASN A 49 11.40 -3.32 -7.12
CA ASN A 49 10.43 -3.80 -8.15
C ASN A 49 9.00 -3.94 -7.57
N TYR A 50 8.69 -3.10 -6.56
CA TYR A 50 7.38 -3.01 -5.90
C TYR A 50 7.04 -4.31 -5.13
N GLN A 51 8.10 -4.97 -4.60
CA GLN A 51 7.99 -6.28 -3.92
C GLN A 51 8.25 -6.16 -2.39
N GLY A 52 8.26 -7.32 -1.70
CA GLY A 52 8.53 -7.37 -0.27
C GLY A 52 7.30 -7.01 0.56
N GLN A 53 7.55 -6.45 1.75
CA GLN A 53 6.49 -5.87 2.58
C GLN A 53 6.16 -4.46 2.07
N GLN A 54 4.88 -4.25 1.73
CA GLN A 54 4.39 -2.97 1.21
C GLN A 54 3.82 -2.14 2.38
N TYR A 55 3.90 -0.81 2.27
CA TYR A 55 3.59 0.14 3.35
C TYR A 55 2.78 1.32 2.79
N LEU A 56 1.85 1.87 3.57
CA LEU A 56 1.10 3.09 3.20
C LEU A 56 1.55 4.23 4.11
N LEU A 57 2.35 5.15 3.55
CA LEU A 57 2.77 6.38 4.23
C LEU A 57 1.82 7.50 3.83
N ARG A 58 1.11 8.04 4.82
CA ARG A 58 0.21 9.18 4.63
C ARG A 58 1.02 10.48 4.82
N ARG A 59 0.37 11.65 4.64
CA ARG A 59 0.99 12.95 4.95
C ARG A 59 1.39 12.98 6.44
N GLY A 60 2.68 13.28 6.69
CA GLY A 60 3.17 13.41 8.05
C GLY A 60 4.68 13.57 8.07
N GLU A 61 5.14 14.36 9.03
CA GLU A 61 6.55 14.51 9.34
C GLU A 61 6.89 13.49 10.45
N TYR A 62 7.28 12.28 10.03
CA TYR A 62 7.55 11.17 10.95
C TYR A 62 9.04 11.21 11.38
N PRO A 63 9.37 11.63 12.65
CA PRO A 63 10.78 11.74 13.13
C PRO A 63 11.40 10.36 13.44
N ASP A 64 10.56 9.32 13.36
CA ASP A 64 10.97 7.92 13.51
C ASP A 64 10.03 7.03 12.67
N TYR A 65 10.51 5.85 12.28
CA TYR A 65 9.73 4.88 11.47
C TYR A 65 8.66 4.17 12.31
N GLN A 66 8.86 4.14 13.63
CA GLN A 66 7.93 3.50 14.58
C GLN A 66 6.68 4.39 14.78
N GLN A 67 6.77 5.65 14.35
CA GLN A 67 5.69 6.65 14.43
C GLN A 67 4.46 6.22 13.60
N TRP A 68 4.74 5.62 12.43
CA TRP A 68 3.71 5.07 11.52
C TRP A 68 3.65 3.53 11.61
N MET A 69 4.25 2.98 12.70
CA MET A 69 4.29 1.54 13.01
C MET A 69 4.93 0.73 11.86
N GLY A 70 6.15 1.17 11.49
CA GLY A 70 6.92 0.52 10.44
C GLY A 70 7.39 -0.87 10.83
N LEU A 71 6.99 -1.89 10.06
CA LEU A 71 7.38 -3.29 10.28
C LEU A 71 8.89 -3.43 9.99
N SER A 72 9.37 -2.69 8.98
CA SER A 72 10.80 -2.41 8.76
C SER A 72 10.96 -0.98 8.22
N ASP A 73 12.09 -0.35 8.59
CA ASP A 73 12.50 0.98 8.09
C ASP A 73 13.17 0.87 6.71
N SER A 74 13.64 -0.34 6.36
CA SER A 74 14.35 -0.61 5.10
C SER A 74 13.37 -0.48 3.89
N ILE A 75 13.64 0.53 3.03
CA ILE A 75 12.78 0.85 1.86
C ILE A 75 13.67 0.91 0.60
N ARG A 76 13.35 0.09 -0.42
CA ARG A 76 14.13 -0.01 -1.66
C ARG A 76 13.25 0.08 -2.93
N SER A 77 11.97 0.48 -2.76
CA SER A 77 11.05 0.78 -3.86
C SER A 77 9.91 1.71 -3.38
N CYS A 78 9.20 2.36 -4.33
CA CYS A 78 8.12 3.33 -4.02
C CYS A 78 7.16 3.51 -5.21
N CYS A 79 5.87 3.73 -4.88
CA CYS A 79 4.81 4.12 -5.82
C CYS A 79 4.08 5.36 -5.27
N LEU A 80 4.15 6.47 -6.01
CA LEU A 80 3.45 7.71 -5.65
C LEU A 80 2.01 7.65 -6.23
N ILE A 81 1.06 7.13 -5.42
CA ILE A 81 -0.32 6.84 -5.85
C ILE A 81 -1.24 8.04 -5.47
N PRO A 82 -1.66 8.89 -6.47
CA PRO A 82 -2.34 10.18 -6.20
C PRO A 82 -3.83 10.04 -5.80
N GLN A 83 -4.52 11.21 -5.73
CA GLN A 83 -5.95 11.27 -5.41
C GLN A 83 -6.78 10.57 -6.50
N THR A 84 -7.77 9.79 -6.08
CA THR A 84 -8.73 9.13 -6.97
C THR A 84 -10.16 9.53 -6.54
N VAL A 85 -10.88 10.19 -7.47
CA VAL A 85 -12.19 10.82 -7.20
C VAL A 85 -13.31 9.79 -6.96
N SER A 86 -13.12 8.57 -7.51
CA SER A 86 -14.06 7.47 -7.39
C SER A 86 -13.28 6.17 -7.12
N HIS A 87 -13.93 5.19 -6.47
CA HIS A 87 -13.34 3.87 -6.17
C HIS A 87 -14.40 2.78 -6.38
N ARG A 88 -14.02 1.68 -7.02
CA ARG A 88 -14.92 0.53 -7.27
C ARG A 88 -14.07 -0.74 -7.45
N LEU A 89 -14.29 -1.70 -6.55
CA LEU A 89 -13.55 -2.98 -6.48
C LEU A 89 -14.54 -4.13 -6.29
N ARG A 90 -14.26 -5.27 -6.96
CA ARG A 90 -15.05 -6.50 -6.80
C ARG A 90 -14.13 -7.64 -6.33
N LEU A 91 -14.55 -8.32 -5.26
CA LEU A 91 -13.85 -9.45 -4.64
C LEU A 91 -14.30 -10.76 -5.31
N TYR A 92 -13.34 -11.63 -5.72
CA TYR A 92 -13.64 -12.91 -6.40
C TYR A 92 -13.05 -14.09 -5.61
N GLU A 93 -13.90 -15.09 -5.36
CA GLU A 93 -13.66 -16.17 -4.40
C GLU A 93 -12.54 -17.13 -4.86
N ARG A 94 -12.45 -17.39 -6.17
CA ARG A 94 -11.37 -18.20 -6.78
C ARG A 94 -10.62 -17.36 -7.81
N GLU A 95 -9.45 -17.88 -8.25
CA GLU A 95 -8.57 -17.20 -9.23
C GLU A 95 -9.23 -17.17 -10.61
N ASP A 96 -8.71 -16.27 -11.48
CA ASP A 96 -9.26 -16.00 -12.82
C ASP A 96 -10.70 -15.43 -12.73
N HIS A 97 -11.02 -14.83 -11.56
CA HIS A 97 -12.28 -14.13 -11.30
C HIS A 97 -13.49 -15.08 -11.27
N LYS A 98 -13.41 -16.11 -10.39
CA LYS A 98 -14.45 -17.18 -10.29
C LYS A 98 -15.11 -17.20 -8.89
N GLY A 99 -16.17 -18.04 -8.78
CA GLY A 99 -16.90 -18.25 -7.51
C GLY A 99 -17.82 -17.08 -7.16
N LEU A 100 -17.80 -16.71 -5.87
CA LEU A 100 -18.52 -15.53 -5.34
C LEU A 100 -17.85 -14.24 -5.87
N MET A 101 -18.68 -13.28 -6.31
CA MET A 101 -18.27 -11.90 -6.60
C MET A 101 -19.00 -10.96 -5.63
N MET A 102 -18.31 -9.91 -5.14
CA MET A 102 -18.93 -8.89 -4.27
C MET A 102 -18.32 -7.51 -4.55
N GLU A 103 -19.18 -6.56 -4.99
CA GLU A 103 -18.80 -5.16 -5.23
C GLU A 103 -18.52 -4.45 -3.89
N LEU A 104 -17.73 -3.38 -3.95
CA LEU A 104 -17.43 -2.51 -2.81
C LEU A 104 -16.88 -1.19 -3.35
N SER A 105 -17.35 -0.07 -2.80
CA SER A 105 -16.90 1.28 -3.19
C SER A 105 -16.51 2.09 -1.93
N GLU A 106 -16.41 1.39 -0.77
CA GLU A 106 -16.24 2.02 0.56
C GLU A 106 -15.02 1.45 1.29
N ASP A 107 -14.51 2.22 2.28
CA ASP A 107 -13.42 1.77 3.17
C ASP A 107 -13.90 0.61 4.04
N CYS A 108 -13.38 -0.61 3.79
CA CYS A 108 -13.74 -1.81 4.56
C CYS A 108 -12.82 -1.93 5.79
N PRO A 109 -13.36 -1.77 7.04
CA PRO A 109 -12.53 -1.80 8.27
C PRO A 109 -11.99 -3.21 8.56
N SER A 110 -12.76 -4.24 8.14
CA SER A 110 -12.42 -5.66 8.28
C SER A 110 -13.33 -6.49 7.37
N ILE A 111 -12.78 -7.05 6.28
CA ILE A 111 -13.55 -7.93 5.33
C ILE A 111 -14.09 -9.17 6.06
N GLN A 112 -13.35 -9.63 7.08
CA GLN A 112 -13.75 -10.75 7.95
C GLN A 112 -15.01 -10.40 8.78
N ASP A 113 -15.16 -9.13 9.14
CA ASP A 113 -16.33 -8.64 9.91
C ASP A 113 -17.46 -8.12 8.99
N ARG A 114 -17.23 -8.09 7.66
CA ARG A 114 -18.22 -7.57 6.68
C ARG A 114 -18.87 -8.70 5.85
N PHE A 115 -18.03 -9.53 5.19
CA PHE A 115 -18.51 -10.67 4.37
C PHE A 115 -17.88 -12.01 4.85
N HIS A 116 -17.15 -11.94 5.99
CA HIS A 116 -16.49 -13.12 6.63
C HIS A 116 -15.35 -13.70 5.77
N LEU A 117 -14.81 -12.89 4.84
CA LEU A 117 -13.72 -13.34 3.95
C LEU A 117 -12.35 -12.96 4.58
N SER A 118 -11.62 -13.98 5.05
CA SER A 118 -10.21 -13.85 5.48
C SER A 118 -9.27 -14.14 4.30
N GLU A 119 -9.82 -14.53 3.14
CA GLU A 119 -9.05 -14.81 1.92
C GLU A 119 -9.68 -14.12 0.71
N ILE A 120 -8.83 -13.83 -0.28
CA ILE A 120 -9.22 -13.36 -1.59
C ILE A 120 -8.16 -13.83 -2.60
N ARG A 121 -8.62 -14.47 -3.69
CA ARG A 121 -7.69 -15.11 -4.65
C ARG A 121 -7.47 -14.20 -5.86
N SER A 122 -8.52 -13.46 -6.26
CA SER A 122 -8.45 -12.52 -7.38
C SER A 122 -9.37 -11.31 -7.10
N LEU A 123 -8.97 -10.15 -7.61
CA LEU A 123 -9.70 -8.88 -7.47
C LEU A 123 -9.90 -8.24 -8.85
N HIS A 124 -10.85 -7.32 -8.96
CA HIS A 124 -11.01 -6.48 -10.15
C HIS A 124 -11.30 -5.07 -9.67
N VAL A 125 -10.26 -4.23 -9.67
CA VAL A 125 -10.40 -2.80 -9.38
C VAL A 125 -10.89 -2.12 -10.66
N LEU A 126 -12.22 -1.89 -10.76
CA LEU A 126 -12.85 -1.27 -11.95
C LEU A 126 -12.32 0.17 -12.12
N GLU A 127 -12.31 0.92 -11.02
CA GLU A 127 -11.82 2.30 -10.98
C GLU A 127 -11.28 2.62 -9.58
N GLY A 128 -10.47 3.68 -9.52
CA GLY A 128 -9.86 4.14 -8.29
C GLY A 128 -8.67 3.30 -7.88
N CYS A 129 -7.94 3.77 -6.88
CA CYS A 129 -6.83 3.03 -6.27
C CYS A 129 -7.24 2.62 -4.86
N TRP A 130 -7.12 1.32 -4.57
CA TRP A 130 -7.38 0.74 -3.25
C TRP A 130 -6.07 0.25 -2.63
N VAL A 131 -6.14 -0.21 -1.37
CA VAL A 131 -5.02 -0.84 -0.65
C VAL A 131 -5.60 -1.94 0.24
N LEU A 132 -5.32 -3.21 -0.11
CA LEU A 132 -5.63 -4.36 0.74
C LEU A 132 -4.66 -4.36 1.94
N TYR A 133 -5.15 -4.85 3.08
CA TYR A 133 -4.38 -5.02 4.30
C TYR A 133 -4.48 -6.48 4.71
N GLU A 134 -3.35 -7.03 5.15
CA GLU A 134 -3.20 -8.43 5.53
C GLU A 134 -4.10 -8.74 6.74
N LEU A 135 -3.91 -8.01 7.84
CA LEU A 135 -4.74 -8.13 9.05
C LEU A 135 -5.94 -7.14 8.97
N PRO A 136 -7.11 -7.51 9.59
CA PRO A 136 -8.20 -6.56 9.89
C PRO A 136 -7.77 -5.33 10.73
N ASN A 137 -8.68 -4.35 10.85
CA ASN A 137 -8.44 -3.06 11.56
C ASN A 137 -7.28 -2.27 10.89
N TYR A 138 -7.09 -2.51 9.57
CA TYR A 138 -6.05 -1.85 8.74
C TYR A 138 -4.63 -2.10 9.30
N ARG A 139 -4.36 -3.37 9.65
CA ARG A 139 -3.06 -3.77 10.25
C ARG A 139 -2.30 -4.75 9.33
N GLY A 140 -1.04 -5.02 9.69
CA GLY A 140 -0.20 -5.98 8.97
C GLY A 140 0.53 -5.35 7.81
N ARG A 141 0.74 -6.15 6.75
CA ARG A 141 1.31 -5.69 5.48
C ARG A 141 0.23 -5.04 4.60
N GLN A 142 0.61 -3.97 3.88
CA GLN A 142 -0.24 -3.31 2.88
C GLN A 142 -0.08 -4.02 1.53
N TYR A 143 -1.04 -3.82 0.62
CA TYR A 143 -1.05 -4.42 -0.73
C TYR A 143 -1.74 -3.45 -1.68
N LEU A 144 -0.97 -2.74 -2.53
CA LEU A 144 -1.52 -1.69 -3.41
C LEU A 144 -2.38 -2.32 -4.52
N LEU A 145 -3.64 -1.88 -4.60
CA LEU A 145 -4.61 -2.33 -5.60
C LEU A 145 -4.82 -1.18 -6.60
N ARG A 146 -4.30 -1.36 -7.82
CA ARG A 146 -4.34 -0.35 -8.87
C ARG A 146 -5.51 -0.68 -9.83
N PRO A 147 -6.16 0.35 -10.48
CA PRO A 147 -7.32 0.13 -11.38
C PRO A 147 -7.00 -0.82 -12.56
N GLN A 148 -7.25 -2.12 -12.32
CA GLN A 148 -7.02 -3.20 -13.29
C GLN A 148 -7.66 -4.51 -12.78
N GLU A 149 -7.62 -5.56 -13.62
CA GLU A 149 -8.10 -6.90 -13.25
C GLU A 149 -6.92 -7.75 -12.73
N TYR A 150 -6.98 -8.11 -11.44
CA TYR A 150 -6.04 -9.06 -10.81
C TYR A 150 -6.54 -10.49 -10.96
N ARG A 151 -5.79 -11.32 -11.69
CA ARG A 151 -6.16 -12.71 -12.02
C ARG A 151 -5.77 -13.66 -10.86
N ARG A 152 -4.85 -13.18 -10.01
CA ARG A 152 -4.35 -13.92 -8.85
C ARG A 152 -3.83 -12.93 -7.78
N CYS A 153 -3.54 -13.46 -6.59
CA CYS A 153 -3.09 -12.69 -5.43
C CYS A 153 -1.64 -12.16 -5.61
N GLN A 154 -0.87 -12.94 -6.37
CA GLN A 154 0.54 -12.68 -6.66
C GLN A 154 0.75 -11.40 -7.51
N ASP A 155 -0.31 -10.99 -8.24
CA ASP A 155 -0.26 -9.85 -9.18
C ASP A 155 -0.08 -8.51 -8.46
N TRP A 156 -0.74 -8.34 -7.28
CA TRP A 156 -0.63 -7.10 -6.49
C TRP A 156 0.58 -7.11 -5.53
N GLY A 157 1.42 -8.16 -5.66
CA GLY A 157 2.66 -8.28 -4.89
C GLY A 157 2.50 -9.01 -3.55
N ALA A 158 1.42 -9.81 -3.44
CA ALA A 158 1.19 -10.66 -2.26
C ALA A 158 1.73 -12.06 -2.52
N MET A 159 2.55 -12.57 -1.57
CA MET A 159 3.06 -13.97 -1.60
C MET A 159 1.99 -14.92 -0.99
N ASP A 160 0.85 -14.32 -0.63
CA ASP A 160 -0.26 -14.94 0.10
C ASP A 160 -1.59 -14.47 -0.53
N ALA A 161 -2.72 -14.99 -0.04
CA ALA A 161 -4.07 -14.62 -0.52
C ALA A 161 -4.91 -14.05 0.64
N LYS A 162 -4.25 -13.47 1.65
CA LYS A 162 -4.92 -13.00 2.88
C LYS A 162 -5.67 -11.67 2.65
N ALA A 163 -6.95 -11.65 3.05
CA ALA A 163 -7.85 -10.49 2.94
C ALA A 163 -8.31 -10.06 4.34
N GLY A 164 -7.67 -9.02 4.89
CA GLY A 164 -8.01 -8.52 6.22
C GLY A 164 -8.95 -7.32 6.18
N SER A 165 -8.55 -6.28 5.44
CA SER A 165 -9.33 -5.02 5.29
C SER A 165 -8.97 -4.29 3.97
N LEU A 166 -9.85 -3.34 3.53
CA LEU A 166 -9.66 -2.56 2.27
C LEU A 166 -9.76 -1.05 2.56
N ARG A 167 -8.80 -0.28 2.02
CA ARG A 167 -8.77 1.19 2.15
C ARG A 167 -8.76 1.85 0.76
N ARG A 168 -9.40 3.01 0.66
CA ARG A 168 -9.46 3.82 -0.56
C ARG A 168 -8.37 4.90 -0.49
N VAL A 169 -7.54 5.00 -1.55
CA VAL A 169 -6.45 6.00 -1.61
C VAL A 169 -7.04 7.42 -1.79
N VAL A 170 -6.89 8.23 -0.75
CA VAL A 170 -7.28 9.64 -0.72
C VAL A 170 -6.02 10.49 -0.44
N ASP A 171 -5.82 11.56 -1.22
CA ASP A 171 -4.67 12.46 -1.06
C ASP A 171 -4.90 13.36 0.17
N LEU A 172 -4.01 13.25 1.17
CA LEU A 172 -4.13 13.98 2.44
C LEU A 172 -3.24 15.24 2.42
N TYR A 173 -3.71 16.28 3.11
CA TYR A 173 -3.05 17.59 3.18
C TYR A 173 -3.04 18.08 4.65
N GLY A 1 2.37 15.69 -5.24
CA GLY A 1 3.00 14.90 -4.17
C GLY A 1 4.46 15.23 -3.96
N LYS A 2 5.02 14.79 -2.81
CA LYS A 2 6.43 15.00 -2.45
C LYS A 2 6.72 14.29 -1.12
N ILE A 3 7.83 13.54 -1.07
CA ILE A 3 8.18 12.67 0.07
C ILE A 3 9.71 12.65 0.23
N THR A 4 10.19 12.80 1.48
CA THR A 4 11.63 12.93 1.78
C THR A 4 12.05 11.83 2.77
N PHE A 5 12.79 10.84 2.27
CA PHE A 5 13.29 9.69 3.05
C PHE A 5 14.60 10.05 3.77
N TYR A 6 14.80 9.51 4.99
CA TYR A 6 16.04 9.70 5.79
C TYR A 6 16.46 8.35 6.38
N GLU A 7 17.73 7.96 6.14
CA GLU A 7 18.27 6.64 6.52
C GLU A 7 18.27 6.41 8.04
N ASP A 8 18.59 7.45 8.81
CA ASP A 8 18.64 7.40 10.29
C ASP A 8 17.44 8.15 10.88
N ARG A 9 17.25 7.98 12.20
CA ARG A 9 16.08 8.55 12.93
C ARG A 9 16.29 10.05 13.19
N ALA A 10 15.19 10.73 13.62
CA ALA A 10 15.17 12.18 13.90
C ALA A 10 15.61 13.02 12.67
N PHE A 11 15.35 12.47 11.47
CA PHE A 11 15.69 13.08 10.17
C PHE A 11 17.23 13.19 9.99
N GLN A 12 17.96 12.17 10.46
CA GLN A 12 19.44 12.06 10.27
C GLN A 12 19.77 11.12 9.09
N GLY A 13 21.09 10.95 8.85
CA GLY A 13 21.61 10.03 7.84
C GLY A 13 21.57 10.61 6.45
N ARG A 14 21.72 9.75 5.44
CA ARG A 14 21.57 10.12 4.03
C ARG A 14 20.09 10.28 3.68
N SER A 15 19.77 11.25 2.84
CA SER A 15 18.39 11.56 2.45
C SER A 15 18.21 11.47 0.92
N TYR A 16 16.95 11.32 0.52
CA TYR A 16 16.50 11.44 -0.87
C TYR A 16 15.06 11.97 -0.87
N GLU A 17 14.73 12.78 -1.89
CA GLU A 17 13.38 13.33 -2.07
C GLU A 17 12.90 13.11 -3.52
N THR A 18 11.67 12.59 -3.65
CA THR A 18 10.97 12.45 -4.94
C THR A 18 9.53 12.97 -4.80
N THR A 19 8.98 13.41 -5.92
CA THR A 19 7.60 13.90 -6.02
C THR A 19 6.67 12.84 -6.63
N THR A 20 7.28 11.83 -7.28
CA THR A 20 6.59 10.80 -8.08
C THR A 20 7.13 9.38 -7.73
N ASP A 21 6.72 8.39 -8.54
CA ASP A 21 7.19 6.99 -8.45
C ASP A 21 8.71 6.89 -8.70
N CYS A 22 9.33 5.85 -8.12
CA CYS A 22 10.75 5.51 -8.37
C CYS A 22 10.93 3.99 -8.22
N PRO A 23 11.47 3.28 -9.27
CA PRO A 23 11.59 1.80 -9.26
C PRO A 23 12.70 1.29 -8.31
N ASN A 24 13.91 1.85 -8.44
CA ASN A 24 15.10 1.41 -7.70
C ASN A 24 15.67 2.59 -6.91
N LEU A 25 15.28 2.66 -5.62
CA LEU A 25 15.84 3.63 -4.67
C LEU A 25 17.22 3.21 -4.17
N GLN A 26 17.73 2.05 -4.68
CA GLN A 26 19.06 1.48 -4.35
C GLN A 26 20.24 2.52 -4.40
N PRO A 27 20.44 3.32 -5.54
CA PRO A 27 21.57 4.30 -5.62
C PRO A 27 21.47 5.46 -4.60
N TYR A 28 20.28 5.59 -3.98
CA TYR A 28 19.95 6.69 -3.07
C TYR A 28 20.05 6.23 -1.60
N PHE A 29 19.32 5.15 -1.27
CA PHE A 29 19.28 4.56 0.08
C PHE A 29 18.72 3.12 0.01
N SER A 30 18.83 2.39 1.13
CA SER A 30 18.19 1.07 1.30
C SER A 30 17.23 1.06 2.51
N ARG A 31 17.22 2.17 3.24
CA ARG A 31 16.61 2.28 4.57
C ARG A 31 16.06 3.69 4.81
N CYS A 32 14.98 3.76 5.59
CA CYS A 32 14.31 5.02 5.93
C CYS A 32 13.75 4.93 7.36
N ASN A 33 14.63 5.21 8.33
CA ASN A 33 14.32 5.14 9.78
C ASN A 33 13.61 6.41 10.29
N SER A 34 13.46 7.41 9.41
CA SER A 34 12.59 8.58 9.61
C SER A 34 12.22 9.15 8.24
N ILE A 35 11.07 9.84 8.14
CA ILE A 35 10.53 10.22 6.83
C ILE A 35 9.54 11.40 6.92
N ARG A 36 9.74 12.41 6.07
CA ARG A 36 8.83 13.54 5.90
C ARG A 36 7.83 13.22 4.78
N VAL A 37 6.61 12.82 5.15
CA VAL A 37 5.53 12.60 4.19
C VAL A 37 4.73 13.92 4.08
N GLU A 38 5.11 14.75 3.09
CA GLU A 38 4.64 16.15 2.97
C GLU A 38 3.18 16.23 2.48
N SER A 39 2.92 15.62 1.33
CA SER A 39 1.62 15.70 0.65
C SER A 39 1.49 14.55 -0.37
N GLY A 40 0.47 13.69 -0.20
CA GLY A 40 0.29 12.48 -1.03
C GLY A 40 0.23 11.22 -0.19
N CYS A 41 0.06 10.07 -0.88
CA CYS A 41 0.11 8.73 -0.27
C CYS A 41 0.96 7.81 -1.17
N TRP A 42 1.97 7.16 -0.58
CA TRP A 42 2.90 6.29 -1.32
C TRP A 42 2.90 4.88 -0.75
N MET A 43 2.94 3.89 -1.64
CA MET A 43 3.17 2.50 -1.28
C MET A 43 4.69 2.24 -1.33
N LEU A 44 5.34 2.37 -0.17
CA LEU A 44 6.78 2.11 -0.03
C LEU A 44 7.04 0.61 0.06
N TYR A 45 7.80 0.09 -0.91
CA TYR A 45 8.13 -1.32 -1.01
C TYR A 45 9.45 -1.61 -0.28
N GLU A 46 9.53 -2.80 0.34
CA GLU A 46 10.69 -3.25 1.13
C GLU A 46 11.88 -3.58 0.20
N ARG A 47 11.55 -4.07 -1.00
CA ARG A 47 12.52 -4.32 -2.10
C ARG A 47 12.20 -3.39 -3.29
N PRO A 48 13.15 -3.20 -4.29
CA PRO A 48 12.86 -2.38 -5.49
C PRO A 48 11.98 -3.14 -6.49
N ASN A 49 11.57 -2.44 -7.57
CA ASN A 49 10.81 -3.04 -8.70
C ASN A 49 9.50 -3.68 -8.23
N TYR A 50 8.94 -3.08 -7.15
CA TYR A 50 7.62 -3.42 -6.59
C TYR A 50 7.62 -4.86 -5.99
N GLN A 51 8.59 -5.12 -5.11
CA GLN A 51 8.74 -6.42 -4.42
C GLN A 51 8.76 -6.23 -2.88
N GLY A 52 8.60 -7.34 -2.15
CA GLY A 52 8.69 -7.34 -0.68
C GLY A 52 7.40 -6.90 -0.01
N GLN A 53 7.51 -6.54 1.28
CA GLN A 53 6.40 -5.96 2.05
C GLN A 53 6.08 -4.54 1.54
N GLN A 54 4.78 -4.25 1.43
CA GLN A 54 4.30 -2.96 0.91
C GLN A 54 3.74 -2.13 2.09
N TYR A 55 4.08 -0.83 2.13
CA TYR A 55 3.73 0.07 3.24
C TYR A 55 3.02 1.33 2.71
N LEU A 56 1.73 1.50 3.00
CA LEU A 56 1.02 2.75 2.67
C LEU A 56 1.24 3.76 3.82
N LEU A 57 2.02 4.81 3.54
CA LEU A 57 2.22 5.92 4.50
C LEU A 57 1.28 7.06 4.15
N ARG A 58 0.72 7.68 5.19
CA ARG A 58 -0.24 8.78 5.08
C ARG A 58 0.48 10.08 5.45
N ARG A 59 -0.14 11.23 5.11
CA ARG A 59 0.48 12.56 5.25
C ARG A 59 0.86 12.83 6.72
N GLY A 60 2.17 12.99 6.96
CA GLY A 60 2.70 13.32 8.27
C GLY A 60 4.20 13.21 8.32
N GLU A 61 4.85 14.15 9.00
CA GLU A 61 6.30 14.15 9.19
C GLU A 61 6.64 13.20 10.36
N TYR A 62 7.02 11.96 10.03
CA TYR A 62 7.32 10.93 11.02
C TYR A 62 8.81 11.04 11.41
N PRO A 63 9.14 11.36 12.70
CA PRO A 63 10.54 11.47 13.16
C PRO A 63 11.22 10.09 13.34
N ASP A 64 10.44 9.00 13.15
CA ASP A 64 10.93 7.62 13.33
C ASP A 64 10.04 6.65 12.55
N TYR A 65 10.61 5.47 12.24
CA TYR A 65 9.95 4.37 11.51
C TYR A 65 8.78 3.75 12.34
N GLN A 66 8.92 3.79 13.68
CA GLN A 66 7.93 3.21 14.61
C GLN A 66 6.62 4.03 14.60
N GLN A 67 6.74 5.32 14.24
CA GLN A 67 5.62 6.29 14.28
C GLN A 67 4.51 5.94 13.27
N TRP A 68 4.91 5.37 12.11
CA TRP A 68 3.95 4.91 11.06
C TRP A 68 3.75 3.40 11.09
N MET A 69 4.10 2.77 12.25
CA MET A 69 3.98 1.32 12.50
C MET A 69 4.79 0.51 11.46
N GLY A 70 6.02 1.00 11.19
CA GLY A 70 6.95 0.34 10.29
C GLY A 70 7.49 -0.96 10.86
N LEU A 71 7.21 -2.07 10.15
CA LEU A 71 7.70 -3.42 10.54
C LEU A 71 9.22 -3.48 10.35
N SER A 72 9.67 -2.96 9.20
CA SER A 72 11.09 -2.75 8.90
C SER A 72 11.27 -1.40 8.20
N ASP A 73 12.42 -0.77 8.46
CA ASP A 73 12.83 0.51 7.85
C ASP A 73 13.32 0.32 6.41
N SER A 74 13.57 -0.95 6.03
CA SER A 74 14.04 -1.34 4.69
C SER A 74 13.02 -0.90 3.63
N ILE A 75 13.36 0.15 2.86
CA ILE A 75 12.52 0.75 1.81
C ILE A 75 13.42 1.00 0.58
N ARG A 76 13.07 0.38 -0.56
CA ARG A 76 13.91 0.40 -1.78
C ARG A 76 13.06 0.68 -3.06
N SER A 77 11.74 0.93 -2.90
CA SER A 77 10.88 1.42 -4.00
C SER A 77 9.72 2.25 -3.42
N CYS A 78 9.07 3.06 -4.28
CA CYS A 78 7.97 3.95 -3.89
C CYS A 78 7.02 4.19 -5.08
N CYS A 79 5.72 3.89 -4.89
CA CYS A 79 4.68 4.21 -5.87
C CYS A 79 3.81 5.37 -5.37
N LEU A 80 3.81 6.49 -6.11
CA LEU A 80 2.87 7.60 -5.86
C LEU A 80 1.46 7.19 -6.30
N ILE A 81 0.55 7.09 -5.33
CA ILE A 81 -0.83 6.67 -5.57
C ILE A 81 -1.77 7.82 -5.14
N PRO A 82 -2.19 8.71 -6.09
CA PRO A 82 -3.06 9.87 -5.80
C PRO A 82 -4.57 9.56 -5.97
N GLN A 83 -5.39 10.63 -6.06
CA GLN A 83 -6.84 10.50 -6.34
C GLN A 83 -7.11 10.15 -7.81
N THR A 84 -8.38 9.84 -8.05
CA THR A 84 -8.92 9.37 -9.32
C THR A 84 -10.33 9.96 -9.51
N VAL A 85 -10.97 9.62 -10.65
CA VAL A 85 -12.35 10.05 -10.98
C VAL A 85 -13.38 9.51 -9.95
N SER A 86 -13.16 8.27 -9.50
CA SER A 86 -14.07 7.54 -8.59
C SER A 86 -13.39 6.26 -8.08
N HIS A 87 -14.07 5.49 -7.21
CA HIS A 87 -13.52 4.24 -6.62
C HIS A 87 -14.55 3.12 -6.77
N ARG A 88 -14.12 1.97 -7.30
CA ARG A 88 -14.98 0.80 -7.51
C ARG A 88 -14.15 -0.48 -7.44
N LEU A 89 -14.69 -1.50 -6.77
CA LEU A 89 -13.99 -2.77 -6.54
C LEU A 89 -14.97 -3.94 -6.50
N ARG A 90 -14.48 -5.13 -6.87
CA ARG A 90 -15.19 -6.40 -6.68
C ARG A 90 -14.22 -7.43 -6.09
N LEU A 91 -14.55 -7.95 -4.91
CA LEU A 91 -13.82 -9.01 -4.21
C LEU A 91 -14.19 -10.37 -4.80
N TYR A 92 -13.20 -11.20 -5.10
CA TYR A 92 -13.41 -12.58 -5.59
C TYR A 92 -12.73 -13.57 -4.64
N GLU A 93 -13.48 -14.63 -4.31
CA GLU A 93 -13.10 -15.65 -3.33
C GLU A 93 -11.84 -16.42 -3.79
N ARG A 94 -11.80 -16.81 -5.06
CA ARG A 94 -10.67 -17.59 -5.65
C ARG A 94 -10.05 -16.83 -6.82
N GLU A 95 -8.78 -17.20 -7.13
CA GLU A 95 -8.00 -16.65 -8.26
C GLU A 95 -8.69 -17.01 -9.59
N ASP A 96 -8.29 -16.32 -10.67
CA ASP A 96 -8.95 -16.36 -11.99
C ASP A 96 -10.41 -15.85 -11.90
N HIS A 97 -10.69 -15.02 -10.84
CA HIS A 97 -12.02 -14.44 -10.55
C HIS A 97 -13.08 -15.52 -10.28
N LYS A 98 -12.65 -16.66 -9.70
CA LYS A 98 -13.56 -17.80 -9.43
C LYS A 98 -14.22 -17.67 -8.05
N GLY A 99 -15.18 -18.55 -7.79
CA GLY A 99 -15.89 -18.57 -6.51
C GLY A 99 -16.92 -17.46 -6.40
N LEU A 100 -17.16 -17.01 -5.15
CA LEU A 100 -18.17 -15.98 -4.83
C LEU A 100 -17.57 -14.57 -5.00
N MET A 101 -18.43 -13.64 -5.41
CA MET A 101 -18.07 -12.23 -5.70
C MET A 101 -18.81 -11.30 -4.73
N MET A 102 -18.23 -10.11 -4.46
CA MET A 102 -18.82 -9.09 -3.59
C MET A 102 -18.38 -7.69 -4.07
N GLU A 103 -19.35 -6.86 -4.48
CA GLU A 103 -19.07 -5.46 -4.90
C GLU A 103 -18.76 -4.61 -3.66
N LEU A 104 -17.90 -3.61 -3.87
CA LEU A 104 -17.45 -2.72 -2.81
C LEU A 104 -17.05 -1.37 -3.43
N SER A 105 -17.54 -0.29 -2.83
CA SER A 105 -17.18 1.09 -3.21
C SER A 105 -16.90 1.93 -1.95
N GLU A 106 -16.98 1.27 -0.77
CA GLU A 106 -16.76 1.91 0.55
C GLU A 106 -15.56 1.25 1.24
N ASP A 107 -15.03 1.93 2.27
CA ASP A 107 -13.93 1.40 3.10
C ASP A 107 -14.46 0.24 3.96
N CYS A 108 -13.77 -0.89 3.93
CA CYS A 108 -14.15 -2.12 4.66
C CYS A 108 -13.15 -2.40 5.80
N PRO A 109 -13.44 -1.91 7.06
CA PRO A 109 -12.48 -2.03 8.20
C PRO A 109 -12.30 -3.49 8.72
N SER A 110 -13.17 -4.41 8.28
CA SER A 110 -13.08 -5.83 8.67
C SER A 110 -13.84 -6.74 7.67
N ILE A 111 -13.10 -7.29 6.68
CA ILE A 111 -13.68 -8.13 5.61
C ILE A 111 -14.21 -9.46 6.19
N GLN A 112 -13.53 -9.94 7.25
CA GLN A 112 -13.89 -11.17 7.96
C GLN A 112 -15.30 -11.06 8.61
N ASP A 113 -15.69 -9.84 8.97
CA ASP A 113 -17.04 -9.56 9.54
C ASP A 113 -18.07 -9.31 8.43
N ARG A 114 -17.60 -8.87 7.24
CA ARG A 114 -18.49 -8.54 6.10
C ARG A 114 -19.03 -9.83 5.45
N PHE A 115 -18.11 -10.65 4.92
CA PHE A 115 -18.45 -11.85 4.16
C PHE A 115 -17.51 -13.02 4.53
N HIS A 116 -16.86 -12.91 5.71
CA HIS A 116 -15.97 -13.98 6.27
C HIS A 116 -14.76 -14.30 5.38
N LEU A 117 -14.40 -13.37 4.48
CA LEU A 117 -13.26 -13.54 3.57
C LEU A 117 -11.97 -13.31 4.37
N SER A 118 -11.22 -14.42 4.61
CA SER A 118 -9.95 -14.39 5.34
C SER A 118 -8.82 -13.91 4.43
N GLU A 119 -8.97 -14.16 3.11
CA GLU A 119 -8.04 -13.69 2.07
C GLU A 119 -8.82 -13.21 0.83
N ILE A 120 -8.23 -12.25 0.11
CA ILE A 120 -8.69 -11.82 -1.21
C ILE A 120 -7.73 -12.43 -2.25
N ARG A 121 -8.24 -13.43 -2.98
CA ARG A 121 -7.43 -14.20 -3.95
C ARG A 121 -7.32 -13.45 -5.28
N SER A 122 -8.39 -12.77 -5.69
CA SER A 122 -8.40 -11.93 -6.91
C SER A 122 -9.42 -10.78 -6.76
N LEU A 123 -9.30 -9.77 -7.63
CA LEU A 123 -10.12 -8.53 -7.58
C LEU A 123 -10.49 -8.05 -8.99
N HIS A 124 -11.41 -7.10 -9.05
CA HIS A 124 -11.66 -6.30 -10.24
C HIS A 124 -11.88 -4.87 -9.78
N VAL A 125 -10.80 -4.09 -9.77
CA VAL A 125 -10.86 -2.65 -9.52
C VAL A 125 -11.26 -1.97 -10.84
N LEU A 126 -12.54 -1.60 -10.98
CA LEU A 126 -13.07 -1.00 -12.23
C LEU A 126 -12.45 0.38 -12.46
N GLU A 127 -12.57 1.23 -11.45
CA GLU A 127 -12.06 2.60 -11.47
C GLU A 127 -11.48 2.96 -10.10
N GLY A 128 -10.44 3.79 -10.10
CA GLY A 128 -9.80 4.27 -8.89
C GLY A 128 -8.81 3.30 -8.29
N CYS A 129 -8.11 3.75 -7.25
CA CYS A 129 -7.11 2.96 -6.55
C CYS A 129 -7.61 2.62 -5.13
N TRP A 130 -7.26 1.41 -4.68
CA TRP A 130 -7.56 0.90 -3.33
C TRP A 130 -6.26 0.39 -2.68
N VAL A 131 -6.34 -0.02 -1.41
CA VAL A 131 -5.23 -0.60 -0.63
C VAL A 131 -5.78 -1.71 0.28
N LEU A 132 -5.23 -2.92 0.12
CA LEU A 132 -5.49 -4.07 1.00
C LEU A 132 -4.63 -3.94 2.26
N TYR A 133 -5.15 -4.44 3.38
CA TYR A 133 -4.47 -4.49 4.68
C TYR A 133 -4.56 -5.92 5.22
N GLU A 134 -3.44 -6.40 5.76
CA GLU A 134 -3.27 -7.78 6.23
C GLU A 134 -4.25 -8.12 7.37
N LEU A 135 -4.23 -7.29 8.43
CA LEU A 135 -5.16 -7.41 9.58
C LEU A 135 -6.29 -6.35 9.46
N PRO A 136 -7.45 -6.55 10.19
CA PRO A 136 -8.53 -5.53 10.31
C PRO A 136 -8.06 -4.24 11.02
N ASN A 137 -8.98 -3.25 11.12
CA ASN A 137 -8.74 -1.94 11.74
C ASN A 137 -7.66 -1.16 10.96
N TYR A 138 -7.46 -1.57 9.68
CA TYR A 138 -6.43 -1.02 8.78
C TYR A 138 -5.02 -1.23 9.36
N ARG A 139 -4.74 -2.49 9.77
CA ARG A 139 -3.47 -2.86 10.43
C ARG A 139 -2.69 -3.90 9.61
N GLY A 140 -1.42 -4.08 10.00
CA GLY A 140 -0.54 -5.06 9.38
C GLY A 140 0.22 -4.49 8.19
N ARG A 141 0.60 -5.37 7.27
CA ARG A 141 1.23 -4.99 6.00
C ARG A 141 0.16 -4.55 5.00
N GLN A 142 0.49 -3.55 4.19
CA GLN A 142 -0.39 -3.04 3.13
C GLN A 142 -0.06 -3.72 1.81
N TYR A 143 -0.97 -3.58 0.85
CA TYR A 143 -0.84 -4.10 -0.53
C TYR A 143 -1.61 -3.15 -1.46
N LEU A 144 -0.98 -2.69 -2.54
CA LEU A 144 -1.58 -1.68 -3.43
C LEU A 144 -2.50 -2.36 -4.47
N LEU A 145 -3.69 -1.77 -4.66
CA LEU A 145 -4.72 -2.28 -5.57
C LEU A 145 -5.01 -1.23 -6.67
N ARG A 146 -4.23 -1.29 -7.75
CA ARG A 146 -4.34 -0.35 -8.88
C ARG A 146 -5.52 -0.74 -9.81
N PRO A 147 -6.18 0.27 -10.49
CA PRO A 147 -7.41 0.04 -11.29
C PRO A 147 -7.18 -0.94 -12.47
N GLN A 148 -7.54 -2.21 -12.23
CA GLN A 148 -7.42 -3.28 -13.23
C GLN A 148 -8.16 -4.53 -12.72
N GLU A 149 -8.32 -5.50 -13.62
CA GLU A 149 -8.85 -6.82 -13.29
C GLU A 149 -7.70 -7.70 -12.74
N TYR A 150 -7.58 -7.75 -11.41
CA TYR A 150 -6.60 -8.62 -10.75
C TYR A 150 -7.00 -10.08 -10.94
N ARG A 151 -6.28 -10.77 -11.82
CA ARG A 151 -6.43 -12.20 -12.08
C ARG A 151 -6.14 -13.00 -10.80
N ARG A 152 -5.28 -12.44 -9.94
CA ARG A 152 -4.80 -13.08 -8.71
C ARG A 152 -4.03 -12.05 -7.84
N CYS A 153 -3.69 -12.48 -6.62
CA CYS A 153 -2.90 -11.70 -5.66
C CYS A 153 -1.47 -11.45 -6.16
N GLN A 154 -0.98 -12.40 -6.98
CA GLN A 154 0.40 -12.43 -7.49
C GLN A 154 0.68 -11.25 -8.44
N ASP A 155 -0.39 -10.64 -8.99
CA ASP A 155 -0.29 -9.49 -9.94
C ASP A 155 0.33 -8.26 -9.26
N TRP A 156 -0.12 -7.93 -8.03
CA TRP A 156 0.38 -6.74 -7.30
C TRP A 156 1.65 -7.06 -6.48
N GLY A 157 2.19 -8.28 -6.67
CA GLY A 157 3.41 -8.70 -5.98
C GLY A 157 3.16 -9.03 -4.51
N ALA A 158 2.07 -9.75 -4.26
CA ALA A 158 1.68 -10.18 -2.91
C ALA A 158 2.45 -11.44 -2.51
N MET A 159 3.11 -11.38 -1.34
CA MET A 159 3.72 -12.55 -0.69
C MET A 159 2.63 -13.56 -0.29
N ASP A 160 1.46 -13.00 0.05
CA ASP A 160 0.25 -13.71 0.46
C ASP A 160 -0.97 -12.81 0.23
N ALA A 161 -2.16 -13.40 0.29
CA ALA A 161 -3.42 -12.71 -0.05
C ALA A 161 -4.23 -12.35 1.20
N LYS A 162 -3.59 -12.48 2.40
CA LYS A 162 -4.27 -12.24 3.70
C LYS A 162 -4.91 -10.84 3.74
N ALA A 163 -6.24 -10.82 3.81
CA ALA A 163 -7.04 -9.60 3.69
C ALA A 163 -7.97 -9.46 4.90
N GLY A 164 -7.52 -8.67 5.87
CA GLY A 164 -8.31 -8.35 7.06
C GLY A 164 -9.17 -7.11 6.88
N SER A 165 -8.69 -6.15 6.04
CA SER A 165 -9.42 -4.90 5.76
C SER A 165 -9.01 -4.31 4.39
N LEU A 166 -9.95 -3.56 3.77
CA LEU A 166 -9.72 -2.81 2.52
C LEU A 166 -10.01 -1.33 2.77
N ARG A 167 -9.30 -0.45 2.07
CA ARG A 167 -9.45 1.00 2.19
C ARG A 167 -9.32 1.64 0.79
N ARG A 168 -10.14 2.65 0.50
CA ARG A 168 -10.02 3.47 -0.71
C ARG A 168 -8.81 4.40 -0.60
N VAL A 169 -8.05 4.57 -1.69
CA VAL A 169 -6.98 5.58 -1.76
C VAL A 169 -7.59 6.98 -1.80
N VAL A 170 -7.34 7.75 -0.77
CA VAL A 170 -7.61 9.20 -0.73
C VAL A 170 -6.24 9.92 -0.76
N ASP A 171 -6.11 10.95 -1.60
CA ASP A 171 -4.87 11.74 -1.70
C ASP A 171 -4.86 12.77 -0.57
N LEU A 172 -3.96 12.58 0.40
CA LEU A 172 -3.78 13.54 1.49
C LEU A 172 -2.85 14.68 1.02
N TYR A 173 -2.88 15.78 1.76
CA TYR A 173 -2.22 17.05 1.38
C TYR A 173 -1.60 17.73 2.62
N GLY A 1 1.22 16.81 -3.79
CA GLY A 1 1.75 15.62 -3.10
C GLY A 1 3.23 15.43 -3.35
N LYS A 2 4.01 15.32 -2.26
CA LYS A 2 5.48 15.23 -2.33
C LYS A 2 5.99 14.41 -1.13
N ILE A 3 7.09 13.68 -1.34
CA ILE A 3 7.68 12.79 -0.33
C ILE A 3 9.22 12.96 -0.30
N THR A 4 9.80 12.94 0.91
CA THR A 4 11.26 13.08 1.10
C THR A 4 11.74 12.08 2.18
N PHE A 5 12.69 11.21 1.79
CA PHE A 5 13.27 10.16 2.65
C PHE A 5 14.47 10.71 3.43
N TYR A 6 14.70 10.18 4.64
CA TYR A 6 15.89 10.46 5.48
C TYR A 6 16.35 9.14 6.13
N GLU A 7 17.62 8.76 5.91
CA GLU A 7 18.14 7.43 6.30
C GLU A 7 18.11 7.22 7.83
N ASP A 8 18.56 8.23 8.59
CA ASP A 8 18.59 8.17 10.07
C ASP A 8 17.32 8.80 10.64
N ARG A 9 17.11 8.64 11.96
CA ARG A 9 15.99 9.29 12.69
C ARG A 9 16.23 10.81 12.79
N ALA A 10 15.19 11.54 13.24
CA ALA A 10 15.24 13.00 13.48
C ALA A 10 15.62 13.78 12.20
N PHE A 11 15.23 13.22 11.03
CA PHE A 11 15.44 13.83 9.69
C PHE A 11 16.94 14.03 9.41
N GLN A 12 17.72 12.98 9.69
CA GLN A 12 19.19 13.00 9.63
C GLN A 12 19.72 12.01 8.58
N GLY A 13 21.03 12.11 8.28
CA GLY A 13 21.68 11.26 7.30
C GLY A 13 21.43 11.68 5.87
N ARG A 14 21.56 10.73 4.94
CA ARG A 14 21.32 10.96 3.50
C ARG A 14 19.81 11.08 3.22
N SER A 15 19.44 12.12 2.47
CA SER A 15 18.06 12.36 2.06
C SER A 15 17.89 12.12 0.56
N TYR A 16 16.65 11.83 0.15
CA TYR A 16 16.25 11.77 -1.26
C TYR A 16 14.77 12.16 -1.37
N GLU A 17 14.49 13.26 -2.07
CA GLU A 17 13.13 13.70 -2.41
C GLU A 17 12.73 13.08 -3.77
N THR A 18 11.45 12.73 -3.92
CA THR A 18 10.87 12.26 -5.18
C THR A 18 9.38 12.62 -5.26
N THR A 19 8.86 12.58 -6.48
CA THR A 19 7.42 12.75 -6.79
C THR A 19 7.06 11.71 -7.90
N THR A 20 7.93 10.69 -8.06
CA THR A 20 7.85 9.68 -9.11
C THR A 20 7.95 8.27 -8.50
N ASP A 21 7.29 7.29 -9.16
CA ASP A 21 7.32 5.87 -8.78
C ASP A 21 8.68 5.26 -9.18
N CYS A 22 9.46 4.82 -8.20
CA CYS A 22 10.83 4.32 -8.42
C CYS A 22 10.91 2.82 -8.10
N PRO A 23 11.38 1.94 -9.07
CA PRO A 23 11.52 0.49 -8.82
C PRO A 23 12.70 0.17 -7.88
N ASN A 24 13.78 0.96 -7.95
CA ASN A 24 14.99 0.77 -7.12
C ASN A 24 15.41 2.10 -6.50
N LEU A 25 15.04 2.28 -5.23
CA LEU A 25 15.56 3.37 -4.38
C LEU A 25 16.98 3.03 -3.86
N GLN A 26 17.46 1.80 -4.18
CA GLN A 26 18.81 1.30 -3.83
C GLN A 26 19.98 2.27 -4.23
N PRO A 27 20.06 2.80 -5.53
CA PRO A 27 21.15 3.75 -5.92
C PRO A 27 21.13 5.08 -5.14
N TYR A 28 19.95 5.44 -4.61
CA TYR A 28 19.74 6.69 -3.88
C TYR A 28 20.07 6.52 -2.38
N PHE A 29 19.53 5.46 -1.77
CA PHE A 29 19.70 5.14 -0.34
C PHE A 29 19.36 3.66 -0.09
N SER A 30 19.49 3.21 1.16
CA SER A 30 19.17 1.80 1.56
C SER A 30 17.89 1.76 2.42
N ARG A 31 17.78 2.72 3.34
CA ARG A 31 16.71 2.72 4.35
C ARG A 31 16.27 4.15 4.64
N CYS A 32 15.07 4.28 5.22
CA CYS A 32 14.50 5.57 5.59
C CYS A 32 13.86 5.44 6.99
N ASN A 33 14.63 5.87 8.02
CA ASN A 33 14.21 5.74 9.45
C ASN A 33 13.54 7.04 9.95
N SER A 34 13.33 8.00 9.04
CA SER A 34 12.45 9.16 9.26
C SER A 34 12.04 9.72 7.89
N ILE A 35 10.77 10.07 7.71
CA ILE A 35 10.24 10.46 6.40
C ILE A 35 9.28 11.63 6.56
N ARG A 36 9.39 12.61 5.65
CA ARG A 36 8.53 13.79 5.64
C ARG A 36 7.60 13.71 4.43
N VAL A 37 6.39 13.18 4.67
CA VAL A 37 5.31 13.13 3.69
C VAL A 37 4.50 14.44 3.82
N GLU A 38 4.70 15.35 2.85
CA GLU A 38 4.03 16.67 2.81
C GLU A 38 2.51 16.50 2.68
N SER A 39 2.12 15.54 1.84
CA SER A 39 0.72 15.11 1.68
C SER A 39 0.71 13.76 0.94
N GLY A 40 -0.44 13.06 0.98
CA GLY A 40 -0.66 11.86 0.16
C GLY A 40 -0.74 10.55 0.92
N CYS A 41 -0.94 9.48 0.14
CA CYS A 41 -0.89 8.09 0.59
C CYS A 41 0.03 7.32 -0.37
N TRP A 42 1.31 7.25 -0.01
CA TRP A 42 2.38 6.70 -0.86
C TRP A 42 2.69 5.26 -0.45
N MET A 43 2.84 4.37 -1.43
CA MET A 43 3.10 2.95 -1.17
C MET A 43 4.61 2.68 -1.23
N LEU A 44 5.23 2.58 -0.05
CA LEU A 44 6.66 2.27 0.09
C LEU A 44 6.86 0.77 0.21
N TYR A 45 7.75 0.24 -0.62
CA TYR A 45 8.05 -1.19 -0.69
C TYR A 45 9.36 -1.47 0.03
N GLU A 46 9.32 -2.49 0.89
CA GLU A 46 10.49 -2.99 1.62
C GLU A 46 11.60 -3.44 0.64
N ARG A 47 11.24 -4.32 -0.30
CA ARG A 47 12.17 -4.90 -1.28
C ARG A 47 12.01 -4.20 -2.66
N PRO A 48 13.05 -4.22 -3.57
CA PRO A 48 13.00 -3.50 -4.86
C PRO A 48 12.13 -4.24 -5.91
N ASN A 49 12.02 -3.65 -7.11
CA ASN A 49 11.23 -4.20 -8.24
C ASN A 49 9.74 -4.35 -7.85
N TYR A 50 9.29 -3.47 -6.92
CA TYR A 50 7.91 -3.42 -6.39
C TYR A 50 7.53 -4.74 -5.67
N GLN A 51 8.44 -5.19 -4.77
CA GLN A 51 8.31 -6.46 -4.03
C GLN A 51 8.36 -6.24 -2.50
N GLY A 52 8.19 -7.34 -1.74
CA GLY A 52 8.27 -7.33 -0.28
C GLY A 52 6.97 -6.93 0.39
N GLN A 53 7.07 -6.48 1.66
CA GLN A 53 5.94 -5.90 2.38
C GLN A 53 5.76 -4.45 1.93
N GLN A 54 4.53 -4.08 1.59
CA GLN A 54 4.20 -2.72 1.13
C GLN A 54 3.64 -1.91 2.32
N TYR A 55 3.85 -0.58 2.28
CA TYR A 55 3.54 0.33 3.42
C TYR A 55 2.78 1.54 2.90
N LEU A 56 1.60 1.82 3.47
CA LEU A 56 0.87 3.06 3.17
C LEU A 56 1.39 4.13 4.15
N LEU A 57 2.25 5.00 3.63
CA LEU A 57 2.71 6.20 4.33
C LEU A 57 1.70 7.32 4.08
N ARG A 58 1.06 7.75 5.16
CA ARG A 58 0.07 8.82 5.16
C ARG A 58 0.83 10.15 5.32
N ARG A 59 0.11 11.27 5.28
CA ARG A 59 0.72 12.58 5.57
C ARG A 59 1.25 12.59 7.01
N GLY A 60 2.48 13.05 7.17
CA GLY A 60 3.10 13.18 8.47
C GLY A 60 4.58 13.43 8.36
N GLU A 61 5.09 14.22 9.29
CA GLU A 61 6.51 14.41 9.50
C GLU A 61 6.94 13.41 10.59
N TYR A 62 7.34 12.21 10.13
CA TYR A 62 7.62 11.07 11.01
C TYR A 62 9.08 11.16 11.51
N PRO A 63 9.30 11.42 12.85
CA PRO A 63 10.66 11.54 13.44
C PRO A 63 11.41 10.20 13.49
N ASP A 64 10.68 9.08 13.42
CA ASP A 64 11.28 7.73 13.43
C ASP A 64 10.41 6.74 12.63
N TYR A 65 10.97 5.53 12.40
CA TYR A 65 10.32 4.48 11.58
C TYR A 65 9.14 3.81 12.31
N GLN A 66 9.22 3.75 13.64
CA GLN A 66 8.18 3.13 14.50
C GLN A 66 6.97 4.06 14.65
N GLN A 67 7.08 5.31 14.15
CA GLN A 67 6.00 6.32 14.23
C GLN A 67 4.77 5.86 13.42
N TRP A 68 5.01 5.29 12.21
CA TRP A 68 3.92 4.72 11.38
C TRP A 68 3.77 3.21 11.62
N MET A 69 4.46 2.72 12.68
CA MET A 69 4.52 1.29 13.05
C MET A 69 5.09 0.46 11.89
N GLY A 70 6.19 0.99 11.30
CA GLY A 70 6.88 0.34 10.19
C GLY A 70 7.52 -0.97 10.60
N LEU A 71 7.13 -2.06 9.90
CA LEU A 71 7.61 -3.43 10.19
C LEU A 71 9.11 -3.55 9.88
N SER A 72 9.56 -2.76 8.88
CA SER A 72 10.97 -2.50 8.62
C SER A 72 11.13 -1.04 8.13
N ASP A 73 12.33 -0.49 8.32
CA ASP A 73 12.69 0.88 7.88
C ASP A 73 13.35 0.86 6.49
N SER A 74 13.89 -0.30 6.09
CA SER A 74 14.57 -0.47 4.80
C SER A 74 13.56 -0.39 3.63
N ILE A 75 13.73 0.65 2.78
CA ILE A 75 12.82 0.97 1.66
C ILE A 75 13.64 0.96 0.36
N ARG A 76 13.33 0.03 -0.55
CA ARG A 76 14.12 -0.20 -1.78
C ARG A 76 13.26 0.05 -3.05
N SER A 77 12.00 0.49 -2.87
CA SER A 77 11.09 0.85 -3.97
C SER A 77 9.96 1.75 -3.44
N CYS A 78 9.27 2.50 -4.34
CA CYS A 78 8.22 3.46 -3.96
C CYS A 78 7.18 3.62 -5.08
N CYS A 79 5.94 3.96 -4.67
CA CYS A 79 4.84 4.33 -5.58
C CYS A 79 4.20 5.63 -5.09
N LEU A 80 3.90 6.51 -6.05
CA LEU A 80 3.34 7.85 -5.80
C LEU A 80 1.88 7.82 -6.28
N ILE A 81 0.94 7.43 -5.39
CA ILE A 81 -0.48 7.26 -5.76
C ILE A 81 -1.31 8.41 -5.14
N PRO A 82 -1.72 9.44 -5.94
CA PRO A 82 -2.37 10.68 -5.44
C PRO A 82 -3.92 10.53 -5.28
N GLN A 83 -4.65 11.67 -5.40
CA GLN A 83 -6.13 11.70 -5.45
C GLN A 83 -6.65 10.80 -6.60
N THR A 84 -7.71 10.03 -6.30
CA THR A 84 -8.52 9.32 -7.29
C THR A 84 -10.00 9.62 -6.95
N VAL A 85 -10.73 10.30 -7.88
CA VAL A 85 -12.07 10.88 -7.61
C VAL A 85 -13.13 9.80 -7.23
N SER A 86 -13.01 8.64 -7.88
CA SER A 86 -13.94 7.51 -7.71
C SER A 86 -13.16 6.26 -7.30
N HIS A 87 -13.90 5.26 -6.78
CA HIS A 87 -13.36 3.95 -6.41
C HIS A 87 -14.42 2.87 -6.64
N ARG A 88 -14.02 1.77 -7.26
CA ARG A 88 -14.86 0.59 -7.44
C ARG A 88 -13.96 -0.65 -7.58
N LEU A 89 -14.23 -1.62 -6.72
CA LEU A 89 -13.48 -2.88 -6.62
C LEU A 89 -14.46 -4.05 -6.57
N ARG A 90 -14.03 -5.22 -7.06
CA ARG A 90 -14.77 -6.49 -6.94
C ARG A 90 -13.85 -7.55 -6.34
N LEU A 91 -14.16 -7.99 -5.12
CA LEU A 91 -13.43 -9.02 -4.40
C LEU A 91 -13.90 -10.41 -4.90
N TYR A 92 -12.98 -11.18 -5.50
CA TYR A 92 -13.26 -12.54 -5.97
C TYR A 92 -12.58 -13.55 -5.04
N GLU A 93 -13.37 -14.54 -4.61
CA GLU A 93 -12.97 -15.56 -3.64
C GLU A 93 -11.89 -16.51 -4.21
N ARG A 94 -12.01 -16.85 -5.50
CA ARG A 94 -11.08 -17.78 -6.20
C ARG A 94 -10.41 -17.04 -7.38
N GLU A 95 -9.19 -17.50 -7.75
CA GLU A 95 -8.38 -16.93 -8.86
C GLU A 95 -9.09 -17.14 -10.21
N ASP A 96 -8.54 -16.49 -11.26
CA ASP A 96 -9.15 -16.40 -12.60
C ASP A 96 -10.56 -15.75 -12.53
N HIS A 97 -10.75 -14.91 -11.48
CA HIS A 97 -11.99 -14.14 -11.21
C HIS A 97 -13.19 -15.07 -10.96
N LYS A 98 -12.94 -16.19 -10.25
CA LYS A 98 -13.96 -17.21 -9.92
C LYS A 98 -14.38 -17.12 -8.43
N GLY A 99 -15.14 -18.14 -7.97
CA GLY A 99 -15.66 -18.19 -6.60
C GLY A 99 -16.82 -17.23 -6.41
N LEU A 100 -16.97 -16.71 -5.19
CA LEU A 100 -17.91 -15.61 -4.90
C LEU A 100 -17.35 -14.26 -5.40
N MET A 101 -18.22 -13.26 -5.51
CA MET A 101 -17.87 -11.90 -5.96
C MET A 101 -18.68 -10.89 -5.14
N MET A 102 -18.04 -9.76 -4.79
CA MET A 102 -18.66 -8.69 -3.99
C MET A 102 -18.05 -7.34 -4.40
N GLU A 103 -18.91 -6.39 -4.83
CA GLU A 103 -18.49 -5.01 -5.11
C GLU A 103 -18.10 -4.29 -3.80
N LEU A 104 -17.29 -3.25 -3.94
CA LEU A 104 -16.83 -2.40 -2.83
C LEU A 104 -16.43 -1.05 -3.40
N SER A 105 -16.96 0.04 -2.82
CA SER A 105 -16.65 1.41 -3.27
C SER A 105 -16.36 2.33 -2.07
N GLU A 106 -16.45 1.78 -0.84
CA GLU A 106 -16.19 2.52 0.42
C GLU A 106 -15.03 1.86 1.19
N ASP A 107 -14.44 2.63 2.13
CA ASP A 107 -13.37 2.13 3.02
C ASP A 107 -13.93 1.05 3.95
N CYS A 108 -13.59 -0.20 3.66
CA CYS A 108 -14.07 -1.37 4.42
C CYS A 108 -13.11 -1.66 5.60
N PRO A 109 -13.54 -1.43 6.88
CA PRO A 109 -12.67 -1.57 8.07
C PRO A 109 -12.37 -3.04 8.44
N SER A 110 -13.13 -3.96 7.84
CA SER A 110 -13.03 -5.40 8.08
C SER A 110 -13.68 -6.15 6.91
N ILE A 111 -13.22 -7.38 6.63
CA ILE A 111 -13.83 -8.24 5.58
C ILE A 111 -14.32 -9.56 6.23
N GLN A 112 -13.48 -10.12 7.12
CA GLN A 112 -13.80 -11.37 7.87
C GLN A 112 -14.98 -11.16 8.86
N ASP A 113 -15.06 -9.95 9.43
CA ASP A 113 -16.16 -9.58 10.34
C ASP A 113 -17.46 -9.31 9.56
N ARG A 114 -17.31 -8.94 8.27
CA ARG A 114 -18.44 -8.57 7.40
C ARG A 114 -18.97 -9.80 6.64
N PHE A 115 -18.29 -10.18 5.54
CA PHE A 115 -18.75 -11.26 4.62
C PHE A 115 -18.09 -12.61 4.97
N HIS A 116 -17.18 -12.59 5.98
CA HIS A 116 -16.42 -13.78 6.45
C HIS A 116 -15.41 -14.27 5.40
N LEU A 117 -14.92 -13.33 4.57
CA LEU A 117 -13.83 -13.59 3.63
C LEU A 117 -12.49 -13.20 4.30
N SER A 118 -11.68 -14.22 4.63
CA SER A 118 -10.33 -14.07 5.19
C SER A 118 -9.28 -14.09 4.08
N GLU A 119 -9.65 -14.63 2.91
CA GLU A 119 -8.75 -14.76 1.74
C GLU A 119 -9.48 -14.28 0.47
N ILE A 120 -8.86 -13.34 -0.26
CA ILE A 120 -9.31 -12.92 -1.59
C ILE A 120 -8.21 -13.28 -2.61
N ARG A 121 -8.59 -14.04 -3.63
CA ARG A 121 -7.66 -14.67 -4.57
C ARG A 121 -7.54 -13.90 -5.90
N SER A 122 -8.46 -12.94 -6.16
CA SER A 122 -8.36 -12.07 -7.35
C SER A 122 -9.22 -10.80 -7.13
N LEU A 123 -8.76 -9.65 -7.66
CA LEU A 123 -9.36 -8.32 -7.40
C LEU A 123 -9.48 -7.52 -8.70
N HIS A 124 -10.72 -7.34 -9.22
CA HIS A 124 -10.95 -6.45 -10.36
C HIS A 124 -11.21 -5.04 -9.82
N VAL A 125 -10.18 -4.21 -9.83
CA VAL A 125 -10.30 -2.77 -9.58
C VAL A 125 -10.82 -2.12 -10.86
N LEU A 126 -12.13 -1.80 -10.89
CA LEU A 126 -12.78 -1.17 -12.05
C LEU A 126 -12.19 0.23 -12.28
N GLU A 127 -12.08 1.00 -11.17
CA GLU A 127 -11.57 2.37 -11.20
C GLU A 127 -11.12 2.82 -9.80
N GLY A 128 -10.12 3.72 -9.75
CA GLY A 128 -9.62 4.30 -8.50
C GLY A 128 -8.75 3.33 -7.71
N CYS A 129 -7.51 3.72 -7.39
CA CYS A 129 -6.55 2.86 -6.69
C CYS A 129 -6.98 2.59 -5.24
N TRP A 130 -6.95 1.31 -4.84
CA TRP A 130 -7.18 0.85 -3.46
C TRP A 130 -5.86 0.40 -2.82
N VAL A 131 -5.95 -0.02 -1.54
CA VAL A 131 -4.86 -0.65 -0.78
C VAL A 131 -5.48 -1.75 0.11
N LEU A 132 -5.17 -3.01 -0.20
CA LEU A 132 -5.53 -4.17 0.64
C LEU A 132 -4.67 -4.17 1.92
N TYR A 133 -5.25 -4.65 3.02
CA TYR A 133 -4.57 -4.85 4.30
C TYR A 133 -4.73 -6.31 4.72
N GLU A 134 -3.66 -6.88 5.24
CA GLU A 134 -3.59 -8.27 5.70
C GLU A 134 -4.59 -8.52 6.85
N LEU A 135 -4.45 -7.76 7.95
CA LEU A 135 -5.37 -7.81 9.10
C LEU A 135 -6.46 -6.73 8.97
N PRO A 136 -7.67 -6.92 9.60
CA PRO A 136 -8.67 -5.83 9.76
C PRO A 136 -8.17 -4.67 10.66
N ASN A 137 -9.03 -3.63 10.83
CA ASN A 137 -8.69 -2.35 11.50
C ASN A 137 -7.60 -1.58 10.70
N TYR A 138 -7.50 -1.91 9.38
CA TYR A 138 -6.48 -1.38 8.45
C TYR A 138 -5.05 -1.70 8.97
N ARG A 139 -4.83 -2.97 9.38
CA ARG A 139 -3.56 -3.44 9.98
C ARG A 139 -2.87 -4.49 9.10
N GLY A 140 -1.65 -4.89 9.50
CA GLY A 140 -0.87 -5.91 8.80
C GLY A 140 0.00 -5.33 7.70
N ARG A 141 0.23 -6.13 6.66
CA ARG A 141 0.87 -5.68 5.40
C ARG A 141 -0.14 -4.91 4.54
N GLN A 142 0.34 -3.81 3.93
CA GLN A 142 -0.42 -3.08 2.89
C GLN A 142 -0.10 -3.70 1.53
N TYR A 143 -1.00 -3.51 0.53
CA TYR A 143 -0.85 -4.03 -0.85
C TYR A 143 -1.63 -3.14 -1.83
N LEU A 144 -0.90 -2.47 -2.76
CA LEU A 144 -1.46 -1.48 -3.70
C LEU A 144 -2.30 -2.19 -4.78
N LEU A 145 -3.47 -1.60 -5.09
CA LEU A 145 -4.43 -2.14 -6.06
C LEU A 145 -4.71 -1.07 -7.14
N ARG A 146 -4.00 -1.16 -8.28
CA ARG A 146 -4.17 -0.24 -9.42
C ARG A 146 -5.42 -0.62 -10.26
N PRO A 147 -6.10 0.38 -10.94
CA PRO A 147 -7.30 0.14 -11.81
C PRO A 147 -7.02 -0.86 -12.96
N GLN A 148 -7.24 -2.15 -12.64
CA GLN A 148 -7.08 -3.27 -13.59
C GLN A 148 -7.74 -4.52 -12.97
N GLU A 149 -7.79 -5.60 -13.75
CA GLU A 149 -8.25 -6.91 -13.26
C GLU A 149 -7.05 -7.77 -12.80
N TYR A 150 -6.87 -7.90 -11.48
CA TYR A 150 -5.91 -8.87 -10.91
C TYR A 150 -6.47 -10.29 -11.03
N ARG A 151 -5.76 -11.12 -11.82
CA ARG A 151 -6.17 -12.51 -12.13
C ARG A 151 -5.96 -13.44 -10.91
N ARG A 152 -4.94 -13.13 -10.10
CA ARG A 152 -4.50 -13.99 -9.00
C ARG A 152 -3.91 -13.13 -7.87
N CYS A 153 -3.74 -13.75 -6.68
CA CYS A 153 -3.22 -13.06 -5.49
C CYS A 153 -1.79 -12.53 -5.70
N GLN A 154 -1.01 -13.28 -6.50
CA GLN A 154 0.42 -13.01 -6.74
C GLN A 154 0.66 -11.77 -7.63
N ASP A 155 -0.41 -11.28 -8.33
CA ASP A 155 -0.33 -10.08 -9.19
C ASP A 155 0.01 -8.81 -8.38
N TRP A 156 -0.70 -8.59 -7.25
CA TRP A 156 -0.49 -7.38 -6.40
C TRP A 156 0.60 -7.62 -5.33
N GLY A 157 1.39 -8.71 -5.52
CA GLY A 157 2.54 -9.01 -4.66
C GLY A 157 2.18 -9.82 -3.42
N ALA A 158 0.89 -10.20 -3.28
CA ALA A 158 0.43 -10.99 -2.14
C ALA A 158 0.93 -12.43 -2.25
N MET A 159 1.98 -12.74 -1.46
CA MET A 159 2.57 -14.10 -1.37
C MET A 159 1.58 -15.11 -0.76
N ASP A 160 0.52 -14.56 -0.13
CA ASP A 160 -0.65 -15.30 0.37
C ASP A 160 -1.88 -14.40 0.20
N ALA A 161 -3.05 -15.02 0.05
CA ALA A 161 -4.30 -14.35 -0.33
C ALA A 161 -5.00 -13.61 0.85
N LYS A 162 -4.32 -13.50 2.01
CA LYS A 162 -4.91 -12.93 3.25
C LYS A 162 -5.41 -11.48 3.04
N ALA A 163 -6.73 -11.31 3.18
CA ALA A 163 -7.41 -10.02 3.10
C ALA A 163 -8.21 -9.81 4.41
N GLY A 164 -8.01 -8.65 5.04
CA GLY A 164 -8.62 -8.34 6.33
C GLY A 164 -9.40 -7.03 6.29
N SER A 165 -8.89 -6.05 5.53
CA SER A 165 -9.56 -4.74 5.35
C SER A 165 -9.08 -4.08 4.05
N LEU A 166 -9.84 -3.07 3.58
CA LEU A 166 -9.61 -2.39 2.29
C LEU A 166 -9.81 -0.87 2.46
N ARG A 167 -8.86 -0.05 1.95
CA ARG A 167 -8.94 1.42 2.00
C ARG A 167 -8.75 2.03 0.60
N ARG A 168 -9.55 3.05 0.33
CA ARG A 168 -9.46 3.91 -0.85
C ARG A 168 -8.26 4.87 -0.72
N VAL A 169 -7.38 4.92 -1.75
CA VAL A 169 -6.27 5.88 -1.76
C VAL A 169 -6.79 7.31 -2.02
N VAL A 170 -6.34 8.25 -1.18
CA VAL A 170 -6.73 9.66 -1.22
C VAL A 170 -5.53 10.50 -0.71
N ASP A 171 -5.21 11.61 -1.42
CA ASP A 171 -4.10 12.50 -1.00
C ASP A 171 -4.56 13.31 0.23
N LEU A 172 -4.03 12.94 1.41
CA LEU A 172 -4.37 13.59 2.70
C LEU A 172 -3.33 14.67 3.01
N TYR A 173 -3.79 15.85 3.46
CA TYR A 173 -2.90 16.98 3.80
C TYR A 173 -3.23 17.49 5.23
N GLY A 1 1.51 17.16 -3.36
CA GLY A 1 1.82 15.71 -3.39
C GLY A 1 3.28 15.45 -3.69
N LYS A 2 4.03 14.94 -2.69
CA LYS A 2 5.50 14.75 -2.78
C LYS A 2 5.99 14.00 -1.53
N ILE A 3 7.12 13.27 -1.65
CA ILE A 3 7.68 12.46 -0.55
C ILE A 3 9.21 12.67 -0.43
N THR A 4 9.71 12.65 0.83
CA THR A 4 11.15 12.78 1.12
C THR A 4 11.57 11.70 2.14
N PHE A 5 12.80 11.21 1.99
CA PHE A 5 13.39 10.11 2.78
C PHE A 5 14.61 10.62 3.53
N TYR A 6 14.86 10.06 4.73
CA TYR A 6 16.03 10.41 5.57
C TYR A 6 16.57 9.12 6.20
N GLU A 7 17.81 8.74 5.83
CA GLU A 7 18.42 7.46 6.22
C GLU A 7 18.63 7.34 7.74
N ASP A 8 18.73 8.47 8.43
CA ASP A 8 18.88 8.51 9.90
C ASP A 8 17.69 9.22 10.54
N ARG A 9 17.45 8.90 11.82
CA ARG A 9 16.35 9.45 12.62
C ARG A 9 16.49 10.98 12.82
N ALA A 10 15.38 11.58 13.31
CA ALA A 10 15.28 13.03 13.58
C ALA A 10 15.45 13.87 12.30
N PHE A 11 15.20 13.22 11.14
CA PHE A 11 15.36 13.80 9.79
C PHE A 11 16.84 14.13 9.48
N GLN A 12 17.72 13.18 9.79
CA GLN A 12 19.18 13.26 9.50
C GLN A 12 19.58 12.27 8.38
N GLY A 13 20.86 12.30 8.01
CA GLY A 13 21.44 11.37 7.04
C GLY A 13 21.17 11.77 5.60
N ARG A 14 21.38 10.81 4.68
CA ARG A 14 21.17 11.02 3.24
C ARG A 14 19.67 11.18 2.94
N SER A 15 19.35 12.22 2.18
CA SER A 15 17.98 12.58 1.82
C SER A 15 17.76 12.35 0.32
N TYR A 16 16.63 11.71 -0.01
CA TYR A 16 16.15 11.53 -1.39
C TYR A 16 14.71 12.02 -1.45
N GLU A 17 14.34 12.66 -2.56
CA GLU A 17 12.99 13.20 -2.75
C GLU A 17 12.52 12.88 -4.17
N THR A 18 11.28 12.40 -4.30
CA THR A 18 10.69 12.04 -5.59
C THR A 18 9.19 12.35 -5.62
N THR A 19 8.68 12.51 -6.84
CA THR A 19 7.25 12.66 -7.13
C THR A 19 6.83 11.61 -8.18
N THR A 20 7.58 10.48 -8.24
CA THR A 20 7.34 9.38 -9.21
C THR A 20 7.52 8.00 -8.55
N ASP A 21 7.12 6.94 -9.29
CA ASP A 21 7.33 5.53 -8.90
C ASP A 21 8.81 5.15 -9.03
N CYS A 22 9.23 4.07 -8.35
CA CYS A 22 10.61 3.57 -8.45
C CYS A 22 10.67 2.07 -8.03
N PRO A 23 11.07 1.14 -8.96
CA PRO A 23 11.17 -0.31 -8.66
C PRO A 23 12.34 -0.64 -7.70
N ASN A 24 13.43 0.14 -7.80
CA ASN A 24 14.66 -0.07 -7.03
C ASN A 24 15.15 1.28 -6.49
N LEU A 25 14.92 1.55 -5.20
CA LEU A 25 15.41 2.77 -4.52
C LEU A 25 16.89 2.66 -4.11
N GLN A 26 17.48 1.45 -4.29
CA GLN A 26 18.89 1.15 -3.93
C GLN A 26 19.93 2.16 -4.54
N PRO A 27 19.86 2.55 -5.88
CA PRO A 27 20.79 3.57 -6.48
C PRO A 27 20.71 4.96 -5.81
N TYR A 28 19.65 5.20 -5.01
CA TYR A 28 19.39 6.49 -4.37
C TYR A 28 19.76 6.43 -2.87
N PHE A 29 19.24 5.41 -2.19
CA PHE A 29 19.50 5.13 -0.77
C PHE A 29 19.16 3.67 -0.45
N SER A 30 19.52 3.22 0.76
CA SER A 30 19.23 1.86 1.25
C SER A 30 18.06 1.86 2.25
N ARG A 31 18.03 2.88 3.13
CA ARG A 31 17.17 2.89 4.32
C ARG A 31 16.56 4.28 4.55
N CYS A 32 15.57 4.31 5.42
CA CYS A 32 14.83 5.53 5.76
C CYS A 32 14.36 5.42 7.21
N ASN A 33 15.25 5.82 8.15
CA ASN A 33 14.98 5.73 9.60
C ASN A 33 14.09 6.90 10.07
N SER A 34 13.79 7.83 9.16
CA SER A 34 12.76 8.87 9.34
C SER A 34 12.32 9.35 7.95
N ILE A 35 11.05 9.76 7.80
CA ILE A 35 10.47 10.06 6.48
C ILE A 35 9.51 11.27 6.59
N ARG A 36 9.65 12.23 5.64
CA ARG A 36 8.85 13.46 5.61
C ARG A 36 8.03 13.46 4.32
N VAL A 37 6.77 13.01 4.41
CA VAL A 37 5.85 13.03 3.27
C VAL A 37 5.15 14.40 3.21
N GLU A 38 5.46 15.17 2.16
CA GLU A 38 4.95 16.54 1.96
C GLU A 38 3.41 16.55 1.96
N SER A 39 2.83 15.64 1.17
CA SER A 39 1.38 15.35 1.14
C SER A 39 1.10 14.14 0.23
N GLY A 40 -0.13 13.61 0.31
CA GLY A 40 -0.55 12.47 -0.52
C GLY A 40 -0.50 11.15 0.23
N CYS A 41 -0.86 10.06 -0.47
CA CYS A 41 -0.89 8.70 0.09
C CYS A 41 -0.07 7.77 -0.81
N TRP A 42 1.20 7.56 -0.43
CA TRP A 42 2.18 6.81 -1.26
C TRP A 42 2.45 5.44 -0.62
N MET A 43 2.69 4.41 -1.44
CA MET A 43 3.00 3.05 -0.97
C MET A 43 4.52 2.80 -1.07
N LEU A 44 5.15 2.70 0.10
CA LEU A 44 6.57 2.40 0.27
C LEU A 44 6.74 0.89 0.46
N TYR A 45 7.60 0.31 -0.35
CA TYR A 45 7.86 -1.13 -0.37
C TYR A 45 9.16 -1.43 0.35
N GLU A 46 9.09 -2.38 1.30
CA GLU A 46 10.24 -2.86 2.06
C GLU A 46 11.34 -3.37 1.12
N ARG A 47 10.94 -4.21 0.13
CA ARG A 47 11.89 -4.91 -0.78
C ARG A 47 11.76 -4.35 -2.21
N PRO A 48 12.81 -4.54 -3.10
CA PRO A 48 12.77 -4.05 -4.50
C PRO A 48 11.73 -4.80 -5.35
N ASN A 49 11.60 -4.39 -6.63
CA ASN A 49 10.74 -5.05 -7.63
C ASN A 49 9.25 -4.97 -7.22
N TYR A 50 8.91 -3.95 -6.38
CA TYR A 50 7.56 -3.72 -5.82
C TYR A 50 7.08 -4.93 -4.96
N GLN A 51 7.99 -5.45 -4.13
CA GLN A 51 7.74 -6.67 -3.32
C GLN A 51 7.95 -6.39 -1.82
N GLY A 52 7.61 -7.41 -1.01
CA GLY A 52 7.79 -7.35 0.44
C GLY A 52 6.62 -6.73 1.18
N GLN A 53 6.88 -6.25 2.41
CA GLN A 53 5.86 -5.55 3.20
C GLN A 53 5.67 -4.14 2.66
N GLN A 54 4.49 -3.87 2.12
CA GLN A 54 4.14 -2.59 1.49
C GLN A 54 3.50 -1.69 2.58
N TYR A 55 3.71 -0.36 2.50
CA TYR A 55 3.33 0.59 3.60
C TYR A 55 2.67 1.86 3.01
N LEU A 56 1.48 2.25 3.51
CA LEU A 56 0.77 3.46 3.04
C LEU A 56 1.13 4.64 3.97
N LEU A 57 2.08 5.48 3.52
CA LEU A 57 2.50 6.73 4.22
C LEU A 57 1.66 7.93 3.72
N ARG A 58 1.48 8.94 4.59
CA ARG A 58 0.63 10.11 4.33
C ARG A 58 1.28 11.41 4.84
N ARG A 59 0.57 12.55 4.64
CA ARG A 59 1.04 13.90 5.02
C ARG A 59 1.39 13.91 6.52
N GLY A 60 2.68 14.02 6.82
CA GLY A 60 3.16 14.14 8.18
C GLY A 60 4.66 14.06 8.28
N GLU A 61 5.20 14.72 9.30
CA GLU A 61 6.56 14.51 9.76
C GLU A 61 6.60 13.25 10.62
N TYR A 62 7.38 12.25 10.20
CA TYR A 62 7.60 11.02 10.99
C TYR A 62 9.04 11.05 11.52
N PRO A 63 9.26 11.56 12.80
CA PRO A 63 10.61 11.68 13.42
C PRO A 63 11.44 10.39 13.37
N ASP A 64 10.77 9.23 13.26
CA ASP A 64 11.43 7.96 12.95
C ASP A 64 10.45 6.95 12.32
N TYR A 65 11.01 5.81 11.90
CA TYR A 65 10.24 4.71 11.26
C TYR A 65 9.26 4.02 12.25
N GLN A 66 9.65 3.92 13.53
CA GLN A 66 8.80 3.30 14.57
C GLN A 66 7.63 4.22 14.97
N GLN A 67 7.74 5.52 14.63
CA GLN A 67 6.70 6.53 14.91
C GLN A 67 5.38 6.16 14.20
N TRP A 68 5.50 5.67 12.95
CA TRP A 68 4.33 5.23 12.14
C TRP A 68 4.19 3.69 12.16
N MET A 69 4.83 3.06 13.19
CA MET A 69 4.76 1.59 13.43
C MET A 69 5.32 0.79 12.23
N GLY A 70 6.34 1.39 11.57
CA GLY A 70 7.01 0.76 10.43
C GLY A 70 7.73 -0.53 10.81
N LEU A 71 7.35 -1.63 10.13
CA LEU A 71 7.89 -2.97 10.42
C LEU A 71 9.36 -3.09 9.95
N SER A 72 9.78 -2.17 9.07
CA SER A 72 11.19 -2.00 8.69
C SER A 72 11.53 -0.51 8.52
N ASP A 73 12.83 -0.21 8.43
CA ASP A 73 13.36 1.13 8.11
C ASP A 73 13.82 1.16 6.64
N SER A 74 14.28 -0.02 6.16
CA SER A 74 14.91 -0.16 4.85
C SER A 74 13.85 -0.19 3.74
N ILE A 75 13.86 0.86 2.91
CA ILE A 75 12.85 1.09 1.85
C ILE A 75 13.57 0.95 0.50
N ARG A 76 13.34 -0.19 -0.16
CA ARG A 76 14.11 -0.60 -1.36
C ARG A 76 13.27 -0.44 -2.65
N SER A 77 12.03 0.07 -2.52
CA SER A 77 11.13 0.38 -3.64
C SER A 77 10.02 1.34 -3.16
N CYS A 78 9.39 2.08 -4.09
CA CYS A 78 8.28 3.01 -3.78
C CYS A 78 7.31 3.13 -4.95
N CYS A 79 6.11 3.65 -4.66
CA CYS A 79 5.09 3.97 -5.66
C CYS A 79 4.39 5.29 -5.26
N LEU A 80 3.99 6.05 -6.29
CA LEU A 80 3.36 7.36 -6.17
C LEU A 80 1.89 7.19 -6.59
N ILE A 81 0.97 7.05 -5.62
CA ILE A 81 -0.46 6.82 -5.90
C ILE A 81 -1.26 8.10 -5.59
N PRO A 82 -1.68 8.89 -6.64
CA PRO A 82 -2.36 10.18 -6.43
C PRO A 82 -3.84 10.03 -6.01
N GLN A 83 -4.55 11.18 -5.94
CA GLN A 83 -5.99 11.24 -5.65
C GLN A 83 -6.79 10.52 -6.74
N THR A 84 -7.86 9.83 -6.32
CA THR A 84 -8.82 9.18 -7.20
C THR A 84 -10.25 9.55 -6.74
N VAL A 85 -10.99 10.24 -7.64
CA VAL A 85 -12.30 10.87 -7.33
C VAL A 85 -13.39 9.82 -7.00
N SER A 86 -13.35 8.69 -7.71
CA SER A 86 -14.31 7.59 -7.56
C SER A 86 -13.54 6.29 -7.28
N HIS A 87 -14.18 5.33 -6.59
CA HIS A 87 -13.57 4.04 -6.25
C HIS A 87 -14.59 2.91 -6.47
N ARG A 88 -14.13 1.80 -7.06
CA ARG A 88 -14.97 0.60 -7.25
C ARG A 88 -14.05 -0.63 -7.42
N LEU A 89 -14.30 -1.63 -6.58
CA LEU A 89 -13.54 -2.88 -6.52
C LEU A 89 -14.52 -4.06 -6.37
N ARG A 90 -14.24 -5.16 -7.09
CA ARG A 90 -15.00 -6.42 -6.97
C ARG A 90 -14.03 -7.51 -6.48
N LEU A 91 -14.39 -8.12 -5.34
CA LEU A 91 -13.62 -9.17 -4.69
C LEU A 91 -14.11 -10.54 -5.21
N TYR A 92 -13.20 -11.29 -5.86
CA TYR A 92 -13.52 -12.62 -6.43
C TYR A 92 -12.97 -13.71 -5.52
N GLU A 93 -13.77 -14.75 -5.31
CA GLU A 93 -13.44 -15.85 -4.41
C GLU A 93 -12.33 -16.75 -5.01
N ARG A 94 -12.37 -16.97 -6.34
CA ARG A 94 -11.39 -17.85 -7.06
C ARG A 94 -10.59 -17.06 -8.09
N GLU A 95 -9.36 -17.56 -8.37
CA GLU A 95 -8.37 -16.88 -9.24
C GLU A 95 -8.83 -16.86 -10.70
N ASP A 96 -8.23 -15.90 -11.43
CA ASP A 96 -8.54 -15.59 -12.83
C ASP A 96 -10.03 -15.24 -13.00
N HIS A 97 -10.60 -14.70 -11.89
CA HIS A 97 -11.93 -14.08 -11.84
C HIS A 97 -13.05 -15.12 -12.04
N LYS A 98 -13.12 -16.09 -11.10
CA LYS A 98 -14.26 -17.03 -11.00
C LYS A 98 -14.76 -17.10 -9.56
N GLY A 99 -15.80 -17.94 -9.36
CA GLY A 99 -16.42 -18.13 -8.05
C GLY A 99 -17.44 -17.05 -7.75
N LEU A 100 -17.47 -16.58 -6.49
CA LEU A 100 -18.33 -15.46 -6.07
C LEU A 100 -17.66 -14.13 -6.40
N MET A 101 -18.47 -13.08 -6.55
CA MET A 101 -18.00 -11.72 -6.83
C MET A 101 -18.83 -10.74 -5.99
N MET A 102 -18.16 -9.93 -5.15
CA MET A 102 -18.82 -8.95 -4.28
C MET A 102 -18.25 -7.55 -4.54
N GLU A 103 -19.14 -6.59 -4.87
CA GLU A 103 -18.78 -5.20 -5.12
C GLU A 103 -18.48 -4.47 -3.79
N LEU A 104 -17.67 -3.42 -3.90
CA LEU A 104 -17.27 -2.58 -2.76
C LEU A 104 -16.78 -1.23 -3.31
N SER A 105 -17.27 -0.13 -2.74
CA SER A 105 -16.88 1.24 -3.13
C SER A 105 -16.41 2.06 -1.91
N GLU A 106 -16.48 1.46 -0.71
CA GLU A 106 -16.20 2.15 0.56
C GLU A 106 -15.12 1.39 1.35
N ASP A 107 -14.55 2.06 2.37
CA ASP A 107 -13.47 1.48 3.21
C ASP A 107 -14.05 0.34 4.05
N CYS A 108 -13.58 -0.89 3.79
CA CYS A 108 -14.03 -2.08 4.54
C CYS A 108 -13.12 -2.26 5.76
N PRO A 109 -13.62 -2.02 7.01
CA PRO A 109 -12.79 -2.12 8.23
C PRO A 109 -12.60 -3.57 8.73
N SER A 110 -13.31 -4.55 8.11
CA SER A 110 -13.22 -5.98 8.47
C SER A 110 -14.05 -6.84 7.49
N ILE A 111 -13.37 -7.44 6.49
CA ILE A 111 -14.01 -8.28 5.45
C ILE A 111 -14.60 -9.57 6.06
N GLN A 112 -13.91 -10.05 7.10
CA GLN A 112 -14.28 -11.26 7.85
C GLN A 112 -15.61 -11.06 8.62
N ASP A 113 -15.96 -9.80 8.90
CA ASP A 113 -17.23 -9.44 9.57
C ASP A 113 -18.35 -9.19 8.53
N ARG A 114 -17.97 -8.93 7.26
CA ARG A 114 -18.94 -8.63 6.18
C ARG A 114 -19.54 -9.93 5.64
N PHE A 115 -18.66 -10.82 5.15
CA PHE A 115 -19.07 -12.07 4.47
C PHE A 115 -18.12 -13.22 4.87
N HIS A 116 -17.46 -13.08 6.05
CA HIS A 116 -16.55 -14.12 6.60
C HIS A 116 -15.38 -14.48 5.66
N LEU A 117 -15.00 -13.55 4.77
CA LEU A 117 -13.87 -13.76 3.83
C LEU A 117 -12.57 -13.27 4.47
N SER A 118 -11.62 -14.19 4.65
CA SER A 118 -10.28 -13.88 5.20
C SER A 118 -9.22 -13.85 4.08
N GLU A 119 -9.58 -14.36 2.88
CA GLU A 119 -8.66 -14.48 1.73
C GLU A 119 -9.42 -14.21 0.42
N ILE A 120 -8.87 -13.34 -0.44
CA ILE A 120 -9.41 -13.07 -1.78
C ILE A 120 -8.37 -13.48 -2.82
N ARG A 121 -8.78 -14.34 -3.77
CA ARG A 121 -7.87 -14.99 -4.72
C ARG A 121 -7.67 -14.21 -6.03
N SER A 122 -8.60 -13.29 -6.34
CA SER A 122 -8.45 -12.37 -7.49
C SER A 122 -9.36 -11.14 -7.30
N LEU A 123 -8.99 -10.02 -7.91
CA LEU A 123 -9.69 -8.74 -7.77
C LEU A 123 -9.94 -8.13 -9.15
N HIS A 124 -10.89 -7.19 -9.21
CA HIS A 124 -11.07 -6.30 -10.36
C HIS A 124 -11.30 -4.91 -9.79
N VAL A 125 -10.23 -4.14 -9.71
CA VAL A 125 -10.30 -2.72 -9.37
C VAL A 125 -10.71 -1.97 -10.65
N LEU A 126 -12.02 -1.69 -10.79
CA LEU A 126 -12.57 -1.03 -12.00
C LEU A 126 -11.96 0.35 -12.16
N GLU A 127 -12.04 1.13 -11.07
CA GLU A 127 -11.61 2.52 -11.04
C GLU A 127 -11.27 2.91 -9.60
N GLY A 128 -10.38 3.90 -9.45
CA GLY A 128 -9.92 4.34 -8.15
C GLY A 128 -8.90 3.42 -7.54
N CYS A 129 -7.95 3.97 -6.77
CA CYS A 129 -6.89 3.18 -6.13
C CYS A 129 -7.30 2.79 -4.71
N TRP A 130 -6.97 1.55 -4.34
CA TRP A 130 -7.26 0.96 -3.03
C TRP A 130 -5.96 0.49 -2.36
N VAL A 131 -6.07 0.10 -1.08
CA VAL A 131 -4.98 -0.46 -0.28
C VAL A 131 -5.56 -1.60 0.57
N LEU A 132 -5.12 -2.83 0.32
CA LEU A 132 -5.49 -4.02 1.09
C LEU A 132 -4.62 -4.08 2.36
N TYR A 133 -5.19 -4.63 3.43
CA TYR A 133 -4.50 -4.79 4.73
C TYR A 133 -4.68 -6.24 5.19
N GLU A 134 -3.59 -6.84 5.68
CA GLU A 134 -3.53 -8.26 6.07
C GLU A 134 -4.56 -8.58 7.18
N LEU A 135 -4.46 -7.84 8.30
CA LEU A 135 -5.42 -7.95 9.42
C LEU A 135 -6.57 -6.94 9.21
N PRO A 136 -7.77 -7.17 9.83
CA PRO A 136 -8.81 -6.13 9.97
C PRO A 136 -8.33 -4.91 10.79
N ASN A 137 -9.16 -3.85 10.77
CA ASN A 137 -8.91 -2.57 11.48
C ASN A 137 -7.70 -1.82 10.88
N TYR A 138 -7.32 -2.19 9.63
CA TYR A 138 -6.21 -1.57 8.87
C TYR A 138 -4.85 -1.87 9.52
N ARG A 139 -4.75 -3.06 10.15
CA ARG A 139 -3.52 -3.60 10.76
C ARG A 139 -2.87 -4.64 9.81
N GLY A 140 -1.64 -5.04 10.14
CA GLY A 140 -0.91 -6.05 9.38
C GLY A 140 -0.10 -5.48 8.23
N ARG A 141 0.39 -6.36 7.36
CA ARG A 141 1.14 -5.99 6.16
C ARG A 141 0.16 -5.44 5.10
N GLN A 142 0.49 -4.26 4.55
CA GLN A 142 -0.39 -3.53 3.61
C GLN A 142 -0.04 -3.93 2.17
N TYR A 143 -0.96 -3.65 1.23
CA TYR A 143 -0.84 -4.04 -0.18
C TYR A 143 -1.53 -2.97 -1.05
N LEU A 144 -0.92 -2.63 -2.21
CA LEU A 144 -1.49 -1.63 -3.13
C LEU A 144 -2.38 -2.33 -4.18
N LEU A 145 -3.59 -1.77 -4.38
CA LEU A 145 -4.56 -2.26 -5.37
C LEU A 145 -4.80 -1.16 -6.43
N ARG A 146 -4.01 -1.21 -7.51
CA ARG A 146 -4.10 -0.25 -8.63
C ARG A 146 -5.29 -0.61 -9.55
N PRO A 147 -5.91 0.41 -10.25
CA PRO A 147 -7.06 0.17 -11.16
C PRO A 147 -6.73 -0.78 -12.33
N GLN A 148 -7.02 -2.07 -12.10
CA GLN A 148 -6.85 -3.16 -13.08
C GLN A 148 -7.50 -4.44 -12.51
N GLU A 149 -7.65 -5.44 -13.38
CA GLU A 149 -8.17 -6.75 -12.99
C GLU A 149 -7.01 -7.67 -12.56
N TYR A 150 -6.83 -7.83 -11.25
CA TYR A 150 -5.83 -8.74 -10.67
C TYR A 150 -6.27 -10.20 -10.87
N ARG A 151 -5.49 -10.97 -11.63
CA ARG A 151 -5.75 -12.40 -11.84
C ARG A 151 -5.51 -13.22 -10.56
N ARG A 152 -4.67 -12.69 -9.66
CA ARG A 152 -4.29 -13.34 -8.41
C ARG A 152 -3.45 -12.39 -7.55
N CYS A 153 -3.00 -12.86 -6.36
CA CYS A 153 -2.20 -12.04 -5.42
C CYS A 153 -0.79 -11.77 -5.96
N GLN A 154 -0.30 -12.72 -6.80
CA GLN A 154 1.04 -12.65 -7.43
C GLN A 154 1.16 -11.45 -8.40
N ASP A 155 0.00 -10.93 -8.86
CA ASP A 155 -0.07 -9.74 -9.73
C ASP A 155 0.58 -8.51 -9.08
N TRP A 156 0.19 -8.20 -7.82
CA TRP A 156 0.74 -7.04 -7.09
C TRP A 156 1.93 -7.45 -6.19
N GLY A 157 2.47 -8.66 -6.43
CA GLY A 157 3.68 -9.13 -5.75
C GLY A 157 3.45 -9.50 -4.30
N ALA A 158 2.28 -10.09 -4.03
CA ALA A 158 1.93 -10.60 -2.70
C ALA A 158 2.36 -12.08 -2.57
N MET A 159 2.90 -12.44 -1.40
CA MET A 159 3.35 -13.82 -1.09
C MET A 159 2.15 -14.72 -0.74
N ASP A 160 0.99 -14.09 -0.52
CA ASP A 160 -0.21 -14.71 0.03
C ASP A 160 -1.45 -13.90 -0.39
N ALA A 161 -2.63 -14.55 -0.37
CA ALA A 161 -3.91 -13.95 -0.80
C ALA A 161 -4.76 -13.49 0.40
N LYS A 162 -4.10 -13.29 1.57
CA LYS A 162 -4.79 -12.84 2.81
C LYS A 162 -5.40 -11.44 2.62
N ALA A 163 -6.63 -11.26 3.12
CA ALA A 163 -7.42 -10.03 3.00
C ALA A 163 -8.23 -9.80 4.28
N GLY A 164 -7.90 -8.73 5.02
CA GLY A 164 -8.54 -8.42 6.31
C GLY A 164 -9.35 -7.13 6.27
N SER A 165 -8.86 -6.09 5.56
CA SER A 165 -9.56 -4.79 5.42
C SER A 165 -9.07 -3.99 4.18
N LEU A 166 -9.98 -3.15 3.61
CA LEU A 166 -9.65 -2.25 2.47
C LEU A 166 -9.78 -0.78 2.89
N ARG A 167 -8.84 0.06 2.41
CA ARG A 167 -8.92 1.54 2.48
C ARG A 167 -8.62 2.12 1.09
N ARG A 168 -9.32 3.18 0.72
CA ARG A 168 -9.17 3.85 -0.58
C ARG A 168 -8.19 5.03 -0.48
N VAL A 169 -7.42 5.24 -1.55
CA VAL A 169 -6.45 6.33 -1.64
C VAL A 169 -7.17 7.66 -1.94
N VAL A 170 -7.02 8.61 -1.01
CA VAL A 170 -7.60 9.96 -1.04
C VAL A 170 -6.57 10.93 -0.44
N ASP A 171 -6.61 12.23 -0.81
CA ASP A 171 -5.69 13.24 -0.24
C ASP A 171 -5.99 13.47 1.26
N LEU A 172 -5.09 12.96 2.13
CA LEU A 172 -5.04 13.37 3.54
C LEU A 172 -3.92 14.40 3.67
N TYR A 173 -4.25 15.58 4.22
CA TYR A 173 -3.30 16.69 4.42
C TYR A 173 -3.50 17.29 5.82
#